data_8XE8
#
_entry.id   8XE8
#
_entity_poly.entity_id   1
_entity_poly.type   'polypeptide(L)'
_entity_poly.pdbx_seq_one_letter_code
;GGSGAKNSETAAKVALMKLKMHADGDKSLPQTERIYFQVFLPKGSKEKSKPMFFCHRWSIGKAIDFAASLARLKNDNNKF
TAKKLRLCHITSGEALPLDHTLETWIAKEDCPLYNGGNIILEYLNDEEQFCKNVESYLE
;
_entity_poly.pdbx_strand_id   A
#
# COMPACT_ATOMS: atom_id res chain seq x y z
N GLY A 1 21.85 16.86 -7.83
CA GLY A 1 22.69 15.85 -8.46
C GLY A 1 22.42 15.72 -9.95
N GLY A 2 23.20 14.88 -10.61
CA GLY A 2 23.05 14.69 -12.04
C GLY A 2 23.70 13.42 -12.54
N SER A 3 24.46 13.52 -13.62
CA SER A 3 25.14 12.37 -14.19
C SER A 3 24.16 11.22 -14.44
N GLY A 4 22.94 11.58 -14.84
CA GLY A 4 21.93 10.57 -15.09
C GLY A 4 21.57 9.78 -13.85
N ALA A 5 21.72 8.46 -13.93
CA ALA A 5 21.41 7.59 -12.80
C ALA A 5 21.79 6.14 -13.10
N LYS A 6 22.97 5.74 -12.66
CA LYS A 6 23.45 4.38 -12.88
C LYS A 6 22.51 3.36 -12.24
N ASN A 7 22.64 2.11 -12.66
CA ASN A 7 21.80 1.04 -12.13
C ASN A 7 22.65 -0.05 -11.48
N SER A 8 22.33 -0.37 -10.23
CA SER A 8 23.06 -1.39 -9.48
C SER A 8 22.25 -1.90 -8.30
N GLU A 9 22.83 -2.84 -7.56
CA GLU A 9 22.15 -3.42 -6.40
C GLU A 9 22.13 -2.43 -5.23
N THR A 10 23.30 -1.87 -4.93
CA THR A 10 23.42 -0.91 -3.83
C THR A 10 22.40 0.21 -3.97
N ALA A 11 22.12 0.61 -5.20
CA ALA A 11 21.16 1.67 -5.47
C ALA A 11 19.80 1.33 -4.88
N ALA A 12 19.45 0.05 -4.91
CA ALA A 12 18.16 -0.40 -4.38
C ALA A 12 18.14 -0.34 -2.86
N LYS A 13 19.24 -0.78 -2.24
CA LYS A 13 19.35 -0.77 -0.79
C LYS A 13 19.28 0.65 -0.25
N VAL A 14 20.10 1.54 -0.79
CA VAL A 14 20.13 2.93 -0.35
C VAL A 14 18.78 3.60 -0.58
N ALA A 15 18.19 3.35 -1.76
CA ALA A 15 16.90 3.92 -2.10
C ALA A 15 15.81 3.43 -1.16
N LEU A 16 15.91 2.16 -0.76
CA LEU A 16 14.93 1.57 0.13
C LEU A 16 15.00 2.20 1.53
N MET A 17 16.21 2.22 2.09
CA MET A 17 16.42 2.80 3.41
C MET A 17 16.06 4.29 3.42
N LYS A 18 16.33 4.96 2.31
CA LYS A 18 16.04 6.39 2.19
C LYS A 18 14.53 6.62 2.14
N LEU A 19 13.82 5.71 1.49
CA LEU A 19 12.37 5.82 1.37
C LEU A 19 11.68 5.59 2.71
N LYS A 20 12.09 4.52 3.40
CA LYS A 20 11.52 4.19 4.70
C LYS A 20 11.62 5.38 5.65
N MET A 21 12.69 6.15 5.53
CA MET A 21 12.90 7.31 6.38
C MET A 21 11.91 8.42 6.05
N HIS A 22 11.48 8.46 4.78
CA HIS A 22 10.53 9.48 4.34
C HIS A 22 9.10 9.06 4.69
N ALA A 23 8.85 7.76 4.70
CA ALA A 23 7.53 7.24 5.03
C ALA A 23 6.97 7.89 6.29
N ASP A 24 5.66 8.11 6.31
CA ASP A 24 5.01 8.74 7.45
C ASP A 24 5.18 7.89 8.71
N GLY A 25 6.19 8.24 9.50
CA GLY A 25 6.46 7.51 10.73
C GLY A 25 7.76 7.93 11.39
N ASP A 26 8.32 7.04 12.20
CA ASP A 26 9.57 7.33 12.89
C ASP A 26 10.73 6.57 12.25
N LYS A 27 11.84 7.26 12.05
CA LYS A 27 13.02 6.66 11.43
C LYS A 27 13.87 5.95 12.49
N SER A 28 13.94 6.53 13.68
CA SER A 28 14.72 5.96 14.77
C SER A 28 14.12 4.63 15.22
N LEU A 29 12.81 4.50 15.09
CA LEU A 29 12.10 3.28 15.49
C LEU A 29 12.76 2.05 14.86
N PRO A 30 12.58 0.89 15.50
CA PRO A 30 13.14 -0.37 15.01
C PRO A 30 12.46 -0.87 13.75
N GLN A 31 11.20 -0.48 13.57
CA GLN A 31 10.44 -0.88 12.39
C GLN A 31 10.71 -2.34 12.03
N THR A 32 10.82 -3.18 13.06
CA THR A 32 11.08 -4.60 12.85
C THR A 32 9.80 -5.35 12.50
N GLU A 33 8.69 -4.91 13.06
CA GLU A 33 7.40 -5.54 12.80
C GLU A 33 6.55 -4.68 11.86
N ARG A 34 6.89 -3.40 11.78
CA ARG A 34 6.16 -2.48 10.91
C ARG A 34 6.91 -2.24 9.62
N ILE A 35 6.20 -2.31 8.49
CA ILE A 35 6.81 -2.09 7.18
C ILE A 35 6.15 -0.93 6.45
N TYR A 36 6.92 -0.24 5.62
CA TYR A 36 6.42 0.89 4.86
C TYR A 36 5.84 0.45 3.53
N PHE A 37 4.73 1.04 3.14
CA PHE A 37 4.07 0.71 1.88
C PHE A 37 3.77 1.96 1.08
N GLN A 38 3.96 1.88 -0.24
CA GLN A 38 3.72 3.01 -1.13
C GLN A 38 2.28 2.98 -1.65
N VAL A 39 1.45 3.89 -1.16
CA VAL A 39 0.07 3.98 -1.57
C VAL A 39 -0.10 4.95 -2.74
N PHE A 40 -0.72 4.47 -3.82
CA PHE A 40 -0.94 5.29 -5.00
C PHE A 40 -2.15 6.20 -4.81
N LEU A 41 -1.93 7.51 -4.91
CA LEU A 41 -3.01 8.48 -4.76
C LEU A 41 -3.96 8.43 -5.94
N PRO A 42 -5.22 8.84 -5.70
CA PRO A 42 -6.26 8.85 -6.74
C PRO A 42 -6.00 9.92 -7.79
N LYS A 43 -5.66 11.12 -7.34
CA LYS A 43 -5.38 12.23 -8.25
C LYS A 43 -4.17 13.02 -7.79
N GLY A 44 -3.16 12.32 -7.29
CA GLY A 44 -1.96 12.97 -6.82
C GLY A 44 -1.18 13.64 -7.94
N SER A 45 -1.23 14.97 -7.99
CA SER A 45 -0.53 15.72 -9.02
C SER A 45 0.97 15.74 -8.76
N LYS A 46 1.38 16.47 -7.73
CA LYS A 46 2.78 16.58 -7.36
C LYS A 46 3.42 15.19 -7.23
N GLU A 47 2.72 14.29 -6.53
CA GLU A 47 3.20 12.94 -6.33
C GLU A 47 2.16 11.92 -6.76
N LYS A 48 2.63 10.79 -7.29
CA LYS A 48 1.73 9.72 -7.73
C LYS A 48 1.35 8.81 -6.57
N SER A 49 2.30 8.58 -5.67
CA SER A 49 2.07 7.72 -4.51
C SER A 49 2.85 8.23 -3.30
N LYS A 50 2.31 7.94 -2.11
CA LYS A 50 2.96 8.37 -0.87
C LYS A 50 3.16 7.18 0.07
N PRO A 51 4.34 7.14 0.70
CA PRO A 51 4.69 6.06 1.63
C PRO A 51 3.89 6.12 2.93
N MET A 52 3.63 4.96 3.52
CA MET A 52 2.86 4.89 4.76
C MET A 52 3.39 3.79 5.66
N PHE A 53 3.36 4.02 6.97
CA PHE A 53 3.84 3.05 7.94
C PHE A 53 2.71 2.13 8.39
N PHE A 54 2.89 0.82 8.17
CA PHE A 54 1.89 -0.16 8.55
C PHE A 54 2.52 -1.30 9.33
N CYS A 55 1.68 -2.08 10.02
CA CYS A 55 2.16 -3.20 10.82
C CYS A 55 1.89 -4.52 10.09
N HIS A 56 2.86 -5.44 10.18
CA HIS A 56 2.72 -6.74 9.53
C HIS A 56 1.57 -7.54 10.15
N ARG A 57 1.32 -7.30 11.43
CA ARG A 57 0.25 -8.01 12.12
C ARG A 57 -1.06 -7.23 12.03
N TRP A 58 -1.39 -6.79 10.82
CA TRP A 58 -2.62 -6.04 10.59
C TRP A 58 -3.34 -6.53 9.35
N SER A 59 -4.66 -6.69 9.45
CA SER A 59 -5.47 -7.17 8.34
C SER A 59 -5.18 -6.35 7.08
N ILE A 60 -5.07 -7.04 5.95
CA ILE A 60 -4.80 -6.38 4.68
C ILE A 60 -5.88 -5.35 4.36
N GLY A 61 -7.13 -5.74 4.54
CA GLY A 61 -8.24 -4.83 4.26
C GLY A 61 -8.37 -3.75 5.31
N LYS A 62 -8.31 -4.14 6.58
CA LYS A 62 -8.43 -3.20 7.68
C LYS A 62 -7.35 -2.13 7.60
N ALA A 63 -6.20 -2.50 7.05
CA ALA A 63 -5.08 -1.56 6.91
C ALA A 63 -5.52 -0.29 6.20
N ILE A 64 -6.37 -0.44 5.19
CA ILE A 64 -6.86 0.70 4.43
C ILE A 64 -7.81 1.55 5.28
N ASP A 65 -8.78 0.89 5.91
CA ASP A 65 -9.75 1.59 6.75
C ASP A 65 -9.04 2.44 7.81
N PHE A 66 -7.96 1.91 8.36
CA PHE A 66 -7.20 2.62 9.38
C PHE A 66 -6.41 3.77 8.77
N ALA A 67 -5.65 3.47 7.72
CA ALA A 67 -4.85 4.47 7.04
C ALA A 67 -5.69 5.69 6.65
N ALA A 68 -6.95 5.43 6.29
CA ALA A 68 -7.86 6.49 5.90
C ALA A 68 -8.13 7.45 7.05
N SER A 69 -8.16 6.89 8.26
CA SER A 69 -8.41 7.69 9.46
C SER A 69 -7.16 8.47 9.87
N LEU A 70 -6.05 7.75 9.99
CA LEU A 70 -4.78 8.37 10.38
C LEU A 70 -4.40 9.49 9.41
N ALA A 71 -4.70 9.27 8.13
CA ALA A 71 -4.38 10.26 7.10
C ALA A 71 -5.45 11.34 7.05
N ARG A 72 -6.56 11.11 7.73
CA ARG A 72 -7.65 12.07 7.76
C ARG A 72 -8.22 12.29 6.36
N LEU A 73 -8.57 11.20 5.69
CA LEU A 73 -9.12 11.27 4.34
C LEU A 73 -10.61 10.96 4.34
N LYS A 74 -11.30 11.38 3.29
CA LYS A 74 -12.73 11.14 3.16
C LYS A 74 -13.01 9.80 2.48
N ASN A 75 -13.83 8.97 3.11
CA ASN A 75 -14.17 7.66 2.56
C ASN A 75 -15.23 6.98 3.42
N ASP A 76 -16.17 6.31 2.76
CA ASP A 76 -17.25 5.61 3.44
C ASP A 76 -17.01 4.11 3.44
N ASN A 77 -16.31 3.61 4.46
CA ASN A 77 -16.01 2.19 4.56
C ASN A 77 -16.70 1.58 5.78
N ASN A 78 -16.79 2.36 6.86
CA ASN A 78 -17.42 1.89 8.09
C ASN A 78 -18.82 1.35 7.81
N LYS A 79 -19.52 1.99 6.87
CA LYS A 79 -20.87 1.57 6.51
C LYS A 79 -20.84 0.30 5.66
N PHE A 80 -22.00 -0.09 5.17
CA PHE A 80 -22.11 -1.29 4.34
C PHE A 80 -22.74 -0.96 2.99
N THR A 81 -23.70 -0.05 3.00
CA THR A 81 -24.39 0.36 1.78
C THR A 81 -23.61 1.46 1.06
N ALA A 82 -22.34 1.20 0.77
CA ALA A 82 -21.50 2.17 0.08
C ALA A 82 -20.10 1.61 -0.17
N LYS A 83 -19.55 1.93 -1.34
CA LYS A 83 -18.22 1.46 -1.70
C LYS A 83 -17.21 1.76 -0.59
N LYS A 84 -16.34 0.79 -0.32
CA LYS A 84 -15.32 0.97 0.72
C LYS A 84 -13.93 0.94 0.11
N LEU A 85 -13.06 1.83 0.60
CA LEU A 85 -11.69 1.92 0.10
C LEU A 85 -10.91 0.65 0.42
N ARG A 86 -10.35 0.03 -0.61
CA ARG A 86 -9.59 -1.20 -0.44
C ARG A 86 -8.34 -1.19 -1.32
N LEU A 87 -7.36 -2.02 -0.97
CA LEU A 87 -6.13 -2.11 -1.73
C LEU A 87 -6.17 -3.27 -2.71
N CYS A 88 -5.57 -3.07 -3.88
CA CYS A 88 -5.54 -4.11 -4.91
C CYS A 88 -4.34 -3.92 -5.84
N HIS A 89 -3.98 -4.98 -6.54
CA HIS A 89 -2.85 -4.93 -7.46
C HIS A 89 -3.19 -4.10 -8.69
N ILE A 90 -2.22 -3.33 -9.16
CA ILE A 90 -2.41 -2.48 -10.33
C ILE A 90 -2.40 -3.31 -11.61
N THR A 91 -3.35 -3.00 -12.50
CA THR A 91 -3.45 -3.71 -13.77
C THR A 91 -3.83 -5.17 -13.55
N SER A 92 -4.63 -5.43 -12.52
CA SER A 92 -5.05 -6.79 -12.20
C SER A 92 -6.49 -6.80 -11.69
N GLY A 93 -6.76 -5.98 -10.68
CA GLY A 93 -8.09 -5.91 -10.11
C GLY A 93 -8.28 -6.89 -8.97
N GLU A 94 -7.40 -7.87 -8.87
CA GLU A 94 -7.48 -8.87 -7.82
C GLU A 94 -7.31 -8.24 -6.45
N ALA A 95 -8.32 -8.36 -5.60
CA ALA A 95 -8.27 -7.79 -4.25
C ALA A 95 -8.28 -8.89 -3.20
N LEU A 96 -7.18 -8.98 -2.45
CA LEU A 96 -7.05 -9.99 -1.40
C LEU A 96 -8.10 -9.78 -0.31
N PRO A 97 -8.37 -10.83 0.46
CA PRO A 97 -9.34 -10.78 1.56
C PRO A 97 -8.87 -9.93 2.73
N LEU A 98 -9.80 -9.40 3.49
CA LEU A 98 -9.48 -8.57 4.65
C LEU A 98 -9.11 -9.43 5.85
N ASP A 99 -9.52 -10.69 5.82
CA ASP A 99 -9.23 -11.62 6.90
C ASP A 99 -7.78 -12.06 6.87
N HIS A 100 -7.11 -11.80 5.75
CA HIS A 100 -5.71 -12.17 5.59
C HIS A 100 -4.79 -11.03 6.02
N THR A 101 -3.64 -11.40 6.60
CA THR A 101 -2.68 -10.41 7.06
C THR A 101 -1.47 -10.35 6.14
N LEU A 102 -0.74 -9.25 6.19
CA LEU A 102 0.45 -9.07 5.36
C LEU A 102 1.51 -10.12 5.70
N GLU A 103 1.85 -10.21 6.98
CA GLU A 103 2.85 -11.18 7.43
C GLU A 103 2.50 -12.59 6.97
N THR A 104 1.19 -12.88 6.93
CA THR A 104 0.72 -14.19 6.51
C THR A 104 1.13 -14.49 5.07
N TRP A 105 0.83 -13.56 4.17
CA TRP A 105 1.17 -13.72 2.76
C TRP A 105 2.67 -13.64 2.55
N ILE A 106 3.31 -12.65 3.18
CA ILE A 106 4.75 -12.47 3.06
C ILE A 106 5.50 -13.69 3.57
N ALA A 107 4.97 -14.32 4.61
CA ALA A 107 5.59 -15.50 5.20
C ALA A 107 5.19 -16.76 4.43
N LYS A 108 4.05 -16.70 3.76
CA LYS A 108 3.56 -17.84 2.99
C LYS A 108 4.44 -18.08 1.76
N GLU A 109 4.33 -19.28 1.20
CA GLU A 109 5.13 -19.64 0.02
C GLU A 109 4.90 -18.65 -1.11
N ASP A 110 3.63 -18.35 -1.38
CA ASP A 110 3.27 -17.42 -2.44
C ASP A 110 4.05 -16.11 -2.30
N CYS A 111 3.74 -15.36 -1.26
CA CYS A 111 4.41 -14.09 -1.01
C CYS A 111 4.37 -13.20 -2.26
N PRO A 112 3.16 -12.74 -2.61
CA PRO A 112 2.95 -11.89 -3.79
C PRO A 112 3.54 -10.49 -3.59
N LEU A 113 3.22 -9.89 -2.45
CA LEU A 113 3.71 -8.55 -2.14
C LEU A 113 5.01 -8.62 -1.35
N TYR A 114 6.03 -7.90 -1.85
CA TYR A 114 7.33 -7.87 -1.19
C TYR A 114 7.61 -6.49 -0.58
N ASN A 115 8.62 -6.43 0.28
CA ASN A 115 9.00 -5.19 0.93
C ASN A 115 9.41 -4.15 -0.11
N GLY A 116 8.95 -2.91 0.08
CA GLY A 116 9.29 -1.85 -0.85
C GLY A 116 8.41 -1.85 -2.08
N GLY A 117 7.38 -2.69 -2.08
CA GLY A 117 6.49 -2.77 -3.21
C GLY A 117 5.58 -1.56 -3.32
N ASN A 118 4.62 -1.62 -4.24
CA ASN A 118 3.68 -0.53 -4.44
C ASN A 118 2.24 -1.04 -4.48
N ILE A 119 1.32 -0.24 -3.97
CA ILE A 119 -0.09 -0.61 -3.95
C ILE A 119 -0.98 0.61 -4.14
N ILE A 120 -2.15 0.39 -4.73
CA ILE A 120 -3.10 1.47 -4.98
C ILE A 120 -4.38 1.26 -4.19
N LEU A 121 -4.99 2.36 -3.75
CA LEU A 121 -6.23 2.30 -2.98
C LEU A 121 -7.40 2.82 -3.81
N GLU A 122 -8.43 1.98 -3.96
CA GLU A 122 -9.61 2.35 -4.73
C GLU A 122 -10.88 1.92 -4.01
N TYR A 123 -11.99 2.59 -4.31
CA TYR A 123 -13.26 2.27 -3.69
C TYR A 123 -13.86 1.00 -4.29
N LEU A 124 -13.88 -0.07 -3.49
CA LEU A 124 -14.41 -1.35 -3.95
C LEU A 124 -15.19 -2.03 -2.83
N ASN A 125 -16.32 -2.63 -3.18
CA ASN A 125 -17.16 -3.33 -2.21
C ASN A 125 -16.40 -4.49 -1.58
N ASP A 126 -16.78 -4.83 -0.34
CA ASP A 126 -16.14 -5.93 0.37
C ASP A 126 -16.42 -7.27 -0.31
N GLU A 127 -17.65 -7.44 -0.77
CA GLU A 127 -18.05 -8.67 -1.43
C GLU A 127 -17.36 -8.80 -2.79
N GLU A 128 -17.05 -7.67 -3.40
CA GLU A 128 -16.38 -7.65 -4.70
C GLU A 128 -14.96 -8.20 -4.59
N GLN A 129 -14.64 -9.17 -5.44
CA GLN A 129 -13.31 -9.78 -5.44
C GLN A 129 -12.40 -9.10 -6.45
N PHE A 130 -12.90 -8.96 -7.68
CA PHE A 130 -12.13 -8.32 -8.75
C PHE A 130 -12.73 -6.98 -9.14
N CYS A 131 -11.94 -5.92 -9.02
CA CYS A 131 -12.40 -4.58 -9.36
C CYS A 131 -11.94 -4.18 -10.76
N LYS A 132 -12.52 -3.10 -11.28
CA LYS A 132 -12.17 -2.63 -12.62
C LYS A 132 -10.68 -2.31 -12.71
N ASN A 133 -10.24 -1.92 -13.91
CA ASN A 133 -8.84 -1.59 -14.12
C ASN A 133 -8.51 -0.19 -13.61
N VAL A 134 -7.57 -0.11 -12.68
CA VAL A 134 -7.16 1.16 -12.11
C VAL A 134 -6.46 2.03 -13.14
N GLU A 135 -5.69 1.39 -14.02
CA GLU A 135 -4.96 2.11 -15.06
C GLU A 135 -5.90 2.98 -15.87
N SER A 136 -7.11 2.48 -16.12
CA SER A 136 -8.10 3.21 -16.90
C SER A 136 -8.40 4.56 -16.27
N TYR A 137 -8.41 4.59 -14.94
CA TYR A 137 -8.68 5.83 -14.20
C TYR A 137 -7.48 6.77 -14.25
N LEU A 138 -6.29 6.20 -14.22
CA LEU A 138 -5.05 6.99 -14.25
C LEU A 138 -4.53 7.09 -15.68
N GLU A 139 -5.42 6.88 -16.65
CA GLU A 139 -5.04 6.96 -18.06
C GLU A 139 -4.94 8.42 -18.52
N GLY A 1 24.17 10.14 5.94
CA GLY A 1 24.26 9.30 4.77
C GLY A 1 25.59 9.44 4.05
N GLY A 2 26.04 8.37 3.42
CA GLY A 2 27.30 8.40 2.70
C GLY A 2 27.85 7.01 2.42
N SER A 3 27.60 6.53 1.20
CA SER A 3 28.06 5.20 0.80
C SER A 3 28.77 5.26 -0.56
N GLY A 4 30.01 4.77 -0.59
CA GLY A 4 30.77 4.78 -1.82
C GLY A 4 30.96 3.38 -2.40
N ALA A 5 30.40 3.16 -3.58
CA ALA A 5 30.51 1.85 -4.23
C ALA A 5 29.93 1.91 -5.64
N LYS A 6 30.78 2.18 -6.62
CA LYS A 6 30.36 2.25 -8.01
C LYS A 6 29.66 0.97 -8.44
N ASN A 7 28.34 1.04 -8.60
CA ASN A 7 27.56 -0.11 -9.01
C ASN A 7 26.12 0.29 -9.33
N SER A 8 25.33 -0.67 -9.80
CA SER A 8 23.93 -0.42 -10.14
C SER A 8 23.01 -0.88 -9.02
N GLU A 9 23.34 -2.01 -8.42
CA GLU A 9 22.54 -2.57 -7.33
C GLU A 9 22.45 -1.59 -6.17
N THR A 10 23.58 -1.00 -5.81
CA THR A 10 23.63 -0.05 -4.70
C THR A 10 22.60 1.06 -4.89
N ALA A 11 22.39 1.46 -6.14
CA ALA A 11 21.43 2.50 -6.45
C ALA A 11 20.03 2.15 -5.95
N ALA A 12 19.71 0.86 -5.99
CA ALA A 12 18.41 0.39 -5.53
C ALA A 12 18.31 0.42 -4.00
N LYS A 13 19.35 -0.08 -3.35
CA LYS A 13 19.39 -0.10 -1.90
C LYS A 13 19.26 1.30 -1.32
N VAL A 14 20.08 2.22 -1.80
CA VAL A 14 20.06 3.60 -1.34
C VAL A 14 18.69 4.23 -1.56
N ALA A 15 18.11 3.99 -2.74
CA ALA A 15 16.80 4.53 -3.08
C ALA A 15 15.73 3.96 -2.16
N LEU A 16 15.88 2.70 -1.79
CA LEU A 16 14.92 2.03 -0.92
C LEU A 16 14.94 2.63 0.48
N MET A 17 16.14 2.70 1.05
CA MET A 17 16.31 3.26 2.39
C MET A 17 15.89 4.73 2.43
N LYS A 18 16.16 5.44 1.35
CA LYS A 18 15.81 6.85 1.26
C LYS A 18 14.30 7.02 1.11
N LEU A 19 13.66 6.11 0.40
CA LEU A 19 12.22 6.16 0.19
C LEU A 19 11.47 5.90 1.50
N LYS A 20 11.84 4.81 2.17
CA LYS A 20 11.20 4.46 3.44
C LYS A 20 11.26 5.61 4.42
N MET A 21 12.35 6.38 4.37
CA MET A 21 12.52 7.52 5.26
C MET A 21 11.52 8.62 4.94
N HIS A 22 11.14 8.71 3.66
CA HIS A 22 10.19 9.72 3.23
C HIS A 22 8.75 9.29 3.52
N ALA A 23 8.51 7.99 3.42
CA ALA A 23 7.18 7.43 3.68
C ALA A 23 6.62 7.96 4.98
N ASP A 24 5.30 8.20 5.00
CA ASP A 24 4.64 8.71 6.19
C ASP A 24 4.82 7.75 7.36
N GLY A 25 5.71 8.10 8.28
CA GLY A 25 5.96 7.26 9.44
C GLY A 25 7.25 7.62 10.15
N ASP A 26 7.54 6.90 11.23
CA ASP A 26 8.76 7.15 12.01
C ASP A 26 9.99 6.68 11.23
N LYS A 27 10.79 7.63 10.77
CA LYS A 27 12.00 7.32 10.01
C LYS A 27 13.12 6.86 10.95
N SER A 28 13.17 7.46 12.13
CA SER A 28 14.20 7.11 13.12
C SER A 28 14.07 5.64 13.54
N LEU A 29 12.85 5.13 13.52
CA LEU A 29 12.59 3.75 13.90
C LEU A 29 12.84 2.81 12.73
N PRO A 30 13.14 1.54 13.03
CA PRO A 30 13.41 0.52 12.02
C PRO A 30 12.14 0.12 11.26
N GLN A 31 12.31 -0.19 9.98
CA GLN A 31 11.18 -0.59 9.14
C GLN A 31 11.09 -2.11 9.03
N THR A 32 11.40 -2.80 10.11
CA THR A 32 11.36 -4.26 10.14
C THR A 32 9.94 -4.76 10.33
N GLU A 33 9.14 -4.01 11.09
CA GLU A 33 7.76 -4.39 11.35
C GLU A 33 6.81 -3.57 10.48
N ARG A 34 7.28 -2.42 10.02
CA ARG A 34 6.47 -1.55 9.17
C ARG A 34 7.07 -1.41 7.78
N ILE A 35 6.26 -1.67 6.76
CA ILE A 35 6.71 -1.58 5.38
C ILE A 35 6.06 -0.41 4.66
N TYR A 36 6.79 0.19 3.72
CA TYR A 36 6.28 1.32 2.96
C TYR A 36 5.76 0.88 1.59
N PHE A 37 4.76 1.58 1.09
CA PHE A 37 4.17 1.26 -0.20
C PHE A 37 3.67 2.52 -0.91
N GLN A 38 3.87 2.57 -2.22
CA GLN A 38 3.43 3.72 -3.00
C GLN A 38 1.92 3.75 -3.15
N VAL A 39 1.31 4.88 -2.81
CA VAL A 39 -0.13 5.04 -2.91
C VAL A 39 -0.52 5.88 -4.12
N PHE A 40 -0.95 5.22 -5.19
CA PHE A 40 -1.34 5.90 -6.40
C PHE A 40 -2.57 6.77 -6.17
N LEU A 41 -2.40 8.08 -6.37
CA LEU A 41 -3.50 9.03 -6.18
C LEU A 41 -4.46 8.99 -7.35
N PRO A 42 -5.73 9.36 -7.09
CA PRO A 42 -6.77 9.38 -8.11
C PRO A 42 -6.56 10.49 -9.14
N LYS A 43 -5.83 10.17 -10.21
CA LYS A 43 -5.55 11.14 -11.26
C LYS A 43 -4.96 12.41 -10.68
N GLY A 44 -4.14 12.28 -9.65
CA GLY A 44 -3.53 13.43 -9.02
C GLY A 44 -2.60 14.16 -9.96
N SER A 45 -2.95 15.39 -10.31
CA SER A 45 -2.14 16.20 -11.21
C SER A 45 -0.84 16.64 -10.53
N LYS A 46 -0.97 17.30 -9.39
CA LYS A 46 0.18 17.77 -8.64
C LYS A 46 1.03 16.60 -8.14
N GLU A 47 0.36 15.59 -7.58
CA GLU A 47 1.05 14.41 -7.07
C GLU A 47 0.52 13.14 -7.74
N LYS A 48 1.44 12.25 -8.09
CA LYS A 48 1.06 10.99 -8.74
C LYS A 48 0.77 9.92 -7.70
N SER A 49 1.53 9.93 -6.60
CA SER A 49 1.35 8.96 -5.54
C SER A 49 2.14 9.36 -4.30
N LYS A 50 1.74 8.82 -3.15
CA LYS A 50 2.40 9.12 -1.89
C LYS A 50 2.69 7.85 -1.10
N PRO A 51 3.90 7.75 -0.55
CA PRO A 51 4.32 6.59 0.23
C PRO A 51 3.60 6.50 1.58
N MET A 52 3.23 5.28 1.96
CA MET A 52 2.53 5.06 3.22
C MET A 52 3.10 3.84 3.96
N PHE A 53 3.18 3.94 5.28
CA PHE A 53 3.70 2.85 6.09
C PHE A 53 2.57 2.00 6.67
N PHE A 54 2.81 0.70 6.77
CA PHE A 54 1.81 -0.22 7.30
C PHE A 54 2.45 -1.28 8.18
N CYS A 55 1.78 -1.64 9.27
CA CYS A 55 2.29 -2.64 10.19
C CYS A 55 2.02 -4.05 9.68
N HIS A 56 2.98 -4.94 9.85
CA HIS A 56 2.85 -6.32 9.40
C HIS A 56 1.89 -7.09 10.30
N ARG A 57 1.80 -6.67 11.56
CA ARG A 57 0.91 -7.32 12.52
C ARG A 57 -0.50 -6.72 12.46
N TRP A 58 -1.03 -6.58 11.26
CA TRP A 58 -2.36 -6.01 11.06
C TRP A 58 -3.01 -6.57 9.80
N SER A 59 -4.27 -6.96 9.91
CA SER A 59 -5.00 -7.51 8.78
C SER A 59 -4.91 -6.58 7.57
N ILE A 60 -4.83 -7.17 6.38
CA ILE A 60 -4.74 -6.40 5.15
C ILE A 60 -5.95 -5.51 4.97
N GLY A 61 -7.13 -6.05 5.28
CA GLY A 61 -8.36 -5.28 5.14
C GLY A 61 -8.50 -4.21 6.22
N LYS A 62 -8.36 -4.62 7.48
CA LYS A 62 -8.47 -3.69 8.59
C LYS A 62 -7.41 -2.60 8.51
N ALA A 63 -6.23 -2.97 8.01
CA ALA A 63 -5.13 -2.03 7.87
C ALA A 63 -5.57 -0.78 7.10
N ILE A 64 -6.18 -0.99 5.94
CA ILE A 64 -6.66 0.12 5.12
C ILE A 64 -7.58 1.04 5.90
N ASP A 65 -8.59 0.45 6.53
CA ASP A 65 -9.55 1.22 7.32
C ASP A 65 -8.84 2.07 8.36
N PHE A 66 -7.81 1.48 8.99
CA PHE A 66 -7.05 2.19 10.02
C PHE A 66 -6.31 3.39 9.42
N ALA A 67 -5.51 3.14 8.39
CA ALA A 67 -4.76 4.19 7.72
C ALA A 67 -5.67 5.35 7.32
N ALA A 68 -6.87 5.01 6.85
CA ALA A 68 -7.84 6.02 6.42
C ALA A 68 -8.21 6.94 7.58
N SER A 69 -8.23 6.38 8.79
CA SER A 69 -8.58 7.15 9.98
C SER A 69 -7.41 8.02 10.43
N LEU A 70 -6.24 7.41 10.53
CA LEU A 70 -5.04 8.14 10.95
C LEU A 70 -4.76 9.31 10.01
N ALA A 71 -5.03 9.12 8.72
CA ALA A 71 -4.81 10.16 7.73
C ALA A 71 -5.98 11.14 7.70
N ARG A 72 -7.07 10.78 8.38
CA ARG A 72 -8.25 11.63 8.42
C ARG A 72 -8.86 11.79 7.03
N LEU A 73 -9.15 10.66 6.39
CA LEU A 73 -9.73 10.68 5.05
C LEU A 73 -11.20 10.22 5.09
N LYS A 74 -12.00 10.76 4.18
CA LYS A 74 -13.41 10.42 4.11
C LYS A 74 -13.59 8.91 3.97
N ASN A 75 -14.40 8.33 4.86
CA ASN A 75 -14.66 6.90 4.82
C ASN A 75 -16.10 6.60 5.23
N ASP A 76 -16.69 5.58 4.61
CA ASP A 76 -18.06 5.19 4.91
C ASP A 76 -18.14 3.72 5.30
N ASN A 77 -17.15 3.27 6.08
CA ASN A 77 -17.10 1.89 6.52
C ASN A 77 -17.74 1.73 7.89
N ASN A 78 -19.02 2.05 7.99
CA ASN A 78 -19.76 1.95 9.25
C ASN A 78 -20.90 0.94 9.14
N LYS A 79 -21.53 0.90 7.97
CA LYS A 79 -22.64 -0.02 7.73
C LYS A 79 -22.22 -1.14 6.78
N PHE A 80 -23.19 -1.97 6.39
CA PHE A 80 -22.92 -3.07 5.49
C PHE A 80 -23.00 -2.62 4.03
N THR A 81 -23.94 -1.71 3.75
CA THR A 81 -24.12 -1.20 2.40
C THR A 81 -23.45 0.16 2.23
N ALA A 82 -22.14 0.13 1.96
CA ALA A 82 -21.38 1.36 1.78
C ALA A 82 -19.93 1.05 1.42
N LYS A 83 -19.42 1.71 0.38
CA LYS A 83 -18.05 1.51 -0.05
C LYS A 83 -17.07 1.68 1.11
N LYS A 84 -16.10 0.78 1.20
CA LYS A 84 -15.10 0.84 2.27
C LYS A 84 -13.69 0.85 1.70
N LEU A 85 -12.88 1.78 2.16
CA LEU A 85 -11.50 1.90 1.68
C LEU A 85 -10.77 0.56 1.79
N ARG A 86 -10.33 0.06 0.65
CA ARG A 86 -9.62 -1.22 0.61
C ARG A 86 -8.49 -1.18 -0.41
N LEU A 87 -7.60 -2.17 -0.35
CA LEU A 87 -6.47 -2.24 -1.27
C LEU A 87 -6.81 -3.09 -2.48
N CYS A 88 -6.18 -2.79 -3.61
CA CYS A 88 -6.43 -3.52 -4.85
C CYS A 88 -5.18 -3.55 -5.72
N HIS A 89 -4.82 -4.73 -6.20
CA HIS A 89 -3.64 -4.89 -7.06
C HIS A 89 -3.74 -4.00 -8.29
N ILE A 90 -2.61 -3.47 -8.72
CA ILE A 90 -2.57 -2.60 -9.90
C ILE A 90 -2.71 -3.41 -11.18
N THR A 91 -3.55 -2.91 -12.10
CA THR A 91 -3.78 -3.59 -13.36
C THR A 91 -4.43 -4.95 -13.16
N SER A 92 -5.30 -5.04 -12.16
CA SER A 92 -5.99 -6.27 -11.85
C SER A 92 -7.33 -6.00 -11.16
N GLY A 93 -7.29 -5.22 -10.09
CA GLY A 93 -8.50 -4.89 -9.36
C GLY A 93 -8.79 -5.88 -8.25
N GLU A 94 -8.16 -7.05 -8.31
CA GLU A 94 -8.37 -8.08 -7.30
C GLU A 94 -7.97 -7.57 -5.92
N ALA A 95 -8.86 -7.77 -4.95
CA ALA A 95 -8.59 -7.33 -3.58
C ALA A 95 -8.48 -8.52 -2.63
N LEU A 96 -7.48 -8.47 -1.75
CA LEU A 96 -7.27 -9.55 -0.79
C LEU A 96 -8.27 -9.48 0.35
N PRO A 97 -8.46 -10.61 1.04
CA PRO A 97 -9.39 -10.71 2.17
C PRO A 97 -8.91 -9.93 3.39
N LEU A 98 -9.84 -9.52 4.23
CA LEU A 98 -9.51 -8.76 5.43
C LEU A 98 -9.05 -9.70 6.55
N ASP A 99 -9.30 -10.98 6.38
CA ASP A 99 -8.92 -11.99 7.36
C ASP A 99 -7.53 -12.56 7.05
N HIS A 100 -6.72 -11.77 6.34
CA HIS A 100 -5.38 -12.20 5.98
C HIS A 100 -4.35 -11.13 6.36
N THR A 101 -3.28 -11.57 7.02
CA THR A 101 -2.23 -10.66 7.45
C THR A 101 -1.13 -10.57 6.40
N LEU A 102 -0.33 -9.50 6.48
CA LEU A 102 0.76 -9.29 5.54
C LEU A 102 1.87 -10.33 5.73
N GLU A 103 2.35 -10.44 6.97
CA GLU A 103 3.40 -11.40 7.29
C GLU A 103 3.01 -12.80 6.85
N THR A 104 1.73 -13.12 6.99
CA THR A 104 1.22 -14.44 6.61
C THR A 104 1.52 -14.75 5.15
N TRP A 105 1.25 -13.77 4.28
CA TRP A 105 1.48 -13.94 2.85
C TRP A 105 2.97 -14.00 2.56
N ILE A 106 3.72 -13.08 3.12
CA ILE A 106 5.17 -13.03 2.92
C ILE A 106 5.83 -14.32 3.39
N ALA A 107 5.31 -14.89 4.47
CA ALA A 107 5.85 -16.13 5.01
C ALA A 107 5.45 -17.33 4.16
N LYS A 108 4.36 -17.18 3.42
CA LYS A 108 3.87 -18.25 2.57
C LYS A 108 4.77 -18.43 1.34
N GLU A 109 4.70 -19.60 0.72
CA GLU A 109 5.51 -19.89 -0.45
C GLU A 109 5.25 -18.88 -1.56
N ASP A 110 3.97 -18.55 -1.75
CA ASP A 110 3.57 -17.60 -2.78
C ASP A 110 4.16 -16.22 -2.50
N CYS A 111 3.83 -15.67 -1.33
CA CYS A 111 4.32 -14.36 -0.94
C CYS A 111 4.49 -13.46 -2.16
N PRO A 112 3.37 -13.10 -2.80
CA PRO A 112 3.37 -12.24 -3.98
C PRO A 112 3.77 -10.81 -3.66
N LEU A 113 3.20 -10.27 -2.58
CA LEU A 113 3.50 -8.90 -2.16
C LEU A 113 4.87 -8.82 -1.49
N TYR A 114 5.68 -7.87 -1.94
CA TYR A 114 7.02 -7.69 -1.38
C TYR A 114 7.37 -6.21 -1.32
N ASN A 115 8.41 -5.89 -0.55
CA ASN A 115 8.86 -4.51 -0.41
C ASN A 115 9.07 -3.86 -1.77
N GLY A 116 8.74 -2.57 -1.86
CA GLY A 116 8.90 -1.86 -3.11
C GLY A 116 7.63 -1.82 -3.93
N GLY A 117 6.76 -2.79 -3.70
CA GLY A 117 5.50 -2.86 -4.44
C GLY A 117 4.71 -1.58 -4.35
N ASN A 118 3.60 -1.51 -5.07
CA ASN A 118 2.75 -0.31 -5.07
C ASN A 118 1.30 -0.68 -5.35
N ILE A 119 0.39 -0.15 -4.53
CA ILE A 119 -1.02 -0.42 -4.69
C ILE A 119 -1.86 0.83 -4.41
N ILE A 120 -2.99 0.94 -5.10
CA ILE A 120 -3.88 2.08 -4.92
C ILE A 120 -5.00 1.77 -3.93
N LEU A 121 -5.43 2.79 -3.20
CA LEU A 121 -6.49 2.62 -2.22
C LEU A 121 -7.83 3.11 -2.78
N GLU A 122 -8.81 2.21 -2.82
CA GLU A 122 -10.13 2.55 -3.34
C GLU A 122 -11.22 1.96 -2.44
N TYR A 123 -12.33 2.69 -2.34
CA TYR A 123 -13.45 2.25 -1.50
C TYR A 123 -14.31 1.25 -2.25
N LEU A 124 -14.43 0.04 -1.69
CA LEU A 124 -15.23 -1.01 -2.31
C LEU A 124 -16.10 -1.71 -1.27
N ASN A 125 -17.26 -2.20 -1.70
CA ASN A 125 -18.19 -2.89 -0.81
C ASN A 125 -17.70 -4.31 -0.52
N ASP A 126 -18.08 -4.83 0.65
CA ASP A 126 -17.70 -6.17 1.05
C ASP A 126 -18.15 -7.20 0.03
N GLU A 127 -19.34 -6.97 -0.54
CA GLU A 127 -19.90 -7.88 -1.53
C GLU A 127 -19.06 -7.89 -2.80
N GLU A 128 -18.40 -6.77 -3.08
CA GLU A 128 -17.55 -6.66 -4.27
C GLU A 128 -16.15 -7.21 -4.00
N GLN A 129 -15.64 -7.99 -4.94
CA GLN A 129 -14.31 -8.58 -4.81
C GLN A 129 -13.31 -7.90 -5.74
N PHE A 130 -13.78 -7.53 -6.93
CA PHE A 130 -12.93 -6.88 -7.92
C PHE A 130 -13.28 -5.39 -8.04
N CYS A 131 -12.25 -4.55 -7.99
CA CYS A 131 -12.44 -3.11 -8.09
C CYS A 131 -12.43 -2.66 -9.55
N LYS A 132 -12.78 -1.40 -9.77
CA LYS A 132 -12.82 -0.84 -11.11
C LYS A 132 -11.44 -0.89 -11.77
N ASN A 133 -11.35 -0.41 -13.00
CA ASN A 133 -10.09 -0.41 -13.72
C ASN A 133 -9.27 0.82 -13.37
N VAL A 134 -8.14 0.60 -12.69
CA VAL A 134 -7.26 1.69 -12.29
C VAL A 134 -6.47 2.23 -13.48
N GLU A 135 -6.10 1.33 -14.38
CA GLU A 135 -5.33 1.72 -15.57
C GLU A 135 -6.05 2.81 -16.34
N SER A 136 -7.39 2.74 -16.37
CA SER A 136 -8.19 3.73 -17.08
C SER A 136 -7.92 5.14 -16.55
N TYR A 137 -7.83 5.25 -15.23
CA TYR A 137 -7.58 6.54 -14.59
C TYR A 137 -6.27 7.15 -15.09
N LEU A 138 -5.28 6.29 -15.31
CA LEU A 138 -3.98 6.74 -15.80
C LEU A 138 -3.83 6.49 -17.29
N GLU A 139 -4.96 6.34 -17.98
CA GLU A 139 -4.95 6.09 -19.42
C GLU A 139 -4.28 7.25 -20.16
N GLY A 1 16.39 5.09 -15.81
CA GLY A 1 15.40 4.11 -15.39
C GLY A 1 15.93 2.70 -15.43
N GLY A 2 15.17 1.76 -14.87
CA GLY A 2 15.59 0.36 -14.87
C GLY A 2 14.69 -0.50 -14.02
N SER A 3 14.83 -1.82 -14.17
CA SER A 3 14.01 -2.76 -13.41
C SER A 3 14.75 -4.08 -13.22
N GLY A 4 14.27 -4.90 -12.29
CA GLY A 4 14.89 -6.18 -12.03
C GLY A 4 15.94 -6.10 -10.93
N ALA A 5 17.20 -6.31 -11.29
CA ALA A 5 18.29 -6.27 -10.33
C ALA A 5 19.59 -5.86 -10.99
N LYS A 6 19.64 -4.63 -11.49
CA LYS A 6 20.83 -4.11 -12.15
C LYS A 6 21.90 -3.72 -11.13
N ASN A 7 23.01 -3.20 -11.62
CA ASN A 7 24.11 -2.79 -10.75
C ASN A 7 23.72 -1.56 -9.94
N SER A 8 24.68 -1.05 -9.16
CA SER A 8 24.44 0.13 -8.32
C SER A 8 23.38 -0.18 -7.27
N GLU A 9 23.54 -1.29 -6.58
CA GLU A 9 22.59 -1.70 -5.55
C GLU A 9 22.47 -0.62 -4.47
N THR A 10 23.59 0.04 -4.17
CA THR A 10 23.60 1.10 -3.16
C THR A 10 22.54 2.15 -3.45
N ALA A 11 22.30 2.41 -4.74
CA ALA A 11 21.31 3.40 -5.14
C ALA A 11 19.93 3.04 -4.58
N ALA A 12 19.65 1.75 -4.51
CA ALA A 12 18.37 1.27 -4.00
C ALA A 12 18.29 1.43 -2.48
N LYS A 13 19.34 0.97 -1.80
CA LYS A 13 19.38 1.06 -0.34
C LYS A 13 19.23 2.50 0.13
N VAL A 14 20.04 3.39 -0.44
CA VAL A 14 20.00 4.80 -0.08
C VAL A 14 18.61 5.39 -0.33
N ALA A 15 17.97 4.94 -1.40
CA ALA A 15 16.64 5.42 -1.76
C ALA A 15 15.60 4.90 -0.77
N LEU A 16 15.80 3.68 -0.29
CA LEU A 16 14.88 3.05 0.65
C LEU A 16 14.92 3.77 1.99
N MET A 17 16.12 3.92 2.54
CA MET A 17 16.30 4.60 3.83
C MET A 17 15.93 6.07 3.73
N LYS A 18 16.26 6.69 2.60
CA LYS A 18 15.97 8.10 2.37
C LYS A 18 14.46 8.35 2.39
N LEU A 19 13.71 7.44 1.78
CA LEU A 19 12.26 7.57 1.71
C LEU A 19 11.63 7.25 3.07
N LYS A 20 12.14 6.21 3.73
CA LYS A 20 11.63 5.81 5.04
C LYS A 20 11.67 6.98 6.01
N MET A 21 12.68 7.84 5.87
CA MET A 21 12.82 8.99 6.74
C MET A 21 11.67 9.97 6.54
N HIS A 22 11.15 10.04 5.31
CA HIS A 22 10.04 10.93 5.00
C HIS A 22 8.71 10.28 5.35
N ALA A 23 8.63 8.97 5.20
CA ALA A 23 7.41 8.23 5.50
C ALA A 23 6.87 8.61 6.87
N ASP A 24 5.55 8.47 7.05
CA ASP A 24 4.92 8.80 8.32
C ASP A 24 5.28 7.78 9.38
N GLY A 25 6.45 7.96 9.99
CA GLY A 25 6.90 7.04 11.04
C GLY A 25 8.35 7.24 11.40
N ASP A 26 8.83 6.48 12.37
CA ASP A 26 10.21 6.58 12.82
C ASP A 26 11.09 5.57 12.11
N LYS A 27 12.18 6.05 11.51
CA LYS A 27 13.11 5.19 10.80
C LYS A 27 14.12 4.56 11.74
N SER A 28 14.54 5.34 12.75
CA SER A 28 15.51 4.86 13.73
C SER A 28 14.96 3.69 14.52
N LEU A 29 13.64 3.67 14.70
CA LEU A 29 12.98 2.61 15.44
C LEU A 29 13.20 1.26 14.76
N PRO A 30 13.96 0.37 15.43
CA PRO A 30 14.26 -0.96 14.92
C PRO A 30 13.03 -1.87 14.91
N GLN A 31 12.21 -1.74 13.88
CA GLN A 31 11.00 -2.54 13.76
C GLN A 31 11.00 -3.34 12.45
N THR A 32 11.23 -4.63 12.55
CA THR A 32 11.26 -5.50 11.37
C THR A 32 9.86 -5.88 10.94
N GLU A 33 8.92 -5.87 11.88
CA GLU A 33 7.54 -6.21 11.60
C GLU A 33 6.81 -5.05 10.93
N ARG A 34 7.35 -3.85 11.11
CA ARG A 34 6.75 -2.65 10.54
C ARG A 34 7.50 -2.22 9.29
N ILE A 35 6.77 -1.72 8.29
CA ILE A 35 7.36 -1.27 7.04
C ILE A 35 6.55 -0.14 6.42
N TYR A 36 7.22 0.73 5.68
CA TYR A 36 6.56 1.86 5.03
C TYR A 36 6.19 1.51 3.60
N PHE A 37 5.10 2.10 3.11
CA PHE A 37 4.63 1.85 1.75
C PHE A 37 3.97 3.10 1.16
N GLN A 38 4.25 3.36 -0.11
CA GLN A 38 3.68 4.52 -0.78
C GLN A 38 2.27 4.22 -1.28
N VAL A 39 1.37 5.18 -1.08
CA VAL A 39 -0.02 5.03 -1.51
C VAL A 39 -0.34 5.96 -2.67
N PHE A 40 -0.87 5.40 -3.76
CA PHE A 40 -1.22 6.18 -4.93
C PHE A 40 -2.59 6.83 -4.76
N LEU A 41 -2.60 8.15 -4.64
CA LEU A 41 -3.84 8.90 -4.48
C LEU A 41 -4.66 8.90 -5.77
N PRO A 42 -5.99 9.04 -5.63
CA PRO A 42 -6.91 9.06 -6.77
C PRO A 42 -6.76 10.32 -7.62
N LYS A 43 -6.43 11.44 -6.96
CA LYS A 43 -6.24 12.71 -7.65
C LYS A 43 -4.77 13.06 -7.77
N GLY A 44 -4.03 12.90 -6.68
CA GLY A 44 -2.61 13.20 -6.68
C GLY A 44 -2.32 14.60 -7.19
N SER A 45 -2.83 15.60 -6.48
CA SER A 45 -2.63 16.99 -6.88
C SER A 45 -1.24 17.47 -6.45
N LYS A 46 -0.94 17.31 -5.16
CA LYS A 46 0.35 17.74 -4.63
C LYS A 46 1.43 16.71 -4.95
N GLU A 47 1.06 15.43 -4.89
CA GLU A 47 2.00 14.35 -5.18
C GLU A 47 1.28 13.10 -5.66
N LYS A 48 1.89 12.37 -6.57
CA LYS A 48 1.30 11.15 -7.11
C LYS A 48 0.93 10.19 -5.99
N SER A 49 1.87 9.93 -5.09
CA SER A 49 1.65 9.02 -3.98
C SER A 49 2.33 9.54 -2.70
N LYS A 50 1.93 8.99 -1.57
CA LYS A 50 2.51 9.39 -0.28
C LYS A 50 2.88 8.17 0.54
N PRO A 51 4.06 8.22 1.18
CA PRO A 51 4.56 7.12 2.02
C PRO A 51 3.76 6.98 3.31
N MET A 52 3.59 5.74 3.76
CA MET A 52 2.84 5.47 4.98
C MET A 52 3.46 4.31 5.75
N PHE A 53 3.69 4.50 7.04
CA PHE A 53 4.27 3.47 7.88
C PHE A 53 3.19 2.60 8.52
N PHE A 54 3.20 1.30 8.19
CA PHE A 54 2.23 0.38 8.73
C PHE A 54 2.91 -0.85 9.33
N CYS A 55 2.16 -1.60 10.14
CA CYS A 55 2.71 -2.80 10.78
C CYS A 55 2.16 -4.05 10.11
N HIS A 56 3.03 -5.04 9.94
CA HIS A 56 2.64 -6.30 9.30
C HIS A 56 1.58 -7.01 10.14
N ARG A 57 1.65 -6.84 11.46
CA ARG A 57 0.70 -7.47 12.36
C ARG A 57 -0.74 -7.21 11.90
N TRP A 58 -0.97 -6.04 11.34
CA TRP A 58 -2.30 -5.67 10.86
C TRP A 58 -2.63 -6.39 9.56
N SER A 59 -3.92 -6.59 9.30
CA SER A 59 -4.37 -7.27 8.09
C SER A 59 -4.17 -6.38 6.87
N ILE A 60 -4.03 -7.00 5.71
CA ILE A 60 -3.83 -6.27 4.46
C ILE A 60 -5.04 -5.40 4.15
N GLY A 61 -6.23 -5.97 4.28
CA GLY A 61 -7.45 -5.22 4.01
C GLY A 61 -7.76 -4.20 5.09
N LYS A 62 -7.77 -4.65 6.34
CA LYS A 62 -8.05 -3.78 7.46
C LYS A 62 -7.06 -2.61 7.51
N ALA A 63 -5.83 -2.87 7.08
CA ALA A 63 -4.79 -1.85 7.07
C ALA A 63 -5.27 -0.59 6.34
N ILE A 64 -5.94 -0.78 5.22
CA ILE A 64 -6.45 0.33 4.43
C ILE A 64 -7.54 1.08 5.19
N ASP A 65 -8.48 0.34 5.76
CA ASP A 65 -9.57 0.94 6.51
C ASP A 65 -9.04 1.86 7.61
N PHE A 66 -7.98 1.42 8.28
CA PHE A 66 -7.37 2.20 9.35
C PHE A 66 -6.68 3.44 8.79
N ALA A 67 -5.76 3.21 7.85
CA ALA A 67 -5.02 4.31 7.23
C ALA A 67 -5.96 5.39 6.72
N ALA A 68 -7.11 4.96 6.19
CA ALA A 68 -8.11 5.89 5.67
C ALA A 68 -8.61 6.84 6.75
N SER A 69 -8.72 6.31 7.97
CA SER A 69 -9.21 7.10 9.11
C SER A 69 -8.12 8.03 9.62
N LEU A 70 -6.90 7.49 9.75
CA LEU A 70 -5.77 8.28 10.23
C LEU A 70 -5.47 9.45 9.30
N ALA A 71 -5.67 9.23 8.01
CA ALA A 71 -5.44 10.27 7.01
C ALA A 71 -6.67 11.14 6.83
N ARG A 72 -7.67 10.93 7.67
CA ARG A 72 -8.91 11.71 7.60
C ARG A 72 -9.48 11.69 6.19
N LEU A 73 -9.50 10.51 5.57
CA LEU A 73 -10.02 10.36 4.22
C LEU A 73 -11.49 9.95 4.24
N LYS A 74 -12.28 10.58 3.38
CA LYS A 74 -13.71 10.27 3.30
C LYS A 74 -13.93 8.77 3.13
N ASN A 75 -14.34 8.11 4.21
CA ASN A 75 -14.59 6.68 4.17
C ASN A 75 -15.47 6.25 5.35
N ASP A 76 -16.35 5.28 5.11
CA ASP A 76 -17.25 4.79 6.15
C ASP A 76 -16.93 3.33 6.49
N ASN A 77 -16.74 2.51 5.46
CA ASN A 77 -16.43 1.10 5.65
C ASN A 77 -17.48 0.43 6.53
N ASN A 78 -18.74 0.82 6.35
CA ASN A 78 -19.84 0.27 7.12
C ASN A 78 -21.18 0.88 6.71
N LYS A 79 -21.90 0.18 5.83
CA LYS A 79 -23.19 0.66 5.37
C LYS A 79 -23.88 -0.40 4.52
N PHE A 80 -25.18 -0.24 4.32
CA PHE A 80 -25.96 -1.18 3.53
C PHE A 80 -25.41 -1.28 2.10
N THR A 81 -25.03 -0.13 1.55
CA THR A 81 -24.49 -0.09 0.20
C THR A 81 -23.51 1.07 0.03
N ALA A 82 -22.21 0.78 0.14
CA ALA A 82 -21.19 1.81 0.00
C ALA A 82 -19.85 1.18 -0.41
N LYS A 83 -18.89 2.05 -0.74
CA LYS A 83 -17.57 1.58 -1.15
C LYS A 83 -16.54 1.84 -0.04
N LYS A 84 -15.72 0.83 0.24
CA LYS A 84 -14.69 0.95 1.27
C LYS A 84 -13.31 1.02 0.64
N LEU A 85 -12.47 1.91 1.17
CA LEU A 85 -11.11 2.09 0.66
C LEU A 85 -10.30 0.82 0.88
N ARG A 86 -9.76 0.26 -0.21
CA ARG A 86 -8.96 -0.95 -0.14
C ARG A 86 -7.80 -0.89 -1.13
N LEU A 87 -6.83 -1.78 -0.95
CA LEU A 87 -5.68 -1.83 -1.84
C LEU A 87 -5.98 -2.63 -3.10
N CYS A 88 -5.31 -2.29 -4.19
CA CYS A 88 -5.52 -2.98 -5.46
C CYS A 88 -4.20 -3.12 -6.22
N HIS A 89 -3.89 -4.34 -6.65
CA HIS A 89 -2.66 -4.60 -7.40
C HIS A 89 -2.58 -3.74 -8.64
N ILE A 90 -1.39 -3.23 -8.93
CA ILE A 90 -1.18 -2.39 -10.10
C ILE A 90 -1.17 -3.21 -11.38
N THR A 91 -1.91 -2.74 -12.38
CA THR A 91 -1.99 -3.43 -13.67
C THR A 91 -2.66 -4.80 -13.51
N SER A 92 -3.62 -4.87 -12.60
CA SER A 92 -4.33 -6.12 -12.35
C SER A 92 -5.73 -5.85 -11.80
N GLY A 93 -5.79 -5.06 -10.73
CA GLY A 93 -7.07 -4.74 -10.12
C GLY A 93 -7.45 -5.72 -9.04
N GLU A 94 -6.82 -6.88 -9.03
CA GLU A 94 -7.12 -7.91 -8.05
C GLU A 94 -6.92 -7.37 -6.63
N ALA A 95 -7.82 -7.78 -5.73
CA ALA A 95 -7.75 -7.33 -4.34
C ALA A 95 -7.44 -8.50 -3.41
N LEU A 96 -6.58 -8.25 -2.43
CA LEU A 96 -6.20 -9.28 -1.46
C LEU A 96 -7.24 -9.40 -0.35
N PRO A 97 -7.23 -10.53 0.35
CA PRO A 97 -8.16 -10.80 1.46
C PRO A 97 -7.87 -9.92 2.67
N LEU A 98 -8.93 -9.43 3.30
CA LEU A 98 -8.78 -8.58 4.48
C LEU A 98 -8.56 -9.42 5.73
N ASP A 99 -8.89 -10.70 5.64
CA ASP A 99 -8.72 -11.62 6.76
C ASP A 99 -7.35 -12.29 6.71
N HIS A 100 -6.38 -11.62 6.10
CA HIS A 100 -5.03 -12.15 5.99
C HIS A 100 -4.01 -11.12 6.44
N THR A 101 -3.06 -11.55 7.28
CA THR A 101 -2.02 -10.66 7.78
C THR A 101 -0.86 -10.56 6.80
N LEU A 102 -0.15 -9.44 6.86
CA LEU A 102 0.99 -9.21 5.98
C LEU A 102 2.14 -10.16 6.32
N GLU A 103 2.40 -10.33 7.61
CA GLU A 103 3.47 -11.20 8.06
C GLU A 103 3.28 -12.62 7.53
N THR A 104 2.02 -13.06 7.46
CA THR A 104 1.69 -14.40 6.99
C THR A 104 2.10 -14.56 5.52
N TRP A 105 1.84 -13.53 4.72
CA TRP A 105 2.19 -13.57 3.30
C TRP A 105 3.70 -13.52 3.11
N ILE A 106 4.33 -12.55 3.76
CA ILE A 106 5.78 -12.39 3.65
C ILE A 106 6.51 -13.61 4.18
N ALA A 107 5.97 -14.21 5.25
CA ALA A 107 6.56 -15.39 5.84
C ALA A 107 6.27 -16.64 5.03
N LYS A 108 5.18 -16.58 4.27
CA LYS A 108 4.77 -17.71 3.44
C LYS A 108 5.62 -17.78 2.16
N GLU A 109 5.56 -18.93 1.49
CA GLU A 109 6.32 -19.12 0.26
C GLU A 109 5.93 -18.09 -0.80
N ASP A 110 4.63 -17.85 -0.91
CA ASP A 110 4.11 -16.89 -1.88
C ASP A 110 4.68 -15.50 -1.63
N CYS A 111 5.37 -14.95 -2.64
CA CYS A 111 5.97 -13.63 -2.52
C CYS A 111 5.40 -12.69 -3.58
N PRO A 112 4.12 -12.33 -3.43
CA PRO A 112 3.43 -11.43 -4.37
C PRO A 112 3.94 -9.99 -4.27
N LEU A 113 4.03 -9.49 -3.04
CA LEU A 113 4.51 -8.13 -2.81
C LEU A 113 5.89 -8.14 -2.15
N TYR A 114 6.77 -7.26 -2.62
CA TYR A 114 8.11 -7.17 -2.07
C TYR A 114 8.27 -5.92 -1.20
N ASN A 115 9.11 -6.02 -0.19
CA ASN A 115 9.35 -4.88 0.72
C ASN A 115 9.71 -3.63 -0.07
N GLY A 116 9.18 -2.50 0.37
CA GLY A 116 9.46 -1.24 -0.29
C GLY A 116 8.57 -1.01 -1.50
N GLY A 117 7.58 -1.89 -1.67
CA GLY A 117 6.67 -1.77 -2.79
C GLY A 117 5.58 -0.74 -2.55
N ASN A 118 4.90 -0.34 -3.62
CA ASN A 118 3.82 0.64 -3.52
C ASN A 118 2.49 0.05 -3.98
N ILE A 119 1.40 0.61 -3.48
CA ILE A 119 0.07 0.14 -3.86
C ILE A 119 -0.92 1.30 -3.95
N ILE A 120 -1.95 1.12 -4.76
CA ILE A 120 -2.96 2.15 -4.93
C ILE A 120 -4.16 1.92 -4.00
N LEU A 121 -4.78 3.00 -3.56
CA LEU A 121 -5.92 2.90 -2.67
C LEU A 121 -7.19 3.42 -3.35
N GLU A 122 -8.23 2.60 -3.36
CA GLU A 122 -9.49 2.98 -3.99
C GLU A 122 -10.67 2.36 -3.24
N TYR A 123 -11.81 3.05 -3.28
CA TYR A 123 -13.02 2.57 -2.60
C TYR A 123 -13.72 1.50 -3.44
N LEU A 124 -13.55 0.24 -3.03
CA LEU A 124 -14.17 -0.87 -3.74
C LEU A 124 -15.01 -1.72 -2.79
N ASN A 125 -16.21 -2.09 -3.24
CA ASN A 125 -17.10 -2.91 -2.43
C ASN A 125 -16.45 -4.24 -2.07
N ASP A 126 -16.96 -4.88 -1.03
CA ASP A 126 -16.43 -6.17 -0.59
C ASP A 126 -16.74 -7.26 -1.60
N GLU A 127 -17.91 -7.18 -2.23
CA GLU A 127 -18.33 -8.17 -3.22
C GLU A 127 -17.43 -8.11 -4.45
N GLU A 128 -16.89 -6.92 -4.73
CA GLU A 128 -16.02 -6.73 -5.88
C GLU A 128 -14.60 -7.17 -5.56
N GLN A 129 -14.14 -8.22 -6.24
CA GLN A 129 -12.79 -8.73 -6.03
C GLN A 129 -11.79 -8.05 -6.96
N PHE A 130 -12.20 -7.79 -8.19
CA PHE A 130 -11.35 -7.15 -9.17
C PHE A 130 -11.78 -5.70 -9.40
N CYS A 131 -10.87 -4.78 -9.16
CA CYS A 131 -11.15 -3.35 -9.34
C CYS A 131 -10.76 -2.88 -10.74
N LYS A 132 -11.19 -1.68 -11.10
CA LYS A 132 -10.88 -1.13 -12.41
C LYS A 132 -9.38 -1.19 -12.68
N ASN A 133 -9.01 -0.91 -13.93
CA ASN A 133 -7.61 -0.94 -14.33
C ASN A 133 -6.98 0.46 -14.20
N VAL A 134 -5.95 0.57 -13.38
CA VAL A 134 -5.27 1.84 -13.17
C VAL A 134 -4.83 2.45 -14.50
N GLU A 135 -4.44 1.59 -15.44
CA GLU A 135 -4.00 2.05 -16.76
C GLU A 135 -5.06 2.92 -17.40
N SER A 136 -6.32 2.56 -17.22
CA SER A 136 -7.43 3.30 -17.80
C SER A 136 -7.62 4.64 -17.07
N TYR A 137 -7.41 4.62 -15.76
CA TYR A 137 -7.56 5.83 -14.96
C TYR A 137 -6.45 6.83 -15.25
N LEU A 138 -5.24 6.31 -15.49
CA LEU A 138 -4.10 7.16 -15.79
C LEU A 138 -3.84 7.22 -17.29
N GLU A 139 -4.87 6.90 -18.08
CA GLU A 139 -4.76 6.92 -19.53
C GLU A 139 -4.81 8.35 -20.06
N GLY A 1 10.16 11.77 -20.43
CA GLY A 1 11.18 12.24 -19.52
C GLY A 1 12.43 11.38 -19.55
N GLY A 2 12.88 10.96 -18.38
CA GLY A 2 14.07 10.12 -18.29
C GLY A 2 15.07 10.65 -17.29
N SER A 3 16.26 10.99 -17.76
CA SER A 3 17.32 11.50 -16.90
C SER A 3 17.69 10.49 -15.82
N GLY A 4 17.74 9.22 -16.22
CA GLY A 4 18.08 8.16 -15.28
C GLY A 4 17.13 6.98 -15.36
N ALA A 5 17.50 5.88 -14.70
CA ALA A 5 16.66 4.69 -14.71
C ALA A 5 17.21 3.64 -13.74
N LYS A 6 18.46 3.24 -13.95
CA LYS A 6 19.10 2.24 -13.08
C LYS A 6 20.60 2.48 -13.00
N ASN A 7 21.13 2.44 -11.78
CA ASN A 7 22.56 2.65 -11.56
C ASN A 7 23.21 1.42 -10.95
N SER A 8 22.67 0.96 -9.83
CA SER A 8 23.19 -0.21 -9.15
C SER A 8 22.21 -0.71 -8.09
N GLU A 9 22.48 -1.90 -7.56
CA GLU A 9 21.61 -2.50 -6.55
C GLU A 9 21.59 -1.64 -5.29
N THR A 10 22.76 -1.14 -4.90
CA THR A 10 22.88 -0.31 -3.71
C THR A 10 21.89 0.85 -3.75
N ALA A 11 21.65 1.38 -4.94
CA ALA A 11 20.72 2.49 -5.12
C ALA A 11 19.33 2.12 -4.60
N ALA A 12 18.95 0.86 -4.77
CA ALA A 12 17.64 0.38 -4.33
C ALA A 12 17.61 0.25 -2.81
N LYS A 13 18.63 -0.38 -2.25
CA LYS A 13 18.71 -0.58 -0.80
C LYS A 13 18.73 0.77 -0.08
N VAL A 14 19.64 1.64 -0.49
CA VAL A 14 19.76 2.96 0.12
C VAL A 14 18.47 3.77 -0.03
N ALA A 15 17.85 3.65 -1.20
CA ALA A 15 16.61 4.37 -1.47
C ALA A 15 15.48 3.86 -0.59
N LEU A 16 15.47 2.56 -0.33
CA LEU A 16 14.44 1.95 0.51
C LEU A 16 14.59 2.38 1.96
N MET A 17 15.79 2.23 2.50
CA MET A 17 16.07 2.61 3.88
C MET A 17 15.87 4.11 4.08
N LYS A 18 16.22 4.88 3.06
CA LYS A 18 16.09 6.34 3.13
C LYS A 18 14.63 6.75 2.95
N LEU A 19 13.91 6.04 2.10
CA LEU A 19 12.51 6.32 1.86
C LEU A 19 11.66 6.03 3.10
N LYS A 20 11.89 4.86 3.69
CA LYS A 20 11.16 4.46 4.89
C LYS A 20 11.24 5.53 5.97
N MET A 21 12.38 6.21 6.03
CA MET A 21 12.59 7.26 7.03
C MET A 21 11.65 8.45 6.76
N HIS A 22 11.35 8.68 5.49
CA HIS A 22 10.47 9.78 5.11
C HIS A 22 9.01 9.36 5.22
N ALA A 23 8.76 8.08 5.05
CA ALA A 23 7.40 7.54 5.13
C ALA A 23 6.65 8.11 6.33
N ASP A 24 5.35 8.29 6.19
CA ASP A 24 4.52 8.82 7.27
C ASP A 24 4.55 7.90 8.48
N GLY A 25 5.24 8.34 9.55
CA GLY A 25 5.34 7.53 10.75
C GLY A 25 6.61 7.80 11.52
N ASP A 26 7.09 6.79 12.24
CA ASP A 26 8.32 6.93 13.02
C ASP A 26 9.49 6.27 12.30
N LYS A 27 10.52 7.08 12.02
CA LYS A 27 11.70 6.59 11.33
C LYS A 27 12.69 5.98 12.33
N SER A 28 12.77 6.56 13.51
CA SER A 28 13.66 6.08 14.55
C SER A 28 13.31 4.66 14.97
N LEU A 29 12.03 4.33 14.88
CA LEU A 29 11.56 3.00 15.24
C LEU A 29 11.96 1.97 14.18
N PRO A 30 12.06 0.70 14.61
CA PRO A 30 12.43 -0.40 13.71
C PRO A 30 11.33 -0.73 12.70
N GLN A 31 11.57 -1.74 11.88
CA GLN A 31 10.60 -2.15 10.87
C GLN A 31 10.37 -3.65 10.91
N THR A 32 10.42 -4.22 12.12
CA THR A 32 10.21 -5.64 12.30
C THR A 32 8.73 -6.00 12.29
N GLU A 33 7.91 -5.09 12.81
CA GLU A 33 6.46 -5.31 12.86
C GLU A 33 5.73 -4.31 11.96
N ARG A 34 6.40 -3.20 11.66
CA ARG A 34 5.82 -2.16 10.82
C ARG A 34 6.58 -2.03 9.51
N ILE A 35 5.84 -1.88 8.41
CA ILE A 35 6.45 -1.74 7.10
C ILE A 35 5.88 -0.56 6.35
N TYR A 36 6.69 0.05 5.49
CA TYR A 36 6.26 1.20 4.71
C TYR A 36 6.16 0.85 3.23
N PHE A 37 5.10 1.34 2.59
CA PHE A 37 4.88 1.08 1.17
C PHE A 37 4.60 2.37 0.41
N GLN A 38 4.78 2.34 -0.90
CA GLN A 38 4.54 3.51 -1.74
C GLN A 38 3.21 3.39 -2.47
N VAL A 39 2.28 4.27 -2.13
CA VAL A 39 0.96 4.27 -2.76
C VAL A 39 0.86 5.34 -3.84
N PHE A 40 0.26 4.97 -4.97
CA PHE A 40 0.11 5.90 -6.08
C PHE A 40 -1.01 6.91 -5.80
N LEU A 41 -0.62 8.11 -5.38
CA LEU A 41 -1.58 9.16 -5.07
C LEU A 41 -2.39 9.54 -6.31
N PRO A 42 -3.60 10.05 -6.09
CA PRO A 42 -4.50 10.47 -7.18
C PRO A 42 -3.99 11.72 -7.90
N LYS A 43 -3.63 12.74 -7.12
CA LYS A 43 -3.12 13.99 -7.67
C LYS A 43 -1.89 14.45 -6.93
N GLY A 44 -0.82 14.74 -7.67
CA GLY A 44 0.41 15.20 -7.05
C GLY A 44 1.57 15.23 -8.03
N SER A 45 2.05 16.44 -8.34
CA SER A 45 3.16 16.59 -9.27
C SER A 45 4.49 16.34 -8.58
N LYS A 46 4.57 16.70 -7.30
CA LYS A 46 5.78 16.52 -6.51
C LYS A 46 6.29 15.08 -6.63
N GLU A 47 5.35 14.14 -6.68
CA GLU A 47 5.69 12.72 -6.77
C GLU A 47 4.52 11.91 -7.30
N LYS A 48 4.81 10.72 -7.84
CA LYS A 48 3.77 9.86 -8.38
C LYS A 48 3.11 9.05 -7.27
N SER A 49 3.88 8.71 -6.25
CA SER A 49 3.36 7.94 -5.12
C SER A 49 3.93 8.45 -3.80
N LYS A 50 3.17 8.28 -2.73
CA LYS A 50 3.59 8.71 -1.41
C LYS A 50 3.74 7.53 -0.46
N PRO A 51 4.82 7.52 0.33
CA PRO A 51 5.10 6.46 1.29
C PRO A 51 4.13 6.47 2.46
N MET A 52 3.75 5.27 2.91
CA MET A 52 2.82 5.15 4.04
C MET A 52 3.19 3.96 4.92
N PHE A 53 2.97 4.10 6.22
CA PHE A 53 3.28 3.03 7.16
C PHE A 53 2.07 2.12 7.37
N PHE A 54 2.34 0.85 7.65
CA PHE A 54 1.28 -0.13 7.86
C PHE A 54 1.74 -1.23 8.80
N CYS A 55 0.83 -1.69 9.66
CA CYS A 55 1.14 -2.74 10.63
C CYS A 55 1.00 -4.11 9.98
N HIS A 56 2.03 -4.94 10.13
CA HIS A 56 2.03 -6.29 9.56
C HIS A 56 1.08 -7.19 10.34
N ARG A 57 1.16 -7.12 11.67
CA ARG A 57 0.30 -7.94 12.52
C ARG A 57 -1.17 -7.75 12.17
N TRP A 58 -1.51 -6.56 11.70
CA TRP A 58 -2.89 -6.24 11.32
C TRP A 58 -3.21 -6.81 9.95
N SER A 59 -4.46 -7.24 9.77
CA SER A 59 -4.91 -7.82 8.51
C SER A 59 -4.85 -6.78 7.40
N ILE A 60 -4.74 -7.25 6.16
CA ILE A 60 -4.67 -6.36 5.02
C ILE A 60 -5.97 -5.58 4.85
N GLY A 61 -7.10 -6.28 4.93
CA GLY A 61 -8.39 -5.64 4.79
C GLY A 61 -8.62 -4.57 5.84
N LYS A 62 -8.44 -4.94 7.10
CA LYS A 62 -8.64 -4.01 8.21
C LYS A 62 -7.62 -2.86 8.13
N ALA A 63 -6.43 -3.17 7.67
CA ALA A 63 -5.37 -2.18 7.55
C ALA A 63 -5.85 -0.96 6.75
N ILE A 64 -6.61 -1.21 5.70
CA ILE A 64 -7.13 -0.15 4.86
C ILE A 64 -8.10 0.74 5.65
N ASP A 65 -9.07 0.13 6.29
CA ASP A 65 -10.05 0.86 7.09
C ASP A 65 -9.36 1.77 8.10
N PHE A 66 -8.41 1.21 8.84
CA PHE A 66 -7.67 1.97 9.84
C PHE A 66 -6.95 3.16 9.20
N ALA A 67 -6.13 2.88 8.20
CA ALA A 67 -5.37 3.92 7.51
C ALA A 67 -6.30 5.04 7.04
N ALA A 68 -7.50 4.66 6.58
CA ALA A 68 -8.46 5.64 6.10
C ALA A 68 -8.86 6.61 7.21
N SER A 69 -8.90 6.11 8.44
CA SER A 69 -9.25 6.93 9.59
C SER A 69 -8.09 7.83 10.01
N LEU A 70 -6.93 7.22 10.17
CA LEU A 70 -5.73 7.96 10.57
C LEU A 70 -5.42 9.09 9.58
N ALA A 71 -5.69 8.83 8.31
CA ALA A 71 -5.45 9.82 7.26
C ALA A 71 -6.63 10.79 7.15
N ARG A 72 -7.73 10.45 7.80
CA ARG A 72 -8.92 11.29 7.77
C ARG A 72 -9.42 11.47 6.35
N LEU A 73 -9.48 10.38 5.60
CA LEU A 73 -9.94 10.42 4.21
C LEU A 73 -11.37 9.91 4.10
N LYS A 74 -12.05 10.32 3.04
CA LYS A 74 -13.43 9.91 2.81
C LYS A 74 -13.54 8.38 2.74
N ASN A 75 -14.25 7.79 3.68
CA ASN A 75 -14.43 6.34 3.72
C ASN A 75 -15.79 5.98 4.29
N ASP A 76 -16.53 5.14 3.57
CA ASP A 76 -17.85 4.71 4.01
C ASP A 76 -17.83 3.24 4.42
N ASN A 77 -16.73 2.81 5.02
CA ASN A 77 -16.58 1.43 5.46
C ASN A 77 -17.47 1.15 6.68
N ASN A 78 -17.60 2.15 7.54
CA ASN A 78 -18.42 2.01 8.74
C ASN A 78 -19.81 1.50 8.40
N LYS A 79 -20.34 1.95 7.25
CA LYS A 79 -21.66 1.55 6.81
C LYS A 79 -21.61 0.20 6.09
N PHE A 80 -22.76 -0.28 5.65
CA PHE A 80 -22.84 -1.56 4.94
C PHE A 80 -23.01 -1.34 3.45
N THR A 81 -24.17 -0.82 3.06
CA THR A 81 -24.46 -0.56 1.65
C THR A 81 -23.78 0.72 1.17
N ALA A 82 -22.48 0.64 0.93
CA ALA A 82 -21.72 1.79 0.46
C ALA A 82 -20.26 1.43 0.22
N LYS A 83 -19.63 2.14 -0.71
CA LYS A 83 -18.23 1.89 -1.05
C LYS A 83 -17.36 1.90 0.20
N LYS A 84 -16.38 1.00 0.25
CA LYS A 84 -15.47 0.92 1.38
C LYS A 84 -14.02 0.91 0.93
N LEU A 85 -13.21 1.76 1.54
CA LEU A 85 -11.79 1.85 1.20
C LEU A 85 -11.15 0.47 1.19
N ARG A 86 -10.57 0.10 0.04
CA ARG A 86 -9.91 -1.19 -0.10
C ARG A 86 -8.65 -1.07 -0.95
N LEU A 87 -7.78 -2.08 -0.85
CA LEU A 87 -6.54 -2.09 -1.61
C LEU A 87 -6.68 -2.94 -2.87
N CYS A 88 -5.92 -2.58 -3.91
CA CYS A 88 -5.96 -3.31 -5.17
C CYS A 88 -4.55 -3.51 -5.73
N HIS A 89 -4.24 -4.74 -6.10
CA HIS A 89 -2.93 -5.07 -6.65
C HIS A 89 -2.71 -4.36 -7.98
N ILE A 90 -1.45 -3.99 -8.25
CA ILE A 90 -1.10 -3.30 -9.49
C ILE A 90 -1.10 -4.27 -10.67
N THR A 91 -1.73 -3.85 -11.76
CA THR A 91 -1.79 -4.68 -12.96
C THR A 91 -2.62 -5.94 -12.72
N SER A 92 -3.66 -5.82 -11.90
CA SER A 92 -4.52 -6.94 -11.59
C SER A 92 -5.89 -6.45 -11.12
N GLY A 93 -5.90 -5.60 -10.10
CA GLY A 93 -7.15 -5.08 -9.58
C GLY A 93 -7.72 -5.94 -8.48
N GLU A 94 -7.25 -7.18 -8.39
CA GLU A 94 -7.73 -8.10 -7.37
C GLU A 94 -7.39 -7.59 -5.97
N ALA A 95 -8.35 -7.71 -5.05
CA ALA A 95 -8.15 -7.27 -3.69
C ALA A 95 -8.04 -8.45 -2.73
N LEU A 96 -7.09 -8.36 -1.80
CA LEU A 96 -6.87 -9.43 -0.83
C LEU A 96 -7.96 -9.42 0.24
N PRO A 97 -8.19 -10.60 0.86
CA PRO A 97 -9.19 -10.75 1.90
C PRO A 97 -8.81 -10.05 3.20
N LEU A 98 -9.80 -9.71 4.01
CA LEU A 98 -9.56 -9.03 5.28
C LEU A 98 -9.13 -10.02 6.36
N ASP A 99 -9.35 -11.30 6.09
CA ASP A 99 -8.99 -12.35 7.04
C ASP A 99 -7.58 -12.88 6.76
N HIS A 100 -6.75 -12.03 6.15
CA HIS A 100 -5.38 -12.40 5.84
C HIS A 100 -4.39 -11.37 6.39
N THR A 101 -3.38 -11.85 7.11
CA THR A 101 -2.38 -10.98 7.69
C THR A 101 -1.23 -10.73 6.72
N LEU A 102 -0.57 -9.58 6.88
CA LEU A 102 0.55 -9.22 6.01
C LEU A 102 1.74 -10.15 6.25
N GLU A 103 2.10 -10.33 7.52
CA GLU A 103 3.22 -11.18 7.88
C GLU A 103 2.96 -12.63 7.44
N THR A 104 1.71 -13.04 7.52
CA THR A 104 1.34 -14.40 7.13
C THR A 104 1.74 -14.69 5.69
N TRP A 105 1.60 -13.69 4.83
CA TRP A 105 1.95 -13.84 3.42
C TRP A 105 3.43 -14.13 3.25
N ILE A 106 4.27 -13.44 4.02
CA ILE A 106 5.70 -13.62 3.96
C ILE A 106 6.13 -14.91 4.68
N ALA A 107 5.44 -15.21 5.77
CA ALA A 107 5.74 -16.41 6.55
C ALA A 107 5.32 -17.67 5.79
N LYS A 108 4.37 -17.52 4.88
CA LYS A 108 3.88 -18.65 4.09
C LYS A 108 4.96 -19.14 3.14
N GLU A 109 4.85 -20.41 2.74
CA GLU A 109 5.82 -21.00 1.81
C GLU A 109 5.95 -20.16 0.54
N ASP A 110 4.84 -19.59 0.10
CA ASP A 110 4.83 -18.77 -1.10
C ASP A 110 5.06 -17.29 -0.74
N CYS A 111 6.12 -16.73 -1.30
CA CYS A 111 6.46 -15.33 -1.05
C CYS A 111 6.67 -14.58 -2.36
N PRO A 112 5.57 -14.39 -3.11
CA PRO A 112 5.61 -13.68 -4.40
C PRO A 112 5.87 -12.19 -4.23
N LEU A 113 5.18 -11.57 -3.28
CA LEU A 113 5.34 -10.15 -3.01
C LEU A 113 6.39 -9.91 -1.94
N TYR A 114 7.03 -8.73 -2.00
CA TYR A 114 8.05 -8.38 -1.04
C TYR A 114 7.89 -6.93 -0.57
N ASN A 115 8.58 -6.59 0.51
CA ASN A 115 8.51 -5.24 1.06
C ASN A 115 9.02 -4.21 0.05
N GLY A 116 8.41 -3.03 0.05
CA GLY A 116 8.82 -1.98 -0.86
C GLY A 116 7.86 -1.80 -2.01
N GLY A 117 7.10 -2.86 -2.31
CA GLY A 117 6.13 -2.79 -3.39
C GLY A 117 5.19 -1.62 -3.26
N ASN A 118 4.41 -1.37 -4.31
CA ASN A 118 3.46 -0.26 -4.31
C ASN A 118 2.03 -0.78 -4.44
N ILE A 119 1.08 -0.03 -3.88
CA ILE A 119 -0.33 -0.41 -3.94
C ILE A 119 -1.23 0.82 -3.94
N ILE A 120 -2.33 0.74 -4.67
CA ILE A 120 -3.28 1.84 -4.76
C ILE A 120 -4.41 1.67 -3.74
N LEU A 121 -4.80 2.77 -3.11
CA LEU A 121 -5.87 2.75 -2.11
C LEU A 121 -7.13 3.41 -2.66
N GLU A 122 -8.18 2.62 -2.84
CA GLU A 122 -9.45 3.12 -3.34
C GLU A 122 -10.61 2.28 -2.83
N TYR A 123 -11.73 2.95 -2.55
CA TYR A 123 -12.92 2.26 -2.05
C TYR A 123 -13.67 1.59 -3.19
N LEU A 124 -14.19 0.39 -2.92
CA LEU A 124 -14.94 -0.36 -3.93
C LEU A 124 -16.14 -1.06 -3.30
N ASN A 125 -17.19 -1.26 -4.09
CA ASN A 125 -18.40 -1.93 -3.62
C ASN A 125 -18.09 -3.34 -3.13
N ASP A 126 -18.71 -3.73 -2.03
CA ASP A 126 -18.50 -5.06 -1.46
C ASP A 126 -18.75 -6.14 -2.52
N GLU A 127 -19.72 -5.90 -3.39
CA GLU A 127 -20.07 -6.86 -4.44
C GLU A 127 -18.92 -6.98 -5.45
N GLU A 128 -18.16 -5.90 -5.60
CA GLU A 128 -17.03 -5.88 -6.53
C GLU A 128 -15.79 -6.51 -5.89
N GLN A 129 -15.09 -7.35 -6.65
CA GLN A 129 -13.89 -8.01 -6.16
C GLN A 129 -12.65 -7.37 -6.77
N PHE A 130 -12.74 -6.97 -8.03
CA PHE A 130 -11.62 -6.35 -8.72
C PHE A 130 -11.84 -4.85 -8.87
N CYS A 131 -10.84 -4.07 -8.48
CA CYS A 131 -10.91 -2.62 -8.56
C CYS A 131 -10.78 -2.15 -10.01
N LYS A 132 -10.99 -0.87 -10.24
CA LYS A 132 -10.89 -0.30 -11.58
C LYS A 132 -9.51 -0.52 -12.16
N ASN A 133 -9.29 -0.01 -13.37
CA ASN A 133 -8.00 -0.15 -14.04
C ASN A 133 -6.98 0.84 -13.49
N VAL A 134 -6.01 0.33 -12.76
CA VAL A 134 -4.97 1.17 -12.17
C VAL A 134 -4.01 1.69 -13.23
N GLU A 135 -3.75 0.86 -14.24
CA GLU A 135 -2.85 1.23 -15.33
C GLU A 135 -3.29 2.55 -15.97
N SER A 136 -4.59 2.75 -16.05
CA SER A 136 -5.15 3.96 -16.65
C SER A 136 -4.65 5.20 -15.93
N TYR A 137 -4.49 5.10 -14.61
CA TYR A 137 -4.01 6.21 -13.80
C TYR A 137 -2.55 6.52 -14.11
N LEU A 138 -1.78 5.49 -14.38
CA LEU A 138 -0.36 5.66 -14.70
C LEU A 138 -0.13 5.60 -16.21
N GLU A 139 -1.19 5.86 -16.98
CA GLU A 139 -1.10 5.84 -18.42
C GLU A 139 -1.73 7.10 -19.02
N GLY A 1 18.37 14.19 -6.08
CA GLY A 1 19.33 13.84 -7.11
C GLY A 1 20.77 13.97 -6.65
N GLY A 2 21.70 13.50 -7.48
CA GLY A 2 23.11 13.58 -7.13
C GLY A 2 23.87 12.34 -7.55
N SER A 3 24.78 12.50 -8.51
CA SER A 3 25.58 11.39 -9.01
C SER A 3 26.74 11.09 -8.06
N GLY A 4 27.50 10.04 -8.38
CA GLY A 4 28.63 9.66 -7.54
C GLY A 4 29.22 8.32 -7.94
N ALA A 5 28.36 7.40 -8.34
CA ALA A 5 28.80 6.07 -8.75
C ALA A 5 27.63 5.21 -9.21
N LYS A 6 27.42 5.14 -10.51
CA LYS A 6 26.34 4.36 -11.09
C LYS A 6 26.42 2.91 -10.63
N ASN A 7 25.29 2.35 -10.20
CA ASN A 7 25.24 0.97 -9.74
C ASN A 7 24.01 0.26 -10.30
N SER A 8 23.81 -0.99 -9.87
CA SER A 8 22.68 -1.77 -10.33
C SER A 8 21.74 -2.11 -9.16
N GLU A 9 22.18 -3.05 -8.33
CA GLU A 9 21.39 -3.46 -7.17
C GLU A 9 21.42 -2.40 -6.08
N THR A 10 22.58 -1.81 -5.86
CA THR A 10 22.74 -0.77 -4.85
C THR A 10 21.72 0.34 -5.04
N ALA A 11 21.41 0.65 -6.30
CA ALA A 11 20.44 1.69 -6.62
C ALA A 11 19.08 1.39 -5.97
N ALA A 12 18.73 0.11 -5.89
CA ALA A 12 17.47 -0.29 -5.30
C ALA A 12 17.51 -0.18 -3.78
N LYS A 13 18.56 -0.73 -3.18
CA LYS A 13 18.71 -0.68 -1.73
C LYS A 13 18.66 0.75 -1.22
N VAL A 14 19.46 1.63 -1.82
CA VAL A 14 19.49 3.02 -1.42
C VAL A 14 18.10 3.64 -1.44
N ALA A 15 17.29 3.22 -2.41
CA ALA A 15 15.93 3.72 -2.54
C ALA A 15 15.02 3.13 -1.47
N LEU A 16 15.29 1.88 -1.09
CA LEU A 16 14.49 1.20 -0.08
C LEU A 16 14.59 1.92 1.27
N MET A 17 15.82 2.22 1.67
CA MET A 17 16.06 2.91 2.94
C MET A 17 15.68 4.39 2.83
N LYS A 18 16.14 5.03 1.77
CA LYS A 18 15.86 6.45 1.55
C LYS A 18 14.36 6.71 1.56
N LEU A 19 13.60 5.80 0.95
CA LEU A 19 12.16 5.93 0.89
C LEU A 19 11.52 5.60 2.24
N LYS A 20 11.96 4.49 2.84
CA LYS A 20 11.44 4.07 4.13
C LYS A 20 11.55 5.20 5.17
N MET A 21 12.60 6.00 5.04
CA MET A 21 12.81 7.12 5.96
C MET A 21 11.78 8.22 5.72
N HIS A 22 11.33 8.35 4.48
CA HIS A 22 10.36 9.37 4.12
C HIS A 22 8.94 8.89 4.44
N ALA A 23 8.72 7.59 4.27
CA ALA A 23 7.41 7.00 4.54
C ALA A 23 6.87 7.44 5.90
N ASP A 24 5.56 7.64 5.98
CA ASP A 24 4.92 8.07 7.21
C ASP A 24 5.33 7.17 8.38
N GLY A 25 5.58 7.77 9.53
CA GLY A 25 5.97 7.01 10.70
C GLY A 25 7.29 7.47 11.28
N ASP A 26 7.89 6.66 12.14
CA ASP A 26 9.16 6.98 12.77
C ASP A 26 10.31 6.26 12.08
N LYS A 27 11.14 7.01 11.37
CA LYS A 27 12.28 6.43 10.66
C LYS A 27 13.34 5.95 11.65
N SER A 28 13.49 6.67 12.76
CA SER A 28 14.47 6.31 13.78
C SER A 28 14.17 4.94 14.37
N LEU A 29 12.89 4.58 14.39
CA LEU A 29 12.47 3.29 14.93
C LEU A 29 12.69 2.17 13.91
N PRO A 30 12.86 0.94 14.41
CA PRO A 30 13.08 -0.23 13.55
C PRO A 30 11.83 -0.61 12.76
N GLN A 31 12.00 -0.79 11.46
CA GLN A 31 10.89 -1.15 10.58
C GLN A 31 10.81 -2.67 10.40
N THR A 32 11.06 -3.40 11.49
CA THR A 32 11.02 -4.85 11.44
C THR A 32 9.58 -5.37 11.53
N GLU A 33 8.75 -4.65 12.27
CA GLU A 33 7.34 -5.04 12.43
C GLU A 33 6.45 -4.19 11.54
N ARG A 34 6.94 -3.02 11.14
CA ARG A 34 6.19 -2.12 10.29
C ARG A 34 6.88 -1.92 8.94
N ILE A 35 6.14 -2.14 7.86
CA ILE A 35 6.67 -1.98 6.52
C ILE A 35 6.02 -0.81 5.79
N TYR A 36 6.80 -0.16 4.93
CA TYR A 36 6.29 0.99 4.17
C TYR A 36 5.72 0.53 2.84
N PHE A 37 4.72 1.27 2.35
CA PHE A 37 4.09 0.95 1.07
C PHE A 37 3.62 2.22 0.36
N GLN A 38 3.99 2.35 -0.91
CA GLN A 38 3.61 3.51 -1.69
C GLN A 38 2.15 3.41 -2.15
N VAL A 39 1.36 4.42 -1.80
CA VAL A 39 -0.06 4.43 -2.17
C VAL A 39 -0.33 5.52 -3.21
N PHE A 40 -0.71 5.10 -4.42
CA PHE A 40 -1.01 6.02 -5.50
C PHE A 40 -2.20 6.92 -5.14
N LEU A 41 -2.00 8.22 -5.25
CA LEU A 41 -3.06 9.19 -4.94
C LEU A 41 -4.01 9.35 -6.12
N PRO A 42 -5.25 9.75 -5.83
CA PRO A 42 -6.28 9.95 -6.85
C PRO A 42 -5.99 11.17 -7.72
N LYS A 43 -6.97 11.55 -8.54
CA LYS A 43 -6.83 12.71 -9.42
C LYS A 43 -6.37 13.94 -8.63
N GLY A 44 -5.45 14.70 -9.22
CA GLY A 44 -4.95 15.89 -8.56
C GLY A 44 -3.92 15.57 -7.50
N SER A 45 -2.66 15.48 -7.90
CA SER A 45 -1.58 15.18 -6.96
C SER A 45 -0.23 15.14 -7.69
N LYS A 46 0.54 16.21 -7.53
CA LYS A 46 1.85 16.31 -8.15
C LYS A 46 2.70 15.07 -7.86
N GLU A 47 2.54 14.52 -6.66
CA GLU A 47 3.27 13.34 -6.25
C GLU A 47 2.62 12.07 -6.79
N LYS A 48 3.43 11.19 -7.36
CA LYS A 48 2.92 9.93 -7.92
C LYS A 48 2.14 9.15 -6.87
N SER A 49 2.78 8.92 -5.72
CA SER A 49 2.15 8.18 -4.63
C SER A 49 2.72 8.61 -3.29
N LYS A 50 1.96 8.34 -2.22
CA LYS A 50 2.37 8.70 -0.88
C LYS A 50 2.69 7.45 -0.06
N PRO A 51 3.94 7.36 0.42
CA PRO A 51 4.40 6.22 1.22
C PRO A 51 3.75 6.20 2.61
N MET A 52 3.37 5.00 3.06
CA MET A 52 2.75 4.84 4.36
C MET A 52 3.19 3.55 5.03
N PHE A 53 3.38 3.59 6.34
CA PHE A 53 3.81 2.42 7.09
C PHE A 53 2.61 1.62 7.60
N PHE A 54 2.81 0.32 7.79
CA PHE A 54 1.74 -0.55 8.27
C PHE A 54 2.31 -1.70 9.09
N CYS A 55 1.61 -2.05 10.17
CA CYS A 55 2.04 -3.12 11.05
C CYS A 55 1.77 -4.49 10.41
N HIS A 56 2.72 -5.41 10.58
CA HIS A 56 2.57 -6.75 10.02
C HIS A 56 1.42 -7.51 10.69
N ARG A 57 1.21 -7.23 11.97
CA ARG A 57 0.14 -7.88 12.72
C ARG A 57 -1.23 -7.51 12.15
N TRP A 58 -1.35 -6.29 11.66
CA TRP A 58 -2.61 -5.82 11.08
C TRP A 58 -2.91 -6.56 9.78
N SER A 59 -4.14 -6.41 9.29
CA SER A 59 -4.56 -7.06 8.05
C SER A 59 -4.47 -6.10 6.87
N ILE A 60 -4.29 -6.66 5.68
CA ILE A 60 -4.19 -5.85 4.47
C ILE A 60 -5.43 -4.99 4.27
N GLY A 61 -6.60 -5.59 4.46
CA GLY A 61 -7.84 -4.87 4.30
C GLY A 61 -8.06 -3.84 5.39
N LYS A 62 -7.85 -4.25 6.64
CA LYS A 62 -8.02 -3.36 7.78
C LYS A 62 -7.13 -2.14 7.66
N ALA A 63 -5.92 -2.35 7.14
CA ALA A 63 -4.96 -1.26 6.97
C ALA A 63 -5.58 -0.10 6.18
N ILE A 64 -6.43 -0.45 5.22
CA ILE A 64 -7.10 0.56 4.40
C ILE A 64 -8.04 1.43 5.24
N ASP A 65 -8.96 0.78 5.92
CA ASP A 65 -9.93 1.49 6.77
C ASP A 65 -9.20 2.37 7.78
N PHE A 66 -8.11 1.87 8.32
CA PHE A 66 -7.33 2.62 9.30
C PHE A 66 -6.66 3.83 8.66
N ALA A 67 -5.90 3.58 7.60
CA ALA A 67 -5.20 4.65 6.89
C ALA A 67 -6.16 5.77 6.51
N ALA A 68 -7.39 5.40 6.14
CA ALA A 68 -8.40 6.38 5.76
C ALA A 68 -8.73 7.30 6.92
N SER A 69 -8.69 6.76 8.13
CA SER A 69 -8.99 7.53 9.34
C SER A 69 -7.82 8.44 9.71
N LEU A 70 -6.64 7.85 9.78
CA LEU A 70 -5.43 8.61 10.13
C LEU A 70 -5.22 9.78 9.18
N ALA A 71 -5.45 9.54 7.89
CA ALA A 71 -5.29 10.57 6.88
C ALA A 71 -6.45 11.56 6.92
N ARG A 72 -7.49 11.21 7.67
CA ARG A 72 -8.66 12.08 7.80
C ARG A 72 -9.37 12.23 6.45
N LEU A 73 -9.62 11.11 5.79
CA LEU A 73 -10.28 11.13 4.49
C LEU A 73 -11.66 10.46 4.57
N LYS A 74 -12.46 10.66 3.53
CA LYS A 74 -13.80 10.07 3.49
C LYS A 74 -13.74 8.55 3.55
N ASN A 75 -14.67 7.95 4.28
CA ASN A 75 -14.73 6.50 4.42
C ASN A 75 -16.00 6.07 5.13
N ASP A 76 -16.86 5.37 4.41
CA ASP A 76 -18.13 4.90 4.97
C ASP A 76 -17.99 3.47 5.45
N ASN A 77 -16.82 3.13 6.00
CA ASN A 77 -16.57 1.79 6.50
C ASN A 77 -17.33 1.54 7.80
N ASN A 78 -17.43 2.57 8.63
CA ASN A 78 -18.13 2.45 9.91
C ASN A 78 -19.53 1.89 9.71
N LYS A 79 -20.16 2.27 8.60
CA LYS A 79 -21.51 1.81 8.28
C LYS A 79 -21.49 0.79 7.17
N PHE A 80 -22.27 -0.27 7.32
CA PHE A 80 -22.35 -1.33 6.32
C PHE A 80 -23.52 -1.11 5.37
N THR A 81 -23.51 0.04 4.68
CA THR A 81 -24.57 0.38 3.74
C THR A 81 -24.09 1.37 2.70
N ALA A 82 -22.85 1.19 2.26
CA ALA A 82 -22.26 2.06 1.25
C ALA A 82 -20.85 1.62 0.88
N LYS A 83 -20.38 2.07 -0.28
CA LYS A 83 -19.04 1.71 -0.75
C LYS A 83 -17.99 1.99 0.32
N LYS A 84 -17.16 0.99 0.60
CA LYS A 84 -16.12 1.12 1.61
C LYS A 84 -14.73 1.08 0.97
N LEU A 85 -13.80 1.83 1.53
CA LEU A 85 -12.44 1.87 1.00
C LEU A 85 -11.75 0.52 1.17
N ARG A 86 -11.15 0.03 0.07
CA ARG A 86 -10.47 -1.25 0.10
C ARG A 86 -9.20 -1.20 -0.75
N LEU A 87 -8.32 -2.18 -0.56
CA LEU A 87 -7.07 -2.25 -1.31
C LEU A 87 -7.31 -2.78 -2.72
N CYS A 88 -6.46 -2.36 -3.65
CA CYS A 88 -6.59 -2.80 -5.04
C CYS A 88 -5.21 -3.06 -5.65
N HIS A 89 -5.03 -4.25 -6.20
CA HIS A 89 -3.75 -4.62 -6.82
C HIS A 89 -3.55 -3.86 -8.13
N ILE A 90 -2.32 -3.40 -8.35
CA ILE A 90 -2.00 -2.67 -9.57
C ILE A 90 -1.89 -3.61 -10.78
N THR A 91 -2.53 -3.22 -11.88
CA THR A 91 -2.50 -4.03 -13.09
C THR A 91 -3.19 -5.36 -12.87
N SER A 92 -4.25 -5.36 -12.05
CA SER A 92 -4.98 -6.58 -11.75
C SER A 92 -6.38 -6.24 -11.24
N GLY A 93 -6.43 -5.40 -10.20
CA GLY A 93 -7.71 -5.02 -9.62
C GLY A 93 -8.13 -5.94 -8.49
N GLU A 94 -7.52 -7.11 -8.43
CA GLU A 94 -7.85 -8.08 -7.39
C GLU A 94 -7.61 -7.48 -6.00
N ALA A 95 -8.64 -7.56 -5.15
CA ALA A 95 -8.54 -7.03 -3.80
C ALA A 95 -8.61 -8.15 -2.76
N LEU A 96 -7.50 -8.37 -2.07
CA LEU A 96 -7.44 -9.42 -1.05
C LEU A 96 -8.43 -9.14 0.07
N PRO A 97 -8.78 -10.20 0.82
CA PRO A 97 -9.72 -10.10 1.94
C PRO A 97 -9.15 -9.34 3.12
N LEU A 98 -10.03 -8.85 3.99
CA LEU A 98 -9.60 -8.10 5.17
C LEU A 98 -9.15 -9.04 6.29
N ASP A 99 -9.42 -10.33 6.11
CA ASP A 99 -9.04 -11.33 7.10
C ASP A 99 -7.67 -11.93 6.79
N HIS A 100 -6.85 -11.15 6.08
CA HIS A 100 -5.51 -11.59 5.71
C HIS A 100 -4.45 -10.70 6.34
N THR A 101 -3.47 -11.32 7.00
CA THR A 101 -2.40 -10.58 7.66
C THR A 101 -1.22 -10.37 6.71
N LEU A 102 -0.46 -9.31 6.94
CA LEU A 102 0.69 -8.99 6.11
C LEU A 102 1.80 -10.01 6.31
N GLU A 103 2.09 -10.34 7.56
CA GLU A 103 3.13 -11.32 7.88
C GLU A 103 2.77 -12.70 7.35
N THR A 104 1.48 -13.02 7.37
CA THR A 104 1.00 -14.30 6.90
C THR A 104 1.46 -14.56 5.46
N TRP A 105 1.31 -13.56 4.61
CA TRP A 105 1.71 -13.68 3.22
C TRP A 105 3.23 -13.73 3.09
N ILE A 106 3.92 -12.91 3.88
CA ILE A 106 5.37 -12.87 3.85
C ILE A 106 5.97 -14.20 4.29
N ALA A 107 5.32 -14.85 5.24
CA ALA A 107 5.79 -16.14 5.74
C ALA A 107 5.29 -17.28 4.85
N LYS A 108 4.20 -17.05 4.15
CA LYS A 108 3.62 -18.05 3.25
C LYS A 108 4.65 -18.51 2.23
N GLU A 109 4.59 -19.79 1.87
CA GLU A 109 5.52 -20.35 0.88
C GLU A 109 5.49 -19.54 -0.42
N ASP A 110 4.30 -19.11 -0.81
CA ASP A 110 4.14 -18.32 -2.03
C ASP A 110 5.04 -17.10 -2.00
N CYS A 111 5.08 -16.37 -3.13
CA CYS A 111 5.91 -15.18 -3.23
C CYS A 111 5.05 -13.94 -3.50
N PRO A 112 4.25 -13.56 -2.50
CA PRO A 112 3.36 -12.39 -2.60
C PRO A 112 4.13 -11.07 -2.63
N LEU A 113 3.40 -9.97 -2.55
CA LEU A 113 4.01 -8.65 -2.57
C LEU A 113 5.04 -8.51 -1.45
N TYR A 114 6.21 -7.99 -1.80
CA TYR A 114 7.28 -7.81 -0.81
C TYR A 114 7.61 -6.32 -0.65
N ASN A 115 8.48 -6.02 0.31
CA ASN A 115 8.88 -4.64 0.57
C ASN A 115 9.36 -3.96 -0.72
N GLY A 116 9.06 -2.67 -0.84
CA GLY A 116 9.46 -1.93 -2.01
C GLY A 116 8.35 -1.85 -3.05
N GLY A 117 7.17 -2.32 -2.68
CA GLY A 117 6.05 -2.29 -3.60
C GLY A 117 5.09 -1.16 -3.32
N ASN A 118 4.00 -1.10 -4.08
CA ASN A 118 3.01 -0.05 -3.90
C ASN A 118 1.59 -0.61 -4.06
N ILE A 119 0.64 0.00 -3.37
CA ILE A 119 -0.76 -0.43 -3.44
C ILE A 119 -1.71 0.74 -3.28
N ILE A 120 -2.69 0.83 -4.16
CA ILE A 120 -3.68 1.90 -4.12
C ILE A 120 -5.04 1.38 -3.72
N LEU A 121 -5.72 2.11 -2.82
CA LEU A 121 -7.04 1.72 -2.36
C LEU A 121 -8.13 2.50 -3.09
N GLU A 122 -9.33 1.93 -3.15
CA GLU A 122 -10.45 2.58 -3.81
C GLU A 122 -11.77 2.16 -3.18
N TYR A 123 -12.81 2.96 -3.42
CA TYR A 123 -14.13 2.68 -2.86
C TYR A 123 -14.74 1.44 -3.51
N LEU A 124 -14.81 0.35 -2.76
CA LEU A 124 -15.36 -0.90 -3.26
C LEU A 124 -16.26 -1.55 -2.21
N ASN A 125 -17.39 -2.10 -2.65
CA ASN A 125 -18.32 -2.76 -1.76
C ASN A 125 -17.82 -4.14 -1.36
N ASP A 126 -18.40 -4.69 -0.29
CA ASP A 126 -18.01 -6.02 0.19
C ASP A 126 -18.31 -7.09 -0.85
N GLU A 127 -19.42 -6.90 -1.57
CA GLU A 127 -19.82 -7.87 -2.59
C GLU A 127 -18.82 -7.89 -3.75
N GLU A 128 -18.16 -6.75 -3.97
CA GLU A 128 -17.17 -6.63 -5.04
C GLU A 128 -15.79 -7.02 -4.54
N GLN A 129 -15.07 -7.79 -5.36
CA GLN A 129 -13.72 -8.22 -5.01
C GLN A 129 -12.69 -7.64 -5.96
N PHE A 130 -13.06 -7.51 -7.23
CA PHE A 130 -12.17 -6.96 -8.24
C PHE A 130 -12.58 -5.55 -8.64
N CYS A 131 -11.61 -4.63 -8.67
CA CYS A 131 -11.89 -3.25 -9.03
C CYS A 131 -11.57 -2.99 -10.50
N LYS A 132 -11.94 -1.82 -10.99
CA LYS A 132 -11.70 -1.45 -12.39
C LYS A 132 -10.22 -1.60 -12.73
N ASN A 133 -9.92 -1.61 -14.02
CA ASN A 133 -8.55 -1.74 -14.49
C ASN A 133 -7.76 -0.46 -14.22
N VAL A 134 -6.75 -0.56 -13.36
CA VAL A 134 -5.91 0.58 -13.01
C VAL A 134 -5.26 1.18 -14.25
N GLU A 135 -4.88 0.31 -15.18
CA GLU A 135 -4.24 0.75 -16.41
C GLU A 135 -5.11 1.76 -17.16
N SER A 136 -6.43 1.52 -17.13
CA SER A 136 -7.38 2.40 -17.81
C SER A 136 -7.41 3.77 -17.14
N TYR A 137 -7.27 3.79 -15.81
CA TYR A 137 -7.29 5.03 -15.05
C TYR A 137 -5.99 5.80 -15.25
N LEU A 138 -4.88 5.08 -15.36
CA LEU A 138 -3.57 5.69 -15.55
C LEU A 138 -3.21 5.76 -17.04
N GLU A 139 -4.24 5.70 -17.89
CA GLU A 139 -4.03 5.76 -19.33
C GLU A 139 -3.18 6.98 -19.70
N GLY A 1 8.22 10.60 -23.01
CA GLY A 1 8.71 9.83 -21.88
C GLY A 1 10.21 9.95 -21.70
N GLY A 2 10.74 9.30 -20.69
CA GLY A 2 12.18 9.35 -20.44
C GLY A 2 12.52 9.23 -18.97
N SER A 3 13.46 10.05 -18.50
CA SER A 3 13.87 10.02 -17.11
C SER A 3 14.48 8.67 -16.75
N GLY A 4 15.51 8.28 -17.50
CA GLY A 4 16.17 7.00 -17.25
C GLY A 4 17.38 6.79 -18.13
N ALA A 5 18.42 6.17 -17.57
CA ALA A 5 19.65 5.91 -18.32
C ALA A 5 20.39 4.71 -17.75
N LYS A 6 20.58 4.70 -16.43
CA LYS A 6 21.27 3.61 -15.75
C LYS A 6 20.90 3.57 -14.27
N ASN A 7 21.34 2.51 -13.59
CA ASN A 7 21.05 2.34 -12.17
C ASN A 7 21.76 1.12 -11.62
N SER A 8 21.82 1.02 -10.30
CA SER A 8 22.47 -0.11 -9.63
C SER A 8 21.61 -0.64 -8.50
N GLU A 9 22.09 -1.69 -7.84
CA GLU A 9 21.37 -2.30 -6.73
C GLU A 9 21.51 -1.46 -5.47
N THR A 10 22.71 -0.95 -5.23
CA THR A 10 22.96 -0.12 -4.05
C THR A 10 21.97 1.03 -3.96
N ALA A 11 21.58 1.57 -5.11
CA ALA A 11 20.62 2.67 -5.15
C ALA A 11 19.31 2.28 -4.47
N ALA A 12 18.93 1.02 -4.61
CA ALA A 12 17.70 0.52 -4.01
C ALA A 12 17.83 0.42 -2.50
N LYS A 13 18.98 -0.04 -2.04
CA LYS A 13 19.24 -0.19 -0.60
C LYS A 13 19.22 1.16 0.09
N VAL A 14 19.99 2.11 -0.44
CA VAL A 14 20.07 3.44 0.14
C VAL A 14 18.70 4.13 0.10
N ALA A 15 18.04 4.05 -1.05
CA ALA A 15 16.73 4.67 -1.21
C ALA A 15 15.70 4.02 -0.29
N LEU A 16 15.85 2.72 -0.07
CA LEU A 16 14.93 1.99 0.79
C LEU A 16 15.06 2.44 2.24
N MET A 17 16.29 2.43 2.75
CA MET A 17 16.56 2.85 4.13
C MET A 17 16.20 4.31 4.33
N LYS A 18 16.44 5.12 3.31
CA LYS A 18 16.15 6.55 3.38
C LYS A 18 14.64 6.79 3.29
N LEU A 19 13.96 5.97 2.49
CA LEU A 19 12.51 6.10 2.32
C LEU A 19 11.78 5.77 3.61
N LYS A 20 12.15 4.64 4.22
CA LYS A 20 11.53 4.21 5.46
C LYS A 20 11.60 5.31 6.52
N MET A 21 12.68 6.07 6.49
CA MET A 21 12.86 7.16 7.45
C MET A 21 11.86 8.28 7.20
N HIS A 22 11.47 8.46 5.94
CA HIS A 22 10.51 9.49 5.58
C HIS A 22 9.09 9.01 5.78
N ALA A 23 8.89 7.70 5.65
CA ALA A 23 7.56 7.11 5.82
C ALA A 23 6.89 7.63 7.10
N ASP A 24 5.57 7.63 7.11
CA ASP A 24 4.81 8.11 8.26
C ASP A 24 4.86 7.08 9.39
N GLY A 25 5.99 7.00 10.06
CA GLY A 25 6.15 6.06 11.16
C GLY A 25 7.37 6.35 12.01
N ASP A 26 7.80 5.36 12.78
CA ASP A 26 8.96 5.53 13.66
C ASP A 26 10.23 5.10 12.94
N LYS A 27 11.13 6.05 12.71
CA LYS A 27 12.38 5.77 12.04
C LYS A 27 13.42 5.21 13.02
N SER A 28 13.37 5.70 14.25
CA SER A 28 14.31 5.25 15.28
C SER A 28 14.05 3.79 15.64
N LEU A 29 12.80 3.37 15.53
CA LEU A 29 12.41 1.99 15.84
C LEU A 29 12.72 1.06 14.68
N PRO A 30 12.92 -0.23 14.99
CA PRO A 30 13.21 -1.25 13.97
C PRO A 30 12.01 -1.54 13.08
N GLN A 31 12.23 -2.37 12.07
CA GLN A 31 11.17 -2.73 11.13
C GLN A 31 10.92 -4.24 11.14
N THR A 32 11.06 -4.85 12.32
CA THR A 32 10.86 -6.29 12.46
C THR A 32 9.38 -6.63 12.53
N GLU A 33 8.60 -5.74 13.14
CA GLU A 33 7.16 -5.95 13.27
C GLU A 33 6.38 -4.98 12.41
N ARG A 34 7.03 -3.87 12.04
CA ARG A 34 6.39 -2.86 11.21
C ARG A 34 7.11 -2.73 9.87
N ILE A 35 6.39 -2.25 8.86
CA ILE A 35 6.96 -2.07 7.53
C ILE A 35 6.28 -0.92 6.78
N TYR A 36 7.05 -0.24 5.94
CA TYR A 36 6.52 0.88 5.17
C TYR A 36 5.98 0.42 3.82
N PHE A 37 5.00 1.14 3.32
CA PHE A 37 4.39 0.80 2.03
C PHE A 37 3.92 2.05 1.30
N GLN A 38 4.23 2.13 0.01
CA GLN A 38 3.86 3.28 -0.81
C GLN A 38 2.41 3.16 -1.26
N VAL A 39 1.61 4.19 -0.98
CA VAL A 39 0.20 4.21 -1.36
C VAL A 39 -0.05 5.21 -2.49
N PHE A 40 -0.69 4.74 -3.55
CA PHE A 40 -1.00 5.60 -4.69
C PHE A 40 -2.15 6.55 -4.37
N LEU A 41 -1.80 7.80 -4.09
CA LEU A 41 -2.79 8.82 -3.76
C LEU A 41 -3.81 8.98 -4.89
N PRO A 42 -5.02 9.43 -4.54
CA PRO A 42 -6.10 9.63 -5.51
C PRO A 42 -5.82 10.81 -6.44
N LYS A 43 -6.83 11.20 -7.22
CA LYS A 43 -6.69 12.31 -8.15
C LYS A 43 -6.15 13.55 -7.45
N GLY A 44 -5.76 14.55 -8.23
CA GLY A 44 -5.22 15.77 -7.66
C GLY A 44 -4.10 15.51 -6.67
N SER A 45 -2.89 15.33 -7.18
CA SER A 45 -1.73 15.06 -6.34
C SER A 45 -0.47 14.88 -7.19
N LYS A 46 0.38 15.90 -7.18
CA LYS A 46 1.63 15.85 -7.95
C LYS A 46 2.41 14.58 -7.64
N GLU A 47 2.32 14.12 -6.40
CA GLU A 47 3.02 12.91 -5.98
C GLU A 47 2.25 11.67 -6.39
N LYS A 48 2.95 10.70 -6.98
CA LYS A 48 2.34 9.47 -7.43
C LYS A 48 1.86 8.63 -6.25
N SER A 49 2.74 8.45 -5.27
CA SER A 49 2.40 7.67 -4.08
C SER A 49 3.24 8.13 -2.88
N LYS A 50 2.69 7.94 -1.69
CA LYS A 50 3.39 8.34 -0.46
C LYS A 50 3.59 7.13 0.45
N PRO A 51 4.71 7.13 1.19
CA PRO A 51 5.04 6.05 2.12
C PRO A 51 4.12 6.02 3.34
N MET A 52 3.80 4.82 3.80
CA MET A 52 2.93 4.65 4.97
C MET A 52 3.42 3.52 5.86
N PHE A 53 3.46 3.77 7.16
CA PHE A 53 3.91 2.77 8.12
C PHE A 53 2.73 1.93 8.61
N PHE A 54 2.87 0.61 8.50
CA PHE A 54 1.82 -0.31 8.93
C PHE A 54 2.40 -1.44 9.78
N CYS A 55 1.53 -2.12 10.52
CA CYS A 55 1.96 -3.22 11.38
C CYS A 55 1.77 -4.57 10.67
N HIS A 56 2.74 -5.46 10.85
CA HIS A 56 2.69 -6.77 10.23
C HIS A 56 1.60 -7.64 10.87
N ARG A 57 1.40 -7.44 12.17
CA ARG A 57 0.40 -8.20 12.90
C ARG A 57 -0.96 -7.50 12.85
N TRP A 58 -1.36 -7.06 11.66
CA TRP A 58 -2.63 -6.38 11.48
C TRP A 58 -3.31 -6.82 10.19
N SER A 59 -4.59 -7.18 10.29
CA SER A 59 -5.35 -7.62 9.13
C SER A 59 -5.22 -6.62 7.98
N ILE A 60 -4.97 -7.13 6.78
CA ILE A 60 -4.83 -6.28 5.61
C ILE A 60 -6.09 -5.45 5.36
N GLY A 61 -7.25 -6.09 5.54
CA GLY A 61 -8.51 -5.40 5.34
C GLY A 61 -8.72 -4.28 6.35
N LYS A 62 -8.59 -4.60 7.63
CA LYS A 62 -8.77 -3.63 8.69
C LYS A 62 -7.78 -2.48 8.55
N ALA A 63 -6.57 -2.80 8.06
CA ALA A 63 -5.54 -1.79 7.86
C ALA A 63 -6.06 -0.62 7.05
N ILE A 64 -6.85 -0.91 6.03
CA ILE A 64 -7.42 0.13 5.18
C ILE A 64 -8.28 1.10 5.99
N ASP A 65 -9.21 0.55 6.76
CA ASP A 65 -10.09 1.37 7.58
C ASP A 65 -9.29 2.24 8.56
N PHE A 66 -8.24 1.65 9.12
CA PHE A 66 -7.40 2.37 10.08
C PHE A 66 -6.63 3.49 9.38
N ALA A 67 -5.89 3.13 8.34
CA ALA A 67 -5.11 4.10 7.59
C ALA A 67 -5.97 5.28 7.14
N ALA A 68 -7.20 4.98 6.74
CA ALA A 68 -8.13 6.02 6.29
C ALA A 68 -8.40 7.02 7.41
N SER A 69 -8.39 6.56 8.65
CA SER A 69 -8.64 7.41 9.79
C SER A 69 -7.40 8.24 10.13
N LEU A 70 -6.28 7.56 10.24
CA LEU A 70 -5.01 8.23 10.56
C LEU A 70 -4.70 9.32 9.54
N ALA A 71 -5.05 9.07 8.28
CA ALA A 71 -4.82 10.03 7.21
C ALA A 71 -5.93 11.06 7.14
N ARG A 72 -7.01 10.80 7.87
CA ARG A 72 -8.16 11.71 7.89
C ARG A 72 -8.72 11.91 6.48
N LEU A 73 -9.02 10.79 5.81
CA LEU A 73 -9.56 10.85 4.46
C LEU A 73 -11.07 10.64 4.46
N LYS A 74 -11.71 10.94 3.33
CA LYS A 74 -13.15 10.77 3.21
C LYS A 74 -13.51 9.33 2.90
N ASN A 75 -14.32 8.72 3.77
CA ASN A 75 -14.74 7.34 3.58
C ASN A 75 -16.26 7.25 3.46
N ASP A 76 -16.71 6.42 2.52
CA ASP A 76 -18.14 6.24 2.29
C ASP A 76 -18.58 4.83 2.67
N ASN A 77 -17.98 4.29 3.72
CA ASN A 77 -18.30 2.95 4.19
C ASN A 77 -19.62 2.94 4.96
N ASN A 78 -20.55 2.11 4.52
CA ASN A 78 -21.86 2.01 5.17
C ASN A 78 -22.57 3.36 5.18
N LYS A 79 -22.46 4.09 4.09
CA LYS A 79 -23.08 5.40 3.98
C LYS A 79 -24.03 5.45 2.78
N PHE A 80 -25.32 5.44 3.05
CA PHE A 80 -26.33 5.49 1.99
C PHE A 80 -26.03 4.46 0.91
N THR A 81 -25.39 3.36 1.31
CA THR A 81 -25.04 2.29 0.38
C THR A 81 -24.03 2.77 -0.65
N ALA A 82 -22.76 2.74 -0.29
CA ALA A 82 -21.69 3.17 -1.18
C ALA A 82 -20.51 2.21 -1.12
N LYS A 83 -19.43 2.57 -1.82
CA LYS A 83 -18.22 1.75 -1.84
C LYS A 83 -17.45 1.87 -0.53
N LYS A 84 -16.55 0.92 -0.30
CA LYS A 84 -15.75 0.92 0.92
C LYS A 84 -14.26 0.91 0.59
N LEU A 85 -13.52 1.82 1.21
CA LEU A 85 -12.08 1.92 0.98
C LEU A 85 -11.42 0.56 1.12
N ARG A 86 -10.72 0.13 0.07
CA ARG A 86 -10.03 -1.15 0.08
C ARG A 86 -8.70 -1.06 -0.65
N LEU A 87 -7.86 -2.08 -0.48
CA LEU A 87 -6.55 -2.11 -1.12
C LEU A 87 -6.43 -3.31 -2.04
N CYS A 88 -5.62 -3.17 -3.09
CA CYS A 88 -5.42 -4.25 -4.05
C CYS A 88 -4.04 -4.13 -4.72
N HIS A 89 -3.59 -5.23 -5.31
CA HIS A 89 -2.29 -5.24 -5.99
C HIS A 89 -2.27 -4.27 -7.16
N ILE A 90 -1.11 -3.70 -7.43
CA ILE A 90 -0.96 -2.75 -8.52
C ILE A 90 -0.94 -3.46 -9.87
N THR A 91 -1.71 -2.94 -10.82
CA THR A 91 -1.77 -3.54 -12.16
C THR A 91 -2.40 -4.92 -12.11
N SER A 92 -3.36 -5.11 -11.21
CA SER A 92 -4.03 -6.40 -11.05
C SER A 92 -5.50 -6.19 -10.71
N GLY A 93 -5.75 -5.41 -9.67
CA GLY A 93 -7.12 -5.16 -9.25
C GLY A 93 -7.61 -6.16 -8.22
N GLU A 94 -6.91 -7.28 -8.12
CA GLU A 94 -7.29 -8.32 -7.16
C GLU A 94 -7.17 -7.82 -5.72
N ALA A 95 -8.24 -7.97 -4.96
CA ALA A 95 -8.27 -7.53 -3.57
C ALA A 95 -8.19 -8.72 -2.62
N LEU A 96 -7.38 -8.58 -1.57
CA LEU A 96 -7.20 -9.64 -0.59
C LEU A 96 -8.26 -9.52 0.52
N PRO A 97 -8.51 -10.65 1.22
CA PRO A 97 -9.48 -10.69 2.31
C PRO A 97 -9.01 -9.91 3.53
N LEU A 98 -9.96 -9.56 4.40
CA LEU A 98 -9.64 -8.81 5.61
C LEU A 98 -9.13 -9.74 6.71
N ASP A 99 -9.34 -11.04 6.51
CA ASP A 99 -8.89 -12.04 7.49
C ASP A 99 -7.49 -12.54 7.14
N HIS A 100 -6.72 -11.70 6.45
CA HIS A 100 -5.36 -12.07 6.06
C HIS A 100 -4.34 -11.08 6.65
N THR A 101 -3.33 -11.62 7.31
CA THR A 101 -2.29 -10.79 7.92
C THR A 101 -1.10 -10.62 6.98
N LEU A 102 -0.38 -9.52 7.15
CA LEU A 102 0.78 -9.24 6.32
C LEU A 102 1.92 -10.22 6.61
N GLU A 103 2.21 -10.42 7.89
CA GLU A 103 3.26 -11.34 8.30
C GLU A 103 3.06 -12.71 7.67
N THR A 104 1.80 -13.12 7.55
CA THR A 104 1.46 -14.42 6.96
C THR A 104 1.97 -14.53 5.53
N TRP A 105 1.91 -13.42 4.80
CA TRP A 105 2.35 -13.39 3.41
C TRP A 105 3.85 -13.65 3.32
N ILE A 106 4.61 -13.04 4.23
CA ILE A 106 6.05 -13.21 4.26
C ILE A 106 6.44 -14.57 4.84
N ALA A 107 5.69 -15.01 5.84
CA ALA A 107 5.94 -16.30 6.48
C ALA A 107 5.61 -17.46 5.55
N LYS A 108 4.72 -17.20 4.60
CA LYS A 108 4.30 -18.22 3.64
C LYS A 108 5.52 -18.83 2.95
N GLU A 109 5.45 -20.14 2.71
CA GLU A 109 6.54 -20.86 2.05
C GLU A 109 6.92 -20.19 0.74
N ASP A 110 5.90 -19.81 -0.04
CA ASP A 110 6.12 -19.16 -1.32
C ASP A 110 6.96 -17.89 -1.15
N CYS A 111 7.33 -17.28 -2.28
CA CYS A 111 8.14 -16.07 -2.25
C CYS A 111 7.39 -14.91 -2.89
N PRO A 112 6.32 -14.45 -2.22
CA PRO A 112 5.49 -13.34 -2.70
C PRO A 112 6.23 -12.00 -2.65
N LEU A 113 5.49 -10.93 -2.90
CA LEU A 113 6.07 -9.59 -2.87
C LEU A 113 6.83 -9.34 -1.57
N TYR A 114 7.71 -8.35 -1.59
CA TYR A 114 8.52 -8.02 -0.41
C TYR A 114 8.47 -6.52 -0.14
N ASN A 115 9.07 -6.12 0.98
CA ASN A 115 9.10 -4.71 1.36
C ASN A 115 9.61 -3.85 0.22
N GLY A 116 9.07 -2.64 0.10
CA GLY A 116 9.49 -1.73 -0.95
C GLY A 116 8.52 -1.71 -2.12
N GLY A 117 7.37 -2.36 -1.94
CA GLY A 117 6.37 -2.38 -2.99
C GLY A 117 5.38 -1.24 -2.88
N ASN A 118 4.50 -1.13 -3.87
CA ASN A 118 3.50 -0.07 -3.89
C ASN A 118 2.09 -0.66 -3.97
N ILE A 119 1.13 0.05 -3.39
CA ILE A 119 -0.26 -0.40 -3.39
C ILE A 119 -1.21 0.76 -3.71
N ILE A 120 -2.34 0.43 -4.31
CA ILE A 120 -3.33 1.45 -4.66
C ILE A 120 -4.49 1.43 -3.68
N LEU A 121 -4.80 2.59 -3.10
CA LEU A 121 -5.90 2.71 -2.16
C LEU A 121 -7.15 3.28 -2.83
N GLU A 122 -8.19 2.45 -2.91
CA GLU A 122 -9.45 2.86 -3.53
C GLU A 122 -10.63 2.09 -2.94
N TYR A 123 -11.78 2.75 -2.89
CA TYR A 123 -12.99 2.12 -2.35
C TYR A 123 -13.78 1.43 -3.45
N LEU A 124 -14.25 0.22 -3.15
CA LEU A 124 -15.03 -0.56 -4.12
C LEU A 124 -16.18 -1.29 -3.42
N ASN A 125 -17.25 -1.52 -4.17
CA ASN A 125 -18.42 -2.23 -3.63
C ASN A 125 -18.02 -3.59 -3.07
N ASP A 126 -18.57 -3.93 -1.92
CA ASP A 126 -18.28 -5.21 -1.27
C ASP A 126 -18.57 -6.37 -2.22
N GLU A 127 -19.54 -6.18 -3.11
CA GLU A 127 -19.92 -7.21 -4.07
C GLU A 127 -18.79 -7.48 -5.05
N GLU A 128 -17.98 -6.46 -5.30
CA GLU A 128 -16.85 -6.59 -6.22
C GLU A 128 -15.59 -7.04 -5.49
N GLN A 129 -14.86 -7.97 -6.08
CA GLN A 129 -13.64 -8.49 -5.49
C GLN A 129 -12.42 -7.94 -6.19
N PHE A 130 -12.47 -7.86 -7.51
CA PHE A 130 -11.37 -7.35 -8.31
C PHE A 130 -11.78 -6.10 -9.08
N CYS A 131 -11.03 -5.02 -8.90
CA CYS A 131 -11.32 -3.77 -9.58
C CYS A 131 -10.54 -3.66 -10.88
N LYS A 132 -10.86 -2.64 -11.68
CA LYS A 132 -10.18 -2.43 -12.95
C LYS A 132 -8.70 -2.13 -12.75
N ASN A 133 -7.94 -2.19 -13.84
CA ASN A 133 -6.50 -1.93 -13.77
C ASN A 133 -6.23 -0.45 -13.50
N VAL A 134 -5.51 -0.19 -12.41
CA VAL A 134 -5.19 1.18 -12.03
C VAL A 134 -4.52 1.93 -13.19
N GLU A 135 -3.72 1.21 -13.97
CA GLU A 135 -3.03 1.81 -15.10
C GLU A 135 -4.02 2.50 -16.03
N SER A 136 -5.20 1.92 -16.18
CA SER A 136 -6.23 2.47 -17.05
C SER A 136 -6.63 3.87 -16.58
N TYR A 137 -6.66 4.07 -15.27
CA TYR A 137 -7.02 5.36 -14.70
C TYR A 137 -5.90 6.38 -14.89
N LEU A 138 -4.67 5.93 -14.72
CA LEU A 138 -3.51 6.79 -14.87
C LEU A 138 -2.93 6.69 -16.27
N GLU A 139 -3.74 6.23 -17.21
CA GLU A 139 -3.31 6.08 -18.60
C GLU A 139 -3.00 7.45 -19.22
N GLY A 1 21.54 4.82 -21.38
CA GLY A 1 22.48 5.02 -22.47
C GLY A 1 23.92 5.08 -22.00
N GLY A 2 24.15 5.77 -20.88
CA GLY A 2 25.49 5.88 -20.34
C GLY A 2 25.77 4.86 -19.26
N SER A 3 26.91 5.02 -18.58
CA SER A 3 27.30 4.11 -17.52
C SER A 3 28.38 4.72 -16.65
N GLY A 4 28.18 4.70 -15.33
CA GLY A 4 29.16 5.26 -14.42
C GLY A 4 28.71 5.17 -12.97
N ALA A 5 28.63 3.95 -12.45
CA ALA A 5 28.21 3.73 -11.08
C ALA A 5 28.46 2.29 -10.64
N LYS A 6 29.61 2.06 -10.02
CA LYS A 6 29.98 0.72 -9.55
C LYS A 6 28.94 0.19 -8.57
N ASN A 7 28.39 1.08 -7.74
CA ASN A 7 27.40 0.70 -6.76
C ASN A 7 26.12 0.20 -7.44
N SER A 8 25.91 -1.11 -7.40
CA SER A 8 24.73 -1.72 -8.02
C SER A 8 23.70 -2.07 -6.96
N GLU A 9 23.98 -3.12 -6.19
CA GLU A 9 23.07 -3.56 -5.15
C GLU A 9 22.88 -2.48 -4.09
N THR A 10 23.98 -1.83 -3.72
CA THR A 10 23.95 -0.78 -2.72
C THR A 10 22.91 0.27 -3.05
N ALA A 11 22.75 0.54 -4.34
CA ALA A 11 21.77 1.53 -4.80
C ALA A 11 20.37 1.18 -4.33
N ALA A 12 20.08 -0.11 -4.27
CA ALA A 12 18.77 -0.59 -3.83
C ALA A 12 18.60 -0.42 -2.32
N LYS A 13 19.62 -0.82 -1.56
CA LYS A 13 19.59 -0.72 -0.11
C LYS A 13 19.44 0.74 0.33
N VAL A 14 20.29 1.61 -0.22
CA VAL A 14 20.25 3.02 0.12
C VAL A 14 18.94 3.65 -0.31
N ALA A 15 18.42 3.19 -1.45
CA ALA A 15 17.15 3.71 -1.97
C ALA A 15 15.98 3.29 -1.10
N LEU A 16 16.07 2.09 -0.53
CA LEU A 16 15.01 1.57 0.33
C LEU A 16 15.00 2.30 1.67
N MET A 17 16.16 2.34 2.32
CA MET A 17 16.28 3.02 3.62
C MET A 17 15.98 4.51 3.49
N LYS A 18 16.39 5.09 2.37
CA LYS A 18 16.17 6.51 2.12
C LYS A 18 14.68 6.81 1.96
N LEU A 19 13.96 5.88 1.34
CA LEU A 19 12.53 6.05 1.13
C LEU A 19 11.76 5.88 2.43
N LYS A 20 12.02 4.79 3.14
CA LYS A 20 11.36 4.52 4.40
C LYS A 20 11.52 5.70 5.36
N MET A 21 12.67 6.35 5.31
CA MET A 21 12.95 7.49 6.17
C MET A 21 11.96 8.63 5.90
N HIS A 22 11.53 8.75 4.65
CA HIS A 22 10.59 9.79 4.26
C HIS A 22 9.16 9.35 4.51
N ALA A 23 8.91 8.05 4.39
CA ALA A 23 7.58 7.50 4.62
C ALA A 23 6.97 8.04 5.91
N ASP A 24 5.65 8.16 5.93
CA ASP A 24 4.95 8.66 7.11
C ASP A 24 5.14 7.72 8.29
N GLY A 25 6.14 8.01 9.11
CA GLY A 25 6.42 7.18 10.28
C GLY A 25 7.70 7.57 10.97
N ASP A 26 7.67 7.61 12.30
CA ASP A 26 8.84 7.97 13.08
C ASP A 26 10.01 7.02 12.79
N LYS A 27 11.17 7.59 12.48
CA LYS A 27 12.35 6.80 12.18
C LYS A 27 12.63 5.79 13.29
N SER A 28 12.33 6.17 14.52
CA SER A 28 12.55 5.30 15.67
C SER A 28 11.72 4.03 15.55
N LEU A 29 10.57 4.14 14.91
CA LEU A 29 9.68 2.99 14.73
C LEU A 29 10.42 1.81 14.13
N PRO A 30 9.93 0.59 14.41
CA PRO A 30 10.54 -0.64 13.91
C PRO A 30 10.37 -0.80 12.40
N GLN A 31 11.00 -1.83 11.85
CA GLN A 31 10.90 -2.09 10.41
C GLN A 31 10.42 -3.52 10.15
N THR A 32 10.84 -4.45 11.00
CA THR A 32 10.44 -5.84 10.85
C THR A 32 8.93 -6.00 10.95
N GLU A 33 8.30 -5.14 11.75
CA GLU A 33 6.85 -5.18 11.92
C GLU A 33 6.17 -4.06 11.14
N ARG A 34 6.94 -3.02 10.82
CA ARG A 34 6.41 -1.89 10.08
C ARG A 34 7.12 -1.75 8.73
N ILE A 35 6.34 -1.80 7.65
CA ILE A 35 6.89 -1.68 6.31
C ILE A 35 6.27 -0.50 5.56
N TYR A 36 7.06 0.14 4.70
CA TYR A 36 6.59 1.28 3.93
C TYR A 36 5.98 0.83 2.61
N PHE A 37 5.00 1.58 2.13
CA PHE A 37 4.33 1.26 0.87
C PHE A 37 3.89 2.53 0.15
N GLN A 38 4.23 2.62 -1.14
CA GLN A 38 3.88 3.78 -1.94
C GLN A 38 2.45 3.65 -2.48
N VAL A 39 1.63 4.65 -2.19
CA VAL A 39 0.25 4.66 -2.65
C VAL A 39 0.00 5.78 -3.65
N PHE A 40 -0.72 5.47 -4.72
CA PHE A 40 -1.02 6.46 -5.75
C PHE A 40 -2.08 7.44 -5.26
N LEU A 41 -1.68 8.69 -5.05
CA LEU A 41 -2.60 9.72 -4.57
C LEU A 41 -3.77 9.88 -5.53
N PRO A 42 -4.91 10.36 -5.00
CA PRO A 42 -6.13 10.57 -5.80
C PRO A 42 -5.98 11.73 -6.78
N LYS A 43 -7.09 12.13 -7.38
CA LYS A 43 -7.10 13.23 -8.34
C LYS A 43 -6.40 14.45 -7.76
N GLY A 44 -6.13 15.44 -8.61
CA GLY A 44 -5.48 16.66 -8.16
C GLY A 44 -4.14 16.88 -8.82
N SER A 45 -3.46 15.78 -9.15
CA SER A 45 -2.15 15.86 -9.78
C SER A 45 -1.12 16.53 -8.86
N LYS A 46 -1.26 16.27 -7.56
CA LYS A 46 -0.36 16.85 -6.57
C LYS A 46 0.91 16.01 -6.45
N GLU A 47 0.78 14.70 -6.57
CA GLU A 47 1.91 13.80 -6.47
C GLU A 47 1.55 12.41 -6.99
N LYS A 48 2.48 11.79 -7.72
CA LYS A 48 2.26 10.46 -8.27
C LYS A 48 1.83 9.49 -7.18
N SER A 49 2.60 9.42 -6.11
CA SER A 49 2.30 8.52 -5.00
C SER A 49 3.03 8.95 -3.73
N LYS A 50 2.46 8.61 -2.59
CA LYS A 50 3.06 8.97 -1.30
C LYS A 50 3.30 7.72 -0.45
N PRO A 51 4.48 7.67 0.20
CA PRO A 51 4.86 6.54 1.06
C PRO A 51 4.03 6.47 2.34
N MET A 52 3.71 5.26 2.76
CA MET A 52 2.92 5.07 3.98
C MET A 52 3.41 3.84 4.75
N PHE A 53 3.59 4.00 6.06
CA PHE A 53 4.05 2.91 6.90
C PHE A 53 2.87 2.13 7.48
N PHE A 54 2.93 0.81 7.39
CA PHE A 54 1.87 -0.05 7.90
C PHE A 54 2.44 -1.16 8.78
N CYS A 55 1.71 -1.51 9.82
CA CYS A 55 2.14 -2.56 10.73
C CYS A 55 1.44 -3.88 10.43
N HIS A 56 2.19 -4.98 10.53
CA HIS A 56 1.64 -6.30 10.25
C HIS A 56 0.82 -6.81 11.43
N ARG A 57 0.83 -6.04 12.52
CA ARG A 57 0.08 -6.42 13.71
C ARG A 57 -1.35 -6.81 13.37
N TRP A 58 -1.88 -6.24 12.29
CA TRP A 58 -3.24 -6.54 11.86
C TRP A 58 -3.25 -7.06 10.42
N SER A 59 -4.44 -7.26 9.88
CA SER A 59 -4.58 -7.75 8.51
C SER A 59 -4.46 -6.62 7.51
N ILE A 60 -4.06 -6.96 6.28
CA ILE A 60 -3.92 -5.96 5.23
C ILE A 60 -5.22 -5.21 4.98
N GLY A 61 -6.31 -5.96 4.87
CA GLY A 61 -7.60 -5.35 4.62
C GLY A 61 -7.97 -4.33 5.69
N LYS A 62 -7.87 -4.73 6.95
CA LYS A 62 -8.19 -3.84 8.06
C LYS A 62 -7.24 -2.64 8.09
N ALA A 63 -6.01 -2.86 7.64
CA ALA A 63 -5.02 -1.79 7.61
C ALA A 63 -5.57 -0.56 6.90
N ILE A 64 -6.14 -0.76 5.72
CA ILE A 64 -6.69 0.34 4.94
C ILE A 64 -7.83 1.02 5.69
N ASP A 65 -8.72 0.22 6.25
CA ASP A 65 -9.86 0.75 7.00
C ASP A 65 -9.39 1.72 8.09
N PHE A 66 -8.33 1.33 8.80
CA PHE A 66 -7.79 2.15 9.87
C PHE A 66 -7.06 3.36 9.30
N ALA A 67 -6.16 3.10 8.36
CA ALA A 67 -5.38 4.17 7.73
C ALA A 67 -6.29 5.27 7.21
N ALA A 68 -7.47 4.90 6.72
CA ALA A 68 -8.44 5.85 6.20
C ALA A 68 -8.92 6.80 7.29
N SER A 69 -9.03 6.28 8.51
CA SER A 69 -9.49 7.08 9.65
C SER A 69 -8.37 7.98 10.15
N LEU A 70 -7.21 7.39 10.41
CA LEU A 70 -6.06 8.14 10.91
C LEU A 70 -5.68 9.26 9.94
N ALA A 71 -5.79 8.98 8.65
CA ALA A 71 -5.46 9.96 7.63
C ALA A 71 -6.59 10.97 7.46
N ARG A 72 -7.73 10.68 8.07
CA ARG A 72 -8.89 11.57 7.99
C ARG A 72 -9.35 11.72 6.54
N LEU A 73 -9.45 10.61 5.83
CA LEU A 73 -9.88 10.62 4.44
C LEU A 73 -11.33 10.16 4.31
N LYS A 74 -12.05 10.76 3.37
CA LYS A 74 -13.45 10.41 3.14
C LYS A 74 -13.62 8.91 2.97
N ASN A 75 -14.52 8.32 3.75
CA ASN A 75 -14.78 6.89 3.69
C ASN A 75 -16.02 6.52 4.49
N ASP A 76 -17.10 6.22 3.78
CA ASP A 76 -18.36 5.85 4.43
C ASP A 76 -18.44 4.35 4.65
N ASN A 77 -17.36 3.78 5.19
CA ASN A 77 -17.31 2.34 5.46
C ASN A 77 -17.75 2.04 6.89
N ASN A 78 -18.92 2.55 7.26
CA ASN A 78 -19.45 2.32 8.60
C ASN A 78 -20.52 1.23 8.58
N LYS A 79 -21.30 1.19 7.50
CA LYS A 79 -22.35 0.20 7.36
C LYS A 79 -21.97 -0.86 6.33
N PHE A 80 -22.88 -1.79 6.06
CA PHE A 80 -22.64 -2.85 5.09
C PHE A 80 -22.96 -2.37 3.68
N THR A 81 -24.03 -1.61 3.54
CA THR A 81 -24.44 -1.09 2.24
C THR A 81 -23.73 0.23 1.92
N ALA A 82 -22.43 0.14 1.67
CA ALA A 82 -21.63 1.31 1.35
C ALA A 82 -20.19 0.93 1.01
N LYS A 83 -19.69 1.45 -0.10
CA LYS A 83 -18.33 1.17 -0.53
C LYS A 83 -17.32 1.51 0.57
N LYS A 84 -16.33 0.64 0.74
CA LYS A 84 -15.31 0.86 1.76
C LYS A 84 -13.92 0.89 1.14
N LEU A 85 -13.10 1.84 1.58
CA LEU A 85 -11.74 1.99 1.06
C LEU A 85 -10.96 0.68 1.21
N ARG A 86 -10.47 0.15 0.10
CA ARG A 86 -9.70 -1.09 0.12
C ARG A 86 -8.56 -1.03 -0.90
N LEU A 87 -7.53 -1.84 -0.66
CA LEU A 87 -6.37 -1.88 -1.55
C LEU A 87 -6.55 -2.95 -2.63
N CYS A 88 -5.99 -2.70 -3.80
CA CYS A 88 -6.10 -3.63 -4.92
C CYS A 88 -4.91 -3.46 -5.88
N HIS A 89 -4.64 -4.50 -6.66
CA HIS A 89 -3.54 -4.47 -7.61
C HIS A 89 -3.81 -3.46 -8.72
N ILE A 90 -2.75 -2.86 -9.23
CA ILE A 90 -2.87 -1.87 -10.30
C ILE A 90 -3.02 -2.55 -11.67
N THR A 91 -3.83 -1.94 -12.54
CA THR A 91 -4.05 -2.49 -13.87
C THR A 91 -4.51 -3.94 -13.80
N SER A 92 -5.15 -4.30 -12.69
CA SER A 92 -5.64 -5.67 -12.49
C SER A 92 -7.00 -5.66 -11.81
N GLY A 93 -7.11 -4.90 -10.73
CA GLY A 93 -8.37 -4.83 -10.01
C GLY A 93 -8.49 -5.89 -8.94
N GLU A 94 -7.65 -6.92 -9.03
CA GLU A 94 -7.67 -8.01 -8.06
C GLU A 94 -7.37 -7.49 -6.66
N ALA A 95 -8.25 -7.81 -5.72
CA ALA A 95 -8.08 -7.38 -4.33
C ALA A 95 -7.83 -8.57 -3.42
N LEU A 96 -6.99 -8.37 -2.41
CA LEU A 96 -6.66 -9.43 -1.46
C LEU A 96 -7.68 -9.47 -0.32
N PRO A 97 -7.76 -10.62 0.36
CA PRO A 97 -8.69 -10.81 1.48
C PRO A 97 -8.29 -10.00 2.71
N LEU A 98 -9.28 -9.53 3.45
CA LEU A 98 -9.04 -8.74 4.65
C LEU A 98 -8.71 -9.64 5.84
N ASP A 99 -8.89 -10.94 5.65
CA ASP A 99 -8.61 -11.92 6.71
C ASP A 99 -7.20 -12.48 6.56
N HIS A 100 -6.32 -11.70 5.95
CA HIS A 100 -4.94 -12.12 5.76
C HIS A 100 -3.97 -11.13 6.38
N THR A 101 -2.97 -11.65 7.10
CA THR A 101 -1.98 -10.81 7.75
C THR A 101 -0.90 -10.36 6.77
N LEU A 102 -0.28 -9.21 7.04
CA LEU A 102 0.76 -8.68 6.18
C LEU A 102 1.96 -9.63 6.15
N GLU A 103 2.47 -9.99 7.31
CA GLU A 103 3.62 -10.88 7.41
C GLU A 103 3.26 -12.27 6.86
N THR A 104 2.03 -12.69 7.08
CA THR A 104 1.56 -13.99 6.61
C THR A 104 1.81 -14.15 5.11
N TRP A 105 1.41 -13.15 4.34
CA TRP A 105 1.59 -13.18 2.89
C TRP A 105 3.06 -13.15 2.52
N ILE A 106 3.84 -12.40 3.30
CA ILE A 106 5.27 -12.29 3.05
C ILE A 106 5.99 -13.60 3.34
N ALA A 107 5.52 -14.32 4.34
CA ALA A 107 6.11 -15.60 4.72
C ALA A 107 5.55 -16.74 3.86
N LYS A 108 4.36 -16.53 3.33
CA LYS A 108 3.72 -17.53 2.48
C LYS A 108 4.66 -17.99 1.37
N GLU A 109 4.47 -19.22 0.91
CA GLU A 109 5.30 -19.77 -0.15
C GLU A 109 5.32 -18.85 -1.37
N ASP A 110 4.14 -18.39 -1.76
CA ASP A 110 4.02 -17.49 -2.91
C ASP A 110 4.48 -16.08 -2.56
N CYS A 111 5.34 -15.51 -3.40
CA CYS A 111 5.86 -14.17 -3.17
C CYS A 111 5.46 -13.23 -4.31
N PRO A 112 4.15 -12.93 -4.40
CA PRO A 112 3.61 -12.05 -5.43
C PRO A 112 4.02 -10.60 -5.24
N LEU A 113 3.95 -10.13 -3.99
CA LEU A 113 4.31 -8.76 -3.66
C LEU A 113 5.44 -8.73 -2.64
N TYR A 114 6.45 -7.91 -2.91
CA TYR A 114 7.59 -7.79 -2.00
C TYR A 114 7.80 -6.33 -1.59
N ASN A 115 8.71 -6.12 -0.65
CA ASN A 115 9.01 -4.78 -0.16
C ASN A 115 9.32 -3.83 -1.32
N GLY A 116 8.87 -2.59 -1.20
CA GLY A 116 9.10 -1.61 -2.25
C GLY A 116 7.90 -1.44 -3.15
N GLY A 117 7.07 -2.47 -3.22
CA GLY A 117 5.89 -2.41 -4.07
C GLY A 117 5.01 -1.22 -3.77
N ASN A 118 3.95 -1.05 -4.54
CA ASN A 118 3.03 0.07 -4.35
C ASN A 118 1.59 -0.36 -4.59
N ILE A 119 0.67 0.24 -3.84
CA ILE A 119 -0.74 -0.08 -3.97
C ILE A 119 -1.61 1.16 -3.76
N ILE A 120 -2.62 1.31 -4.61
CA ILE A 120 -3.53 2.45 -4.51
C ILE A 120 -4.77 2.10 -3.71
N LEU A 121 -5.34 3.10 -3.04
CA LEU A 121 -6.54 2.89 -2.24
C LEU A 121 -7.79 3.32 -2.99
N GLU A 122 -8.72 2.39 -3.20
CA GLU A 122 -9.95 2.67 -3.92
C GLU A 122 -11.15 2.11 -3.17
N TYR A 123 -12.31 2.71 -3.38
CA TYR A 123 -13.53 2.27 -2.72
C TYR A 123 -14.01 0.93 -3.30
N LEU A 124 -14.04 -0.09 -2.45
CA LEU A 124 -14.48 -1.41 -2.87
C LEU A 124 -15.31 -2.09 -1.79
N ASN A 125 -16.38 -2.76 -2.20
CA ASN A 125 -17.27 -3.44 -1.28
C ASN A 125 -16.67 -4.79 -0.84
N ASP A 126 -17.04 -5.23 0.35
CA ASP A 126 -16.55 -6.50 0.88
C ASP A 126 -16.91 -7.65 -0.05
N GLU A 127 -18.08 -7.57 -0.66
CA GLU A 127 -18.55 -8.61 -1.57
C GLU A 127 -17.76 -8.57 -2.88
N GLU A 128 -17.28 -7.40 -3.25
CA GLU A 128 -16.52 -7.22 -4.48
C GLU A 128 -15.08 -7.68 -4.28
N GLN A 129 -14.60 -8.54 -5.19
CA GLN A 129 -13.25 -9.05 -5.12
C GLN A 129 -12.34 -8.33 -6.10
N PHE A 130 -12.76 -8.29 -7.37
CA PHE A 130 -11.98 -7.63 -8.41
C PHE A 130 -12.74 -6.43 -8.97
N CYS A 131 -12.08 -5.27 -8.97
CA CYS A 131 -12.69 -4.05 -9.47
C CYS A 131 -12.21 -3.75 -10.89
N LYS A 132 -12.83 -2.75 -11.52
CA LYS A 132 -12.46 -2.37 -12.87
C LYS A 132 -11.01 -1.92 -12.95
N ASN A 133 -10.57 -1.51 -14.14
CA ASN A 133 -9.21 -1.06 -14.34
C ASN A 133 -8.83 0.01 -13.32
N VAL A 134 -7.77 -0.24 -12.57
CA VAL A 134 -7.31 0.71 -11.56
C VAL A 134 -6.54 1.87 -12.20
N GLU A 135 -5.53 1.53 -12.98
CA GLU A 135 -4.73 2.55 -13.65
C GLU A 135 -5.60 3.49 -14.48
N SER A 136 -6.67 2.94 -15.05
CA SER A 136 -7.59 3.73 -15.86
C SER A 136 -8.18 4.87 -15.05
N TYR A 137 -8.46 4.61 -13.79
CA TYR A 137 -9.03 5.62 -12.90
C TYR A 137 -8.14 6.86 -12.83
N LEU A 138 -6.83 6.64 -12.86
CA LEU A 138 -5.87 7.74 -12.80
C LEU A 138 -5.51 8.22 -14.20
N GLU A 139 -5.68 7.34 -15.19
CA GLU A 139 -5.38 7.69 -16.57
C GLU A 139 -6.60 8.26 -17.28
N GLY A 1 26.42 9.63 -0.34
CA GLY A 1 25.88 10.73 -1.11
C GLY A 1 26.03 10.51 -2.61
N GLY A 2 24.94 10.13 -3.26
CA GLY A 2 24.97 9.89 -4.69
C GLY A 2 23.64 10.14 -5.35
N SER A 3 23.65 10.25 -6.68
CA SER A 3 22.42 10.50 -7.43
C SER A 3 21.64 9.21 -7.66
N GLY A 4 22.35 8.18 -8.13
CA GLY A 4 21.71 6.91 -8.38
C GLY A 4 20.99 6.86 -9.72
N ALA A 5 21.07 5.71 -10.39
CA ALA A 5 20.43 5.54 -11.69
C ALA A 5 20.54 4.10 -12.17
N LYS A 6 20.05 3.17 -11.35
CA LYS A 6 20.10 1.75 -11.70
C LYS A 6 21.51 1.34 -12.11
N ASN A 7 22.49 1.68 -11.28
CA ASN A 7 23.88 1.34 -11.57
C ASN A 7 24.21 -0.07 -11.10
N SER A 8 23.74 -0.41 -9.90
CA SER A 8 23.97 -1.74 -9.34
C SER A 8 23.03 -2.01 -8.17
N GLU A 9 23.26 -3.11 -7.47
CA GLU A 9 22.43 -3.49 -6.33
C GLU A 9 22.37 -2.35 -5.31
N THR A 10 23.50 -1.69 -5.10
CA THR A 10 23.57 -0.58 -4.15
C THR A 10 22.49 0.45 -4.43
N ALA A 11 22.19 0.65 -5.71
CA ALA A 11 21.17 1.62 -6.11
C ALA A 11 19.82 1.30 -5.47
N ALA A 12 19.55 0.00 -5.32
CA ALA A 12 18.29 -0.44 -4.72
C ALA A 12 18.29 -0.22 -3.21
N LYS A 13 19.37 -0.65 -2.56
CA LYS A 13 19.48 -0.50 -1.11
C LYS A 13 19.32 0.96 -0.71
N VAL A 14 20.07 1.85 -1.35
CA VAL A 14 20.00 3.27 -1.05
C VAL A 14 18.61 3.82 -1.32
N ALA A 15 17.96 3.31 -2.37
CA ALA A 15 16.62 3.75 -2.72
C ALA A 15 15.59 3.26 -1.70
N LEU A 16 15.83 2.07 -1.15
CA LEU A 16 14.93 1.49 -0.15
C LEU A 16 15.03 2.25 1.17
N MET A 17 16.24 2.39 1.67
CA MET A 17 16.47 3.09 2.93
C MET A 17 16.05 4.55 2.83
N LYS A 18 16.40 5.18 1.71
CA LYS A 18 16.05 6.58 1.49
C LYS A 18 14.54 6.78 1.48
N LEU A 19 13.83 5.81 0.90
CA LEU A 19 12.38 5.88 0.83
C LEU A 19 11.74 5.71 2.21
N LYS A 20 12.11 4.63 2.89
CA LYS A 20 11.60 4.34 4.22
C LYS A 20 11.82 5.53 5.15
N MET A 21 12.94 6.23 4.96
CA MET A 21 13.27 7.38 5.79
C MET A 21 12.29 8.53 5.53
N HIS A 22 11.79 8.61 4.31
CA HIS A 22 10.84 9.65 3.93
C HIS A 22 9.42 9.26 4.31
N ALA A 23 9.13 7.96 4.28
CA ALA A 23 7.81 7.45 4.62
C ALA A 23 7.31 8.07 5.93
N ASP A 24 6.00 8.22 6.04
CA ASP A 24 5.39 8.80 7.23
C ASP A 24 5.54 7.87 8.43
N GLY A 25 6.06 8.40 9.53
CA GLY A 25 6.25 7.59 10.73
C GLY A 25 7.60 7.84 11.38
N ASP A 26 7.95 6.99 12.34
CA ASP A 26 9.22 7.13 13.05
C ASP A 26 10.38 6.73 12.15
N LYS A 27 11.18 7.72 11.75
CA LYS A 27 12.32 7.49 10.88
C LYS A 27 13.53 7.02 11.69
N SER A 28 13.68 7.57 12.89
CA SER A 28 14.79 7.21 13.78
C SER A 28 14.72 5.73 14.16
N LEU A 29 13.50 5.21 14.24
CA LEU A 29 13.30 3.81 14.60
C LEU A 29 13.67 2.89 13.45
N PRO A 30 14.02 1.64 13.77
CA PRO A 30 14.40 0.63 12.77
C PRO A 30 13.20 0.17 11.94
N GLN A 31 12.03 0.15 12.56
CA GLN A 31 10.81 -0.27 11.86
C GLN A 31 10.93 -1.72 11.40
N THR A 32 11.25 -2.62 12.32
CA THR A 32 11.39 -4.03 12.01
C THR A 32 10.02 -4.69 11.83
N GLU A 33 9.05 -4.22 12.59
CA GLU A 33 7.69 -4.77 12.52
C GLU A 33 6.83 -3.96 11.56
N ARG A 34 7.23 -2.72 11.32
CA ARG A 34 6.50 -1.83 10.43
C ARG A 34 7.17 -1.75 9.06
N ILE A 35 6.35 -1.69 8.02
CA ILE A 35 6.86 -1.62 6.66
C ILE A 35 6.26 -0.43 5.90
N TYR A 36 7.03 0.14 4.99
CA TYR A 36 6.58 1.28 4.21
C TYR A 36 5.89 0.83 2.93
N PHE A 37 4.91 1.60 2.48
CA PHE A 37 4.17 1.26 1.26
C PHE A 37 3.73 2.54 0.53
N GLN A 38 4.01 2.60 -0.76
CA GLN A 38 3.63 3.77 -1.56
C GLN A 38 2.22 3.63 -2.08
N VAL A 39 1.33 4.52 -1.62
CA VAL A 39 -0.07 4.50 -2.04
C VAL A 39 -0.32 5.51 -3.16
N PHE A 40 -0.90 5.04 -4.26
CA PHE A 40 -1.19 5.90 -5.39
C PHE A 40 -2.36 6.84 -5.07
N LEU A 41 -2.13 8.14 -5.23
CA LEU A 41 -3.16 9.13 -4.96
C LEU A 41 -4.16 9.20 -6.11
N PRO A 42 -5.39 9.64 -5.79
CA PRO A 42 -6.46 9.76 -6.78
C PRO A 42 -6.21 10.89 -7.77
N LYS A 43 -5.62 11.98 -7.28
CA LYS A 43 -5.33 13.14 -8.12
C LYS A 43 -4.08 13.86 -7.63
N GLY A 44 -3.27 14.34 -8.56
CA GLY A 44 -2.05 15.03 -8.22
C GLY A 44 -0.94 14.83 -9.23
N SER A 45 -0.35 15.93 -9.69
CA SER A 45 0.72 15.87 -10.67
C SER A 45 2.09 15.89 -10.00
N LYS A 46 2.22 16.73 -8.98
CA LYS A 46 3.47 16.86 -8.24
C LYS A 46 3.88 15.51 -7.64
N GLU A 47 2.90 14.73 -7.21
CA GLU A 47 3.16 13.42 -6.63
C GLU A 47 2.10 12.42 -7.06
N LYS A 48 2.54 11.23 -7.47
CA LYS A 48 1.65 10.18 -7.91
C LYS A 48 1.25 9.28 -6.74
N SER A 49 2.20 9.06 -5.83
CA SER A 49 1.95 8.21 -4.66
C SER A 49 2.74 8.70 -3.46
N LYS A 50 2.26 8.38 -2.27
CA LYS A 50 2.92 8.78 -1.04
C LYS A 50 3.19 7.57 -0.14
N PRO A 51 4.40 7.51 0.43
CA PRO A 51 4.82 6.43 1.31
C PRO A 51 4.09 6.45 2.65
N MET A 52 3.74 5.27 3.16
CA MET A 52 3.04 5.17 4.43
C MET A 52 3.51 3.94 5.21
N PHE A 53 3.51 4.06 6.53
CA PHE A 53 3.93 2.95 7.39
C PHE A 53 2.76 2.05 7.75
N PHE A 54 3.02 0.76 7.89
CA PHE A 54 1.97 -0.20 8.23
C PHE A 54 2.57 -1.39 8.99
N CYS A 55 2.00 -1.67 10.16
CA CYS A 55 2.46 -2.78 10.98
C CYS A 55 2.09 -4.12 10.35
N HIS A 56 3.02 -5.08 10.43
CA HIS A 56 2.80 -6.40 9.86
C HIS A 56 1.70 -7.14 10.63
N ARG A 57 1.48 -6.73 11.88
CA ARG A 57 0.46 -7.36 12.72
C ARG A 57 -0.88 -6.66 12.56
N TRP A 58 -1.22 -6.31 11.31
CA TRP A 58 -2.47 -5.64 11.02
C TRP A 58 -3.14 -6.23 9.78
N SER A 59 -4.41 -6.58 9.90
CA SER A 59 -5.15 -7.15 8.79
C SER A 59 -5.03 -6.29 7.53
N ILE A 60 -4.89 -6.94 6.38
CA ILE A 60 -4.76 -6.23 5.12
C ILE A 60 -5.97 -5.34 4.86
N GLY A 61 -7.15 -5.87 5.11
CA GLY A 61 -8.38 -5.11 4.89
C GLY A 61 -8.57 -4.04 5.95
N LYS A 62 -8.52 -4.44 7.21
CA LYS A 62 -8.69 -3.50 8.31
C LYS A 62 -7.65 -2.38 8.26
N ALA A 63 -6.46 -2.72 7.78
CA ALA A 63 -5.39 -1.74 7.66
C ALA A 63 -5.84 -0.50 6.92
N ILE A 64 -6.72 -0.69 5.93
CA ILE A 64 -7.24 0.42 5.14
C ILE A 64 -8.09 1.35 5.99
N ASP A 65 -9.11 0.78 6.63
CA ASP A 65 -10.00 1.57 7.48
C ASP A 65 -9.21 2.34 8.53
N PHE A 66 -8.15 1.71 9.04
CA PHE A 66 -7.31 2.35 10.07
C PHE A 66 -6.54 3.52 9.48
N ALA A 67 -5.78 3.25 8.42
CA ALA A 67 -4.98 4.28 7.76
C ALA A 67 -5.84 5.49 7.41
N ALA A 68 -7.04 5.23 6.89
CA ALA A 68 -7.96 6.30 6.52
C ALA A 68 -8.31 7.17 7.71
N SER A 69 -8.33 6.56 8.90
CA SER A 69 -8.66 7.27 10.13
C SER A 69 -7.48 8.12 10.60
N LEU A 70 -6.29 7.51 10.63
CA LEU A 70 -5.08 8.20 11.06
C LEU A 70 -4.81 9.41 10.17
N ALA A 71 -5.06 9.26 8.88
CA ALA A 71 -4.83 10.35 7.92
C ALA A 71 -6.03 11.30 7.90
N ARG A 72 -7.03 11.01 8.71
CA ARG A 72 -8.23 11.83 8.77
C ARG A 72 -8.72 12.18 7.38
N LEU A 73 -8.95 11.16 6.57
CA LEU A 73 -9.42 11.35 5.19
C LEU A 73 -10.85 10.87 5.04
N LYS A 74 -11.49 11.22 3.93
CA LYS A 74 -12.86 10.82 3.66
C LYS A 74 -12.96 9.30 3.53
N ASN A 75 -14.00 8.73 4.12
CA ASN A 75 -14.22 7.29 4.06
C ASN A 75 -15.55 6.91 4.71
N ASP A 76 -16.35 6.15 3.98
CA ASP A 76 -17.66 5.72 4.48
C ASP A 76 -17.49 4.70 5.60
N ASN A 77 -16.47 3.86 5.48
CA ASN A 77 -16.20 2.84 6.49
C ASN A 77 -17.43 1.94 6.69
N ASN A 78 -18.15 1.69 5.61
CA ASN A 78 -19.34 0.86 5.67
C ASN A 78 -19.97 0.69 4.29
N LYS A 79 -21.10 0.01 4.24
CA LYS A 79 -21.81 -0.21 2.98
C LYS A 79 -23.14 0.54 2.95
N PHE A 80 -23.18 1.68 3.64
CA PHE A 80 -24.39 2.49 3.70
C PHE A 80 -24.61 3.23 2.38
N THR A 81 -24.99 2.49 1.35
CA THR A 81 -25.23 3.08 0.04
C THR A 81 -23.94 3.66 -0.56
N ALA A 82 -22.82 2.98 -0.29
CA ALA A 82 -21.53 3.42 -0.81
C ALA A 82 -20.54 2.26 -0.85
N LYS A 83 -19.27 2.59 -1.09
CA LYS A 83 -18.22 1.58 -1.16
C LYS A 83 -17.21 1.77 -0.03
N LYS A 84 -16.58 0.68 0.38
CA LYS A 84 -15.59 0.73 1.46
C LYS A 84 -14.17 0.83 0.88
N LEU A 85 -13.34 1.65 1.52
CA LEU A 85 -11.97 1.84 1.07
C LEU A 85 -11.17 0.54 1.22
N ARG A 86 -10.69 0.02 0.09
CA ARG A 86 -9.90 -1.21 0.09
C ARG A 86 -8.78 -1.14 -0.94
N LEU A 87 -7.73 -1.92 -0.71
CA LEU A 87 -6.58 -1.94 -1.61
C LEU A 87 -6.80 -2.97 -2.73
N CYS A 88 -6.20 -2.70 -3.89
CA CYS A 88 -6.32 -3.60 -5.03
C CYS A 88 -5.07 -3.53 -5.91
N HIS A 89 -4.67 -4.68 -6.44
CA HIS A 89 -3.49 -4.75 -7.30
C HIS A 89 -3.76 -4.11 -8.66
N ILE A 90 -2.83 -3.28 -9.10
CA ILE A 90 -2.97 -2.61 -10.39
C ILE A 90 -2.72 -3.57 -11.55
N THR A 91 -3.47 -3.39 -12.64
CA THR A 91 -3.33 -4.25 -13.81
C THR A 91 -3.75 -5.68 -13.50
N SER A 92 -4.75 -5.83 -12.63
CA SER A 92 -5.24 -7.14 -12.25
C SER A 92 -6.66 -7.04 -11.69
N GLY A 93 -6.85 -6.19 -10.70
CA GLY A 93 -8.15 -6.02 -10.10
C GLY A 93 -8.38 -6.95 -8.92
N GLU A 94 -7.56 -7.99 -8.83
CA GLU A 94 -7.67 -8.95 -7.74
C GLU A 94 -7.34 -8.30 -6.40
N ALA A 95 -8.25 -8.45 -5.45
CA ALA A 95 -8.07 -7.87 -4.12
C ALA A 95 -7.93 -8.97 -3.07
N LEU A 96 -7.06 -8.73 -2.09
CA LEU A 96 -6.82 -9.70 -1.01
C LEU A 96 -7.89 -9.58 0.07
N PRO A 97 -8.12 -10.69 0.79
CA PRO A 97 -9.12 -10.73 1.86
C PRO A 97 -8.69 -9.91 3.08
N LEU A 98 -9.68 -9.49 3.87
CA LEU A 98 -9.40 -8.70 5.07
C LEU A 98 -8.97 -9.59 6.23
N ASP A 99 -9.22 -10.89 6.09
CA ASP A 99 -8.86 -11.85 7.12
C ASP A 99 -7.46 -12.41 6.87
N HIS A 100 -6.64 -11.65 6.17
CA HIS A 100 -5.27 -12.07 5.86
C HIS A 100 -4.25 -11.07 6.40
N THR A 101 -3.21 -11.58 7.04
CA THR A 101 -2.16 -10.73 7.59
C THR A 101 -1.01 -10.55 6.61
N LEU A 102 -0.29 -9.44 6.74
CA LEU A 102 0.83 -9.14 5.86
C LEU A 102 1.92 -10.20 6.00
N GLU A 103 2.34 -10.45 7.24
CA GLU A 103 3.39 -11.43 7.51
C GLU A 103 3.02 -12.79 6.89
N THR A 104 1.75 -13.14 6.96
CA THR A 104 1.28 -14.41 6.41
C THR A 104 1.57 -14.50 4.91
N TRP A 105 1.28 -13.42 4.19
CA TRP A 105 1.50 -13.37 2.76
C TRP A 105 2.98 -13.51 2.43
N ILE A 106 3.82 -12.88 3.26
CA ILE A 106 5.26 -12.93 3.06
C ILE A 106 5.81 -14.33 3.36
N ALA A 107 5.21 -15.01 4.34
CA ALA A 107 5.63 -16.34 4.71
C ALA A 107 5.06 -17.39 3.76
N LYS A 108 3.94 -17.04 3.12
CA LYS A 108 3.29 -17.95 2.18
C LYS A 108 4.29 -18.46 1.13
N GLU A 109 4.10 -19.71 0.70
CA GLU A 109 4.98 -20.31 -0.29
C GLU A 109 4.55 -19.92 -1.70
N ASP A 110 3.25 -19.74 -1.89
CA ASP A 110 2.71 -19.36 -3.19
C ASP A 110 3.05 -17.92 -3.52
N CYS A 111 4.27 -17.70 -4.01
CA CYS A 111 4.72 -16.35 -4.36
C CYS A 111 4.45 -15.38 -3.22
N PRO A 112 5.38 -15.34 -2.24
CA PRO A 112 5.27 -14.45 -1.08
C PRO A 112 5.47 -12.98 -1.46
N LEU A 113 5.06 -12.09 -0.56
CA LEU A 113 5.19 -10.66 -0.80
C LEU A 113 6.65 -10.22 -0.73
N TYR A 114 6.92 -9.03 -1.26
CA TYR A 114 8.28 -8.50 -1.26
C TYR A 114 8.28 -7.02 -0.89
N ASN A 115 9.23 -6.64 -0.03
CA ASN A 115 9.34 -5.25 0.43
C ASN A 115 9.53 -4.31 -0.77
N GLY A 116 8.96 -3.13 -0.66
CA GLY A 116 9.07 -2.15 -1.73
C GLY A 116 7.81 -2.05 -2.56
N GLY A 117 7.01 -3.11 -2.56
CA GLY A 117 5.77 -3.12 -3.32
C GLY A 117 4.88 -1.93 -2.97
N ASN A 118 3.90 -1.67 -3.83
CA ASN A 118 2.98 -0.56 -3.62
C ASN A 118 1.57 -0.92 -4.09
N ILE A 119 0.57 -0.33 -3.46
CA ILE A 119 -0.82 -0.58 -3.82
C ILE A 119 -1.67 0.67 -3.65
N ILE A 120 -2.72 0.77 -4.45
CA ILE A 120 -3.62 1.91 -4.40
C ILE A 120 -4.88 1.58 -3.60
N LEU A 121 -5.44 2.60 -2.94
CA LEU A 121 -6.65 2.43 -2.13
C LEU A 121 -7.87 2.95 -2.88
N GLU A 122 -8.77 2.03 -3.24
CA GLU A 122 -9.99 2.40 -3.95
C GLU A 122 -11.23 1.90 -3.20
N TYR A 123 -12.33 2.62 -3.37
CA TYR A 123 -13.58 2.26 -2.71
C TYR A 123 -14.28 1.13 -3.46
N LEU A 124 -14.33 -0.05 -2.84
CA LEU A 124 -14.97 -1.21 -3.44
C LEU A 124 -15.75 -2.00 -2.39
N ASN A 125 -16.95 -2.44 -2.77
CA ASN A 125 -17.79 -3.21 -1.86
C ASN A 125 -17.04 -4.42 -1.32
N ASP A 126 -17.32 -4.77 -0.07
CA ASP A 126 -16.69 -5.92 0.57
C ASP A 126 -17.01 -7.22 -0.18
N GLU A 127 -18.23 -7.31 -0.69
CA GLU A 127 -18.66 -8.50 -1.42
C GLU A 127 -17.89 -8.64 -2.72
N GLU A 128 -17.46 -7.51 -3.28
CA GLU A 128 -16.71 -7.51 -4.53
C GLU A 128 -15.32 -8.10 -4.32
N GLN A 129 -14.94 -9.03 -5.20
CA GLN A 129 -13.63 -9.66 -5.12
C GLN A 129 -12.64 -9.01 -6.07
N PHE A 130 -13.09 -8.75 -7.30
CA PHE A 130 -12.24 -8.13 -8.31
C PHE A 130 -12.83 -6.78 -8.75
N CYS A 131 -11.98 -5.76 -8.79
CA CYS A 131 -12.40 -4.43 -9.20
C CYS A 131 -12.04 -4.17 -10.66
N LYS A 132 -12.54 -3.05 -11.19
CA LYS A 132 -12.27 -2.69 -12.58
C LYS A 132 -10.77 -2.56 -12.82
N ASN A 133 -10.41 -2.20 -14.06
CA ASN A 133 -9.00 -2.05 -14.42
C ASN A 133 -8.43 -0.77 -13.83
N VAL A 134 -7.64 -0.91 -12.77
CA VAL A 134 -7.02 0.23 -12.11
C VAL A 134 -6.29 1.11 -13.11
N GLU A 135 -5.68 0.48 -14.12
CA GLU A 135 -4.95 1.21 -15.16
C GLU A 135 -5.82 2.28 -15.79
N SER A 136 -7.11 1.97 -15.95
CA SER A 136 -8.05 2.90 -16.55
C SER A 136 -8.09 4.22 -15.78
N TYR A 137 -7.97 4.13 -14.45
CA TYR A 137 -8.00 5.30 -13.60
C TYR A 137 -6.75 6.17 -13.83
N LEU A 138 -5.63 5.51 -14.08
CA LEU A 138 -4.37 6.22 -14.31
C LEU A 138 -4.12 6.38 -15.81
N GLU A 139 -5.18 6.29 -16.60
CA GLU A 139 -5.07 6.44 -18.05
C GLU A 139 -4.16 5.36 -18.63
N GLY A 1 9.99 12.46 -12.12
CA GLY A 1 10.70 11.20 -12.13
C GLY A 1 12.19 11.37 -12.34
N GLY A 2 12.92 10.27 -12.36
CA GLY A 2 14.37 10.33 -12.55
C GLY A 2 15.08 9.14 -11.94
N SER A 3 15.68 8.31 -12.80
CA SER A 3 16.40 7.13 -12.34
C SER A 3 17.56 6.80 -13.26
N GLY A 4 18.41 5.86 -12.84
CA GLY A 4 19.55 5.48 -13.65
C GLY A 4 20.81 6.22 -13.25
N ALA A 5 21.83 5.49 -12.84
CA ALA A 5 23.10 6.08 -12.43
C ALA A 5 24.22 5.06 -12.48
N LYS A 6 24.22 4.13 -11.52
CA LYS A 6 25.25 3.09 -11.46
C LYS A 6 24.67 1.80 -10.89
N ASN A 7 24.42 0.83 -11.77
CA ASN A 7 23.87 -0.44 -11.36
C ASN A 7 24.66 -1.03 -10.19
N SER A 8 24.09 -0.95 -9.00
CA SER A 8 24.74 -1.45 -7.79
C SER A 8 23.71 -1.86 -6.75
N GLU A 9 24.10 -2.77 -5.86
CA GLU A 9 23.21 -3.25 -4.81
C GLU A 9 23.08 -2.21 -3.70
N THR A 10 24.20 -1.61 -3.32
CA THR A 10 24.21 -0.60 -2.27
C THR A 10 23.19 0.49 -2.55
N ALA A 11 23.01 0.83 -3.82
CA ALA A 11 22.05 1.86 -4.21
C ALA A 11 20.65 1.51 -3.74
N ALA A 12 20.33 0.22 -3.73
CA ALA A 12 19.02 -0.24 -3.29
C ALA A 12 18.87 -0.11 -1.78
N LYS A 13 19.90 -0.50 -1.05
CA LYS A 13 19.89 -0.43 0.40
C LYS A 13 19.79 1.02 0.88
N VAL A 14 20.67 1.86 0.36
CA VAL A 14 20.68 3.28 0.73
C VAL A 14 19.36 3.95 0.36
N ALA A 15 18.85 3.63 -0.82
CA ALA A 15 17.59 4.20 -1.30
C ALA A 15 16.42 3.76 -0.43
N LEU A 16 16.45 2.50 0.00
CA LEU A 16 15.39 1.96 0.84
C LEU A 16 15.37 2.65 2.19
N MET A 17 16.53 2.69 2.86
CA MET A 17 16.64 3.32 4.16
C MET A 17 16.31 4.81 4.07
N LYS A 18 16.70 5.43 2.96
CA LYS A 18 16.45 6.85 2.75
C LYS A 18 14.96 7.12 2.52
N LEU A 19 14.34 6.29 1.68
CA LEU A 19 12.93 6.43 1.37
C LEU A 19 12.07 6.23 2.63
N LYS A 20 12.43 5.23 3.42
CA LYS A 20 11.70 4.94 4.65
C LYS A 20 11.61 6.17 5.54
N MET A 21 12.66 7.00 5.51
CA MET A 21 12.70 8.21 6.31
C MET A 21 11.68 9.23 5.80
N HIS A 22 11.43 9.20 4.49
CA HIS A 22 10.47 10.12 3.88
C HIS A 22 9.05 9.62 4.07
N ALA A 23 8.87 8.31 4.04
CA ALA A 23 7.55 7.71 4.20
C ALA A 23 6.83 8.29 5.41
N ASP A 24 5.51 8.33 5.34
CA ASP A 24 4.70 8.86 6.44
C ASP A 24 4.54 7.83 7.55
N GLY A 25 5.22 8.07 8.67
CA GLY A 25 5.15 7.15 9.79
C GLY A 25 6.26 7.36 10.79
N ASP A 26 6.65 6.29 11.47
CA ASP A 26 7.72 6.36 12.46
C ASP A 26 9.03 5.82 11.90
N LYS A 27 9.96 6.72 11.62
CA LYS A 27 11.26 6.33 11.08
C LYS A 27 12.22 5.94 12.20
N SER A 28 12.13 6.62 13.32
CA SER A 28 12.99 6.34 14.46
C SER A 28 12.76 4.92 14.99
N LEU A 29 11.54 4.44 14.83
CA LEU A 29 11.18 3.09 15.27
C LEU A 29 11.68 2.04 14.29
N PRO A 30 11.90 0.82 14.79
CA PRO A 30 12.37 -0.31 13.97
C PRO A 30 11.32 -0.79 12.99
N GLN A 31 11.77 -1.43 11.91
CA GLN A 31 10.87 -1.95 10.89
C GLN A 31 10.87 -3.47 10.86
N THR A 32 11.00 -4.07 12.04
CA THR A 32 11.03 -5.54 12.16
C THR A 32 9.65 -6.13 11.96
N GLU A 33 8.62 -5.41 12.40
CA GLU A 33 7.25 -5.87 12.27
C GLU A 33 6.47 -4.96 11.32
N ARG A 34 6.95 -3.75 11.11
CA ARG A 34 6.30 -2.80 10.23
C ARG A 34 7.16 -2.52 9.00
N ILE A 35 6.50 -2.16 7.90
CA ILE A 35 7.21 -1.86 6.65
C ILE A 35 6.47 -0.78 5.85
N TYR A 36 7.24 0.00 5.11
CA TYR A 36 6.67 1.06 4.29
C TYR A 36 6.48 0.61 2.85
N PHE A 37 5.56 1.26 2.15
CA PHE A 37 5.28 0.91 0.76
C PHE A 37 4.85 2.15 -0.03
N GLN A 38 4.85 2.03 -1.35
CA GLN A 38 4.47 3.14 -2.22
C GLN A 38 3.03 2.99 -2.69
N VAL A 39 2.19 3.96 -2.35
CA VAL A 39 0.78 3.95 -2.74
C VAL A 39 0.44 5.15 -3.60
N PHE A 40 -0.15 4.87 -4.78
CA PHE A 40 -0.53 5.94 -5.70
C PHE A 40 -1.59 6.84 -5.08
N LEU A 41 -1.54 8.12 -5.43
CA LEU A 41 -2.49 9.10 -4.91
C LEU A 41 -3.80 9.05 -5.70
N PRO A 42 -4.90 9.47 -5.05
CA PRO A 42 -6.22 9.49 -5.67
C PRO A 42 -6.34 10.57 -6.74
N LYS A 43 -7.56 10.77 -7.25
CA LYS A 43 -7.80 11.77 -8.27
C LYS A 43 -7.24 13.13 -7.86
N GLY A 44 -6.44 13.73 -8.72
CA GLY A 44 -5.86 15.02 -8.42
C GLY A 44 -4.64 15.32 -9.28
N SER A 45 -3.88 14.28 -9.61
CA SER A 45 -2.68 14.44 -10.42
C SER A 45 -1.65 15.31 -9.70
N LYS A 46 -1.58 15.15 -8.39
CA LYS A 46 -0.63 15.91 -7.57
C LYS A 46 0.74 15.25 -7.56
N GLU A 47 0.75 13.92 -7.55
CA GLU A 47 2.00 13.17 -7.56
C GLU A 47 1.77 11.72 -8.00
N LYS A 48 2.78 11.12 -8.60
CA LYS A 48 2.69 9.74 -9.08
C LYS A 48 2.24 8.82 -7.95
N SER A 49 2.87 8.95 -6.78
CA SER A 49 2.54 8.13 -5.64
C SER A 49 3.18 8.68 -4.36
N LYS A 50 2.72 8.20 -3.21
CA LYS A 50 3.24 8.65 -1.93
C LYS A 50 3.52 7.46 -1.01
N PRO A 51 4.67 7.50 -0.34
CA PRO A 51 5.09 6.44 0.59
C PRO A 51 4.23 6.40 1.85
N MET A 52 3.99 5.20 2.36
CA MET A 52 3.18 5.04 3.57
C MET A 52 3.73 3.89 4.43
N PHE A 53 3.51 3.99 5.74
CA PHE A 53 3.98 2.97 6.66
C PHE A 53 2.81 2.11 7.15
N PHE A 54 3.03 0.80 7.19
CA PHE A 54 2.01 -0.13 7.65
C PHE A 54 2.60 -1.20 8.56
N CYS A 55 1.73 -1.88 9.30
CA CYS A 55 2.17 -2.93 10.22
C CYS A 55 1.76 -4.30 9.71
N HIS A 56 2.66 -5.28 9.89
CA HIS A 56 2.40 -6.64 9.44
C HIS A 56 1.46 -7.36 10.41
N ARG A 57 1.39 -6.87 11.64
CA ARG A 57 0.54 -7.46 12.66
C ARG A 57 -0.88 -6.90 12.57
N TRP A 58 -1.43 -6.91 11.36
CA TRP A 58 -2.78 -6.41 11.13
C TRP A 58 -3.33 -6.88 9.79
N SER A 59 -4.63 -7.13 9.74
CA SER A 59 -5.26 -7.58 8.51
C SER A 59 -4.91 -6.67 7.34
N ILE A 60 -4.60 -7.28 6.19
CA ILE A 60 -4.24 -6.52 5.00
C ILE A 60 -5.35 -5.54 4.61
N GLY A 61 -6.58 -6.04 4.61
CA GLY A 61 -7.71 -5.20 4.25
C GLY A 61 -8.01 -4.16 5.30
N LYS A 62 -7.99 -4.56 6.57
CA LYS A 62 -8.26 -3.65 7.68
C LYS A 62 -7.23 -2.53 7.71
N ALA A 63 -6.02 -2.82 7.27
CA ALA A 63 -4.95 -1.83 7.24
C ALA A 63 -5.39 -0.55 6.53
N ILE A 64 -6.14 -0.73 5.44
CA ILE A 64 -6.63 0.41 4.67
C ILE A 64 -7.56 1.29 5.51
N ASP A 65 -8.58 0.66 6.09
CA ASP A 65 -9.54 1.38 6.92
C ASP A 65 -8.83 2.14 8.04
N PHE A 66 -7.79 1.52 8.61
CA PHE A 66 -7.04 2.13 9.69
C PHE A 66 -6.26 3.34 9.20
N ALA A 67 -5.44 3.13 8.16
CA ALA A 67 -4.64 4.20 7.59
C ALA A 67 -5.50 5.41 7.23
N ALA A 68 -6.69 5.13 6.71
CA ALA A 68 -7.62 6.19 6.33
C ALA A 68 -7.99 7.05 7.53
N SER A 69 -8.07 6.42 8.70
CA SER A 69 -8.42 7.13 9.93
C SER A 69 -7.24 7.94 10.45
N LEU A 70 -6.08 7.30 10.54
CA LEU A 70 -4.88 7.94 11.03
C LEU A 70 -4.54 9.16 10.18
N ALA A 71 -4.79 9.07 8.88
CA ALA A 71 -4.52 10.16 7.95
C ALA A 71 -5.67 11.17 7.96
N ARG A 72 -6.77 10.80 8.58
CA ARG A 72 -7.93 11.68 8.64
C ARG A 72 -8.50 11.94 7.25
N LEU A 73 -8.80 10.86 6.54
CA LEU A 73 -9.35 10.98 5.19
C LEU A 73 -10.82 10.56 5.16
N LYS A 74 -11.50 10.89 4.07
CA LYS A 74 -12.91 10.54 3.91
C LYS A 74 -13.07 9.11 3.41
N ASN A 75 -13.81 8.30 4.16
CA ASN A 75 -14.04 6.92 3.79
C ASN A 75 -15.49 6.51 4.08
N ASP A 76 -16.05 5.68 3.21
CA ASP A 76 -17.42 5.21 3.37
C ASP A 76 -17.45 3.85 4.07
N ASN A 77 -16.52 3.64 4.99
CA ASN A 77 -16.44 2.39 5.72
C ASN A 77 -17.31 2.43 6.97
N ASN A 78 -17.80 1.26 7.38
CA ASN A 78 -18.65 1.16 8.56
C ASN A 78 -19.96 1.93 8.36
N LYS A 79 -20.52 1.81 7.16
CA LYS A 79 -21.77 2.49 6.84
C LYS A 79 -22.83 1.50 6.38
N PHE A 80 -24.02 2.00 6.05
CA PHE A 80 -25.11 1.15 5.60
C PHE A 80 -25.00 0.86 4.11
N THR A 81 -24.22 -0.17 3.77
CA THR A 81 -24.03 -0.55 2.38
C THR A 81 -23.31 0.55 1.60
N ALA A 82 -21.99 0.65 1.79
CA ALA A 82 -21.19 1.65 1.10
C ALA A 82 -19.83 1.10 0.73
N LYS A 83 -19.26 1.63 -0.35
CA LYS A 83 -17.95 1.19 -0.82
C LYS A 83 -16.93 1.23 0.31
N LYS A 84 -15.98 0.29 0.28
CA LYS A 84 -14.94 0.23 1.30
C LYS A 84 -13.56 0.31 0.67
N LEU A 85 -12.75 1.25 1.15
CA LEU A 85 -11.39 1.42 0.64
C LEU A 85 -10.55 0.19 0.87
N ARG A 86 -10.02 -0.38 -0.20
CA ARG A 86 -9.20 -1.58 -0.12
C ARG A 86 -8.04 -1.52 -1.12
N LEU A 87 -6.97 -2.25 -0.81
CA LEU A 87 -5.80 -2.28 -1.68
C LEU A 87 -6.06 -3.15 -2.91
N CYS A 88 -5.58 -2.69 -4.07
CA CYS A 88 -5.75 -3.43 -5.31
C CYS A 88 -4.47 -3.41 -6.14
N HIS A 89 -4.07 -4.58 -6.63
CA HIS A 89 -2.87 -4.69 -7.45
C HIS A 89 -2.95 -3.80 -8.68
N ILE A 90 -1.83 -3.18 -9.04
CA ILE A 90 -1.79 -2.30 -10.21
C ILE A 90 -1.80 -3.11 -11.50
N THR A 91 -2.65 -2.69 -12.45
CA THR A 91 -2.75 -3.38 -13.73
C THR A 91 -3.30 -4.79 -13.56
N SER A 92 -4.18 -4.97 -12.58
CA SER A 92 -4.77 -6.27 -12.32
C SER A 92 -6.24 -6.13 -11.93
N GLY A 93 -6.52 -5.28 -10.95
CA GLY A 93 -7.89 -5.08 -10.51
C GLY A 93 -8.29 -6.02 -9.38
N GLU A 94 -7.53 -7.09 -9.22
CA GLU A 94 -7.80 -8.09 -8.19
C GLU A 94 -7.49 -7.52 -6.80
N ALA A 95 -8.41 -7.73 -5.86
CA ALA A 95 -8.24 -7.25 -4.50
C ALA A 95 -7.95 -8.40 -3.55
N LEU A 96 -7.20 -8.10 -2.50
CA LEU A 96 -6.85 -9.12 -1.49
C LEU A 96 -7.89 -9.15 -0.39
N PRO A 97 -7.99 -10.32 0.27
CA PRO A 97 -8.94 -10.52 1.38
C PRO A 97 -8.55 -9.74 2.63
N LEU A 98 -9.55 -9.19 3.32
CA LEU A 98 -9.32 -8.42 4.53
C LEU A 98 -9.11 -9.34 5.72
N ASP A 99 -9.50 -10.60 5.58
CA ASP A 99 -9.36 -11.58 6.65
C ASP A 99 -8.02 -12.32 6.53
N HIS A 100 -7.05 -11.66 5.93
CA HIS A 100 -5.72 -12.26 5.76
C HIS A 100 -4.63 -11.30 6.22
N THR A 101 -3.73 -11.80 7.07
CA THR A 101 -2.64 -10.99 7.59
C THR A 101 -1.44 -11.00 6.64
N LEU A 102 -0.64 -9.94 6.70
CA LEU A 102 0.55 -9.84 5.86
C LEU A 102 1.57 -10.90 6.21
N GLU A 103 1.87 -11.02 7.51
CA GLU A 103 2.83 -12.01 7.98
C GLU A 103 2.48 -13.40 7.48
N THR A 104 1.18 -13.69 7.42
CA THR A 104 0.71 -14.98 6.96
C THR A 104 1.17 -15.27 5.54
N TRP A 105 0.97 -14.31 4.65
CA TRP A 105 1.38 -14.46 3.25
C TRP A 105 2.90 -14.39 3.11
N ILE A 106 3.50 -13.42 3.78
CA ILE A 106 4.95 -13.24 3.73
C ILE A 106 5.67 -14.49 4.24
N ALA A 107 5.08 -15.13 5.24
CA ALA A 107 5.66 -16.34 5.82
C ALA A 107 5.40 -17.55 4.93
N LYS A 108 4.33 -17.48 4.13
CA LYS A 108 3.97 -18.57 3.23
C LYS A 108 4.96 -18.68 2.09
N GLU A 109 4.93 -19.81 1.38
CA GLU A 109 5.81 -20.03 0.25
C GLU A 109 5.45 -19.13 -0.92
N ASP A 110 4.16 -18.90 -1.10
CA ASP A 110 3.68 -18.04 -2.18
C ASP A 110 4.40 -16.70 -2.17
N CYS A 111 4.23 -15.94 -1.09
CA CYS A 111 4.86 -14.63 -0.96
C CYS A 111 4.43 -13.71 -2.10
N PRO A 112 3.15 -13.31 -2.09
CA PRO A 112 2.58 -12.43 -3.11
C PRO A 112 3.13 -11.01 -3.00
N LEU A 113 3.10 -10.46 -1.79
CA LEU A 113 3.59 -9.11 -1.56
C LEU A 113 4.83 -9.12 -0.65
N TYR A 114 5.70 -8.15 -0.85
CA TYR A 114 6.92 -8.04 -0.06
C TYR A 114 7.40 -6.60 0.03
N ASN A 115 8.42 -6.37 0.85
CA ASN A 115 8.98 -5.03 1.01
C ASN A 115 9.36 -4.42 -0.34
N GLY A 116 9.18 -3.12 -0.46
CA GLY A 116 9.49 -2.44 -1.70
C GLY A 116 8.37 -2.53 -2.72
N GLY A 117 7.24 -3.05 -2.29
CA GLY A 117 6.10 -3.18 -3.19
C GLY A 117 5.26 -1.92 -3.26
N ASN A 118 4.47 -1.79 -4.32
CA ASN A 118 3.62 -0.62 -4.50
C ASN A 118 2.18 -1.04 -4.80
N ILE A 119 1.23 -0.43 -4.10
CA ILE A 119 -0.18 -0.73 -4.31
C ILE A 119 -1.04 0.49 -4.01
N ILE A 120 -2.07 0.68 -4.83
CA ILE A 120 -2.99 1.82 -4.66
C ILE A 120 -4.27 1.38 -3.96
N LEU A 121 -4.82 2.28 -3.14
CA LEU A 121 -6.04 1.99 -2.41
C LEU A 121 -7.25 2.61 -3.11
N GLU A 122 -8.22 1.77 -3.44
CA GLU A 122 -9.44 2.23 -4.12
C GLU A 122 -10.69 1.75 -3.39
N TYR A 123 -11.78 2.48 -3.54
CA TYR A 123 -13.03 2.13 -2.89
C TYR A 123 -13.70 0.96 -3.59
N LEU A 124 -13.66 -0.20 -2.94
CA LEU A 124 -14.26 -1.42 -3.50
C LEU A 124 -15.06 -2.16 -2.43
N ASN A 125 -16.34 -2.43 -2.73
CA ASN A 125 -17.20 -3.13 -1.81
C ASN A 125 -16.70 -4.56 -1.56
N ASP A 126 -17.12 -5.15 -0.45
CA ASP A 126 -16.71 -6.51 -0.11
C ASP A 126 -17.23 -7.51 -1.14
N GLU A 127 -18.43 -7.26 -1.65
CA GLU A 127 -19.03 -8.14 -2.65
C GLU A 127 -18.24 -8.11 -3.95
N GLU A 128 -17.59 -6.99 -4.22
CA GLU A 128 -16.81 -6.83 -5.43
C GLU A 128 -15.41 -7.45 -5.26
N GLN A 129 -15.01 -8.27 -6.23
CA GLN A 129 -13.71 -8.92 -6.19
C GLN A 129 -12.69 -8.17 -7.05
N PHE A 130 -13.14 -7.69 -8.20
CA PHE A 130 -12.27 -6.96 -9.11
C PHE A 130 -12.71 -5.50 -9.21
N CYS A 131 -11.74 -4.59 -9.06
CA CYS A 131 -12.00 -3.17 -9.13
C CYS A 131 -11.70 -2.63 -10.53
N LYS A 132 -12.07 -1.37 -10.76
CA LYS A 132 -11.84 -0.74 -12.06
C LYS A 132 -10.38 -0.87 -12.47
N ASN A 133 -10.10 -0.52 -13.73
CA ASN A 133 -8.74 -0.61 -14.25
C ASN A 133 -7.97 0.69 -14.00
N VAL A 134 -7.18 0.70 -12.94
CA VAL A 134 -6.39 1.87 -12.58
C VAL A 134 -5.56 2.35 -13.77
N GLU A 135 -5.08 1.41 -14.57
CA GLU A 135 -4.27 1.73 -15.75
C GLU A 135 -5.02 2.69 -16.67
N SER A 136 -6.32 2.50 -16.78
CA SER A 136 -7.15 3.34 -17.63
C SER A 136 -7.17 4.79 -17.12
N TYR A 137 -7.30 4.94 -15.81
CA TYR A 137 -7.34 6.26 -15.19
C TYR A 137 -6.07 7.05 -15.53
N LEU A 138 -4.94 6.35 -15.57
CA LEU A 138 -3.66 6.99 -15.87
C LEU A 138 -3.31 6.84 -17.35
N GLU A 139 -4.33 6.58 -18.16
CA GLU A 139 -4.14 6.40 -19.60
C GLU A 139 -5.18 7.19 -20.39
N GLY A 1 10.75 4.05 -20.41
CA GLY A 1 12.01 4.04 -19.71
C GLY A 1 13.03 3.10 -20.35
N GLY A 2 14.21 3.00 -19.76
CA GLY A 2 15.24 2.14 -20.29
C GLY A 2 16.61 2.80 -20.26
N SER A 3 17.52 2.24 -19.47
CA SER A 3 18.86 2.77 -19.34
C SER A 3 19.88 1.65 -19.15
N GLY A 4 21.15 1.94 -19.44
CA GLY A 4 22.19 0.95 -19.29
C GLY A 4 22.38 0.52 -17.85
N ALA A 5 22.42 1.49 -16.94
CA ALA A 5 22.60 1.21 -15.52
C ALA A 5 22.50 2.48 -14.69
N LYS A 6 21.32 2.72 -14.13
CA LYS A 6 21.09 3.90 -13.31
C LYS A 6 22.05 3.93 -12.12
N ASN A 7 21.95 2.91 -11.28
CA ASN A 7 22.82 2.82 -10.10
C ASN A 7 23.02 1.37 -9.68
N SER A 8 23.86 1.16 -8.67
CA SER A 8 24.14 -0.19 -8.18
C SER A 8 23.12 -0.61 -7.12
N GLU A 9 23.25 -1.83 -6.64
CA GLU A 9 22.34 -2.35 -5.62
C GLU A 9 22.32 -1.44 -4.39
N THR A 10 23.47 -0.86 -4.08
CA THR A 10 23.59 0.03 -2.93
C THR A 10 22.53 1.13 -2.97
N ALA A 11 22.21 1.59 -4.17
CA ALA A 11 21.22 2.64 -4.34
C ALA A 11 19.86 2.21 -3.78
N ALA A 12 19.57 0.92 -3.90
CA ALA A 12 18.30 0.38 -3.40
C ALA A 12 18.28 0.34 -1.88
N LYS A 13 19.40 -0.06 -1.29
CA LYS A 13 19.51 -0.15 0.16
C LYS A 13 19.43 1.24 0.79
N VAL A 14 20.24 2.18 0.29
CA VAL A 14 20.25 3.54 0.81
C VAL A 14 18.89 4.20 0.61
N ALA A 15 18.32 4.02 -0.57
CA ALA A 15 17.02 4.60 -0.90
C ALA A 15 15.92 4.02 -0.01
N LEU A 16 16.01 2.73 0.26
CA LEU A 16 15.03 2.05 1.10
C LEU A 16 15.07 2.59 2.53
N MET A 17 16.26 2.59 3.12
CA MET A 17 16.43 3.09 4.48
C MET A 17 16.07 4.57 4.57
N LYS A 18 16.38 5.31 3.52
CA LYS A 18 16.09 6.74 3.48
C LYS A 18 14.60 7.00 3.34
N LEU A 19 13.92 6.13 2.58
CA LEU A 19 12.49 6.25 2.37
C LEU A 19 11.71 5.96 3.65
N LYS A 20 12.00 4.80 4.26
CA LYS A 20 11.33 4.41 5.49
C LYS A 20 11.47 5.48 6.56
N MET A 21 12.62 6.15 6.56
CA MET A 21 12.88 7.22 7.54
C MET A 21 11.87 8.35 7.39
N HIS A 22 11.44 8.58 6.15
CA HIS A 22 10.46 9.64 5.87
C HIS A 22 9.04 9.13 6.03
N ALA A 23 8.85 7.84 5.76
CA ALA A 23 7.53 7.23 5.88
C ALA A 23 6.86 7.61 7.20
N ASP A 24 5.54 7.48 7.24
CA ASP A 24 4.78 7.81 8.45
C ASP A 24 4.95 6.73 9.51
N GLY A 25 6.15 6.66 10.09
CA GLY A 25 6.42 5.67 11.12
C GLY A 25 7.59 6.05 11.99
N ASP A 26 8.02 5.13 12.84
CA ASP A 26 9.14 5.37 13.75
C ASP A 26 10.41 4.68 13.23
N LYS A 27 11.40 5.48 12.86
CA LYS A 27 12.66 4.95 12.37
C LYS A 27 13.50 4.37 13.49
N SER A 28 13.20 4.79 14.73
CA SER A 28 13.93 4.33 15.90
C SER A 28 13.76 2.82 16.07
N LEU A 29 12.61 2.31 15.66
CA LEU A 29 12.32 0.88 15.78
C LEU A 29 12.50 0.18 14.44
N PRO A 30 12.80 -1.13 14.49
CA PRO A 30 13.01 -1.93 13.28
C PRO A 30 11.71 -2.16 12.51
N GLN A 31 11.82 -2.79 11.34
CA GLN A 31 10.65 -3.08 10.52
C GLN A 31 10.33 -4.56 10.51
N THR A 32 10.53 -5.21 11.66
CA THR A 32 10.26 -6.64 11.78
C THR A 32 8.77 -6.92 11.80
N GLU A 33 8.00 -6.00 12.38
CA GLU A 33 6.56 -6.16 12.46
C GLU A 33 5.85 -5.09 11.62
N ARG A 34 6.56 -4.00 11.36
CA ARG A 34 6.00 -2.90 10.57
C ARG A 34 6.77 -2.71 9.26
N ILE A 35 6.10 -2.18 8.25
CA ILE A 35 6.72 -1.94 6.96
C ILE A 35 6.10 -0.76 6.25
N TYR A 36 6.90 -0.03 5.48
CA TYR A 36 6.42 1.13 4.74
C TYR A 36 5.92 0.73 3.36
N PHE A 37 5.00 1.53 2.81
CA PHE A 37 4.44 1.26 1.50
C PHE A 37 4.09 2.56 0.78
N GLN A 38 4.35 2.60 -0.52
CA GLN A 38 4.07 3.77 -1.33
C GLN A 38 2.60 3.84 -1.70
N VAL A 39 1.88 4.80 -1.11
CA VAL A 39 0.46 4.97 -1.38
C VAL A 39 0.23 5.99 -2.50
N PHE A 40 -0.52 5.59 -3.52
CA PHE A 40 -0.81 6.46 -4.64
C PHE A 40 -2.04 7.33 -4.35
N LEU A 41 -1.86 8.64 -4.42
CA LEU A 41 -2.95 9.57 -4.16
C LEU A 41 -3.85 9.69 -5.38
N PRO A 42 -5.13 10.05 -5.14
CA PRO A 42 -6.12 10.22 -6.21
C PRO A 42 -5.84 11.44 -7.08
N LYS A 43 -5.27 11.19 -8.26
CA LYS A 43 -4.95 12.27 -9.19
C LYS A 43 -4.41 13.49 -8.44
N GLY A 44 -3.55 13.24 -7.45
CA GLY A 44 -2.98 14.33 -6.68
C GLY A 44 -1.94 15.11 -7.46
N SER A 45 -2.24 16.38 -7.74
CA SER A 45 -1.33 17.23 -8.49
C SER A 45 -0.05 17.48 -7.71
N LYS A 46 -0.17 18.20 -6.60
CA LYS A 46 0.96 18.52 -5.75
C LYS A 46 1.74 17.25 -5.39
N GLU A 47 1.01 16.22 -4.98
CA GLU A 47 1.62 14.95 -4.61
C GLU A 47 0.96 13.78 -5.34
N LYS A 48 1.78 12.90 -5.90
CA LYS A 48 1.27 11.74 -6.62
C LYS A 48 1.15 10.53 -5.70
N SER A 49 2.09 10.41 -4.77
CA SER A 49 2.09 9.29 -3.83
C SER A 49 3.02 9.58 -2.65
N LYS A 50 2.70 8.99 -1.50
CA LYS A 50 3.50 9.19 -0.30
C LYS A 50 3.65 7.88 0.47
N PRO A 51 4.75 7.77 1.24
CA PRO A 51 5.03 6.57 2.04
C PRO A 51 4.07 6.41 3.21
N MET A 52 3.81 5.16 3.57
CA MET A 52 2.90 4.87 4.68
C MET A 52 3.38 3.65 5.48
N PHE A 53 3.57 3.84 6.77
CA PHE A 53 4.03 2.76 7.64
C PHE A 53 2.85 2.00 8.23
N PHE A 54 2.87 0.68 8.10
CA PHE A 54 1.80 -0.16 8.62
C PHE A 54 2.36 -1.25 9.54
N CYS A 55 1.48 -1.85 10.34
CA CYS A 55 1.90 -2.90 11.27
C CYS A 55 1.16 -4.20 10.96
N HIS A 56 1.87 -5.32 11.07
CA HIS A 56 1.28 -6.63 10.82
C HIS A 56 0.41 -7.07 11.98
N ARG A 57 0.40 -6.28 13.05
CA ARG A 57 -0.40 -6.59 14.23
C ARG A 57 -1.84 -6.90 13.85
N TRP A 58 -2.29 -6.31 12.74
CA TRP A 58 -3.66 -6.53 12.27
C TRP A 58 -3.66 -6.95 10.80
N SER A 59 -4.85 -7.06 10.22
CA SER A 59 -4.99 -7.46 8.82
C SER A 59 -4.88 -6.25 7.90
N ILE A 60 -4.68 -6.51 6.62
CA ILE A 60 -4.55 -5.44 5.63
C ILE A 60 -5.87 -4.67 5.50
N GLY A 61 -6.96 -5.41 5.39
CA GLY A 61 -8.27 -4.78 5.26
C GLY A 61 -8.53 -3.76 6.34
N LYS A 62 -8.36 -4.17 7.60
CA LYS A 62 -8.59 -3.27 8.73
C LYS A 62 -7.56 -2.15 8.73
N ALA A 63 -6.32 -2.48 8.44
CA ALA A 63 -5.25 -1.49 8.41
C ALA A 63 -5.61 -0.30 7.53
N ILE A 64 -6.26 -0.59 6.40
CA ILE A 64 -6.68 0.44 5.47
C ILE A 64 -7.71 1.38 6.10
N ASP A 65 -8.76 0.79 6.64
CA ASP A 65 -9.82 1.57 7.29
C ASP A 65 -9.24 2.51 8.35
N PHE A 66 -8.30 1.98 9.13
CA PHE A 66 -7.66 2.76 10.19
C PHE A 66 -6.84 3.92 9.60
N ALA A 67 -5.96 3.59 8.67
CA ALA A 67 -5.11 4.59 8.03
C ALA A 67 -5.95 5.73 7.47
N ALA A 68 -7.11 5.40 6.91
CA ALA A 68 -8.01 6.39 6.34
C ALA A 68 -8.48 7.38 7.41
N SER A 69 -8.64 6.88 8.63
CA SER A 69 -9.09 7.70 9.74
C SER A 69 -7.96 8.60 10.25
N LEU A 70 -6.81 8.00 10.51
CA LEU A 70 -5.65 8.74 11.00
C LEU A 70 -5.28 9.85 10.03
N ALA A 71 -5.35 9.57 8.74
CA ALA A 71 -5.02 10.55 7.72
C ALA A 71 -6.15 11.57 7.55
N ARG A 72 -7.30 11.29 8.16
CA ARG A 72 -8.45 12.17 8.08
C ARG A 72 -8.97 12.25 6.65
N LEU A 73 -9.18 11.08 6.04
CA LEU A 73 -9.68 11.02 4.66
C LEU A 73 -11.05 10.36 4.62
N LYS A 74 -11.77 10.57 3.52
CA LYS A 74 -13.10 10.00 3.34
C LYS A 74 -13.08 8.50 3.61
N ASN A 75 -14.22 7.96 4.04
CA ASN A 75 -14.33 6.54 4.32
C ASN A 75 -15.75 6.19 4.78
N ASP A 76 -16.29 5.10 4.24
CA ASP A 76 -17.63 4.65 4.60
C ASP A 76 -17.61 3.22 5.11
N ASN A 77 -16.54 2.86 5.82
CA ASN A 77 -16.40 1.52 6.36
C ASN A 77 -17.39 1.27 7.49
N ASN A 78 -17.47 0.03 7.95
CA ASN A 78 -18.39 -0.33 9.03
C ASN A 78 -19.84 -0.12 8.61
N LYS A 79 -20.20 -0.67 7.45
CA LYS A 79 -21.56 -0.53 6.93
C LYS A 79 -21.92 -1.73 6.05
N PHE A 80 -23.10 -1.67 5.44
CA PHE A 80 -23.57 -2.75 4.58
C PHE A 80 -23.45 -2.35 3.11
N THR A 81 -24.18 -1.30 2.73
CA THR A 81 -24.16 -0.83 1.36
C THR A 81 -23.40 0.49 1.24
N ALA A 82 -22.10 0.41 1.01
CA ALA A 82 -21.26 1.59 0.87
C ALA A 82 -19.85 1.22 0.44
N LYS A 83 -19.17 2.15 -0.23
CA LYS A 83 -17.81 1.93 -0.70
C LYS A 83 -16.80 2.22 0.41
N LYS A 84 -15.96 1.23 0.72
CA LYS A 84 -14.95 1.38 1.75
C LYS A 84 -13.55 1.38 1.15
N LEU A 85 -12.68 2.23 1.68
CA LEU A 85 -11.31 2.32 1.19
C LEU A 85 -10.59 0.98 1.34
N ARG A 86 -10.11 0.46 0.21
CA ARG A 86 -9.39 -0.80 0.21
C ARG A 86 -8.23 -0.77 -0.78
N LEU A 87 -7.22 -1.59 -0.51
CA LEU A 87 -6.03 -1.65 -1.38
C LEU A 87 -6.28 -2.58 -2.56
N CYS A 88 -5.67 -2.25 -3.69
CA CYS A 88 -5.82 -3.05 -4.91
C CYS A 88 -4.48 -3.22 -5.61
N HIS A 89 -4.22 -4.43 -6.10
CA HIS A 89 -2.97 -4.71 -6.81
C HIS A 89 -2.95 -4.02 -8.17
N ILE A 90 -1.83 -3.37 -8.47
CA ILE A 90 -1.68 -2.67 -9.74
C ILE A 90 -1.45 -3.65 -10.89
N THR A 91 -2.12 -3.39 -12.01
CA THR A 91 -2.00 -4.25 -13.18
C THR A 91 -2.57 -5.64 -12.91
N SER A 92 -3.62 -5.70 -12.10
CA SER A 92 -4.25 -6.96 -11.76
C SER A 92 -5.74 -6.77 -11.44
N GLY A 93 -6.02 -5.85 -10.52
CA GLY A 93 -7.40 -5.59 -10.15
C GLY A 93 -7.88 -6.46 -9.00
N GLU A 94 -7.15 -7.55 -8.76
CA GLU A 94 -7.50 -8.48 -7.69
C GLU A 94 -7.19 -7.88 -6.33
N ALA A 95 -8.17 -7.91 -5.43
CA ALA A 95 -7.99 -7.36 -4.08
C ALA A 95 -8.06 -8.47 -3.03
N LEU A 96 -7.20 -8.37 -2.02
CA LEU A 96 -7.17 -9.36 -0.96
C LEU A 96 -8.24 -9.07 0.09
N PRO A 97 -8.68 -10.13 0.79
CA PRO A 97 -9.71 -10.01 1.83
C PRO A 97 -9.19 -9.28 3.07
N LEU A 98 -10.12 -8.86 3.92
CA LEU A 98 -9.76 -8.14 5.14
C LEU A 98 -9.34 -9.12 6.24
N ASP A 99 -9.55 -10.41 5.98
CA ASP A 99 -9.19 -11.45 6.95
C ASP A 99 -7.80 -11.99 6.66
N HIS A 100 -6.96 -11.17 6.04
CA HIS A 100 -5.60 -11.57 5.71
C HIS A 100 -4.58 -10.69 6.43
N THR A 101 -3.61 -11.31 7.08
CA THR A 101 -2.59 -10.58 7.81
C THR A 101 -1.50 -10.07 6.87
N LEU A 102 -0.84 -8.98 7.25
CA LEU A 102 0.22 -8.39 6.44
C LEU A 102 1.44 -9.31 6.41
N GLU A 103 1.81 -9.84 7.57
CA GLU A 103 2.96 -10.73 7.67
C GLU A 103 2.67 -12.07 7.02
N THR A 104 1.42 -12.51 7.13
CA THR A 104 1.00 -13.79 6.55
C THR A 104 1.35 -13.86 5.07
N TRP A 105 1.23 -12.73 4.38
CA TRP A 105 1.52 -12.67 2.95
C TRP A 105 3.03 -12.75 2.71
N ILE A 106 3.80 -12.15 3.60
CA ILE A 106 5.25 -12.16 3.48
C ILE A 106 5.83 -13.52 3.84
N ALA A 107 5.24 -14.17 4.84
CA ALA A 107 5.68 -15.48 5.27
C ALA A 107 5.23 -16.57 4.30
N LYS A 108 4.15 -16.28 3.57
CA LYS A 108 3.60 -17.23 2.61
C LYS A 108 4.68 -17.73 1.66
N GLU A 109 4.55 -18.98 1.22
CA GLU A 109 5.52 -19.56 0.30
C GLU A 109 5.71 -18.69 -0.93
N ASP A 110 4.60 -18.22 -1.49
CA ASP A 110 4.64 -17.36 -2.68
C ASP A 110 5.08 -15.95 -2.31
N CYS A 111 6.02 -15.41 -3.06
CA CYS A 111 6.52 -14.07 -2.81
C CYS A 111 6.26 -13.16 -4.01
N PRO A 112 4.98 -12.86 -4.25
CA PRO A 112 4.57 -12.00 -5.37
C PRO A 112 4.97 -10.54 -5.17
N LEU A 113 4.78 -10.05 -3.95
CA LEU A 113 5.13 -8.67 -3.63
C LEU A 113 6.13 -8.62 -2.47
N TYR A 114 7.07 -7.69 -2.56
CA TYR A 114 8.09 -7.53 -1.53
C TYR A 114 8.18 -6.08 -1.06
N ASN A 115 8.98 -5.85 -0.03
CA ASN A 115 9.16 -4.50 0.51
C ASN A 115 9.51 -3.51 -0.59
N GLY A 116 9.02 -2.28 -0.46
CA GLY A 116 9.29 -1.26 -1.45
C GLY A 116 8.15 -1.09 -2.43
N GLY A 117 7.34 -2.13 -2.60
CA GLY A 117 6.22 -2.07 -3.51
C GLY A 117 5.30 -0.88 -3.22
N ASN A 118 4.30 -0.69 -4.07
CA ASN A 118 3.35 0.41 -3.91
C ASN A 118 1.93 -0.06 -4.18
N ILE A 119 0.98 0.53 -3.46
CA ILE A 119 -0.42 0.18 -3.63
C ILE A 119 -1.32 1.41 -3.44
N ILE A 120 -2.34 1.52 -4.28
CA ILE A 120 -3.28 2.63 -4.21
C ILE A 120 -4.51 2.27 -3.39
N LEU A 121 -5.05 3.25 -2.68
CA LEU A 121 -6.23 3.03 -1.85
C LEU A 121 -7.48 3.58 -2.53
N GLU A 122 -8.39 2.69 -2.90
CA GLU A 122 -9.63 3.08 -3.56
C GLU A 122 -10.84 2.51 -2.83
N TYR A 123 -11.94 3.25 -2.84
CA TYR A 123 -13.17 2.82 -2.18
C TYR A 123 -13.91 1.80 -3.03
N LEU A 124 -13.95 0.56 -2.55
CA LEU A 124 -14.63 -0.52 -3.27
C LEU A 124 -15.61 -1.23 -2.37
N ASN A 125 -16.76 -1.62 -2.93
CA ASN A 125 -17.79 -2.32 -2.18
C ASN A 125 -17.28 -3.67 -1.70
N ASP A 126 -17.97 -4.24 -0.71
CA ASP A 126 -17.59 -5.53 -0.16
C ASP A 126 -17.89 -6.65 -1.15
N GLU A 127 -18.99 -6.51 -1.89
CA GLU A 127 -19.40 -7.50 -2.87
C GLU A 127 -18.38 -7.58 -4.02
N GLU A 128 -17.72 -6.46 -4.28
CA GLU A 128 -16.73 -6.40 -5.36
C GLU A 128 -15.34 -6.75 -4.83
N GLN A 129 -14.69 -7.70 -5.48
CA GLN A 129 -13.36 -8.13 -5.08
C GLN A 129 -12.32 -7.74 -6.12
N PHE A 130 -12.71 -7.79 -7.39
CA PHE A 130 -11.81 -7.44 -8.48
C PHE A 130 -12.24 -6.13 -9.13
N CYS A 131 -11.31 -5.18 -9.20
CA CYS A 131 -11.60 -3.87 -9.79
C CYS A 131 -11.23 -3.86 -11.27
N LYS A 132 -11.68 -2.84 -11.99
CA LYS A 132 -11.40 -2.71 -13.41
C LYS A 132 -9.90 -2.71 -13.67
N ASN A 133 -9.53 -2.61 -14.94
CA ASN A 133 -8.12 -2.59 -15.33
C ASN A 133 -7.45 -1.29 -14.88
N VAL A 134 -6.98 -1.26 -13.64
CA VAL A 134 -6.31 -0.08 -13.11
C VAL A 134 -5.15 0.35 -13.99
N GLU A 135 -4.50 -0.62 -14.61
CA GLU A 135 -3.37 -0.34 -15.48
C GLU A 135 -3.74 0.67 -16.56
N SER A 136 -4.98 0.59 -17.02
CA SER A 136 -5.47 1.49 -18.06
C SER A 136 -5.35 2.95 -17.62
N TYR A 137 -5.58 3.19 -16.33
CA TYR A 137 -5.49 4.53 -15.78
C TYR A 137 -4.10 5.13 -16.00
N LEU A 138 -3.09 4.28 -15.92
CA LEU A 138 -1.71 4.71 -16.11
C LEU A 138 -1.31 4.62 -17.58
N GLU A 139 -1.99 3.75 -18.33
CA GLU A 139 -1.71 3.58 -19.74
C GLU A 139 -2.95 3.86 -20.58
N GLY A 1 23.53 7.70 6.55
CA GLY A 1 23.92 6.87 5.42
C GLY A 1 24.55 7.67 4.31
N GLY A 2 24.87 7.01 3.21
CA GLY A 2 25.47 7.68 2.07
C GLY A 2 26.92 7.28 1.86
N SER A 3 27.12 6.25 1.05
CA SER A 3 28.47 5.76 0.76
C SER A 3 28.49 4.93 -0.52
N GLY A 4 29.65 4.35 -0.82
CA GLY A 4 29.78 3.53 -2.01
C GLY A 4 30.68 4.17 -3.06
N ALA A 5 30.33 4.00 -4.33
CA ALA A 5 31.11 4.56 -5.42
C ALA A 5 30.45 4.29 -6.76
N LYS A 6 30.42 3.01 -7.15
CA LYS A 6 29.81 2.62 -8.42
C LYS A 6 29.24 1.21 -8.33
N ASN A 7 27.91 1.11 -8.48
CA ASN A 7 27.23 -0.18 -8.42
C ASN A 7 25.76 -0.03 -8.75
N SER A 8 25.09 -1.15 -9.01
CA SER A 8 23.68 -1.15 -9.35
C SER A 8 22.82 -1.50 -8.13
N GLU A 9 23.30 -2.47 -7.35
CA GLU A 9 22.58 -2.91 -6.16
C GLU A 9 22.44 -1.77 -5.17
N THR A 10 23.54 -1.06 -4.91
CA THR A 10 23.54 0.05 -3.97
C THR A 10 22.45 1.05 -4.32
N ALA A 11 22.20 1.23 -5.61
CA ALA A 11 21.17 2.17 -6.07
C ALA A 11 19.81 1.80 -5.51
N ALA A 12 19.56 0.51 -5.35
CA ALA A 12 18.29 0.03 -4.83
C ALA A 12 18.19 0.28 -3.32
N LYS A 13 19.25 -0.10 -2.61
CA LYS A 13 19.28 0.08 -1.16
C LYS A 13 19.11 1.55 -0.78
N VAL A 14 19.93 2.40 -1.40
CA VAL A 14 19.86 3.84 -1.13
C VAL A 14 18.48 4.39 -1.44
N ALA A 15 17.91 3.98 -2.57
CA ALA A 15 16.59 4.43 -2.98
C ALA A 15 15.52 3.97 -1.99
N LEU A 16 15.70 2.77 -1.45
CA LEU A 16 14.76 2.21 -0.49
C LEU A 16 14.77 3.01 0.81
N MET A 17 15.95 3.20 1.37
CA MET A 17 16.09 3.95 2.61
C MET A 17 15.64 5.40 2.43
N LYS A 18 15.93 5.97 1.27
CA LYS A 18 15.56 7.34 0.97
C LYS A 18 14.05 7.46 0.78
N LEU A 19 13.44 6.43 0.21
CA LEU A 19 12.00 6.42 -0.02
C LEU A 19 11.24 6.34 1.28
N LYS A 20 11.57 5.34 2.10
CA LYS A 20 10.91 5.14 3.39
C LYS A 20 11.00 6.42 4.23
N MET A 21 12.10 7.14 4.09
CA MET A 21 12.31 8.37 4.85
C MET A 21 11.26 9.42 4.46
N HIS A 22 10.84 9.39 3.20
CA HIS A 22 9.85 10.33 2.70
C HIS A 22 8.43 9.84 2.98
N ALA A 23 8.25 8.52 2.95
CA ALA A 23 6.96 7.92 3.21
C ALA A 23 6.33 8.48 4.48
N ASP A 24 5.01 8.65 4.47
CA ASP A 24 4.30 9.18 5.63
C ASP A 24 4.53 8.30 6.85
N GLY A 25 5.45 8.71 7.72
CA GLY A 25 5.75 7.95 8.91
C GLY A 25 6.92 8.51 9.68
N ASP A 26 7.37 7.78 10.70
CA ASP A 26 8.50 8.22 11.51
C ASP A 26 9.75 7.40 11.17
N LYS A 27 10.61 7.99 10.35
CA LYS A 27 11.85 7.33 9.94
C LYS A 27 12.63 6.86 11.16
N SER A 28 12.50 7.57 12.27
CA SER A 28 13.20 7.23 13.49
C SER A 28 12.77 5.86 14.00
N LEU A 29 11.52 5.50 13.72
CA LEU A 29 10.99 4.21 14.14
C LEU A 29 11.56 3.07 13.29
N PRO A 30 11.59 1.86 13.87
CA PRO A 30 12.10 0.67 13.17
C PRO A 30 11.19 0.22 12.03
N GLN A 31 11.79 -0.36 10.99
CA GLN A 31 11.03 -0.83 9.84
C GLN A 31 11.08 -2.35 9.74
N THR A 32 11.07 -3.02 10.88
CA THR A 32 11.13 -4.48 10.92
C THR A 32 9.76 -5.09 10.66
N GLU A 33 8.71 -4.40 11.11
CA GLU A 33 7.35 -4.87 10.92
C GLU A 33 6.57 -3.95 9.99
N ARG A 34 7.05 -2.71 9.87
CA ARG A 34 6.41 -1.73 9.00
C ARG A 34 7.10 -1.65 7.65
N ILE A 35 6.35 -1.24 6.62
CA ILE A 35 6.89 -1.12 5.28
C ILE A 35 6.18 -0.02 4.49
N TYR A 36 6.92 0.62 3.59
CA TYR A 36 6.36 1.70 2.78
C TYR A 36 5.77 1.14 1.49
N PHE A 37 4.75 1.83 0.98
CA PHE A 37 4.09 1.41 -0.26
C PHE A 37 3.61 2.62 -1.04
N GLN A 38 3.85 2.59 -2.36
CA GLN A 38 3.44 3.69 -3.23
C GLN A 38 1.94 3.62 -3.51
N VAL A 39 1.20 4.63 -3.08
CA VAL A 39 -0.23 4.68 -3.29
C VAL A 39 -0.58 5.57 -4.48
N PHE A 40 -1.00 4.94 -5.57
CA PHE A 40 -1.37 5.68 -6.78
C PHE A 40 -2.61 6.53 -6.55
N LEU A 41 -2.51 7.81 -6.85
CA LEU A 41 -3.63 8.74 -6.66
C LEU A 41 -4.60 8.64 -7.84
N PRO A 42 -5.87 8.99 -7.58
CA PRO A 42 -6.93 8.95 -8.61
C PRO A 42 -6.75 10.03 -9.66
N LYS A 43 -6.52 11.26 -9.22
CA LYS A 43 -6.31 12.38 -10.12
C LYS A 43 -5.06 12.19 -10.95
N GLY A 44 -3.90 12.40 -10.32
CA GLY A 44 -2.64 12.25 -11.02
C GLY A 44 -2.20 13.53 -11.70
N SER A 45 -2.37 14.65 -11.01
CA SER A 45 -1.99 15.95 -11.55
C SER A 45 -0.66 16.42 -10.95
N LYS A 46 -0.72 16.86 -9.69
CA LYS A 46 0.47 17.34 -9.00
C LYS A 46 1.48 16.21 -8.81
N GLU A 47 0.98 15.01 -8.51
CA GLU A 47 1.82 13.85 -8.30
C GLU A 47 1.18 12.59 -8.87
N LYS A 48 2.00 11.57 -9.11
CA LYS A 48 1.51 10.31 -9.66
C LYS A 48 1.09 9.36 -8.54
N SER A 49 1.81 9.41 -7.43
CA SER A 49 1.52 8.55 -6.29
C SER A 49 2.25 9.03 -5.04
N LYS A 50 1.70 8.71 -3.87
CA LYS A 50 2.30 9.10 -2.60
C LYS A 50 2.60 7.88 -1.74
N PRO A 51 3.79 7.87 -1.13
CA PRO A 51 4.23 6.77 -0.27
C PRO A 51 3.45 6.72 1.05
N MET A 52 3.20 5.51 1.53
CA MET A 52 2.46 5.32 2.78
C MET A 52 3.05 4.17 3.58
N PHE A 53 3.05 4.32 4.91
CA PHE A 53 3.57 3.29 5.79
C PHE A 53 2.48 2.32 6.21
N PHE A 54 2.80 1.02 6.14
CA PHE A 54 1.83 -0.01 6.51
C PHE A 54 2.44 -0.98 7.52
N CYS A 55 1.59 -1.75 8.19
CA CYS A 55 2.04 -2.71 9.19
C CYS A 55 1.77 -4.14 8.73
N HIS A 56 2.76 -5.01 8.89
CA HIS A 56 2.63 -6.41 8.50
C HIS A 56 1.94 -7.22 9.57
N ARG A 57 2.05 -6.76 10.82
CA ARG A 57 1.44 -7.45 11.95
C ARG A 57 -0.01 -6.99 12.14
N TRP A 58 -0.78 -7.01 11.06
CA TRP A 58 -2.18 -6.60 11.11
C TRP A 58 -2.93 -7.08 9.87
N SER A 59 -4.22 -7.33 10.02
CA SER A 59 -5.05 -7.80 8.92
C SER A 59 -4.90 -6.89 7.71
N ILE A 60 -4.98 -7.47 6.52
CA ILE A 60 -4.85 -6.71 5.28
C ILE A 60 -5.97 -5.69 5.15
N GLY A 61 -7.20 -6.11 5.44
CA GLY A 61 -8.34 -5.22 5.36
C GLY A 61 -8.37 -4.20 6.47
N LYS A 62 -8.08 -4.65 7.69
CA LYS A 62 -8.08 -3.78 8.85
C LYS A 62 -7.02 -2.69 8.71
N ALA A 63 -5.89 -3.05 8.09
CA ALA A 63 -4.81 -2.11 7.89
C ALA A 63 -5.30 -0.83 7.23
N ILE A 64 -6.17 -0.98 6.24
CA ILE A 64 -6.73 0.18 5.54
C ILE A 64 -7.53 1.06 6.47
N ASP A 65 -8.44 0.45 7.22
CA ASP A 65 -9.28 1.18 8.16
C ASP A 65 -8.43 1.98 9.15
N PHE A 66 -7.35 1.37 9.60
CA PHE A 66 -6.45 2.02 10.55
C PHE A 66 -5.77 3.23 9.92
N ALA A 67 -5.10 3.01 8.80
CA ALA A 67 -4.41 4.08 8.09
C ALA A 67 -5.35 5.25 7.83
N ALA A 68 -6.59 4.95 7.49
CA ALA A 68 -7.59 5.98 7.21
C ALA A 68 -7.82 6.86 8.44
N SER A 69 -7.70 6.25 9.62
CA SER A 69 -7.91 6.98 10.88
C SER A 69 -6.69 7.83 11.21
N LEU A 70 -5.52 7.21 11.16
CA LEU A 70 -4.27 7.91 11.47
C LEU A 70 -4.09 9.12 10.56
N ALA A 71 -4.49 8.98 9.29
CA ALA A 71 -4.37 10.05 8.32
C ALA A 71 -5.54 11.04 8.46
N ARG A 72 -6.54 10.66 9.25
CA ARG A 72 -7.70 11.51 9.46
C ARG A 72 -8.40 11.83 8.13
N LEU A 73 -8.69 10.78 7.37
CA LEU A 73 -9.35 10.95 6.08
C LEU A 73 -10.82 10.57 6.17
N LYS A 74 -11.59 10.93 5.16
CA LYS A 74 -13.03 10.63 5.12
C LYS A 74 -13.26 9.19 4.66
N ASN A 75 -14.04 8.44 5.45
CA ASN A 75 -14.35 7.06 5.13
C ASN A 75 -15.36 6.49 6.10
N ASP A 76 -16.39 5.85 5.57
CA ASP A 76 -17.44 5.25 6.39
C ASP A 76 -17.00 3.90 6.94
N ASN A 77 -16.98 2.89 6.08
CA ASN A 77 -16.58 1.54 6.47
C ASN A 77 -17.44 1.03 7.61
N ASN A 78 -18.76 0.99 7.39
CA ASN A 78 -19.70 0.52 8.41
C ASN A 78 -20.76 -0.37 7.78
N LYS A 79 -21.36 0.09 6.68
CA LYS A 79 -22.39 -0.66 5.99
C LYS A 79 -21.89 -1.18 4.65
N PHE A 80 -22.71 -1.97 3.98
CA PHE A 80 -22.35 -2.54 2.68
C PHE A 80 -22.74 -1.60 1.55
N THR A 81 -23.90 -0.96 1.69
CA THR A 81 -24.38 -0.04 0.67
C THR A 81 -23.33 0.99 0.30
N ALA A 82 -22.54 1.41 1.30
CA ALA A 82 -21.50 2.40 1.08
C ALA A 82 -20.13 1.72 0.93
N LYS A 83 -19.48 1.94 -0.21
CA LYS A 83 -18.18 1.35 -0.47
C LYS A 83 -17.21 1.65 0.67
N LYS A 84 -16.40 0.64 1.03
CA LYS A 84 -15.44 0.80 2.12
C LYS A 84 -14.01 0.81 1.56
N LEU A 85 -13.21 1.75 2.03
CA LEU A 85 -11.82 1.87 1.60
C LEU A 85 -11.08 0.55 1.76
N ARG A 86 -10.65 -0.03 0.64
CA ARG A 86 -9.93 -1.29 0.66
C ARG A 86 -8.82 -1.30 -0.38
N LEU A 87 -7.79 -2.10 -0.14
CA LEU A 87 -6.66 -2.20 -1.05
C LEU A 87 -7.04 -2.99 -2.30
N CYS A 88 -6.32 -2.75 -3.39
CA CYS A 88 -6.57 -3.44 -4.65
C CYS A 88 -5.32 -3.49 -5.50
N HIS A 89 -4.96 -4.70 -5.94
CA HIS A 89 -3.77 -4.89 -6.77
C HIS A 89 -3.86 -4.05 -8.04
N ILE A 90 -2.71 -3.58 -8.52
CA ILE A 90 -2.66 -2.76 -9.72
C ILE A 90 -2.86 -3.61 -10.97
N THR A 91 -3.70 -3.13 -11.88
CA THR A 91 -3.98 -3.85 -13.12
C THR A 91 -4.60 -5.21 -12.84
N SER A 92 -5.41 -5.28 -11.78
CA SER A 92 -6.06 -6.53 -11.40
C SER A 92 -7.37 -6.26 -10.67
N GLY A 93 -7.31 -5.39 -9.67
CA GLY A 93 -8.49 -5.06 -8.90
C GLY A 93 -8.87 -6.13 -7.90
N GLU A 94 -7.89 -6.93 -7.52
CA GLU A 94 -8.12 -8.02 -6.57
C GLU A 94 -8.12 -7.49 -5.13
N ALA A 95 -9.22 -7.71 -4.43
CA ALA A 95 -9.36 -7.26 -3.05
C ALA A 95 -9.28 -8.44 -2.08
N LEU A 96 -8.08 -8.74 -1.61
CA LEU A 96 -7.87 -9.84 -0.67
C LEU A 96 -8.78 -9.69 0.54
N PRO A 97 -8.99 -10.81 1.26
CA PRO A 97 -9.83 -10.84 2.46
C PRO A 97 -9.20 -10.08 3.62
N LEU A 98 -10.04 -9.68 4.58
CA LEU A 98 -9.56 -8.94 5.74
C LEU A 98 -8.99 -9.90 6.79
N ASP A 99 -9.36 -11.16 6.69
CA ASP A 99 -8.88 -12.18 7.62
C ASP A 99 -7.43 -12.55 7.32
N HIS A 100 -6.97 -12.20 6.12
CA HIS A 100 -5.60 -12.50 5.71
C HIS A 100 -4.65 -11.38 6.14
N THR A 101 -3.42 -11.75 6.47
CA THR A 101 -2.43 -10.78 6.90
C THR A 101 -1.31 -10.66 5.86
N LEU A 102 -0.61 -9.52 5.89
CA LEU A 102 0.48 -9.28 4.95
C LEU A 102 1.65 -10.21 5.22
N GLU A 103 2.05 -10.30 6.48
CA GLU A 103 3.16 -11.16 6.88
C GLU A 103 2.92 -12.60 6.42
N THR A 104 1.66 -13.03 6.48
CA THR A 104 1.30 -14.38 6.08
C THR A 104 1.69 -14.64 4.63
N TRP A 105 1.29 -13.75 3.74
CA TRP A 105 1.61 -13.89 2.32
C TRP A 105 3.10 -13.75 2.08
N ILE A 106 3.72 -12.76 2.71
CA ILE A 106 5.14 -12.52 2.56
C ILE A 106 5.95 -13.73 3.01
N ALA A 107 5.46 -14.39 4.06
CA ALA A 107 6.14 -15.56 4.59
C ALA A 107 5.80 -16.81 3.78
N LYS A 108 4.66 -16.78 3.11
CA LYS A 108 4.21 -17.91 2.31
C LYS A 108 5.09 -18.07 1.07
N GLU A 109 4.99 -19.22 0.42
CA GLU A 109 5.77 -19.50 -0.77
C GLU A 109 5.32 -18.63 -1.94
N ASP A 110 4.02 -18.38 -2.02
CA ASP A 110 3.46 -17.56 -3.08
C ASP A 110 4.20 -16.22 -3.19
N CYS A 111 4.16 -15.45 -2.11
CA CYS A 111 4.82 -14.15 -2.08
C CYS A 111 4.28 -13.24 -3.18
N PRO A 112 3.01 -12.83 -3.04
CA PRO A 112 2.35 -11.95 -4.01
C PRO A 112 2.91 -10.54 -3.99
N LEU A 113 3.22 -10.04 -2.80
CA LEU A 113 3.76 -8.70 -2.65
C LEU A 113 5.07 -8.73 -1.87
N TYR A 114 6.05 -7.98 -2.35
CA TYR A 114 7.35 -7.92 -1.70
C TYR A 114 7.76 -6.48 -1.39
N ASN A 115 8.87 -6.32 -0.69
CA ASN A 115 9.35 -4.99 -0.33
C ASN A 115 9.43 -4.09 -1.56
N GLY A 116 9.05 -2.83 -1.39
CA GLY A 116 9.09 -1.88 -2.50
C GLY A 116 7.85 -1.97 -3.37
N GLY A 117 6.87 -2.76 -2.94
CA GLY A 117 5.66 -2.92 -3.71
C GLY A 117 4.85 -1.64 -3.80
N ASN A 118 3.74 -1.69 -4.51
CA ASN A 118 2.88 -0.52 -4.68
C ASN A 118 1.42 -0.93 -4.88
N ILE A 119 0.53 -0.29 -4.14
CA ILE A 119 -0.89 -0.60 -4.24
C ILE A 119 -1.74 0.65 -4.00
N ILE A 120 -2.89 0.72 -4.66
CA ILE A 120 -3.78 1.86 -4.51
C ILE A 120 -4.97 1.51 -3.61
N LEU A 121 -5.39 2.47 -2.80
CA LEU A 121 -6.52 2.27 -1.90
C LEU A 121 -7.79 2.89 -2.47
N GLU A 122 -8.80 2.05 -2.67
CA GLU A 122 -10.08 2.51 -3.21
C GLU A 122 -11.26 1.87 -2.47
N TYR A 123 -12.37 2.58 -2.41
CA TYR A 123 -13.56 2.08 -1.73
C TYR A 123 -14.24 0.99 -2.55
N LEU A 124 -14.46 -0.17 -1.92
CA LEU A 124 -15.10 -1.29 -2.59
C LEU A 124 -16.18 -1.89 -1.71
N ASN A 125 -17.33 -2.18 -2.30
CA ASN A 125 -18.45 -2.78 -1.57
C ASN A 125 -18.04 -4.11 -0.94
N ASP A 126 -18.64 -4.42 0.20
CA ASP A 126 -18.34 -5.67 0.90
C ASP A 126 -18.72 -6.89 0.04
N GLU A 127 -19.83 -6.76 -0.69
CA GLU A 127 -20.28 -7.85 -1.55
C GLU A 127 -19.41 -7.96 -2.80
N GLU A 128 -18.86 -6.83 -3.22
CA GLU A 128 -18.01 -6.80 -4.41
C GLU A 128 -16.55 -7.06 -4.04
N GLN A 129 -15.94 -8.03 -4.72
CA GLN A 129 -14.54 -8.38 -4.46
C GLN A 129 -13.68 -8.10 -5.68
N PHE A 130 -14.04 -7.06 -6.42
CA PHE A 130 -13.30 -6.69 -7.63
C PHE A 130 -13.37 -5.18 -7.86
N CYS A 131 -12.20 -4.55 -7.95
CA CYS A 131 -12.13 -3.11 -8.18
C CYS A 131 -12.38 -2.78 -9.65
N LYS A 132 -12.52 -1.49 -9.94
CA LYS A 132 -12.77 -1.03 -11.30
C LYS A 132 -11.47 -1.01 -12.11
N ASN A 133 -11.58 -0.60 -13.37
CA ASN A 133 -10.42 -0.53 -14.25
C ASN A 133 -9.47 0.59 -13.83
N VAL A 134 -8.61 0.29 -12.86
CA VAL A 134 -7.65 1.28 -12.36
C VAL A 134 -6.59 1.59 -13.41
N GLU A 135 -6.22 0.58 -14.19
CA GLU A 135 -5.21 0.75 -15.23
C GLU A 135 -5.61 1.89 -16.17
N SER A 136 -6.91 2.02 -16.44
CA SER A 136 -7.41 3.06 -17.33
C SER A 136 -7.03 4.44 -16.81
N TYR A 137 -7.12 4.63 -15.50
CA TYR A 137 -6.79 5.90 -14.89
C TYR A 137 -5.33 6.29 -15.17
N LEU A 138 -4.45 5.28 -15.19
CA LEU A 138 -3.04 5.51 -15.45
C LEU A 138 -2.67 5.07 -16.86
N GLU A 139 -3.66 4.98 -17.73
CA GLU A 139 -3.45 4.57 -19.11
C GLU A 139 -2.78 3.18 -19.16
N GLY A 1 22.75 6.36 4.59
CA GLY A 1 23.73 6.93 3.66
C GLY A 1 23.87 6.09 2.40
N GLY A 2 24.01 6.77 1.27
CA GLY A 2 24.16 6.08 0.00
C GLY A 2 24.84 6.92 -1.05
N SER A 3 26.15 7.13 -0.90
CA SER A 3 26.91 7.93 -1.83
C SER A 3 27.85 7.05 -2.66
N GLY A 4 28.15 7.50 -3.88
CA GLY A 4 29.03 6.74 -4.76
C GLY A 4 28.63 6.86 -6.22
N ALA A 5 28.12 5.76 -6.78
CA ALA A 5 27.70 5.73 -8.16
C ALA A 5 26.90 4.46 -8.47
N LYS A 6 25.59 4.55 -8.31
CA LYS A 6 24.71 3.41 -8.57
C LYS A 6 24.92 2.88 -9.98
N ASN A 7 24.73 1.57 -10.16
CA ASN A 7 24.90 0.95 -11.46
C ASN A 7 23.59 0.33 -11.95
N SER A 8 23.19 -0.78 -11.34
CA SER A 8 21.96 -1.45 -11.71
C SER A 8 21.14 -1.80 -10.46
N GLU A 9 21.61 -2.78 -9.70
CA GLU A 9 20.93 -3.21 -8.49
C GLU A 9 21.06 -2.16 -7.39
N THR A 10 22.26 -1.58 -7.28
CA THR A 10 22.52 -0.57 -6.26
C THR A 10 21.49 0.56 -6.32
N ALA A 11 21.04 0.88 -7.53
CA ALA A 11 20.05 1.93 -7.72
C ALA A 11 18.77 1.62 -6.97
N ALA A 12 18.43 0.33 -6.90
CA ALA A 12 17.22 -0.10 -6.20
C ALA A 12 17.38 0.03 -4.69
N LYS A 13 18.53 -0.42 -4.18
CA LYS A 13 18.80 -0.35 -2.75
C LYS A 13 18.84 1.09 -2.26
N VAL A 14 19.62 1.93 -2.95
CA VAL A 14 19.74 3.34 -2.59
C VAL A 14 18.39 4.04 -2.71
N ALA A 15 17.63 3.71 -3.76
CA ALA A 15 16.32 4.31 -3.98
C ALA A 15 15.32 3.84 -2.93
N LEU A 16 15.46 2.59 -2.50
CA LEU A 16 14.55 2.03 -1.50
C LEU A 16 14.75 2.70 -0.14
N MET A 17 16.00 2.75 0.31
CA MET A 17 16.34 3.35 1.60
C MET A 17 16.09 4.87 1.55
N LYS A 18 16.36 5.47 0.40
CA LYS A 18 16.17 6.90 0.22
C LYS A 18 14.70 7.29 0.41
N LEU A 19 13.82 6.47 -0.15
CA LEU A 19 12.37 6.72 -0.05
C LEU A 19 11.87 6.40 1.35
N LYS A 20 12.35 5.30 1.92
CA LYS A 20 11.95 4.88 3.25
C LYS A 20 12.16 6.00 4.26
N MET A 21 13.21 6.78 4.05
CA MET A 21 13.52 7.90 4.94
C MET A 21 12.45 8.98 4.85
N HIS A 22 11.86 9.12 3.67
CA HIS A 22 10.81 10.13 3.47
C HIS A 22 9.45 9.58 3.89
N ALA A 23 9.27 8.27 3.75
CA ALA A 23 8.01 7.64 4.13
C ALA A 23 7.56 8.10 5.51
N ASP A 24 6.24 8.23 5.68
CA ASP A 24 5.67 8.65 6.96
C ASP A 24 6.18 7.78 8.10
N GLY A 25 6.66 8.41 9.16
CA GLY A 25 7.17 7.67 10.31
C GLY A 25 8.48 8.23 10.81
N ASP A 26 9.14 7.47 11.68
CA ASP A 26 10.42 7.89 12.25
C ASP A 26 11.57 7.14 11.59
N LYS A 27 12.20 7.78 10.61
CA LYS A 27 13.33 7.17 9.90
C LYS A 27 14.46 6.86 10.85
N SER A 28 14.59 7.65 11.92
CA SER A 28 15.64 7.46 12.91
C SER A 28 15.36 6.23 13.76
N LEU A 29 14.08 5.91 13.95
CA LEU A 29 13.68 4.76 14.74
C LEU A 29 13.37 3.56 13.85
N PRO A 30 14.22 2.53 13.91
CA PRO A 30 14.06 1.32 13.11
C PRO A 30 12.87 0.48 13.57
N GLN A 31 12.15 -0.10 12.62
CA GLN A 31 10.99 -0.92 12.92
C GLN A 31 10.94 -2.15 12.02
N THR A 32 11.15 -3.32 12.61
CA THR A 32 11.13 -4.57 11.86
C THR A 32 9.70 -5.05 11.63
N GLU A 33 8.81 -4.73 12.55
CA GLU A 33 7.41 -5.12 12.44
C GLU A 33 6.66 -4.20 11.49
N ARG A 34 7.20 -3.01 11.28
CA ARG A 34 6.58 -2.03 10.40
C ARG A 34 7.43 -1.83 9.13
N ILE A 35 6.75 -1.68 8.00
CA ILE A 35 7.43 -1.48 6.72
C ILE A 35 6.83 -0.31 5.96
N TYR A 36 7.66 0.37 5.17
CA TYR A 36 7.21 1.50 4.39
C TYR A 36 6.72 1.05 3.01
N PHE A 37 5.53 1.52 2.63
CA PHE A 37 4.95 1.18 1.34
C PHE A 37 4.37 2.41 0.65
N GLN A 38 4.46 2.44 -0.67
CA GLN A 38 3.93 3.56 -1.44
C GLN A 38 2.45 3.37 -1.75
N VAL A 39 1.66 4.41 -1.51
CA VAL A 39 0.23 4.36 -1.76
C VAL A 39 -0.19 5.40 -2.80
N PHE A 40 -0.58 4.92 -3.98
CA PHE A 40 -1.00 5.82 -5.06
C PHE A 40 -2.26 6.58 -4.67
N LEU A 41 -2.14 7.90 -4.61
CA LEU A 41 -3.27 8.76 -4.25
C LEU A 41 -4.18 9.00 -5.46
N PRO A 42 -5.46 9.28 -5.18
CA PRO A 42 -6.45 9.55 -6.24
C PRO A 42 -6.20 10.88 -6.94
N LYS A 43 -7.17 11.30 -7.75
CA LYS A 43 -7.07 12.56 -8.48
C LYS A 43 -6.68 13.70 -7.55
N GLY A 44 -6.20 14.80 -8.13
CA GLY A 44 -5.80 15.94 -7.33
C GLY A 44 -4.62 15.64 -6.43
N SER A 45 -3.43 15.57 -7.03
CA SER A 45 -2.21 15.29 -6.27
C SER A 45 -0.99 15.26 -7.19
N LYS A 46 -0.19 16.32 -7.13
CA LYS A 46 1.01 16.43 -7.95
C LYS A 46 1.87 15.18 -7.82
N GLU A 47 1.88 14.60 -6.62
CA GLU A 47 2.67 13.41 -6.36
C GLU A 47 1.92 12.15 -6.80
N LYS A 48 2.62 11.28 -7.52
CA LYS A 48 2.02 10.04 -8.01
C LYS A 48 1.50 9.19 -6.85
N SER A 49 2.36 8.93 -5.88
CA SER A 49 1.98 8.12 -4.72
C SER A 49 2.62 8.69 -3.45
N LYS A 50 2.02 8.35 -2.30
CA LYS A 50 2.52 8.83 -1.02
C LYS A 50 2.96 7.66 -0.15
N PRO A 51 4.24 7.65 0.24
CA PRO A 51 4.81 6.59 1.08
C PRO A 51 4.29 6.63 2.51
N MET A 52 3.91 5.47 3.03
CA MET A 52 3.38 5.38 4.39
C MET A 52 3.85 4.09 5.06
N PHE A 53 4.01 4.15 6.38
CA PHE A 53 4.45 2.98 7.14
C PHE A 53 3.26 2.16 7.62
N PHE A 54 3.45 0.85 7.74
CA PHE A 54 2.39 -0.04 8.20
C PHE A 54 2.97 -1.26 8.90
N CYS A 55 2.24 -1.77 9.89
CA CYS A 55 2.69 -2.93 10.64
C CYS A 55 2.07 -4.21 10.08
N HIS A 56 2.90 -5.23 9.90
CA HIS A 56 2.44 -6.51 9.36
C HIS A 56 1.40 -7.14 10.29
N ARG A 57 1.52 -6.85 11.58
CA ARG A 57 0.60 -7.40 12.57
C ARG A 57 -0.85 -7.16 12.14
N TRP A 58 -1.09 -6.04 11.48
CA TRP A 58 -2.43 -5.70 11.02
C TRP A 58 -2.78 -6.45 9.73
N SER A 59 -4.07 -6.64 9.49
CA SER A 59 -4.53 -7.34 8.30
C SER A 59 -4.34 -6.49 7.05
N ILE A 60 -4.20 -7.15 5.91
CA ILE A 60 -4.01 -6.46 4.64
C ILE A 60 -5.21 -5.57 4.32
N GLY A 61 -6.40 -6.13 4.45
CA GLY A 61 -7.61 -5.38 4.17
C GLY A 61 -7.92 -4.36 5.25
N LYS A 62 -7.92 -4.81 6.50
CA LYS A 62 -8.20 -3.94 7.63
C LYS A 62 -7.23 -2.77 7.68
N ALA A 63 -5.99 -3.00 7.23
CA ALA A 63 -4.97 -1.97 7.22
C ALA A 63 -5.48 -0.72 6.51
N ILE A 64 -6.26 -0.91 5.46
CA ILE A 64 -6.81 0.20 4.70
C ILE A 64 -7.76 1.04 5.54
N ASP A 65 -8.76 0.38 6.12
CA ASP A 65 -9.74 1.05 6.95
C ASP A 65 -9.05 1.85 8.06
N PHE A 66 -7.98 1.30 8.61
CA PHE A 66 -7.24 1.95 9.67
C PHE A 66 -6.56 3.22 9.16
N ALA A 67 -5.78 3.07 8.09
CA ALA A 67 -5.08 4.21 7.51
C ALA A 67 -6.03 5.35 7.21
N ALA A 68 -7.23 5.02 6.75
CA ALA A 68 -8.24 6.01 6.43
C ALA A 68 -8.62 6.82 7.66
N SER A 69 -8.60 6.18 8.82
CA SER A 69 -8.94 6.85 10.06
C SER A 69 -7.80 7.73 10.56
N LEU A 70 -6.59 7.16 10.59
CA LEU A 70 -5.42 7.89 11.03
C LEU A 70 -5.19 9.14 10.18
N ALA A 71 -5.47 9.02 8.88
CA ALA A 71 -5.32 10.14 7.96
C ALA A 71 -6.51 11.09 8.03
N ARG A 72 -7.56 10.66 8.73
CA ARG A 72 -8.76 11.46 8.87
C ARG A 72 -9.43 11.70 7.52
N LEU A 73 -9.68 10.61 6.80
CA LEU A 73 -10.32 10.70 5.48
C LEU A 73 -11.73 10.12 5.53
N LYS A 74 -12.60 10.61 4.66
CA LYS A 74 -13.98 10.15 4.59
C LYS A 74 -14.02 8.63 4.42
N ASN A 75 -15.18 8.05 4.71
CA ASN A 75 -15.36 6.60 4.59
C ASN A 75 -16.82 6.21 4.86
N ASP A 76 -17.32 5.26 4.08
CA ASP A 76 -18.69 4.80 4.23
C ASP A 76 -18.74 3.29 4.46
N ASN A 77 -17.74 2.78 5.19
CA ASN A 77 -17.66 1.35 5.49
C ASN A 77 -18.44 1.01 6.76
N ASN A 78 -19.73 1.36 6.76
CA ASN A 78 -20.57 1.09 7.91
C ASN A 78 -21.80 0.27 7.51
N LYS A 79 -22.32 0.53 6.32
CA LYS A 79 -23.47 -0.19 5.81
C LYS A 79 -23.09 -1.07 4.62
N PHE A 80 -24.07 -1.79 4.08
CA PHE A 80 -23.84 -2.67 2.95
C PHE A 80 -23.97 -1.91 1.63
N THR A 81 -24.91 -0.97 1.59
CA THR A 81 -25.14 -0.17 0.40
C THR A 81 -24.20 1.04 0.37
N ALA A 82 -22.92 0.79 0.11
CA ALA A 82 -21.94 1.85 0.05
C ALA A 82 -20.55 1.32 -0.31
N LYS A 83 -19.57 2.20 -0.39
CA LYS A 83 -18.21 1.82 -0.72
C LYS A 83 -17.33 1.80 0.52
N LYS A 84 -16.31 0.94 0.51
CA LYS A 84 -15.39 0.83 1.63
C LYS A 84 -13.94 0.79 1.15
N LEU A 85 -13.13 1.71 1.66
CA LEU A 85 -11.73 1.79 1.28
C LEU A 85 -11.04 0.43 1.43
N ARG A 86 -10.50 -0.07 0.32
CA ARG A 86 -9.82 -1.36 0.33
C ARG A 86 -8.58 -1.33 -0.57
N LEU A 87 -7.76 -2.36 -0.47
CA LEU A 87 -6.54 -2.46 -1.27
C LEU A 87 -6.87 -2.91 -2.69
N CYS A 88 -6.12 -2.39 -3.65
CA CYS A 88 -6.32 -2.74 -5.06
C CYS A 88 -5.00 -3.14 -5.71
N HIS A 89 -4.98 -4.33 -6.31
CA HIS A 89 -3.79 -4.83 -6.97
C HIS A 89 -3.69 -4.29 -8.40
N ILE A 90 -2.50 -3.80 -8.75
CA ILE A 90 -2.28 -3.26 -10.08
C ILE A 90 -2.13 -4.37 -11.12
N THR A 91 -2.87 -4.24 -12.22
CA THR A 91 -2.82 -5.23 -13.29
C THR A 91 -3.36 -6.58 -12.81
N SER A 92 -4.35 -6.54 -11.91
CA SER A 92 -4.93 -7.76 -11.37
C SER A 92 -6.38 -7.51 -10.95
N GLY A 93 -6.59 -6.49 -10.12
CA GLY A 93 -7.93 -6.17 -9.67
C GLY A 93 -8.43 -7.14 -8.61
N GLU A 94 -7.49 -7.78 -7.91
CA GLU A 94 -7.84 -8.73 -6.87
C GLU A 94 -7.82 -8.07 -5.50
N ALA A 95 -8.96 -8.10 -4.81
CA ALA A 95 -9.08 -7.51 -3.49
C ALA A 95 -8.43 -8.39 -2.42
N LEU A 96 -7.33 -7.91 -1.87
CA LEU A 96 -6.61 -8.66 -0.84
C LEU A 96 -7.54 -9.04 0.31
N PRO A 97 -7.23 -10.16 0.98
CA PRO A 97 -8.02 -10.67 2.11
C PRO A 97 -7.90 -9.78 3.34
N LEU A 98 -9.05 -9.36 3.87
CA LEU A 98 -9.07 -8.50 5.06
C LEU A 98 -8.90 -9.33 6.33
N ASP A 99 -9.27 -10.60 6.25
CA ASP A 99 -9.16 -11.50 7.40
C ASP A 99 -7.82 -12.24 7.38
N HIS A 100 -6.82 -11.63 6.75
CA HIS A 100 -5.50 -12.22 6.66
C HIS A 100 -4.41 -11.21 7.00
N THR A 101 -3.40 -11.65 7.73
CA THR A 101 -2.29 -10.78 8.12
C THR A 101 -1.25 -10.69 7.02
N LEU A 102 -0.47 -9.61 7.05
CA LEU A 102 0.57 -9.40 6.05
C LEU A 102 1.71 -10.40 6.22
N GLU A 103 2.16 -10.57 7.46
CA GLU A 103 3.25 -11.50 7.76
C GLU A 103 2.88 -12.91 7.28
N THR A 104 1.62 -13.27 7.40
CA THR A 104 1.14 -14.59 7.00
C THR A 104 1.46 -14.85 5.53
N TRP A 105 1.21 -13.86 4.69
CA TRP A 105 1.47 -13.99 3.26
C TRP A 105 2.96 -14.02 2.98
N ILE A 106 3.71 -13.13 3.63
CA ILE A 106 5.15 -13.06 3.45
C ILE A 106 5.82 -14.36 3.89
N ALA A 107 5.29 -14.97 4.94
CA ALA A 107 5.82 -16.22 5.46
C ALA A 107 5.34 -17.41 4.65
N LYS A 108 4.20 -17.24 3.99
CA LYS A 108 3.62 -18.30 3.17
C LYS A 108 4.51 -18.59 1.96
N GLU A 109 4.30 -19.75 1.34
CA GLU A 109 5.08 -20.14 0.17
C GLU A 109 5.01 -19.07 -0.91
N ASP A 110 3.82 -18.50 -1.10
CA ASP A 110 3.62 -17.46 -2.10
C ASP A 110 4.01 -16.10 -1.54
N CYS A 111 4.70 -15.31 -2.37
CA CYS A 111 5.15 -13.98 -1.96
C CYS A 111 4.70 -12.93 -2.97
N PRO A 112 3.39 -12.65 -2.99
CA PRO A 112 2.80 -11.66 -3.90
C PRO A 112 3.19 -10.23 -3.54
N LEU A 113 3.23 -9.93 -2.24
CA LEU A 113 3.60 -8.61 -1.76
C LEU A 113 4.96 -8.62 -1.10
N TYR A 114 5.84 -7.72 -1.53
CA TYR A 114 7.19 -7.63 -0.97
C TYR A 114 7.54 -6.19 -0.65
N ASN A 115 8.52 -6.01 0.25
CA ASN A 115 8.96 -4.68 0.64
C ASN A 115 9.28 -3.82 -0.58
N GLY A 116 8.83 -2.57 -0.56
CA GLY A 116 9.08 -1.68 -1.67
C GLY A 116 7.91 -1.60 -2.63
N GLY A 117 7.10 -2.65 -2.65
CA GLY A 117 5.95 -2.68 -3.54
C GLY A 117 5.00 -1.52 -3.30
N ASN A 118 4.16 -1.22 -4.29
CA ASN A 118 3.21 -0.13 -4.17
C ASN A 118 1.80 -0.60 -4.51
N ILE A 119 0.84 -0.25 -3.65
CA ILE A 119 -0.55 -0.65 -3.86
C ILE A 119 -1.49 0.54 -3.65
N ILE A 120 -2.49 0.66 -4.52
CA ILE A 120 -3.45 1.74 -4.43
C ILE A 120 -4.70 1.30 -3.68
N LEU A 121 -5.23 2.19 -2.85
CA LEU A 121 -6.43 1.90 -2.08
C LEU A 121 -7.58 2.82 -2.46
N GLU A 122 -8.78 2.27 -2.56
CA GLU A 122 -9.95 3.05 -2.92
C GLU A 122 -11.22 2.44 -2.32
N TYR A 123 -12.27 3.25 -2.22
CA TYR A 123 -13.54 2.79 -1.66
C TYR A 123 -14.29 1.93 -2.66
N LEU A 124 -14.44 0.65 -2.34
CA LEU A 124 -15.14 -0.29 -3.20
C LEU A 124 -16.13 -1.15 -2.40
N ASN A 125 -17.31 -1.35 -2.97
CA ASN A 125 -18.34 -2.15 -2.31
C ASN A 125 -17.78 -3.50 -1.87
N ASP A 126 -18.35 -4.05 -0.80
CA ASP A 126 -17.92 -5.34 -0.29
C ASP A 126 -18.30 -6.46 -1.24
N GLU A 127 -19.42 -6.31 -1.92
CA GLU A 127 -19.90 -7.31 -2.86
C GLU A 127 -18.95 -7.43 -4.05
N GLU A 128 -18.28 -6.33 -4.38
CA GLU A 128 -17.34 -6.31 -5.49
C GLU A 128 -16.06 -7.07 -5.15
N GLN A 129 -15.83 -8.17 -5.85
CA GLN A 129 -14.65 -9.00 -5.61
C GLN A 129 -13.49 -8.53 -6.48
N PHE A 130 -13.81 -8.06 -7.68
CA PHE A 130 -12.78 -7.59 -8.61
C PHE A 130 -12.80 -6.06 -8.70
N CYS A 131 -11.64 -5.45 -8.44
CA CYS A 131 -11.52 -4.00 -8.49
C CYS A 131 -11.92 -3.47 -9.86
N LYS A 132 -12.01 -2.14 -9.97
CA LYS A 132 -12.39 -1.50 -11.23
C LYS A 132 -11.22 -1.51 -12.22
N ASN A 133 -11.44 -0.94 -13.39
CA ASN A 133 -10.41 -0.89 -14.42
C ASN A 133 -9.39 0.19 -14.10
N VAL A 134 -8.50 -0.09 -13.16
CA VAL A 134 -7.46 0.84 -12.76
C VAL A 134 -6.30 0.82 -13.74
N GLU A 135 -5.99 -0.36 -14.27
CA GLU A 135 -4.89 -0.51 -15.22
C GLU A 135 -5.06 0.44 -16.40
N SER A 136 -6.30 0.61 -16.85
CA SER A 136 -6.58 1.48 -17.98
C SER A 136 -6.30 2.94 -17.61
N TYR A 137 -6.59 3.30 -16.36
CA TYR A 137 -6.37 4.66 -15.90
C TYR A 137 -4.89 5.04 -15.99
N LEU A 138 -4.02 4.07 -15.71
CA LEU A 138 -2.58 4.31 -15.76
C LEU A 138 -2.05 4.07 -17.18
N GLU A 139 -2.77 3.28 -17.95
CA GLU A 139 -2.38 2.99 -19.32
C GLU A 139 -2.29 4.27 -20.15
N GLY A 1 5.87 11.08 -19.52
CA GLY A 1 7.13 10.36 -19.50
C GLY A 1 7.35 9.62 -18.19
N GLY A 2 7.88 8.41 -18.27
CA GLY A 2 8.13 7.61 -17.08
C GLY A 2 8.94 6.37 -17.37
N SER A 3 9.86 6.05 -16.46
CA SER A 3 10.72 4.88 -16.63
C SER A 3 10.93 4.17 -15.30
N GLY A 4 11.66 3.06 -15.33
CA GLY A 4 11.92 2.31 -14.11
C GLY A 4 12.82 1.11 -14.36
N ALA A 5 14.00 1.36 -14.93
CA ALA A 5 14.94 0.28 -15.22
C ALA A 5 16.37 0.76 -15.04
N LYS A 6 16.69 1.27 -13.86
CA LYS A 6 18.03 1.76 -13.56
C LYS A 6 19.00 0.60 -13.34
N ASN A 7 20.27 0.93 -13.12
CA ASN A 7 21.29 -0.09 -12.90
C ASN A 7 21.85 0.02 -11.49
N SER A 8 22.86 -0.80 -11.20
CA SER A 8 23.49 -0.80 -9.87
C SER A 8 22.47 -1.14 -8.79
N GLU A 9 22.48 -2.40 -8.36
CA GLU A 9 21.57 -2.86 -7.31
C GLU A 9 21.62 -1.95 -6.10
N THR A 10 22.82 -1.44 -5.80
CA THR A 10 23.00 -0.56 -4.65
C THR A 10 22.02 0.62 -4.70
N ALA A 11 21.73 1.08 -5.91
CA ALA A 11 20.80 2.19 -6.08
C ALA A 11 19.44 1.87 -5.48
N ALA A 12 19.04 0.61 -5.57
CA ALA A 12 17.76 0.18 -5.03
C ALA A 12 17.79 0.11 -3.51
N LYS A 13 18.83 -0.52 -2.97
CA LYS A 13 18.98 -0.64 -1.52
C LYS A 13 18.96 0.72 -0.85
N VAL A 14 19.72 1.66 -1.39
CA VAL A 14 19.78 3.01 -0.85
C VAL A 14 18.42 3.68 -0.89
N ALA A 15 17.68 3.45 -1.98
CA ALA A 15 16.35 4.03 -2.14
C ALA A 15 15.38 3.46 -1.12
N LEU A 16 15.51 2.17 -0.82
CA LEU A 16 14.63 1.51 0.13
C LEU A 16 14.89 2.02 1.54
N MET A 17 16.15 2.00 1.95
CA MET A 17 16.53 2.47 3.29
C MET A 17 16.23 3.96 3.44
N LYS A 18 16.41 4.71 2.37
CA LYS A 18 16.17 6.15 2.38
C LYS A 18 14.67 6.45 2.38
N LEU A 19 13.92 5.62 1.67
CA LEU A 19 12.47 5.80 1.59
C LEU A 19 11.81 5.55 2.94
N LYS A 20 12.19 4.44 3.58
CA LYS A 20 11.64 4.08 4.88
C LYS A 20 11.82 5.23 5.87
N MET A 21 12.92 5.97 5.73
CA MET A 21 13.19 7.10 6.62
C MET A 21 12.17 8.21 6.42
N HIS A 22 11.68 8.35 5.20
CA HIS A 22 10.69 9.38 4.88
C HIS A 22 9.29 8.92 5.26
N ALA A 23 9.05 7.62 5.15
CA ALA A 23 7.74 7.06 5.49
C ALA A 23 7.27 7.55 6.85
N ASP A 24 5.97 7.75 6.98
CA ASP A 24 5.39 8.23 8.23
C ASP A 24 5.55 7.19 9.34
N GLY A 25 6.45 7.48 10.28
CA GLY A 25 6.69 6.57 11.38
C GLY A 25 8.07 6.72 11.98
N ASP A 26 8.30 6.09 13.12
CA ASP A 26 9.59 6.16 13.79
C ASP A 26 10.68 5.50 12.96
N LYS A 27 11.67 6.28 12.53
CA LYS A 27 12.76 5.76 11.73
C LYS A 27 13.85 5.13 12.61
N SER A 28 14.03 5.70 13.80
CA SER A 28 15.02 5.19 14.74
C SER A 28 14.71 3.76 15.15
N LEU A 29 13.42 3.43 15.18
CA LEU A 29 12.97 2.10 15.57
C LEU A 29 13.39 1.07 14.52
N PRO A 30 13.53 -0.19 14.96
CA PRO A 30 13.92 -1.30 14.08
C PRO A 30 12.82 -1.66 13.08
N GLN A 31 11.57 -1.50 13.50
CA GLN A 31 10.43 -1.81 12.64
C GLN A 31 10.45 -3.27 12.22
N THR A 32 10.63 -4.17 13.20
CA THR A 32 10.67 -5.60 12.93
C THR A 32 9.28 -6.12 12.55
N GLU A 33 8.26 -5.54 13.15
CA GLU A 33 6.88 -5.95 12.88
C GLU A 33 6.18 -4.94 11.97
N ARG A 34 6.70 -3.72 11.94
CA ARG A 34 6.13 -2.66 11.12
C ARG A 34 6.85 -2.56 9.78
N ILE A 35 6.13 -2.09 8.76
CA ILE A 35 6.71 -1.94 7.43
C ILE A 35 6.08 -0.76 6.68
N TYR A 36 6.87 -0.11 5.84
CA TYR A 36 6.40 1.03 5.07
C TYR A 36 5.83 0.58 3.73
N PHE A 37 4.94 1.39 3.18
CA PHE A 37 4.32 1.07 1.88
C PHE A 37 4.00 2.35 1.11
N GLN A 38 4.37 2.37 -0.17
CA GLN A 38 4.13 3.52 -1.02
C GLN A 38 2.66 3.60 -1.43
N VAL A 39 1.93 4.52 -0.81
CA VAL A 39 0.52 4.70 -1.13
C VAL A 39 0.32 5.70 -2.25
N PHE A 40 -0.10 5.19 -3.42
CA PHE A 40 -0.32 6.05 -4.58
C PHE A 40 -1.57 6.90 -4.39
N LEU A 41 -1.48 8.16 -4.80
CA LEU A 41 -2.60 9.09 -4.67
C LEU A 41 -3.65 8.83 -5.75
N PRO A 42 -4.90 9.19 -5.47
CA PRO A 42 -6.01 9.01 -6.40
C PRO A 42 -5.91 9.94 -7.60
N LYS A 43 -5.36 11.13 -7.39
CA LYS A 43 -5.21 12.11 -8.46
C LYS A 43 -3.77 12.17 -8.95
N GLY A 44 -2.84 12.10 -8.00
CA GLY A 44 -1.42 12.14 -8.35
C GLY A 44 -1.02 13.47 -8.99
N SER A 45 -1.39 14.57 -8.34
CA SER A 45 -1.07 15.89 -8.86
C SER A 45 0.12 16.49 -8.12
N LYS A 46 -0.04 16.68 -6.81
CA LYS A 46 1.02 17.25 -5.99
C LYS A 46 2.13 16.24 -5.76
N GLU A 47 1.75 15.01 -5.43
CA GLU A 47 2.71 13.93 -5.19
C GLU A 47 2.29 12.64 -5.87
N LYS A 48 3.25 11.89 -6.36
CA LYS A 48 2.98 10.63 -7.03
C LYS A 48 2.45 9.59 -6.06
N SER A 49 3.02 9.58 -4.85
CA SER A 49 2.62 8.64 -3.82
C SER A 49 3.23 9.00 -2.47
N LYS A 50 2.51 8.67 -1.40
CA LYS A 50 3.00 8.97 -0.05
C LYS A 50 3.18 7.69 0.75
N PRO A 51 4.38 7.52 1.33
CA PRO A 51 4.73 6.34 2.12
C PRO A 51 3.98 6.31 3.46
N MET A 52 3.61 5.11 3.88
CA MET A 52 2.88 4.94 5.14
C MET A 52 3.32 3.67 5.85
N PHE A 53 3.30 3.69 7.18
CA PHE A 53 3.69 2.54 7.98
C PHE A 53 2.49 1.66 8.28
N PHE A 54 2.75 0.36 8.48
CA PHE A 54 1.69 -0.59 8.77
C PHE A 54 2.21 -1.76 9.61
N CYS A 55 1.42 -2.18 10.58
CA CYS A 55 1.82 -3.27 11.47
C CYS A 55 1.55 -4.62 10.80
N HIS A 56 2.48 -5.56 10.97
CA HIS A 56 2.34 -6.88 10.38
C HIS A 56 1.30 -7.70 11.12
N ARG A 57 1.03 -7.33 12.37
CA ARG A 57 0.04 -8.03 13.18
C ARG A 57 -1.35 -7.45 12.96
N TRP A 58 -1.72 -7.28 11.70
CA TRP A 58 -3.03 -6.73 11.35
C TRP A 58 -3.37 -7.02 9.89
N SER A 59 -4.56 -7.58 9.67
CA SER A 59 -5.01 -7.91 8.33
C SER A 59 -4.87 -6.71 7.40
N ILE A 60 -4.66 -6.99 6.11
CA ILE A 60 -4.51 -5.93 5.12
C ILE A 60 -5.80 -5.12 4.98
N GLY A 61 -6.93 -5.82 4.86
CA GLY A 61 -8.20 -5.15 4.73
C GLY A 61 -8.47 -4.17 5.85
N LYS A 62 -8.21 -4.60 7.08
CA LYS A 62 -8.42 -3.76 8.25
C LYS A 62 -7.42 -2.60 8.28
N ALA A 63 -6.18 -2.89 7.89
CA ALA A 63 -5.13 -1.88 7.86
C ALA A 63 -5.57 -0.65 7.08
N ILE A 64 -6.29 -0.88 5.98
CA ILE A 64 -6.78 0.21 5.14
C ILE A 64 -7.79 1.08 5.88
N ASP A 65 -8.80 0.43 6.45
CA ASP A 65 -9.84 1.13 7.20
C ASP A 65 -9.22 2.01 8.28
N PHE A 66 -8.22 1.48 8.98
CA PHE A 66 -7.55 2.21 10.04
C PHE A 66 -6.81 3.42 9.48
N ALA A 67 -5.93 3.18 8.52
CA ALA A 67 -5.16 4.26 7.91
C ALA A 67 -6.07 5.37 7.41
N ALA A 68 -7.25 4.99 6.92
CA ALA A 68 -8.21 5.96 6.41
C ALA A 68 -8.70 6.88 7.52
N SER A 69 -8.81 6.34 8.73
CA SER A 69 -9.27 7.11 9.88
C SER A 69 -8.16 8.02 10.40
N LEU A 70 -7.00 7.43 10.68
CA LEU A 70 -5.86 8.17 11.19
C LEU A 70 -5.48 9.30 10.23
N ALA A 71 -5.62 9.04 8.93
CA ALA A 71 -5.29 10.04 7.92
C ALA A 71 -6.47 10.97 7.67
N ARG A 72 -7.63 10.62 8.21
CA ARG A 72 -8.83 11.42 8.04
C ARG A 72 -9.23 11.50 6.57
N LEU A 73 -9.07 10.40 5.86
CA LEU A 73 -9.41 10.35 4.43
C LEU A 73 -10.79 9.73 4.23
N LYS A 74 -11.32 9.89 3.02
CA LYS A 74 -12.63 9.35 2.69
C LYS A 74 -12.72 7.86 3.06
N ASN A 75 -13.71 7.52 3.87
CA ASN A 75 -13.90 6.14 4.31
C ASN A 75 -15.19 6.00 5.12
N ASP A 76 -16.15 5.27 4.58
CA ASP A 76 -17.42 5.05 5.26
C ASP A 76 -17.35 3.81 6.15
N ASN A 77 -17.38 2.64 5.52
CA ASN A 77 -17.34 1.38 6.26
C ASN A 77 -18.36 1.37 7.38
N ASN A 78 -19.54 1.91 7.11
CA ASN A 78 -20.61 1.96 8.11
C ASN A 78 -21.97 2.09 7.43
N LYS A 79 -22.03 2.90 6.39
CA LYS A 79 -23.27 3.11 5.65
C LYS A 79 -23.83 1.79 5.11
N PHE A 80 -24.89 1.89 4.33
CA PHE A 80 -25.52 0.70 3.76
C PHE A 80 -25.21 0.58 2.26
N THR A 81 -24.23 -0.25 1.94
CA THR A 81 -23.82 -0.45 0.55
C THR A 81 -23.13 0.80 -0.01
N ALA A 82 -21.90 1.02 0.43
CA ALA A 82 -21.12 2.17 -0.03
C ALA A 82 -19.67 1.80 -0.26
N LYS A 83 -18.98 2.59 -1.07
CA LYS A 83 -17.57 2.34 -1.38
C LYS A 83 -16.73 2.32 -0.11
N LYS A 84 -15.84 1.35 -0.02
CA LYS A 84 -14.96 1.21 1.15
C LYS A 84 -13.49 1.24 0.73
N LEU A 85 -12.73 2.14 1.35
CA LEU A 85 -11.31 2.28 1.05
C LEU A 85 -10.61 0.91 1.10
N ARG A 86 -10.01 0.53 -0.02
CA ARG A 86 -9.31 -0.75 -0.10
C ARG A 86 -8.04 -0.62 -0.94
N LEU A 87 -7.13 -1.56 -0.76
CA LEU A 87 -5.86 -1.55 -1.50
C LEU A 87 -6.03 -2.20 -2.87
N CYS A 88 -5.47 -1.57 -3.89
CA CYS A 88 -5.55 -2.09 -5.26
C CYS A 88 -4.16 -2.27 -5.86
N HIS A 89 -3.88 -3.48 -6.33
CA HIS A 89 -2.58 -3.78 -6.94
C HIS A 89 -2.46 -3.14 -8.32
N ILE A 90 -1.31 -2.55 -8.58
CA ILE A 90 -1.06 -1.90 -9.86
C ILE A 90 -0.81 -2.92 -10.96
N THR A 91 -1.49 -2.76 -12.09
CA THR A 91 -1.34 -3.67 -13.21
C THR A 91 -1.85 -5.07 -12.86
N SER A 92 -2.88 -5.13 -12.04
CA SER A 92 -3.46 -6.40 -11.62
C SER A 92 -4.94 -6.24 -11.28
N GLY A 93 -5.23 -5.30 -10.38
CA GLY A 93 -6.60 -5.07 -9.98
C GLY A 93 -7.01 -5.90 -8.77
N GLU A 94 -6.24 -6.95 -8.49
CA GLU A 94 -6.52 -7.83 -7.37
C GLU A 94 -6.55 -7.04 -6.06
N ALA A 95 -7.63 -7.23 -5.30
CA ALA A 95 -7.78 -6.54 -4.02
C ALA A 95 -7.73 -7.51 -2.85
N LEU A 96 -6.69 -7.40 -2.04
CA LEU A 96 -6.51 -8.28 -0.89
C LEU A 96 -7.48 -7.89 0.24
N PRO A 97 -8.41 -8.79 0.55
CA PRO A 97 -9.40 -8.57 1.61
C PRO A 97 -8.77 -8.59 3.00
N LEU A 98 -9.62 -8.59 4.02
CA LEU A 98 -9.15 -8.61 5.41
C LEU A 98 -8.71 -10.01 5.82
N ASP A 99 -8.94 -10.98 4.93
CA ASP A 99 -8.56 -12.37 5.19
C ASP A 99 -7.05 -12.56 5.03
N HIS A 100 -6.42 -11.63 4.32
CA HIS A 100 -4.98 -11.70 4.08
C HIS A 100 -4.23 -10.74 5.01
N THR A 101 -3.14 -11.22 5.60
CA THR A 101 -2.34 -10.39 6.49
C THR A 101 -0.90 -10.30 6.01
N LEU A 102 -0.22 -9.22 6.38
CA LEU A 102 1.17 -9.01 6.00
C LEU A 102 2.06 -10.12 6.54
N GLU A 103 1.99 -10.33 7.85
CA GLU A 103 2.79 -11.36 8.50
C GLU A 103 2.56 -12.73 7.85
N THR A 104 1.32 -12.97 7.44
CA THR A 104 0.96 -14.24 6.81
C THR A 104 1.60 -14.36 5.44
N TRP A 105 1.59 -13.28 4.68
CA TRP A 105 2.18 -13.26 3.34
C TRP A 105 3.68 -13.55 3.40
N ILE A 106 4.33 -13.00 4.43
CA ILE A 106 5.77 -13.20 4.60
C ILE A 106 6.07 -14.56 5.21
N ALA A 107 5.24 -14.97 6.16
CA ALA A 107 5.41 -16.26 6.82
C ALA A 107 5.08 -17.41 5.88
N LYS A 108 4.26 -17.13 4.87
CA LYS A 108 3.86 -18.14 3.90
C LYS A 108 5.09 -18.84 3.31
N GLU A 109 4.92 -20.08 2.90
CA GLU A 109 6.01 -20.86 2.32
C GLU A 109 6.64 -20.11 1.16
N ASP A 110 5.80 -19.45 0.35
CA ASP A 110 6.26 -18.70 -0.80
C ASP A 110 6.45 -17.22 -0.44
N CYS A 111 7.29 -16.54 -1.21
CA CYS A 111 7.55 -15.12 -0.97
C CYS A 111 7.30 -14.30 -2.24
N PRO A 112 6.02 -14.19 -2.63
CA PRO A 112 5.61 -13.44 -3.82
C PRO A 112 5.80 -11.94 -3.65
N LEU A 113 5.36 -11.42 -2.51
CA LEU A 113 5.48 -9.99 -2.21
C LEU A 113 6.33 -9.76 -0.97
N TYR A 114 7.32 -8.90 -1.10
CA TYR A 114 8.21 -8.58 0.03
C TYR A 114 8.26 -7.08 0.26
N ASN A 115 8.93 -6.69 1.34
CA ASN A 115 9.06 -5.27 1.69
C ASN A 115 9.58 -4.46 0.50
N GLY A 116 9.08 -3.24 0.37
CA GLY A 116 9.50 -2.38 -0.73
C GLY A 116 8.49 -2.35 -1.86
N GLY A 117 7.33 -2.95 -1.63
CA GLY A 117 6.29 -2.98 -2.64
C GLY A 117 5.58 -1.64 -2.78
N ASN A 118 4.54 -1.61 -3.60
CA ASN A 118 3.77 -0.39 -3.82
C ASN A 118 2.32 -0.71 -4.14
N ILE A 119 1.41 0.01 -3.50
CA ILE A 119 -0.03 -0.19 -3.71
C ILE A 119 -0.79 1.13 -3.63
N ILE A 120 -1.86 1.24 -4.40
CA ILE A 120 -2.67 2.45 -4.41
C ILE A 120 -3.88 2.30 -3.49
N LEU A 121 -4.28 3.42 -2.88
CA LEU A 121 -5.41 3.41 -1.96
C LEU A 121 -6.66 3.96 -2.65
N GLU A 122 -7.66 3.11 -2.82
CA GLU A 122 -8.91 3.50 -3.46
C GLU A 122 -10.07 2.64 -2.97
N TYR A 123 -11.21 3.29 -2.72
CA TYR A 123 -12.39 2.58 -2.23
C TYR A 123 -13.08 1.84 -3.38
N LEU A 124 -13.57 0.65 -3.08
CA LEU A 124 -14.25 -0.17 -4.09
C LEU A 124 -15.44 -0.90 -3.47
N ASN A 125 -16.45 -1.18 -4.29
CA ASN A 125 -17.65 -1.88 -3.83
C ASN A 125 -17.28 -3.23 -3.22
N ASP A 126 -17.83 -3.52 -2.05
CA ASP A 126 -17.57 -4.78 -1.37
C ASP A 126 -17.85 -5.97 -2.29
N GLU A 127 -18.86 -5.84 -3.13
CA GLU A 127 -19.22 -6.89 -4.07
C GLU A 127 -18.12 -7.11 -5.10
N GLU A 128 -17.39 -6.04 -5.41
CA GLU A 128 -16.31 -6.12 -6.38
C GLU A 128 -14.99 -6.49 -5.71
N GLN A 129 -14.29 -7.44 -6.30
CA GLN A 129 -13.01 -7.90 -5.77
C GLN A 129 -11.84 -7.41 -6.63
N PHE A 130 -12.02 -7.49 -7.94
CA PHE A 130 -10.99 -7.05 -8.88
C PHE A 130 -11.38 -5.75 -9.55
N CYS A 131 -10.52 -4.74 -9.42
CA CYS A 131 -10.77 -3.44 -10.03
C CYS A 131 -10.02 -3.29 -11.34
N LYS A 132 -10.48 -2.37 -12.18
CA LYS A 132 -9.84 -2.13 -13.47
C LYS A 132 -8.35 -1.83 -13.30
N ASN A 133 -7.61 -1.91 -14.40
CA ASN A 133 -6.17 -1.66 -14.37
C ASN A 133 -5.89 -0.21 -14.00
N VAL A 134 -5.68 0.03 -12.70
CA VAL A 134 -5.40 1.37 -12.21
C VAL A 134 -4.24 2.00 -12.98
N GLU A 135 -3.28 1.17 -13.37
CA GLU A 135 -2.11 1.65 -14.11
C GLU A 135 -2.54 2.42 -15.36
N SER A 136 -3.63 1.97 -15.98
CA SER A 136 -4.14 2.62 -17.18
C SER A 136 -4.45 4.09 -16.92
N TYR A 137 -4.96 4.37 -15.72
CA TYR A 137 -5.32 5.73 -15.34
C TYR A 137 -4.08 6.63 -15.34
N LEU A 138 -2.95 6.07 -14.92
CA LEU A 138 -1.70 6.82 -14.87
C LEU A 138 -0.86 6.57 -16.12
N GLU A 139 -1.51 6.12 -17.19
CA GLU A 139 -0.83 5.83 -18.43
C GLU A 139 -0.20 7.10 -19.01
N GLY A 1 14.87 16.18 -4.30
CA GLY A 1 14.54 14.81 -4.63
C GLY A 1 14.53 14.56 -6.13
N GLY A 2 14.17 13.34 -6.51
CA GLY A 2 14.12 13.00 -7.92
C GLY A 2 15.23 12.04 -8.32
N SER A 3 16.04 12.45 -9.29
CA SER A 3 17.13 11.62 -9.78
C SER A 3 16.62 10.27 -10.28
N GLY A 4 15.51 10.31 -11.01
CA GLY A 4 14.94 9.09 -11.54
C GLY A 4 15.74 8.52 -12.69
N ALA A 5 16.55 7.50 -12.39
CA ALA A 5 17.38 6.87 -13.40
C ALA A 5 18.09 5.64 -12.84
N LYS A 6 17.45 4.49 -12.96
CA LYS A 6 18.02 3.24 -12.47
C LYS A 6 19.42 3.02 -13.02
N ASN A 7 20.41 2.96 -12.13
CA ASN A 7 21.79 2.76 -12.53
C ASN A 7 22.28 1.38 -12.13
N SER A 8 22.46 1.17 -10.82
CA SER A 8 22.93 -0.11 -10.31
C SER A 8 22.05 -0.58 -9.15
N GLU A 9 22.36 -1.76 -8.62
CA GLU A 9 21.59 -2.33 -7.52
C GLU A 9 21.71 -1.45 -6.27
N THR A 10 22.90 -0.93 -6.03
CA THR A 10 23.15 -0.08 -4.87
C THR A 10 22.14 1.07 -4.81
N ALA A 11 21.77 1.58 -5.98
CA ALA A 11 20.81 2.67 -6.07
C ALA A 11 19.48 2.31 -5.40
N ALA A 12 19.11 1.04 -5.50
CA ALA A 12 17.87 0.56 -4.90
C ALA A 12 17.98 0.49 -3.38
N LYS A 13 19.12 0.01 -2.90
CA LYS A 13 19.36 -0.11 -1.47
C LYS A 13 19.36 1.26 -0.79
N VAL A 14 20.14 2.19 -1.35
CA VAL A 14 20.23 3.54 -0.81
C VAL A 14 18.88 4.25 -0.92
N ALA A 15 18.22 4.08 -2.06
CA ALA A 15 16.93 4.72 -2.29
C ALA A 15 15.86 4.15 -1.37
N LEU A 16 16.01 2.87 -1.03
CA LEU A 16 15.06 2.20 -0.15
C LEU A 16 15.26 2.63 1.31
N MET A 17 16.50 2.53 1.78
CA MET A 17 16.82 2.92 3.15
C MET A 17 16.49 4.40 3.39
N LYS A 18 16.75 5.22 2.39
CA LYS A 18 16.48 6.66 2.48
C LYS A 18 14.98 6.94 2.39
N LEU A 19 14.29 6.11 1.61
CA LEU A 19 12.85 6.27 1.43
C LEU A 19 12.10 5.97 2.72
N LYS A 20 12.41 4.82 3.33
CA LYS A 20 11.77 4.42 4.57
C LYS A 20 11.89 5.51 5.63
N MET A 21 13.01 6.23 5.61
CA MET A 21 13.25 7.31 6.56
C MET A 21 12.23 8.44 6.37
N HIS A 22 11.82 8.64 5.13
CA HIS A 22 10.86 9.69 4.81
C HIS A 22 9.42 9.20 5.00
N ALA A 23 9.23 7.89 4.84
CA ALA A 23 7.92 7.28 5.01
C ALA A 23 7.23 7.79 6.26
N ASP A 24 5.91 7.92 6.19
CA ASP A 24 5.13 8.40 7.34
C ASP A 24 5.30 7.48 8.53
N GLY A 25 5.87 8.01 9.61
CA GLY A 25 6.08 7.22 10.81
C GLY A 25 7.22 7.74 11.67
N ASP A 26 7.69 6.92 12.59
CA ASP A 26 8.78 7.31 13.47
C ASP A 26 10.09 6.63 13.06
N LYS A 27 11.04 7.45 12.61
CA LYS A 27 12.34 6.93 12.18
C LYS A 27 13.17 6.47 13.38
N SER A 28 13.05 7.19 14.49
CA SER A 28 13.77 6.85 15.70
C SER A 28 13.29 5.52 16.28
N LEU A 29 12.02 5.23 16.07
CA LEU A 29 11.43 3.99 16.57
C LEU A 29 11.78 2.81 15.66
N PRO A 30 11.77 1.60 16.23
CA PRO A 30 12.07 0.38 15.48
C PRO A 30 10.97 0.02 14.48
N GLN A 31 11.38 -0.35 13.27
CA GLN A 31 10.43 -0.72 12.22
C GLN A 31 10.50 -2.20 11.92
N THR A 32 10.70 -3.01 12.96
CA THR A 32 10.78 -4.45 12.82
C THR A 32 9.40 -5.06 12.57
N GLU A 33 8.38 -4.46 13.19
CA GLU A 33 7.01 -4.95 13.05
C GLU A 33 6.25 -4.10 12.03
N ARG A 34 6.72 -2.89 11.80
CA ARG A 34 6.08 -1.98 10.86
C ARG A 34 6.94 -1.81 9.60
N ILE A 35 6.35 -2.08 8.45
CA ILE A 35 7.04 -1.96 7.17
C ILE A 35 6.50 -0.81 6.36
N TYR A 36 7.37 -0.17 5.58
CA TYR A 36 6.97 0.95 4.75
C TYR A 36 6.86 0.54 3.28
N PHE A 37 5.90 1.11 2.58
CA PHE A 37 5.69 0.80 1.17
C PHE A 37 5.18 2.02 0.41
N GLN A 38 5.26 1.96 -0.92
CA GLN A 38 4.80 3.06 -1.77
C GLN A 38 3.30 2.99 -1.99
N VAL A 39 2.65 4.15 -1.97
CA VAL A 39 1.21 4.22 -2.18
C VAL A 39 0.88 5.00 -3.45
N PHE A 40 0.52 4.27 -4.50
CA PHE A 40 0.18 4.89 -5.78
C PHE A 40 -1.16 5.61 -5.69
N LEU A 41 -1.10 6.93 -5.53
CA LEU A 41 -2.31 7.75 -5.43
C LEU A 41 -2.85 8.10 -6.81
N PRO A 42 -4.15 8.36 -6.89
CA PRO A 42 -4.82 8.72 -8.14
C PRO A 42 -4.42 10.10 -8.64
N LYS A 43 -5.16 10.62 -9.61
CA LYS A 43 -4.88 11.93 -10.18
C LYS A 43 -4.74 12.98 -9.08
N GLY A 44 -4.27 14.16 -9.44
CA GLY A 44 -4.11 15.24 -8.47
C GLY A 44 -2.94 14.99 -7.54
N SER A 45 -1.73 14.92 -8.11
CA SER A 45 -0.54 14.69 -7.32
C SER A 45 0.70 14.63 -8.21
N LYS A 46 1.54 15.66 -8.12
CA LYS A 46 2.74 15.74 -8.92
C LYS A 46 3.57 14.46 -8.79
N GLU A 47 3.50 13.84 -7.61
CA GLU A 47 4.24 12.61 -7.36
C GLU A 47 3.48 11.41 -7.91
N LYS A 48 4.15 10.25 -7.90
CA LYS A 48 3.54 9.02 -8.40
C LYS A 48 2.96 8.20 -7.26
N SER A 49 3.63 8.22 -6.12
CA SER A 49 3.18 7.47 -4.95
C SER A 49 3.85 8.00 -3.67
N LYS A 50 3.15 7.87 -2.55
CA LYS A 50 3.67 8.33 -1.27
C LYS A 50 3.91 7.16 -0.33
N PRO A 51 5.06 7.20 0.37
CA PRO A 51 5.43 6.15 1.32
C PRO A 51 4.55 6.14 2.56
N MET A 52 4.19 4.94 3.02
CA MET A 52 3.34 4.79 4.19
C MET A 52 3.75 3.58 5.02
N PHE A 53 3.62 3.68 6.33
CA PHE A 53 3.97 2.59 7.23
C PHE A 53 2.76 1.71 7.53
N PHE A 54 3.02 0.43 7.79
CA PHE A 54 1.95 -0.52 8.11
C PHE A 54 2.45 -1.63 9.01
N CYS A 55 1.60 -2.07 9.92
CA CYS A 55 1.96 -3.13 10.87
C CYS A 55 1.70 -4.51 10.25
N HIS A 56 2.61 -5.44 10.50
CA HIS A 56 2.48 -6.80 9.98
C HIS A 56 1.41 -7.58 10.75
N ARG A 57 1.21 -7.20 12.01
CA ARG A 57 0.23 -7.87 12.85
C ARG A 57 -1.15 -7.24 12.68
N TRP A 58 -1.55 -7.04 11.44
CA TRP A 58 -2.85 -6.44 11.14
C TRP A 58 -3.35 -6.89 9.77
N SER A 59 -4.59 -7.37 9.73
CA SER A 59 -5.19 -7.83 8.48
C SER A 59 -5.04 -6.78 7.39
N ILE A 60 -4.62 -7.22 6.20
CA ILE A 60 -4.44 -6.33 5.08
C ILE A 60 -5.69 -5.49 4.83
N GLY A 61 -6.85 -6.13 4.84
CA GLY A 61 -8.10 -5.43 4.62
C GLY A 61 -8.31 -4.31 5.62
N LYS A 62 -8.10 -4.61 6.90
CA LYS A 62 -8.27 -3.62 7.95
C LYS A 62 -7.20 -2.54 7.86
N ALA A 63 -6.02 -2.92 7.39
CA ALA A 63 -4.91 -1.98 7.26
C ALA A 63 -5.33 -0.74 6.47
N ILE A 64 -5.97 -0.96 5.33
CA ILE A 64 -6.43 0.13 4.49
C ILE A 64 -7.33 1.09 5.27
N ASP A 65 -8.35 0.54 5.91
CA ASP A 65 -9.29 1.34 6.70
C ASP A 65 -8.53 2.19 7.72
N PHE A 66 -7.52 1.60 8.34
CA PHE A 66 -6.73 2.30 9.34
C PHE A 66 -6.02 3.51 8.73
N ALA A 67 -5.25 3.27 7.68
CA ALA A 67 -4.52 4.33 7.01
C ALA A 67 -5.46 5.47 6.61
N ALA A 68 -6.65 5.12 6.15
CA ALA A 68 -7.64 6.12 5.76
C ALA A 68 -7.99 7.04 6.92
N SER A 69 -7.97 6.50 8.13
CA SER A 69 -8.30 7.26 9.31
C SER A 69 -7.13 8.16 9.72
N LEU A 70 -5.94 7.57 9.80
CA LEU A 70 -4.74 8.30 10.17
C LEU A 70 -4.50 9.47 9.23
N ALA A 71 -4.82 9.28 7.96
CA ALA A 71 -4.65 10.33 6.95
C ALA A 71 -5.84 11.28 6.94
N ARG A 72 -6.90 10.90 7.65
CA ARG A 72 -8.11 11.72 7.72
C ARG A 72 -8.75 11.87 6.34
N LEU A 73 -9.03 10.74 5.70
CA LEU A 73 -9.65 10.74 4.38
C LEU A 73 -11.10 10.26 4.45
N LYS A 74 -11.87 10.60 3.42
CA LYS A 74 -13.28 10.21 3.37
C LYS A 74 -13.41 8.71 3.07
N ASN A 75 -14.43 8.09 3.68
CA ASN A 75 -14.66 6.66 3.48
C ASN A 75 -16.16 6.36 3.48
N ASP A 76 -16.60 5.51 2.56
CA ASP A 76 -18.00 5.13 2.47
C ASP A 76 -18.23 3.73 3.03
N ASN A 77 -17.52 3.41 4.11
CA ASN A 77 -17.65 2.11 4.74
C ASN A 77 -18.55 2.17 5.97
N ASN A 78 -18.53 3.32 6.65
CA ASN A 78 -19.35 3.51 7.84
C ASN A 78 -20.75 3.98 7.46
N LYS A 79 -21.40 3.24 6.58
CA LYS A 79 -22.75 3.58 6.14
C LYS A 79 -23.54 2.32 5.80
N PHE A 80 -24.79 2.51 5.38
CA PHE A 80 -25.65 1.38 5.02
C PHE A 80 -25.28 0.83 3.65
N THR A 81 -24.27 -0.02 3.61
CA THR A 81 -23.82 -0.62 2.36
C THR A 81 -23.22 0.44 1.42
N ALA A 82 -21.94 0.32 1.15
CA ALA A 82 -21.25 1.25 0.27
C ALA A 82 -19.78 0.87 0.10
N LYS A 83 -19.17 1.38 -0.96
CA LYS A 83 -17.77 1.09 -1.25
C LYS A 83 -16.90 1.36 -0.03
N LYS A 84 -15.82 0.61 0.10
CA LYS A 84 -14.90 0.78 1.21
C LYS A 84 -13.45 0.77 0.75
N LEU A 85 -12.65 1.69 1.28
CA LEU A 85 -11.24 1.78 0.92
C LEU A 85 -10.55 0.43 1.04
N ARG A 86 -10.02 -0.07 -0.08
CA ARG A 86 -9.34 -1.35 -0.09
C ARG A 86 -8.13 -1.31 -1.03
N LEU A 87 -7.27 -2.31 -0.92
CA LEU A 87 -6.07 -2.39 -1.76
C LEU A 87 -6.28 -3.37 -2.91
N CYS A 88 -5.62 -3.12 -4.02
CA CYS A 88 -5.72 -3.98 -5.19
C CYS A 88 -4.47 -3.88 -6.06
N HIS A 89 -4.05 -5.01 -6.61
CA HIS A 89 -2.86 -5.05 -7.47
C HIS A 89 -3.04 -4.14 -8.68
N ILE A 90 -1.95 -3.52 -9.10
CA ILE A 90 -1.99 -2.62 -10.25
C ILE A 90 -2.10 -3.41 -11.56
N THR A 91 -2.88 -2.88 -12.51
CA THR A 91 -3.06 -3.54 -13.79
C THR A 91 -3.76 -4.88 -13.64
N SER A 92 -4.66 -4.96 -12.67
CA SER A 92 -5.40 -6.20 -12.42
C SER A 92 -6.72 -5.91 -11.72
N GLY A 93 -6.66 -5.18 -10.61
CA GLY A 93 -7.86 -4.84 -9.87
C GLY A 93 -8.18 -5.86 -8.79
N GLU A 94 -7.59 -7.04 -8.91
CA GLU A 94 -7.82 -8.12 -7.94
C GLU A 94 -7.42 -7.67 -6.53
N ALA A 95 -8.37 -7.73 -5.61
CA ALA A 95 -8.12 -7.33 -4.23
C ALA A 95 -8.21 -8.54 -3.29
N LEU A 96 -7.25 -8.66 -2.39
CA LEU A 96 -7.22 -9.76 -1.43
C LEU A 96 -8.25 -9.55 -0.33
N PRO A 97 -8.63 -10.65 0.34
CA PRO A 97 -9.62 -10.61 1.42
C PRO A 97 -9.08 -9.91 2.68
N LEU A 98 -9.97 -9.46 3.54
CA LEU A 98 -9.59 -8.78 4.76
C LEU A 98 -9.20 -9.79 5.84
N ASP A 99 -9.41 -11.06 5.55
CA ASP A 99 -9.08 -12.13 6.50
C ASP A 99 -7.67 -12.66 6.25
N HIS A 100 -6.82 -11.83 5.66
CA HIS A 100 -5.45 -12.21 5.38
C HIS A 100 -4.46 -11.33 6.12
N THR A 101 -3.30 -11.89 6.47
CA THR A 101 -2.27 -11.16 7.19
C THR A 101 -1.06 -10.92 6.31
N LEU A 102 -0.31 -9.86 6.62
CA LEU A 102 0.89 -9.53 5.85
C LEU A 102 1.98 -10.58 6.06
N GLU A 103 2.31 -10.84 7.32
CA GLU A 103 3.34 -11.83 7.65
C GLU A 103 3.03 -13.17 6.98
N THR A 104 1.76 -13.50 6.89
CA THR A 104 1.33 -14.76 6.29
C THR A 104 1.74 -14.83 4.82
N TRP A 105 1.63 -13.69 4.13
CA TRP A 105 1.98 -13.61 2.72
C TRP A 105 3.46 -13.95 2.51
N ILE A 106 4.31 -13.41 3.39
CA ILE A 106 5.74 -13.66 3.30
C ILE A 106 6.09 -15.07 3.77
N ALA A 107 5.36 -15.55 4.77
CA ALA A 107 5.59 -16.88 5.31
C ALA A 107 5.13 -17.96 4.35
N LYS A 108 4.20 -17.61 3.46
CA LYS A 108 3.68 -18.55 2.47
C LYS A 108 4.70 -18.78 1.36
N GLU A 109 4.75 -20.00 0.86
CA GLU A 109 5.68 -20.36 -0.21
C GLU A 109 5.10 -19.99 -1.57
N ASP A 110 3.79 -20.11 -1.70
CA ASP A 110 3.11 -19.79 -2.96
C ASP A 110 3.24 -18.30 -3.27
N CYS A 111 4.28 -17.95 -4.01
CA CYS A 111 4.52 -16.56 -4.38
C CYS A 111 4.44 -15.64 -3.16
N PRO A 112 5.51 -15.63 -2.36
CA PRO A 112 5.60 -14.80 -1.15
C PRO A 112 5.68 -13.31 -1.47
N LEU A 113 5.94 -12.50 -0.45
CA LEU A 113 6.06 -11.07 -0.61
C LEU A 113 7.39 -10.55 -0.09
N TYR A 114 7.76 -9.35 -0.48
CA TYR A 114 9.01 -8.74 -0.05
C TYR A 114 8.83 -7.26 0.23
N ASN A 115 9.71 -6.71 1.07
CA ASN A 115 9.66 -5.30 1.43
C ASN A 115 9.99 -4.42 0.22
N GLY A 116 9.36 -3.25 0.15
CA GLY A 116 9.60 -2.34 -0.95
C GLY A 116 8.45 -2.31 -1.95
N GLY A 117 7.61 -3.33 -1.89
CA GLY A 117 6.48 -3.39 -2.80
C GLY A 117 5.63 -2.14 -2.78
N ASN A 118 4.66 -2.06 -3.67
CA ASN A 118 3.78 -0.89 -3.75
C ASN A 118 2.37 -1.30 -4.17
N ILE A 119 1.38 -0.79 -3.44
CA ILE A 119 -0.01 -1.10 -3.73
C ILE A 119 -0.84 0.16 -3.90
N ILE A 120 -1.89 0.09 -4.71
CA ILE A 120 -2.76 1.22 -4.95
C ILE A 120 -3.95 1.22 -4.02
N LEU A 121 -4.43 2.40 -3.66
CA LEU A 121 -5.58 2.54 -2.77
C LEU A 121 -6.85 2.81 -3.56
N GLU A 122 -7.78 1.85 -3.53
CA GLU A 122 -9.04 1.99 -4.24
C GLU A 122 -10.21 1.49 -3.38
N TYR A 123 -11.20 2.35 -3.17
CA TYR A 123 -12.36 1.99 -2.37
C TYR A 123 -13.45 1.38 -3.24
N LEU A 124 -13.83 0.15 -2.91
CA LEU A 124 -14.87 -0.56 -3.66
C LEU A 124 -15.75 -1.39 -2.73
N ASN A 125 -16.98 -1.62 -3.14
CA ASN A 125 -17.92 -2.41 -2.35
C ASN A 125 -17.29 -3.74 -1.93
N ASP A 126 -17.79 -4.29 -0.83
CA ASP A 126 -17.27 -5.55 -0.31
C ASP A 126 -17.68 -6.72 -1.21
N GLU A 127 -18.86 -6.60 -1.81
CA GLU A 127 -19.37 -7.64 -2.71
C GLU A 127 -18.49 -7.76 -3.95
N GLU A 128 -17.88 -6.65 -4.35
CA GLU A 128 -17.01 -6.63 -5.53
C GLU A 128 -15.56 -6.85 -5.13
N GLN A 129 -15.00 -7.98 -5.56
CA GLN A 129 -13.61 -8.31 -5.25
C GLN A 129 -12.70 -7.89 -6.39
N PHE A 130 -13.05 -6.81 -7.07
CA PHE A 130 -12.26 -6.31 -8.19
C PHE A 130 -12.50 -4.81 -8.40
N CYS A 131 -11.44 -4.03 -8.28
CA CYS A 131 -11.53 -2.58 -8.46
C CYS A 131 -11.52 -2.21 -9.94
N LYS A 132 -12.18 -1.11 -10.27
CA LYS A 132 -12.26 -0.65 -11.65
C LYS A 132 -10.85 -0.47 -12.24
N ASN A 133 -10.80 -0.12 -13.52
CA ASN A 133 -9.52 0.08 -14.20
C ASN A 133 -8.67 1.09 -13.45
N VAL A 134 -7.53 0.63 -12.94
CA VAL A 134 -6.61 1.50 -12.21
C VAL A 134 -5.77 2.35 -13.16
N GLU A 135 -5.33 1.73 -14.25
CA GLU A 135 -4.52 2.44 -15.25
C GLU A 135 -5.24 3.70 -15.73
N SER A 136 -6.56 3.62 -15.86
CA SER A 136 -7.36 4.74 -16.31
C SER A 136 -7.20 5.94 -15.38
N TYR A 137 -7.13 5.67 -14.09
CA TYR A 137 -6.98 6.72 -13.09
C TYR A 137 -5.64 7.44 -13.26
N LEU A 138 -4.61 6.69 -13.63
CA LEU A 138 -3.28 7.24 -13.82
C LEU A 138 -3.15 7.86 -15.21
N GLU A 139 -3.97 7.40 -16.14
CA GLU A 139 -3.95 7.90 -17.51
C GLU A 139 -5.05 8.93 -17.72
N GLY A 1 16.91 15.61 -14.08
CA GLY A 1 17.57 14.43 -14.62
C GLY A 1 19.07 14.56 -14.62
N GLY A 2 19.77 13.45 -14.83
CA GLY A 2 21.22 13.47 -14.86
C GLY A 2 21.83 13.22 -13.49
N SER A 3 21.73 11.99 -13.01
CA SER A 3 22.28 11.64 -11.71
C SER A 3 23.48 10.70 -11.86
N GLY A 4 23.24 9.52 -12.43
CA GLY A 4 24.32 8.57 -12.61
C GLY A 4 24.17 7.36 -11.70
N ALA A 5 24.60 6.19 -12.19
CA ALA A 5 24.52 4.96 -11.41
C ALA A 5 25.21 3.81 -12.14
N LYS A 6 26.48 3.59 -11.82
CA LYS A 6 27.26 2.53 -12.43
C LYS A 6 26.60 1.17 -12.19
N ASN A 7 26.42 0.82 -10.92
CA ASN A 7 25.80 -0.44 -10.56
C ASN A 7 24.32 -0.44 -10.89
N SER A 8 23.67 -1.59 -10.70
CA SER A 8 22.25 -1.72 -10.98
C SER A 8 21.49 -2.23 -9.76
N GLU A 9 22.08 -3.21 -9.08
CA GLU A 9 21.46 -3.78 -7.88
C GLU A 9 21.58 -2.83 -6.70
N THR A 10 22.77 -2.31 -6.46
CA THR A 10 23.01 -1.39 -5.37
C THR A 10 22.03 -0.22 -5.41
N ALA A 11 21.67 0.21 -6.62
CA ALA A 11 20.73 1.31 -6.79
C ALA A 11 19.40 1.00 -6.14
N ALA A 12 19.00 -0.27 -6.18
CA ALA A 12 17.74 -0.70 -5.59
C ALA A 12 17.80 -0.68 -4.07
N LYS A 13 18.91 -1.18 -3.53
CA LYS A 13 19.10 -1.23 -2.09
C LYS A 13 19.17 0.18 -1.50
N VAL A 14 20.04 1.01 -2.08
CA VAL A 14 20.21 2.38 -1.62
C VAL A 14 18.91 3.16 -1.75
N ALA A 15 18.23 2.99 -2.87
CA ALA A 15 16.96 3.67 -3.12
C ALA A 15 15.90 3.24 -2.12
N LEU A 16 15.87 1.95 -1.81
CA LEU A 16 14.90 1.40 -0.86
C LEU A 16 15.11 1.99 0.53
N MET A 17 16.34 1.90 1.02
CA MET A 17 16.68 2.42 2.35
C MET A 17 16.46 3.93 2.40
N LYS A 18 16.73 4.61 1.29
CA LYS A 18 16.58 6.06 1.22
C LYS A 18 15.10 6.43 1.22
N LEU A 19 14.28 5.61 0.56
CA LEU A 19 12.85 5.86 0.47
C LEU A 19 12.18 5.66 1.83
N LYS A 20 12.52 4.56 2.50
CA LYS A 20 11.95 4.26 3.81
C LYS A 20 12.16 5.42 4.77
N MET A 21 13.30 6.10 4.63
CA MET A 21 13.62 7.24 5.48
C MET A 21 12.68 8.41 5.22
N HIS A 22 12.22 8.51 3.98
CA HIS A 22 11.31 9.59 3.59
C HIS A 22 9.87 9.25 3.96
N ALA A 23 9.56 7.96 3.95
CA ALA A 23 8.22 7.49 4.29
C ALA A 23 7.72 8.15 5.57
N ASP A 24 6.41 8.34 5.66
CA ASP A 24 5.80 8.95 6.84
C ASP A 24 5.98 8.07 8.07
N GLY A 25 6.54 8.65 9.12
CA GLY A 25 6.75 7.89 10.35
C GLY A 25 8.19 7.99 10.84
N ASP A 26 8.50 7.25 11.90
CA ASP A 26 9.85 7.25 12.46
C ASP A 26 10.70 6.16 11.83
N LYS A 27 11.79 6.57 11.20
CA LYS A 27 12.69 5.63 10.54
C LYS A 27 13.69 5.05 11.54
N SER A 28 14.16 5.89 12.46
CA SER A 28 15.12 5.47 13.48
C SER A 28 14.52 4.38 14.37
N LEU A 29 13.20 4.45 14.56
CA LEU A 29 12.50 3.48 15.40
C LEU A 29 12.58 2.09 14.79
N PRO A 30 13.29 1.17 15.48
CA PRO A 30 13.45 -0.21 15.03
C PRO A 30 12.16 -1.01 15.13
N GLN A 31 11.27 -0.81 14.16
CA GLN A 31 9.99 -1.50 14.14
C GLN A 31 9.97 -2.57 13.04
N THR A 32 10.08 -3.82 13.44
CA THR A 32 10.08 -4.93 12.48
C THR A 32 8.65 -5.28 12.06
N GLU A 33 7.70 -4.99 12.93
CA GLU A 33 6.29 -5.27 12.64
C GLU A 33 5.70 -4.23 11.70
N ARG A 34 6.34 -3.07 11.64
CA ARG A 34 5.87 -1.98 10.79
C ARG A 34 6.69 -1.94 9.49
N ILE A 35 6.03 -1.52 8.41
CA ILE A 35 6.69 -1.43 7.11
C ILE A 35 6.19 -0.24 6.32
N TYR A 36 7.06 0.34 5.50
CA TYR A 36 6.69 1.50 4.70
C TYR A 36 6.34 1.08 3.27
N PHE A 37 5.13 1.43 2.84
CA PHE A 37 4.67 1.09 1.50
C PHE A 37 4.21 2.34 0.74
N GLN A 38 4.37 2.31 -0.57
CA GLN A 38 3.98 3.44 -1.41
C GLN A 38 2.52 3.31 -1.86
N VAL A 39 1.70 4.27 -1.47
CA VAL A 39 0.28 4.26 -1.83
C VAL A 39 -0.01 5.27 -2.94
N PHE A 40 -0.82 4.86 -3.91
CA PHE A 40 -1.18 5.73 -5.02
C PHE A 40 -2.41 6.56 -4.69
N LEU A 41 -2.19 7.85 -4.41
CA LEU A 41 -3.29 8.74 -4.06
C LEU A 41 -4.06 9.17 -5.32
N PRO A 42 -5.34 9.52 -5.14
CA PRO A 42 -6.20 9.95 -6.24
C PRO A 42 -5.80 11.32 -6.79
N LYS A 43 -5.60 12.27 -5.90
CA LYS A 43 -5.20 13.62 -6.30
C LYS A 43 -3.69 13.73 -6.45
N GLY A 44 -3.17 13.17 -7.54
CA GLY A 44 -1.74 13.23 -7.77
C GLY A 44 -1.26 14.59 -8.20
N SER A 45 -1.16 15.51 -7.23
CA SER A 45 -0.72 16.87 -7.51
C SER A 45 0.78 16.91 -7.80
N LYS A 46 1.58 16.77 -6.74
CA LYS A 46 3.03 16.80 -6.88
C LYS A 46 3.56 15.42 -7.26
N GLU A 47 2.92 14.37 -6.73
CA GLU A 47 3.33 13.00 -7.02
C GLU A 47 2.11 12.10 -7.18
N LYS A 48 2.31 10.96 -7.84
CA LYS A 48 1.24 10.01 -8.07
C LYS A 48 1.00 9.15 -6.83
N SER A 49 2.07 8.82 -6.13
CA SER A 49 1.99 8.01 -4.92
C SER A 49 2.87 8.58 -3.81
N LYS A 50 2.56 8.21 -2.58
CA LYS A 50 3.33 8.68 -1.43
C LYS A 50 3.57 7.53 -0.44
N PRO A 51 4.81 7.47 0.08
CA PRO A 51 5.21 6.43 1.05
C PRO A 51 4.53 6.62 2.41
N MET A 52 4.05 5.52 2.98
CA MET A 52 3.39 5.57 4.27
C MET A 52 3.71 4.32 5.09
N PHE A 53 3.65 4.45 6.41
CA PHE A 53 3.94 3.34 7.31
C PHE A 53 2.67 2.55 7.62
N PHE A 54 2.83 1.25 7.86
CA PHE A 54 1.70 0.39 8.17
C PHE A 54 2.11 -0.71 9.15
N CYS A 55 1.11 -1.34 9.77
CA CYS A 55 1.37 -2.40 10.74
C CYS A 55 1.08 -3.77 10.12
N HIS A 56 1.94 -4.74 10.42
CA HIS A 56 1.78 -6.09 9.90
C HIS A 56 0.82 -6.90 10.77
N ARG A 57 0.71 -6.51 12.04
CA ARG A 57 -0.17 -7.19 12.97
C ARG A 57 -1.60 -6.67 12.86
N TRP A 58 -2.11 -6.62 11.64
CA TRP A 58 -3.47 -6.14 11.40
C TRP A 58 -3.97 -6.61 10.04
N SER A 59 -5.26 -6.90 9.96
CA SER A 59 -5.86 -7.36 8.71
C SER A 59 -5.53 -6.41 7.56
N ILE A 60 -5.14 -6.96 6.43
CA ILE A 60 -4.79 -6.17 5.26
C ILE A 60 -5.94 -5.24 4.87
N GLY A 61 -7.15 -5.79 4.82
CA GLY A 61 -8.30 -4.99 4.45
C GLY A 61 -8.59 -3.89 5.45
N LYS A 62 -8.60 -4.24 6.73
CA LYS A 62 -8.85 -3.27 7.79
C LYS A 62 -7.82 -2.15 7.76
N ALA A 63 -6.60 -2.49 7.35
CA ALA A 63 -5.51 -1.52 7.27
C ALA A 63 -5.94 -0.29 6.49
N ILE A 64 -6.53 -0.51 5.32
CA ILE A 64 -6.99 0.58 4.47
C ILE A 64 -8.02 1.45 5.19
N ASP A 65 -8.98 0.81 5.83
CA ASP A 65 -10.03 1.53 6.56
C ASP A 65 -9.42 2.43 7.62
N PHE A 66 -8.39 1.92 8.30
CA PHE A 66 -7.72 2.69 9.35
C PHE A 66 -7.01 3.91 8.76
N ALA A 67 -6.14 3.66 7.79
CA ALA A 67 -5.39 4.74 7.14
C ALA A 67 -6.33 5.85 6.65
N ALA A 68 -7.47 5.43 6.11
CA ALA A 68 -8.46 6.38 5.59
C ALA A 68 -8.94 7.31 6.70
N SER A 69 -9.02 6.78 7.92
CA SER A 69 -9.48 7.57 9.06
C SER A 69 -8.38 8.51 9.55
N LEU A 70 -7.16 7.98 9.65
CA LEU A 70 -6.03 8.77 10.11
C LEU A 70 -5.76 9.94 9.17
N ALA A 71 -5.99 9.73 7.88
CA ALA A 71 -5.79 10.77 6.88
C ALA A 71 -7.03 11.63 6.73
N ARG A 72 -8.01 11.41 7.60
CA ARG A 72 -9.25 12.18 7.55
C ARG A 72 -9.85 12.16 6.15
N LEU A 73 -9.86 10.98 5.53
CA LEU A 73 -10.40 10.83 4.19
C LEU A 73 -11.76 10.13 4.22
N LYS A 74 -12.48 10.19 3.10
CA LYS A 74 -13.78 9.55 3.00
C LYS A 74 -13.67 8.04 3.19
N ASN A 75 -14.64 7.45 3.87
CA ASN A 75 -14.64 6.02 4.13
C ASN A 75 -15.93 5.59 4.84
N ASP A 76 -16.72 4.77 4.15
CA ASP A 76 -17.98 4.29 4.72
C ASP A 76 -17.89 2.80 5.06
N ASN A 77 -16.74 2.39 5.60
CA ASN A 77 -16.52 1.00 5.95
C ASN A 77 -17.20 0.67 7.28
N ASN A 78 -18.53 0.62 7.26
CA ASN A 78 -19.30 0.32 8.46
C ASN A 78 -20.17 -0.92 8.26
N LYS A 79 -21.04 -0.87 7.27
CA LYS A 79 -21.93 -1.99 6.96
C LYS A 79 -21.59 -2.59 5.60
N PHE A 80 -22.45 -3.50 5.14
CA PHE A 80 -22.24 -4.15 3.85
C PHE A 80 -23.18 -3.58 2.79
N THR A 81 -23.43 -2.27 2.88
CA THR A 81 -24.32 -1.62 1.93
C THR A 81 -23.72 -0.30 1.44
N ALA A 82 -22.40 -0.28 1.29
CA ALA A 82 -21.70 0.93 0.83
C ALA A 82 -20.23 0.63 0.57
N LYS A 83 -19.71 1.17 -0.53
CA LYS A 83 -18.32 0.98 -0.89
C LYS A 83 -17.39 1.32 0.28
N LYS A 84 -16.33 0.53 0.44
CA LYS A 84 -15.38 0.75 1.52
C LYS A 84 -13.95 0.77 0.98
N LEU A 85 -13.18 1.77 1.40
CA LEU A 85 -11.79 1.90 0.95
C LEU A 85 -11.05 0.59 1.14
N ARG A 86 -10.49 0.06 0.05
CA ARG A 86 -9.75 -1.19 0.10
C ARG A 86 -8.54 -1.14 -0.83
N LEU A 87 -7.63 -2.10 -0.68
CA LEU A 87 -6.43 -2.16 -1.51
C LEU A 87 -6.69 -3.00 -2.77
N CYS A 88 -6.05 -2.61 -3.86
CA CYS A 88 -6.20 -3.33 -5.12
C CYS A 88 -4.93 -3.22 -5.97
N HIS A 89 -4.58 -4.33 -6.61
CA HIS A 89 -3.37 -4.38 -7.45
C HIS A 89 -3.52 -3.44 -8.64
N ILE A 90 -2.40 -2.86 -9.07
CA ILE A 90 -2.40 -1.96 -10.21
C ILE A 90 -2.54 -2.72 -11.53
N THR A 91 -3.12 -2.08 -12.53
CA THR A 91 -3.32 -2.69 -13.83
C THR A 91 -3.76 -4.14 -13.70
N SER A 92 -4.55 -4.42 -12.67
CA SER A 92 -5.04 -5.77 -12.43
C SER A 92 -6.40 -5.74 -11.74
N GLY A 93 -6.55 -4.84 -10.77
CA GLY A 93 -7.81 -4.73 -10.05
C GLY A 93 -8.03 -5.87 -9.07
N GLU A 94 -6.93 -6.48 -8.64
CA GLU A 94 -7.01 -7.59 -7.70
C GLU A 94 -7.05 -7.08 -6.26
N ALA A 95 -8.16 -7.36 -5.58
CA ALA A 95 -8.33 -6.92 -4.19
C ALA A 95 -8.27 -8.11 -3.24
N LEU A 96 -7.31 -8.08 -2.33
CA LEU A 96 -7.13 -9.16 -1.35
C LEU A 96 -8.22 -9.09 -0.29
N PRO A 97 -8.44 -10.23 0.40
CA PRO A 97 -9.45 -10.33 1.46
C PRO A 97 -9.05 -9.55 2.70
N LEU A 98 -10.06 -9.06 3.44
CA LEU A 98 -9.81 -8.30 4.65
C LEU A 98 -9.54 -9.22 5.83
N ASP A 99 -9.82 -10.50 5.65
CA ASP A 99 -9.59 -11.49 6.70
C ASP A 99 -8.21 -12.13 6.56
N HIS A 100 -7.29 -11.39 5.95
CA HIS A 100 -5.93 -11.88 5.76
C HIS A 100 -4.91 -10.89 6.30
N THR A 101 -3.98 -11.38 7.11
CA THR A 101 -2.95 -10.52 7.70
C THR A 101 -1.71 -10.48 6.83
N LEU A 102 -0.96 -9.40 6.92
CA LEU A 102 0.26 -9.24 6.13
C LEU A 102 1.34 -10.21 6.60
N GLU A 103 1.53 -10.30 7.91
CA GLU A 103 2.54 -11.18 8.49
C GLU A 103 2.27 -12.63 8.08
N THR A 104 0.99 -12.99 7.97
CA THR A 104 0.60 -14.34 7.59
C THR A 104 1.19 -14.72 6.24
N TRP A 105 1.08 -13.80 5.28
CA TRP A 105 1.60 -14.04 3.93
C TRP A 105 3.12 -14.03 3.93
N ILE A 106 3.71 -13.03 4.57
CA ILE A 106 5.16 -12.90 4.63
C ILE A 106 5.78 -14.11 5.30
N ALA A 107 5.09 -14.65 6.30
CA ALA A 107 5.58 -15.82 7.02
C ALA A 107 5.21 -17.11 6.30
N LYS A 108 4.16 -17.04 5.49
CA LYS A 108 3.69 -18.20 4.75
C LYS A 108 4.77 -18.70 3.78
N GLU A 109 4.60 -19.91 3.28
CA GLU A 109 5.57 -20.50 2.36
C GLU A 109 5.83 -19.57 1.17
N ASP A 110 4.78 -18.88 0.74
CA ASP A 110 4.89 -17.95 -0.39
C ASP A 110 5.04 -16.51 0.11
N CYS A 111 5.67 -15.67 -0.69
CA CYS A 111 5.87 -14.27 -0.35
C CYS A 111 5.60 -13.37 -1.54
N PRO A 112 4.31 -13.21 -1.87
CA PRO A 112 3.87 -12.37 -3.00
C PRO A 112 4.08 -10.88 -2.72
N LEU A 113 3.71 -10.45 -1.52
CA LEU A 113 3.86 -9.05 -1.13
C LEU A 113 5.10 -8.86 -0.28
N TYR A 114 5.94 -7.90 -0.67
CA TYR A 114 7.16 -7.61 0.05
C TYR A 114 7.42 -6.11 0.12
N ASN A 115 8.22 -5.69 1.09
CA ASN A 115 8.54 -4.27 1.26
C ASN A 115 9.03 -3.67 -0.05
N GLY A 116 8.66 -2.41 -0.28
CA GLY A 116 9.06 -1.73 -1.51
C GLY A 116 7.93 -1.65 -2.52
N GLY A 117 6.99 -2.58 -2.43
CA GLY A 117 5.87 -2.59 -3.35
C GLY A 117 4.98 -1.37 -3.21
N ASN A 118 4.05 -1.20 -4.15
CA ASN A 118 3.14 -0.07 -4.12
C ASN A 118 1.73 -0.49 -4.53
N ILE A 119 0.74 -0.08 -3.76
CA ILE A 119 -0.64 -0.42 -4.05
C ILE A 119 -1.51 0.84 -4.10
N ILE A 120 -2.61 0.75 -4.86
CA ILE A 120 -3.52 1.88 -4.99
C ILE A 120 -4.67 1.78 -4.00
N LEU A 121 -5.14 2.93 -3.52
CA LEU A 121 -6.24 2.97 -2.57
C LEU A 121 -7.56 3.29 -3.27
N GLU A 122 -8.47 2.32 -3.26
CA GLU A 122 -9.78 2.49 -3.89
C GLU A 122 -10.84 1.67 -3.16
N TYR A 123 -12.00 2.29 -2.92
CA TYR A 123 -13.09 1.62 -2.23
C TYR A 123 -13.86 0.70 -3.19
N LEU A 124 -14.26 -0.45 -2.70
CA LEU A 124 -15.00 -1.42 -3.50
C LEU A 124 -16.10 -2.09 -2.68
N ASN A 125 -17.17 -2.50 -3.36
CA ASN A 125 -18.28 -3.16 -2.69
C ASN A 125 -17.85 -4.49 -2.10
N ASP A 126 -18.51 -4.90 -1.01
CA ASP A 126 -18.19 -6.16 -0.36
C ASP A 126 -18.36 -7.33 -1.32
N GLU A 127 -19.35 -7.23 -2.20
CA GLU A 127 -19.61 -8.28 -3.17
C GLU A 127 -18.60 -8.23 -4.31
N GLU A 128 -18.08 -7.04 -4.59
CA GLU A 128 -17.11 -6.86 -5.66
C GLU A 128 -15.71 -7.20 -5.17
N GLN A 129 -14.97 -7.94 -5.99
CA GLN A 129 -13.61 -8.33 -5.65
C GLN A 129 -12.61 -7.83 -6.69
N PHE A 130 -13.03 -7.82 -7.94
CA PHE A 130 -12.17 -7.35 -9.04
C PHE A 130 -12.61 -5.98 -9.53
N CYS A 131 -11.69 -5.01 -9.45
CA CYS A 131 -11.98 -3.66 -9.89
C CYS A 131 -11.51 -3.43 -11.33
N LYS A 132 -11.88 -2.28 -11.89
CA LYS A 132 -11.49 -1.94 -13.25
C LYS A 132 -10.04 -1.46 -13.32
N ASN A 133 -9.59 -1.11 -14.51
CA ASN A 133 -8.22 -0.64 -14.70
C ASN A 133 -7.98 0.66 -13.93
N VAL A 134 -7.20 0.56 -12.86
CA VAL A 134 -6.90 1.72 -12.03
C VAL A 134 -5.90 2.64 -12.74
N GLU A 135 -4.97 2.06 -13.47
CA GLU A 135 -3.97 2.82 -14.21
C GLU A 135 -4.62 3.87 -15.10
N SER A 136 -5.76 3.51 -15.68
CA SER A 136 -6.48 4.41 -16.57
C SER A 136 -6.85 5.70 -15.85
N TYR A 137 -7.19 5.59 -14.57
CA TYR A 137 -7.55 6.75 -13.77
C TYR A 137 -6.42 7.78 -13.76
N LEU A 138 -5.19 7.29 -13.73
CA LEU A 138 -4.01 8.16 -13.71
C LEU A 138 -3.62 8.58 -15.13
N GLU A 139 -4.00 7.76 -16.11
CA GLU A 139 -3.69 8.05 -17.51
C GLU A 139 -4.61 9.14 -18.06
N GLY A 1 20.16 9.17 -14.61
CA GLY A 1 21.18 10.11 -15.04
C GLY A 1 21.45 11.19 -14.03
N GLY A 2 22.57 11.88 -14.17
CA GLY A 2 22.92 12.93 -13.24
C GLY A 2 23.78 12.43 -12.09
N SER A 3 23.27 11.44 -11.35
CA SER A 3 23.99 10.88 -10.22
C SER A 3 25.02 9.86 -10.68
N GLY A 4 25.71 9.23 -9.73
CA GLY A 4 26.70 8.23 -10.06
C GLY A 4 26.10 6.89 -10.38
N ALA A 5 26.94 5.92 -10.70
CA ALA A 5 26.49 4.57 -11.04
C ALA A 5 27.55 3.54 -10.72
N LYS A 6 27.82 3.33 -9.43
CA LYS A 6 28.81 2.37 -8.99
C LYS A 6 28.28 0.94 -9.10
N ASN A 7 27.03 0.75 -8.66
CA ASN A 7 26.40 -0.56 -8.71
C ASN A 7 24.90 -0.44 -8.93
N SER A 8 24.28 -1.52 -9.41
CA SER A 8 22.85 -1.52 -9.68
C SER A 8 22.08 -1.92 -8.42
N GLU A 9 22.47 -3.02 -7.81
CA GLU A 9 21.81 -3.51 -6.59
C GLU A 9 21.75 -2.42 -5.54
N THR A 10 22.89 -1.77 -5.29
CA THR A 10 22.96 -0.70 -4.30
C THR A 10 21.89 0.35 -4.55
N ALA A 11 21.61 0.61 -5.82
CA ALA A 11 20.60 1.60 -6.19
C ALA A 11 19.24 1.26 -5.59
N ALA A 12 18.96 -0.04 -5.50
CA ALA A 12 17.68 -0.50 -4.95
C ALA A 12 17.66 -0.33 -3.44
N LYS A 13 18.73 -0.74 -2.77
CA LYS A 13 18.82 -0.63 -1.32
C LYS A 13 18.76 0.83 -0.88
N VAL A 14 19.60 1.66 -1.49
CA VAL A 14 19.65 3.08 -1.16
C VAL A 14 18.28 3.72 -1.36
N ALA A 15 17.62 3.39 -2.46
CA ALA A 15 16.31 3.94 -2.76
C ALA A 15 15.26 3.44 -1.76
N LEU A 16 15.41 2.19 -1.33
CA LEU A 16 14.48 1.61 -0.37
C LEU A 16 14.54 2.33 0.97
N MET A 17 15.75 2.48 1.51
CA MET A 17 15.94 3.16 2.79
C MET A 17 15.55 4.62 2.68
N LYS A 18 15.96 5.27 1.60
CA LYS A 18 15.64 6.68 1.38
C LYS A 18 14.13 6.90 1.38
N LEU A 19 13.39 5.94 0.85
CA LEU A 19 11.94 6.03 0.80
C LEU A 19 11.32 5.81 2.18
N LYS A 20 11.78 4.77 2.86
CA LYS A 20 11.27 4.45 4.18
C LYS A 20 11.38 5.66 5.11
N MET A 21 12.52 6.34 5.07
CA MET A 21 12.75 7.51 5.90
C MET A 21 11.69 8.58 5.64
N HIS A 22 11.18 8.61 4.41
CA HIS A 22 10.17 9.58 4.02
C HIS A 22 8.77 9.09 4.42
N ALA A 23 8.58 7.77 4.39
CA ALA A 23 7.30 7.18 4.76
C ALA A 23 6.80 7.74 6.09
N ASP A 24 5.48 7.95 6.18
CA ASP A 24 4.88 8.48 7.39
C ASP A 24 5.29 7.65 8.61
N GLY A 25 6.23 8.17 9.39
CA GLY A 25 6.70 7.46 10.56
C GLY A 25 8.04 7.98 11.06
N ASP A 26 8.41 7.57 12.27
CA ASP A 26 9.68 8.00 12.85
C ASP A 26 10.79 7.00 12.53
N LYS A 27 11.71 7.40 11.66
CA LYS A 27 12.82 6.55 11.25
C LYS A 27 13.63 6.12 12.47
N SER A 28 13.67 6.98 13.49
CA SER A 28 14.42 6.69 14.71
C SER A 28 13.87 5.45 15.40
N LEU A 29 12.57 5.21 15.25
CA LEU A 29 11.92 4.06 15.86
C LEU A 29 12.14 2.81 15.02
N PRO A 30 12.07 1.64 15.68
CA PRO A 30 12.26 0.34 15.01
C PRO A 30 11.10 0.00 14.09
N GLN A 31 11.43 -0.48 12.90
CA GLN A 31 10.41 -0.86 11.92
C GLN A 31 10.63 -2.28 11.42
N THR A 32 11.07 -3.16 12.32
CA THR A 32 11.31 -4.55 11.97
C THR A 32 10.02 -5.25 11.58
N GLU A 33 8.92 -4.87 12.22
CA GLU A 33 7.62 -5.46 11.93
C GLU A 33 6.76 -4.53 11.09
N ARG A 34 7.11 -3.24 11.11
CA ARG A 34 6.36 -2.24 10.35
C ARG A 34 7.02 -1.99 9.00
N ILE A 35 6.22 -2.06 7.94
CA ILE A 35 6.73 -1.83 6.60
C ILE A 35 5.98 -0.69 5.91
N TYR A 36 6.69 0.03 5.05
CA TYR A 36 6.09 1.15 4.31
C TYR A 36 5.58 0.70 2.96
N PHE A 37 4.53 1.37 2.48
CA PHE A 37 3.94 1.03 1.18
C PHE A 37 3.38 2.28 0.50
N GLN A 38 3.68 2.43 -0.78
CA GLN A 38 3.20 3.58 -1.55
C GLN A 38 1.70 3.53 -1.74
N VAL A 39 1.04 4.67 -1.57
CA VAL A 39 -0.41 4.76 -1.74
C VAL A 39 -0.78 5.65 -2.90
N PHE A 40 -1.24 5.04 -3.99
CA PHE A 40 -1.63 5.78 -5.18
C PHE A 40 -2.80 6.72 -4.88
N LEU A 41 -2.59 8.01 -5.10
CA LEU A 41 -3.62 9.01 -4.86
C LEU A 41 -4.76 8.86 -5.84
N PRO A 42 -5.96 9.31 -5.44
CA PRO A 42 -7.16 9.24 -6.27
C PRO A 42 -7.09 10.19 -7.46
N LYS A 43 -6.43 11.32 -7.27
CA LYS A 43 -6.29 12.32 -8.33
C LYS A 43 -5.16 13.30 -8.01
N GLY A 44 -4.53 13.82 -9.06
CA GLY A 44 -3.43 14.75 -8.88
C GLY A 44 -2.22 14.40 -9.72
N SER A 45 -1.41 15.41 -10.04
CA SER A 45 -0.22 15.20 -10.85
C SER A 45 1.04 15.46 -10.04
N LYS A 46 0.99 16.48 -9.19
CA LYS A 46 2.13 16.84 -8.35
C LYS A 46 2.63 15.63 -7.57
N GLU A 47 1.71 14.77 -7.16
CA GLU A 47 2.06 13.57 -6.41
C GLU A 47 1.37 12.34 -7.00
N LYS A 48 2.13 11.27 -7.17
CA LYS A 48 1.60 10.02 -7.72
C LYS A 48 1.11 9.11 -6.61
N SER A 49 1.90 9.01 -5.54
CA SER A 49 1.56 8.16 -4.41
C SER A 49 2.34 8.57 -3.16
N LYS A 50 1.74 8.34 -2.00
CA LYS A 50 2.38 8.69 -0.73
C LYS A 50 2.66 7.44 0.09
N PRO A 51 3.89 7.36 0.64
CA PRO A 51 4.32 6.22 1.45
C PRO A 51 3.60 6.17 2.80
N MET A 52 3.25 4.97 3.24
CA MET A 52 2.56 4.79 4.51
C MET A 52 3.12 3.58 5.27
N PHE A 53 3.52 3.81 6.52
CA PHE A 53 4.08 2.74 7.34
C PHE A 53 2.98 2.05 8.15
N PHE A 54 3.00 0.73 8.17
CA PHE A 54 2.00 -0.04 8.91
C PHE A 54 2.58 -1.37 9.38
N CYS A 55 2.09 -1.86 10.51
CA CYS A 55 2.56 -3.12 11.07
C CYS A 55 2.06 -4.30 10.24
N HIS A 56 2.94 -5.29 10.03
CA HIS A 56 2.58 -6.47 9.26
C HIS A 56 1.86 -7.49 10.12
N ARG A 57 1.83 -7.24 11.43
CA ARG A 57 1.17 -8.14 12.37
C ARG A 57 -0.30 -7.74 12.57
N TRP A 58 -0.96 -7.37 11.49
CA TRP A 58 -2.36 -6.98 11.55
C TRP A 58 -3.08 -7.33 10.26
N SER A 59 -4.42 -7.34 10.32
CA SER A 59 -5.22 -7.66 9.15
C SER A 59 -5.07 -6.61 8.05
N ILE A 60 -4.81 -7.07 6.84
CA ILE A 60 -4.63 -6.18 5.70
C ILE A 60 -5.84 -5.27 5.53
N GLY A 61 -7.03 -5.86 5.58
CA GLY A 61 -8.25 -5.09 5.43
C GLY A 61 -8.38 -4.00 6.46
N LYS A 62 -8.24 -4.37 7.73
CA LYS A 62 -8.34 -3.41 8.83
C LYS A 62 -7.32 -2.29 8.67
N ALA A 63 -6.16 -2.64 8.12
CA ALA A 63 -5.09 -1.67 7.92
C ALA A 63 -5.61 -0.44 7.18
N ILE A 64 -6.45 -0.67 6.17
CA ILE A 64 -7.01 0.43 5.39
C ILE A 64 -7.87 1.34 6.26
N ASP A 65 -8.77 0.74 7.03
CA ASP A 65 -9.65 1.49 7.91
C ASP A 65 -8.86 2.39 8.85
N PHE A 66 -7.80 1.83 9.44
CA PHE A 66 -6.96 2.58 10.36
C PHE A 66 -6.28 3.75 9.65
N ALA A 67 -5.57 3.45 8.58
CA ALA A 67 -4.88 4.48 7.81
C ALA A 67 -5.83 5.61 7.42
N ALA A 68 -7.06 5.24 7.07
CA ALA A 68 -8.06 6.22 6.67
C ALA A 68 -8.34 7.20 7.80
N SER A 69 -8.25 6.72 9.04
CA SER A 69 -8.51 7.55 10.21
C SER A 69 -7.30 8.44 10.51
N LEU A 70 -6.12 7.83 10.55
CA LEU A 70 -4.89 8.56 10.82
C LEU A 70 -4.69 9.69 9.81
N ALA A 71 -5.09 9.43 8.56
CA ALA A 71 -4.96 10.42 7.51
C ALA A 71 -6.14 11.38 7.50
N ARG A 72 -7.18 11.05 8.26
CA ARG A 72 -8.37 11.88 8.34
C ARG A 72 -9.01 12.04 6.97
N LEU A 73 -9.31 10.91 6.33
CA LEU A 73 -9.94 10.92 5.01
C LEU A 73 -11.41 10.54 5.10
N LYS A 74 -12.18 10.92 4.09
CA LYS A 74 -13.60 10.61 4.05
C LYS A 74 -13.85 9.23 3.46
N ASN A 75 -14.40 8.34 4.28
CA ASN A 75 -14.69 6.98 3.84
C ASN A 75 -15.96 6.45 4.50
N ASP A 76 -16.58 5.46 3.86
CA ASP A 76 -17.81 4.87 4.39
C ASP A 76 -17.52 4.01 5.61
N ASN A 77 -16.39 3.29 5.58
CA ASN A 77 -16.00 2.43 6.69
C ASN A 77 -17.05 1.37 6.94
N ASN A 78 -17.23 0.47 5.97
CA ASN A 78 -18.20 -0.61 6.10
C ASN A 78 -19.58 -0.06 6.46
N LYS A 79 -20.25 0.53 5.49
CA LYS A 79 -21.58 1.11 5.70
C LYS A 79 -22.66 0.14 5.27
N PHE A 80 -23.89 0.37 5.73
CA PHE A 80 -25.02 -0.48 5.38
C PHE A 80 -25.13 -0.64 3.87
N THR A 81 -24.98 0.47 3.15
CA THR A 81 -25.07 0.46 1.69
C THR A 81 -24.06 1.40 1.07
N ALA A 82 -22.80 0.95 1.00
CA ALA A 82 -21.74 1.76 0.41
C ALA A 82 -20.42 1.00 0.41
N LYS A 83 -19.62 1.23 -0.63
CA LYS A 83 -18.32 0.57 -0.75
C LYS A 83 -17.48 0.77 0.51
N LYS A 84 -16.42 -0.02 0.64
CA LYS A 84 -15.54 0.06 1.79
C LYS A 84 -14.08 0.26 1.36
N LEU A 85 -13.45 1.31 1.87
CA LEU A 85 -12.07 1.61 1.53
C LEU A 85 -11.19 0.38 1.71
N ARG A 86 -10.63 -0.10 0.59
CA ARG A 86 -9.77 -1.29 0.63
C ARG A 86 -8.61 -1.13 -0.36
N LEU A 87 -7.61 -2.00 -0.23
CA LEU A 87 -6.45 -1.96 -1.11
C LEU A 87 -6.47 -3.12 -2.10
N CYS A 88 -5.97 -2.88 -3.30
CA CYS A 88 -5.93 -3.91 -4.33
C CYS A 88 -4.58 -3.91 -5.04
N HIS A 89 -4.26 -5.03 -5.69
CA HIS A 89 -3.00 -5.16 -6.41
C HIS A 89 -3.01 -4.33 -7.69
N ILE A 90 -1.85 -3.82 -8.07
CA ILE A 90 -1.74 -3.00 -9.28
C ILE A 90 -1.79 -3.87 -10.53
N THR A 91 -2.52 -3.40 -11.54
CA THR A 91 -2.64 -4.14 -12.79
C THR A 91 -3.36 -5.46 -12.58
N SER A 92 -4.32 -5.48 -11.64
CA SER A 92 -5.08 -6.68 -11.35
C SER A 92 -6.48 -6.33 -10.86
N GLY A 93 -6.53 -5.49 -9.82
CA GLY A 93 -7.82 -5.09 -9.26
C GLY A 93 -8.28 -6.02 -8.16
N GLU A 94 -7.69 -7.21 -8.10
CA GLU A 94 -8.06 -8.19 -7.09
C GLU A 94 -7.87 -7.63 -5.68
N ALA A 95 -8.89 -7.76 -4.85
CA ALA A 95 -8.84 -7.27 -3.48
C ALA A 95 -8.80 -8.41 -2.48
N LEU A 96 -7.79 -8.42 -1.62
CA LEU A 96 -7.64 -9.46 -0.61
C LEU A 96 -8.62 -9.26 0.53
N PRO A 97 -8.93 -10.35 1.26
CA PRO A 97 -9.85 -10.31 2.38
C PRO A 97 -9.28 -9.56 3.58
N LEU A 98 -10.16 -9.11 4.47
CA LEU A 98 -9.75 -8.38 5.65
C LEU A 98 -9.28 -9.33 6.75
N ASP A 99 -9.60 -10.60 6.59
CA ASP A 99 -9.21 -11.62 7.57
C ASP A 99 -7.86 -12.24 7.20
N HIS A 100 -7.06 -11.49 6.47
CA HIS A 100 -5.74 -11.96 6.05
C HIS A 100 -4.64 -11.05 6.57
N THR A 101 -3.53 -11.65 6.99
CA THR A 101 -2.40 -10.89 7.52
C THR A 101 -1.35 -10.65 6.45
N LEU A 102 -0.58 -9.57 6.61
CA LEU A 102 0.46 -9.24 5.65
C LEU A 102 1.60 -10.25 5.69
N GLU A 103 2.12 -10.49 6.88
CA GLU A 103 3.22 -11.45 7.05
C GLU A 103 2.84 -12.81 6.47
N THR A 104 1.57 -13.17 6.60
CA THR A 104 1.08 -14.45 6.08
C THR A 104 1.41 -14.61 4.61
N TRP A 105 1.12 -13.58 3.82
CA TRP A 105 1.39 -13.62 2.39
C TRP A 105 2.88 -13.56 2.12
N ILE A 106 3.58 -12.70 2.84
CA ILE A 106 5.02 -12.55 2.68
C ILE A 106 5.74 -13.87 2.96
N ALA A 107 5.23 -14.61 3.93
CA ALA A 107 5.82 -15.90 4.31
C ALA A 107 5.29 -17.02 3.42
N LYS A 108 4.11 -16.82 2.86
CA LYS A 108 3.50 -17.82 1.98
C LYS A 108 4.35 -18.05 0.75
N GLU A 109 4.07 -19.15 0.05
CA GLU A 109 4.81 -19.49 -1.17
C GLU A 109 4.56 -18.47 -2.27
N ASP A 110 3.29 -18.09 -2.43
CA ASP A 110 2.91 -17.12 -3.45
C ASP A 110 3.62 -15.78 -3.23
N CYS A 111 3.50 -15.25 -2.01
CA CYS A 111 4.13 -13.98 -1.67
C CYS A 111 4.19 -13.06 -2.88
N PRO A 112 3.02 -12.61 -3.34
CA PRO A 112 2.91 -11.71 -4.50
C PRO A 112 3.46 -10.31 -4.22
N LEU A 113 3.16 -9.81 -3.02
CA LEU A 113 3.63 -8.49 -2.62
C LEU A 113 5.02 -8.56 -1.99
N TYR A 114 5.93 -7.73 -2.49
CA TYR A 114 7.29 -7.71 -1.97
C TYR A 114 7.61 -6.35 -1.35
N ASN A 115 8.66 -6.32 -0.53
CA ASN A 115 9.07 -5.09 0.14
C ASN A 115 9.22 -3.96 -0.87
N GLY A 116 8.71 -2.78 -0.51
CA GLY A 116 8.80 -1.64 -1.40
C GLY A 116 7.72 -1.63 -2.45
N GLY A 117 6.77 -2.55 -2.33
CA GLY A 117 5.68 -2.63 -3.29
C GLY A 117 4.88 -1.34 -3.37
N ASN A 118 3.79 -1.39 -4.12
CA ASN A 118 2.92 -0.22 -4.28
C ASN A 118 1.48 -0.63 -4.56
N ILE A 119 0.55 -0.02 -3.84
CA ILE A 119 -0.86 -0.34 -4.01
C ILE A 119 -1.72 0.92 -3.89
N ILE A 120 -2.87 0.92 -4.57
CA ILE A 120 -3.77 2.06 -4.53
C ILE A 120 -4.87 1.86 -3.49
N LEU A 121 -5.34 2.96 -2.92
CA LEU A 121 -6.40 2.90 -1.91
C LEU A 121 -7.73 3.35 -2.49
N GLU A 122 -8.68 2.43 -2.57
CA GLU A 122 -10.01 2.73 -3.10
C GLU A 122 -11.07 1.82 -2.49
N TYR A 123 -12.25 2.36 -2.26
CA TYR A 123 -13.35 1.59 -1.69
C TYR A 123 -14.01 0.71 -2.74
N LEU A 124 -14.22 -0.56 -2.40
CA LEU A 124 -14.84 -1.50 -3.31
C LEU A 124 -15.79 -2.43 -2.57
N ASN A 125 -16.83 -2.89 -3.27
CA ASN A 125 -17.80 -3.80 -2.67
C ASN A 125 -17.20 -5.17 -2.44
N ASP A 126 -17.57 -5.80 -1.32
CA ASP A 126 -17.07 -7.12 -0.97
C ASP A 126 -17.45 -8.14 -2.04
N GLU A 127 -18.60 -7.93 -2.68
CA GLU A 127 -19.08 -8.83 -3.71
C GLU A 127 -18.15 -8.80 -4.94
N GLU A 128 -17.51 -7.65 -5.14
CA GLU A 128 -16.61 -7.48 -6.28
C GLU A 128 -15.31 -8.26 -6.05
N GLN A 129 -14.82 -8.89 -7.11
CA GLN A 129 -13.58 -9.66 -7.04
C GLN A 129 -12.38 -8.81 -7.44
N PHE A 130 -12.50 -8.11 -8.56
CA PHE A 130 -11.42 -7.26 -9.05
C PHE A 130 -11.97 -5.93 -9.58
N CYS A 131 -11.52 -4.84 -8.97
CA CYS A 131 -11.97 -3.51 -9.38
C CYS A 131 -10.92 -2.83 -10.27
N LYS A 132 -11.38 -1.92 -11.11
CA LYS A 132 -10.49 -1.21 -12.02
C LYS A 132 -9.90 0.02 -11.34
N ASN A 133 -8.77 0.49 -11.85
CA ASN A 133 -8.10 1.66 -11.29
C ASN A 133 -6.83 1.99 -12.09
N VAL A 134 -5.85 1.11 -12.02
CA VAL A 134 -4.59 1.31 -12.73
C VAL A 134 -4.80 1.23 -14.24
N GLU A 135 -5.39 0.13 -14.69
CA GLU A 135 -5.65 -0.06 -16.12
C GLU A 135 -6.46 1.09 -16.69
N SER A 136 -7.37 1.62 -15.88
CA SER A 136 -8.23 2.72 -16.30
C SER A 136 -7.46 4.04 -16.29
N TYR A 137 -6.76 4.31 -15.19
CA TYR A 137 -5.98 5.53 -15.06
C TYR A 137 -4.91 5.62 -16.15
N LEU A 138 -4.22 4.51 -16.39
CA LEU A 138 -3.18 4.47 -17.41
C LEU A 138 -3.73 3.95 -18.73
N GLU A 139 -5.05 4.03 -18.89
CA GLU A 139 -5.70 3.57 -20.11
C GLU A 139 -5.31 2.12 -20.42
N GLY A 1 11.93 16.16 -18.73
CA GLY A 1 12.62 15.54 -17.61
C GLY A 1 12.59 14.03 -17.67
N GLY A 2 12.56 13.39 -16.51
CA GLY A 2 12.54 11.94 -16.46
C GLY A 2 13.90 11.34 -16.19
N SER A 3 13.93 10.26 -15.42
CA SER A 3 15.18 9.59 -15.08
C SER A 3 15.16 8.14 -15.52
N GLY A 4 14.24 7.37 -14.94
CA GLY A 4 14.14 5.95 -15.28
C GLY A 4 14.64 5.05 -14.17
N ALA A 5 15.89 4.62 -14.28
CA ALA A 5 16.49 3.75 -13.28
C ALA A 5 17.96 3.49 -13.58
N LYS A 6 18.84 4.24 -12.93
CA LYS A 6 20.28 4.08 -13.13
C LYS A 6 20.72 2.64 -12.87
N ASN A 7 21.96 2.33 -13.25
CA ASN A 7 22.50 0.99 -13.05
C ASN A 7 22.99 0.81 -11.62
N SER A 8 23.71 -0.28 -11.39
CA SER A 8 24.25 -0.58 -10.06
C SER A 8 23.13 -0.82 -9.06
N GLU A 9 22.96 -2.06 -8.63
CA GLU A 9 21.92 -2.42 -7.68
C GLU A 9 21.98 -1.52 -6.44
N THR A 10 23.20 -1.11 -6.07
CA THR A 10 23.40 -0.26 -4.92
C THR A 10 22.51 0.98 -5.00
N ALA A 11 22.31 1.49 -6.21
CA ALA A 11 21.48 2.67 -6.42
C ALA A 11 20.07 2.45 -5.89
N ALA A 12 19.57 1.22 -6.03
CA ALA A 12 18.24 0.88 -5.56
C ALA A 12 18.19 0.77 -4.04
N LYS A 13 19.16 0.06 -3.48
CA LYS A 13 19.24 -0.13 -2.04
C LYS A 13 19.25 1.22 -1.32
N VAL A 14 20.09 2.13 -1.80
CA VAL A 14 20.20 3.46 -1.21
C VAL A 14 18.85 4.18 -1.22
N ALA A 15 18.11 4.00 -2.31
CA ALA A 15 16.80 4.63 -2.44
C ALA A 15 15.79 4.00 -1.49
N LEU A 16 15.91 2.69 -1.29
CA LEU A 16 15.00 1.98 -0.40
C LEU A 16 15.24 2.35 1.06
N MET A 17 16.49 2.26 1.49
CA MET A 17 16.86 2.59 2.86
C MET A 17 16.59 4.07 3.14
N LYS A 18 16.93 4.92 2.19
CA LYS A 18 16.73 6.36 2.33
C LYS A 18 15.24 6.70 2.35
N LEU A 19 14.46 5.96 1.56
CA LEU A 19 13.03 6.20 1.48
C LEU A 19 12.35 5.85 2.80
N LYS A 20 12.62 4.65 3.31
CA LYS A 20 12.03 4.20 4.57
C LYS A 20 12.30 5.21 5.68
N MET A 21 13.47 5.85 5.62
CA MET A 21 13.83 6.85 6.62
C MET A 21 12.96 8.09 6.51
N HIS A 22 12.52 8.39 5.29
CA HIS A 22 11.67 9.56 5.06
C HIS A 22 10.21 9.23 5.33
N ALA A 23 9.85 7.95 5.19
CA ALA A 23 8.49 7.50 5.41
C ALA A 23 7.92 8.09 6.70
N ASP A 24 6.62 8.29 6.74
CA ASP A 24 5.95 8.85 7.91
C ASP A 24 5.93 7.84 9.06
N GLY A 25 6.96 7.87 9.88
CA GLY A 25 7.05 6.95 11.01
C GLY A 25 8.36 7.08 11.76
N ASP A 26 8.56 6.19 12.73
CA ASP A 26 9.78 6.21 13.54
C ASP A 26 10.72 5.08 13.11
N LYS A 27 11.96 5.44 12.79
CA LYS A 27 12.96 4.48 12.38
C LYS A 27 13.66 3.85 13.59
N SER A 28 13.33 4.35 14.77
CA SER A 28 13.92 3.86 16.00
C SER A 28 13.58 2.38 16.21
N LEU A 29 12.40 1.98 15.74
CA LEU A 29 11.95 0.60 15.87
C LEU A 29 12.67 -0.31 14.88
N PRO A 30 12.76 -1.60 15.23
CA PRO A 30 13.42 -2.60 14.39
C PRO A 30 12.65 -2.90 13.11
N GLN A 31 11.41 -2.41 13.05
CA GLN A 31 10.57 -2.62 11.89
C GLN A 31 10.23 -4.10 11.71
N THR A 32 10.06 -4.80 12.84
CA THR A 32 9.74 -6.22 12.81
C THR A 32 8.25 -6.44 12.57
N GLU A 33 7.43 -5.53 13.09
CA GLU A 33 5.99 -5.63 12.92
C GLU A 33 5.45 -4.49 12.05
N ARG A 34 6.23 -3.42 11.97
CA ARG A 34 5.84 -2.25 11.18
C ARG A 34 6.75 -2.10 9.96
N ILE A 35 6.16 -1.71 8.83
CA ILE A 35 6.92 -1.53 7.60
C ILE A 35 6.41 -0.32 6.82
N TYR A 36 7.32 0.36 6.12
CA TYR A 36 6.96 1.53 5.34
C TYR A 36 6.65 1.15 3.90
N PHE A 37 5.44 1.46 3.46
CA PHE A 37 5.02 1.15 2.09
C PHE A 37 4.66 2.41 1.33
N GLN A 38 5.09 2.50 0.08
CA GLN A 38 4.81 3.66 -0.76
C GLN A 38 3.43 3.54 -1.41
N VAL A 39 2.66 4.62 -1.33
CA VAL A 39 1.32 4.63 -1.91
C VAL A 39 1.21 5.70 -2.99
N PHE A 40 0.51 5.36 -4.08
CA PHE A 40 0.34 6.29 -5.19
C PHE A 40 -0.84 7.22 -4.93
N LEU A 41 -0.60 8.52 -5.07
CA LEU A 41 -1.64 9.51 -4.85
C LEU A 41 -2.84 9.26 -5.77
N PRO A 42 -4.03 9.71 -5.32
CA PRO A 42 -5.27 9.54 -6.08
C PRO A 42 -5.30 10.40 -7.34
N LYS A 43 -4.97 11.68 -7.18
CA LYS A 43 -4.96 12.62 -8.30
C LYS A 43 -4.25 13.91 -7.92
N GLY A 44 -4.37 14.91 -8.79
CA GLY A 44 -3.74 16.19 -8.52
C GLY A 44 -2.38 16.32 -9.19
N SER A 45 -1.70 15.19 -9.37
CA SER A 45 -0.38 15.18 -9.99
C SER A 45 0.63 15.95 -9.14
N LYS A 46 0.46 15.88 -7.83
CA LYS A 46 1.36 16.56 -6.90
C LYS A 46 2.60 15.72 -6.63
N GLU A 47 2.42 14.40 -6.59
CA GLU A 47 3.53 13.49 -6.33
C GLU A 47 3.18 12.07 -6.80
N LYS A 48 4.15 11.40 -7.40
CA LYS A 48 3.95 10.04 -7.88
C LYS A 48 3.42 9.14 -6.77
N SER A 49 4.02 9.24 -5.60
CA SER A 49 3.61 8.43 -4.45
C SER A 49 4.25 8.94 -3.17
N LYS A 50 3.66 8.59 -2.03
CA LYS A 50 4.17 9.00 -0.73
C LYS A 50 4.30 7.81 0.22
N PRO A 51 5.44 7.71 0.89
CA PRO A 51 5.72 6.62 1.84
C PRO A 51 4.86 6.73 3.09
N MET A 52 4.40 5.59 3.59
CA MET A 52 3.57 5.54 4.80
C MET A 52 3.88 4.31 5.62
N PHE A 53 3.71 4.42 6.94
CA PHE A 53 3.98 3.32 7.85
C PHE A 53 2.72 2.47 8.06
N PHE A 54 2.91 1.17 8.17
CA PHE A 54 1.79 0.24 8.37
C PHE A 54 2.20 -0.92 9.26
N CYS A 55 1.21 -1.60 9.83
CA CYS A 55 1.47 -2.74 10.71
C CYS A 55 1.13 -4.05 10.01
N HIS A 56 1.97 -5.06 10.21
CA HIS A 56 1.76 -6.36 9.61
C HIS A 56 0.80 -7.21 10.44
N ARG A 57 0.99 -7.19 11.75
CA ARG A 57 0.15 -7.96 12.66
C ARG A 57 -1.32 -7.66 12.40
N TRP A 58 -1.61 -6.44 11.98
CA TRP A 58 -2.99 -6.03 11.70
C TRP A 58 -3.48 -6.66 10.40
N SER A 59 -4.79 -6.59 10.17
CA SER A 59 -5.40 -7.15 8.97
C SER A 59 -5.09 -6.28 7.76
N ILE A 60 -4.94 -6.92 6.61
CA ILE A 60 -4.64 -6.21 5.37
C ILE A 60 -5.74 -5.20 5.05
N GLY A 61 -6.99 -5.64 5.14
CA GLY A 61 -8.11 -4.75 4.86
C GLY A 61 -8.33 -3.72 5.95
N LYS A 62 -8.33 -4.18 7.20
CA LYS A 62 -8.52 -3.30 8.35
C LYS A 62 -7.47 -2.19 8.36
N ALA A 63 -6.25 -2.53 7.95
CA ALA A 63 -5.17 -1.56 7.92
C ALA A 63 -5.56 -0.31 7.15
N ILE A 64 -6.32 -0.50 6.07
CA ILE A 64 -6.78 0.62 5.24
C ILE A 64 -7.80 1.47 5.98
N ASP A 65 -8.81 0.80 6.54
CA ASP A 65 -9.87 1.49 7.28
C ASP A 65 -9.27 2.36 8.39
N PHE A 66 -8.22 1.85 9.02
CA PHE A 66 -7.56 2.57 10.10
C PHE A 66 -6.77 3.76 9.57
N ALA A 67 -5.87 3.49 8.63
CA ALA A 67 -5.05 4.54 8.04
C ALA A 67 -5.91 5.68 7.52
N ALA A 68 -7.09 5.35 6.99
CA ALA A 68 -8.00 6.36 6.47
C ALA A 68 -8.47 7.30 7.57
N SER A 69 -8.61 6.76 8.78
CA SER A 69 -9.06 7.56 9.92
C SER A 69 -7.91 8.42 10.45
N LEU A 70 -6.78 7.79 10.71
CA LEU A 70 -5.60 8.49 11.24
C LEU A 70 -5.19 9.63 10.30
N ALA A 71 -5.35 9.39 9.00
CA ALA A 71 -5.00 10.40 8.01
C ALA A 71 -6.15 11.38 7.77
N ARG A 72 -7.31 11.05 8.32
CA ARG A 72 -8.50 11.90 8.18
C ARG A 72 -8.86 12.08 6.71
N LEU A 73 -9.04 10.96 6.01
CA LEU A 73 -9.40 10.99 4.60
C LEU A 73 -10.85 10.59 4.39
N LYS A 74 -11.39 10.91 3.22
CA LYS A 74 -12.77 10.57 2.90
C LYS A 74 -12.98 9.06 2.91
N ASN A 75 -14.10 8.63 3.49
CA ASN A 75 -14.42 7.20 3.57
C ASN A 75 -15.92 6.99 3.57
N ASP A 76 -16.38 5.99 2.84
CA ASP A 76 -17.80 5.67 2.76
C ASP A 76 -18.05 4.22 3.15
N ASN A 77 -17.48 3.81 4.28
CA ASN A 77 -17.65 2.44 4.76
C ASN A 77 -18.58 2.40 5.96
N ASN A 78 -19.80 2.89 5.78
CA ASN A 78 -20.79 2.92 6.86
C ASN A 78 -22.05 2.16 6.44
N LYS A 79 -22.51 2.40 5.21
CA LYS A 79 -23.70 1.75 4.70
C LYS A 79 -23.35 0.74 3.63
N PHE A 80 -24.10 -0.36 3.59
CA PHE A 80 -23.87 -1.41 2.60
C PHE A 80 -23.80 -0.83 1.19
N THR A 81 -24.62 0.19 0.93
CA THR A 81 -24.66 0.83 -0.37
C THR A 81 -23.50 1.81 -0.53
N ALA A 82 -22.28 1.30 -0.40
CA ALA A 82 -21.09 2.13 -0.54
C ALA A 82 -19.82 1.28 -0.51
N LYS A 83 -18.75 1.82 -1.09
CA LYS A 83 -17.48 1.12 -1.13
C LYS A 83 -16.67 1.37 0.15
N LYS A 84 -15.66 0.54 0.38
CA LYS A 84 -14.81 0.67 1.56
C LYS A 84 -13.34 0.77 1.17
N LEU A 85 -12.67 1.81 1.64
CA LEU A 85 -11.26 2.02 1.33
C LEU A 85 -10.46 0.74 1.59
N ARG A 86 -9.90 0.19 0.52
CA ARG A 86 -9.10 -1.03 0.63
C ARG A 86 -7.91 -0.99 -0.32
N LEU A 87 -6.97 -1.92 -0.12
CA LEU A 87 -5.78 -1.98 -0.96
C LEU A 87 -6.02 -2.84 -2.20
N CYS A 88 -5.33 -2.51 -3.29
CA CYS A 88 -5.47 -3.26 -4.53
C CYS A 88 -4.16 -3.26 -5.31
N HIS A 89 -3.80 -4.42 -5.87
CA HIS A 89 -2.58 -4.55 -6.64
C HIS A 89 -2.67 -3.79 -7.96
N ILE A 90 -1.58 -3.14 -8.33
CA ILE A 90 -1.53 -2.37 -9.57
C ILE A 90 -1.44 -3.29 -10.79
N THR A 91 -2.32 -3.05 -11.76
CA THR A 91 -2.35 -3.86 -12.98
C THR A 91 -2.75 -5.30 -12.68
N SER A 92 -3.62 -5.47 -11.69
CA SER A 92 -4.08 -6.80 -11.30
C SER A 92 -5.58 -6.79 -11.03
N GLY A 93 -6.01 -5.88 -10.15
CA GLY A 93 -7.42 -5.79 -9.82
C GLY A 93 -7.80 -6.67 -8.64
N GLU A 94 -6.94 -7.64 -8.33
CA GLU A 94 -7.18 -8.56 -7.23
C GLU A 94 -7.07 -7.85 -5.88
N ALA A 95 -8.12 -7.91 -5.09
CA ALA A 95 -8.13 -7.26 -3.78
C ALA A 95 -8.22 -8.29 -2.66
N LEU A 96 -7.14 -8.42 -1.89
CA LEU A 96 -7.10 -9.37 -0.79
C LEU A 96 -8.20 -9.07 0.23
N PRO A 97 -8.63 -10.12 0.96
CA PRO A 97 -9.68 -9.99 1.98
C PRO A 97 -9.20 -9.22 3.20
N LEU A 98 -10.15 -8.66 3.94
CA LEU A 98 -9.83 -7.89 5.14
C LEU A 98 -9.58 -8.82 6.33
N ASP A 99 -10.00 -10.08 6.19
CA ASP A 99 -9.82 -11.06 7.25
C ASP A 99 -8.51 -11.81 7.08
N HIS A 100 -7.54 -11.17 6.42
CA HIS A 100 -6.24 -11.79 6.19
C HIS A 100 -5.12 -10.88 6.70
N THR A 101 -4.20 -11.45 7.47
CA THR A 101 -3.09 -10.70 8.01
C THR A 101 -1.98 -10.53 6.97
N LEU A 102 -1.19 -9.46 7.12
CA LEU A 102 -0.11 -9.19 6.19
C LEU A 102 0.99 -10.23 6.32
N GLU A 103 1.37 -10.54 7.55
CA GLU A 103 2.42 -11.54 7.80
C GLU A 103 1.99 -12.91 7.31
N THR A 104 0.70 -13.20 7.43
CA THR A 104 0.16 -14.49 7.00
C THR A 104 0.51 -14.76 5.54
N TRP A 105 0.48 -13.71 4.72
CA TRP A 105 0.79 -13.84 3.30
C TRP A 105 2.28 -14.09 3.09
N ILE A 106 3.11 -13.36 3.81
CA ILE A 106 4.55 -13.51 3.70
C ILE A 106 5.01 -14.87 4.21
N ALA A 107 4.36 -15.34 5.27
CA ALA A 107 4.68 -16.64 5.84
C ALA A 107 4.16 -17.78 4.97
N LYS A 108 3.12 -17.49 4.19
CA LYS A 108 2.53 -18.49 3.33
C LYS A 108 3.50 -18.91 2.23
N GLU A 109 3.19 -20.02 1.55
CA GLU A 109 4.03 -20.52 0.49
C GLU A 109 4.30 -19.43 -0.56
N ASP A 110 3.29 -18.61 -0.81
CA ASP A 110 3.42 -17.53 -1.78
C ASP A 110 3.67 -16.19 -1.08
N CYS A 111 4.76 -15.54 -1.45
CA CYS A 111 5.12 -14.25 -0.86
C CYS A 111 5.33 -13.20 -1.94
N PRO A 112 4.23 -12.79 -2.59
CA PRO A 112 4.26 -11.78 -3.66
C PRO A 112 4.57 -10.39 -3.13
N LEU A 113 3.92 -10.02 -2.03
CA LEU A 113 4.14 -8.71 -1.41
C LEU A 113 5.30 -8.76 -0.42
N TYR A 114 6.14 -7.73 -0.48
CA TYR A 114 7.29 -7.65 0.42
C TYR A 114 7.70 -6.20 0.65
N ASN A 115 8.58 -5.98 1.63
CA ASN A 115 9.06 -4.65 1.95
C ASN A 115 9.56 -3.93 0.71
N GLY A 116 9.32 -2.62 0.63
CA GLY A 116 9.76 -1.84 -0.50
C GLY A 116 8.68 -1.71 -1.57
N GLY A 117 7.76 -2.66 -1.59
CA GLY A 117 6.69 -2.63 -2.56
C GLY A 117 5.85 -1.36 -2.46
N ASN A 118 4.81 -1.27 -3.29
CA ASN A 118 3.93 -0.11 -3.30
C ASN A 118 2.51 -0.50 -3.66
N ILE A 119 1.54 0.13 -3.00
CA ILE A 119 0.13 -0.16 -3.26
C ILE A 119 -0.71 1.12 -3.17
N ILE A 120 -1.74 1.20 -4.01
CA ILE A 120 -2.61 2.35 -4.03
C ILE A 120 -3.84 2.13 -3.14
N LEU A 121 -4.36 3.22 -2.59
CA LEU A 121 -5.55 3.13 -1.72
C LEU A 121 -6.80 3.50 -2.49
N GLU A 122 -7.75 2.57 -2.55
CA GLU A 122 -9.01 2.80 -3.25
C GLU A 122 -10.12 1.94 -2.67
N TYR A 123 -11.28 2.55 -2.48
CA TYR A 123 -12.43 1.83 -1.92
C TYR A 123 -13.04 0.89 -2.95
N LEU A 124 -13.39 -0.31 -2.50
CA LEU A 124 -13.98 -1.31 -3.38
C LEU A 124 -15.13 -2.04 -2.69
N ASN A 125 -16.09 -2.51 -3.48
CA ASN A 125 -17.24 -3.22 -2.93
C ASN A 125 -16.87 -4.66 -2.56
N ASP A 126 -17.41 -5.13 -1.45
CA ASP A 126 -17.15 -6.49 -0.99
C ASP A 126 -17.74 -7.52 -1.94
N GLU A 127 -18.78 -7.12 -2.65
CA GLU A 127 -19.44 -8.02 -3.60
C GLU A 127 -18.51 -8.36 -4.76
N GLU A 128 -17.60 -7.45 -5.08
CA GLU A 128 -16.65 -7.66 -6.16
C GLU A 128 -15.36 -8.30 -5.64
N GLN A 129 -14.75 -9.14 -6.48
CA GLN A 129 -13.51 -9.81 -6.11
C GLN A 129 -12.31 -9.18 -6.80
N PHE A 130 -12.46 -8.92 -8.09
CA PHE A 130 -11.38 -8.31 -8.87
C PHE A 130 -11.90 -7.13 -9.69
N CYS A 131 -11.29 -5.96 -9.49
CA CYS A 131 -11.69 -4.76 -10.20
C CYS A 131 -10.86 -4.58 -11.47
N LYS A 132 -11.25 -3.61 -12.30
CA LYS A 132 -10.55 -3.34 -13.54
C LYS A 132 -9.14 -2.79 -13.27
N ASN A 133 -8.41 -2.52 -14.34
CA ASN A 133 -7.05 -1.99 -14.21
C ASN A 133 -7.05 -0.68 -13.44
N VAL A 134 -6.57 -0.74 -12.19
CA VAL A 134 -6.51 0.44 -11.34
C VAL A 134 -5.53 1.46 -11.89
N GLU A 135 -4.45 0.97 -12.49
CA GLU A 135 -3.43 1.84 -13.06
C GLU A 135 -4.04 2.83 -14.04
N SER A 136 -5.06 2.37 -14.77
CA SER A 136 -5.73 3.22 -15.75
C SER A 136 -6.30 4.48 -15.10
N TYR A 137 -6.77 4.33 -13.87
CA TYR A 137 -7.34 5.45 -13.14
C TYR A 137 -6.33 6.58 -13.00
N LEU A 138 -5.06 6.22 -12.83
CA LEU A 138 -4.00 7.20 -12.68
C LEU A 138 -3.44 7.61 -14.04
N GLU A 139 -3.60 6.73 -15.03
CA GLU A 139 -3.11 6.99 -16.38
C GLU A 139 -4.21 7.64 -17.23
N GLY A 1 28.68 1.86 9.41
CA GLY A 1 28.92 0.62 8.72
C GLY A 1 30.03 0.72 7.71
N GLY A 2 29.92 -0.03 6.62
CA GLY A 2 30.94 0.00 5.58
C GLY A 2 30.53 -0.77 4.34
N SER A 3 29.91 -0.07 3.40
CA SER A 3 29.45 -0.69 2.16
C SER A 3 30.19 -0.11 0.96
N GLY A 4 30.27 -0.89 -0.11
CA GLY A 4 30.95 -0.44 -1.31
C GLY A 4 30.60 -1.27 -2.53
N ALA A 5 30.08 -0.62 -3.56
CA ALA A 5 29.70 -1.31 -4.79
C ALA A 5 29.24 -0.32 -5.86
N LYS A 6 30.19 0.10 -6.70
CA LYS A 6 29.88 1.04 -7.78
C LYS A 6 29.15 0.34 -8.92
N ASN A 7 27.85 0.13 -8.74
CA ASN A 7 27.03 -0.53 -9.75
C ASN A 7 25.63 0.10 -9.81
N SER A 8 24.80 -0.43 -10.71
CA SER A 8 23.45 0.08 -10.86
C SER A 8 22.56 -0.36 -9.70
N GLU A 9 22.82 -1.57 -9.19
CA GLU A 9 22.05 -2.11 -8.08
C GLU A 9 21.96 -1.10 -6.93
N THR A 10 23.07 -0.41 -6.67
CA THR A 10 23.12 0.58 -5.61
C THR A 10 21.99 1.59 -5.74
N ALA A 11 21.66 1.93 -6.99
CA ALA A 11 20.59 2.89 -7.27
C ALA A 11 19.27 2.42 -6.66
N ALA A 12 19.05 1.12 -6.66
CA ALA A 12 17.83 0.55 -6.10
C ALA A 12 17.85 0.56 -4.58
N LYS A 13 18.94 0.07 -4.00
CA LYS A 13 19.10 0.03 -2.55
C LYS A 13 19.04 1.44 -1.95
N VAL A 14 19.83 2.35 -2.52
CA VAL A 14 19.86 3.72 -2.05
C VAL A 14 18.50 4.39 -2.20
N ALA A 15 17.84 4.12 -3.32
CA ALA A 15 16.52 4.69 -3.58
C ALA A 15 15.49 4.18 -2.58
N LEU A 16 15.59 2.90 -2.24
CA LEU A 16 14.67 2.27 -1.30
C LEU A 16 14.84 2.86 0.10
N MET A 17 16.08 2.88 0.59
CA MET A 17 16.38 3.42 1.91
C MET A 17 16.05 4.91 1.97
N LYS A 18 16.27 5.60 0.86
CA LYS A 18 16.01 7.04 0.79
C LYS A 18 14.51 7.31 0.74
N LEU A 19 13.77 6.45 0.05
CA LEU A 19 12.32 6.60 -0.06
C LEU A 19 11.64 6.31 1.27
N LYS A 20 12.06 5.24 1.92
CA LYS A 20 11.49 4.86 3.22
C LYS A 20 11.55 6.02 4.20
N MET A 21 12.62 6.80 4.12
CA MET A 21 12.79 7.96 5.00
C MET A 21 11.77 9.05 4.69
N HIS A 22 11.36 9.12 3.43
CA HIS A 22 10.38 10.11 3.00
C HIS A 22 8.96 9.66 3.33
N ALA A 23 8.73 8.35 3.25
CA ALA A 23 7.42 7.79 3.54
C ALA A 23 6.86 8.32 4.86
N ASP A 24 5.57 8.63 4.87
CA ASP A 24 4.92 9.15 6.08
C ASP A 24 5.21 8.26 7.28
N GLY A 25 5.55 8.88 8.40
CA GLY A 25 5.85 8.14 9.61
C GLY A 25 7.10 8.63 10.31
N ASP A 26 7.59 7.84 11.27
CA ASP A 26 8.79 8.21 12.01
C ASP A 26 9.98 7.38 11.55
N LYS A 27 11.17 7.98 11.61
CA LYS A 27 12.40 7.30 11.21
C LYS A 27 12.88 6.34 12.30
N SER A 28 12.67 6.73 13.55
CA SER A 28 13.09 5.92 14.68
C SER A 28 12.35 4.58 14.68
N LEU A 29 11.13 4.58 14.17
CA LEU A 29 10.32 3.36 14.11
C LEU A 29 11.07 2.25 13.38
N PRO A 30 10.71 1.00 13.69
CA PRO A 30 11.33 -0.18 13.07
C PRO A 30 10.95 -0.33 11.60
N GLN A 31 11.63 -1.24 10.91
CA GLN A 31 11.36 -1.47 9.50
C GLN A 31 11.05 -2.95 9.25
N THR A 32 11.69 -3.83 10.00
CA THR A 32 11.46 -5.26 9.86
C THR A 32 10.00 -5.62 10.06
N GLU A 33 9.32 -4.85 10.91
CA GLU A 33 7.91 -5.08 11.19
C GLU A 33 7.04 -4.05 10.48
N ARG A 34 7.63 -2.92 10.12
CA ARG A 34 6.91 -1.85 9.44
C ARG A 34 7.49 -1.60 8.06
N ILE A 35 6.66 -1.75 7.03
CA ILE A 35 7.09 -1.53 5.66
C ILE A 35 6.28 -0.42 5.00
N TYR A 36 6.92 0.30 4.09
CA TYR A 36 6.27 1.40 3.38
C TYR A 36 5.94 1.00 1.94
N PHE A 37 4.92 1.63 1.38
CA PHE A 37 4.50 1.35 0.01
C PHE A 37 3.95 2.60 -0.67
N GLN A 38 4.10 2.68 -1.98
CA GLN A 38 3.62 3.82 -2.74
C GLN A 38 2.11 3.75 -2.93
N VAL A 39 1.42 4.86 -2.64
CA VAL A 39 -0.02 4.93 -2.78
C VAL A 39 -0.42 5.81 -3.95
N PHE A 40 -1.17 5.23 -4.89
CA PHE A 40 -1.62 5.97 -6.07
C PHE A 40 -2.96 6.65 -5.79
N LEU A 41 -2.93 7.77 -5.08
CA LEU A 41 -4.14 8.52 -4.76
C LEU A 41 -4.89 8.90 -6.02
N PRO A 42 -6.21 9.10 -5.89
CA PRO A 42 -7.07 9.48 -7.01
C PRO A 42 -6.81 10.91 -7.48
N LYS A 43 -7.64 11.39 -8.41
CA LYS A 43 -7.50 12.74 -8.93
C LYS A 43 -7.44 13.76 -7.80
N GLY A 44 -6.31 14.46 -7.70
CA GLY A 44 -6.15 15.46 -6.66
C GLY A 44 -5.01 16.41 -6.94
N SER A 45 -5.34 17.68 -7.17
CA SER A 45 -4.33 18.69 -7.45
C SER A 45 -3.22 18.67 -6.40
N LYS A 46 -3.61 18.42 -5.16
CA LYS A 46 -2.65 18.37 -4.06
C LYS A 46 -1.54 17.36 -4.35
N GLU A 47 -1.93 16.18 -4.80
CA GLU A 47 -0.96 15.13 -5.11
C GLU A 47 -1.65 13.94 -5.78
N LYS A 48 -0.89 13.22 -6.61
CA LYS A 48 -1.43 12.06 -7.31
C LYS A 48 -1.09 10.77 -6.57
N SER A 49 0.08 10.74 -5.95
CA SER A 49 0.53 9.57 -5.21
C SER A 49 1.59 9.94 -4.19
N LYS A 50 1.65 9.17 -3.10
CA LYS A 50 2.62 9.42 -2.04
C LYS A 50 2.88 8.16 -1.24
N PRO A 51 4.10 8.06 -0.67
CA PRO A 51 4.51 6.90 0.13
C PRO A 51 3.76 6.82 1.47
N MET A 52 3.54 5.60 1.94
CA MET A 52 2.85 5.40 3.21
C MET A 52 3.44 4.21 3.96
N PHE A 53 3.55 4.34 5.27
CA PHE A 53 4.10 3.28 6.11
C PHE A 53 2.99 2.42 6.70
N PHE A 54 3.30 1.15 6.95
CA PHE A 54 2.33 0.23 7.52
C PHE A 54 3.01 -0.83 8.37
N CYS A 55 2.27 -1.39 9.32
CA CYS A 55 2.81 -2.41 10.21
C CYS A 55 2.25 -3.79 9.85
N HIS A 56 3.10 -4.80 9.92
CA HIS A 56 2.70 -6.17 9.61
C HIS A 56 1.81 -6.73 10.71
N ARG A 57 2.00 -6.24 11.93
CA ARG A 57 1.21 -6.70 13.07
C ARG A 57 -0.29 -6.61 12.76
N TRP A 58 -0.65 -5.71 11.85
CA TRP A 58 -2.04 -5.52 11.47
C TRP A 58 -2.35 -6.25 10.17
N SER A 59 -3.64 -6.35 9.85
CA SER A 59 -4.07 -7.03 8.63
C SER A 59 -3.93 -6.11 7.42
N ILE A 60 -3.66 -6.71 6.26
CA ILE A 60 -3.51 -5.94 5.03
C ILE A 60 -4.73 -5.07 4.75
N GLY A 61 -5.91 -5.66 4.92
CA GLY A 61 -7.13 -4.93 4.69
C GLY A 61 -7.37 -3.84 5.72
N LYS A 62 -7.13 -4.17 6.99
CA LYS A 62 -7.31 -3.21 8.08
C LYS A 62 -6.37 -2.02 7.90
N ALA A 63 -5.20 -2.27 7.33
CA ALA A 63 -4.21 -1.21 7.12
C ALA A 63 -4.84 -0.03 6.39
N ILE A 64 -5.45 -0.29 5.25
CA ILE A 64 -6.08 0.76 4.45
C ILE A 64 -7.03 1.60 5.32
N ASP A 65 -7.93 0.93 6.03
CA ASP A 65 -8.88 1.61 6.88
C ASP A 65 -8.17 2.51 7.88
N PHE A 66 -7.06 2.02 8.42
CA PHE A 66 -6.28 2.79 9.39
C PHE A 66 -5.71 4.05 8.76
N ALA A 67 -4.95 3.87 7.68
CA ALA A 67 -4.34 4.99 6.97
C ALA A 67 -5.38 6.05 6.63
N ALA A 68 -6.57 5.60 6.24
CA ALA A 68 -7.66 6.52 5.89
C ALA A 68 -8.03 7.41 7.07
N SER A 69 -7.92 6.87 8.27
CA SER A 69 -8.26 7.61 9.48
C SER A 69 -7.14 8.58 9.85
N LEU A 70 -5.91 8.07 9.88
CA LEU A 70 -4.75 8.89 10.22
C LEU A 70 -4.62 10.07 9.26
N ALA A 71 -4.97 9.85 8.00
CA ALA A 71 -4.91 10.90 6.99
C ALA A 71 -6.15 11.77 7.02
N ARG A 72 -7.17 11.32 7.75
CA ARG A 72 -8.42 12.06 7.86
C ARG A 72 -9.10 12.17 6.50
N LEU A 73 -9.19 11.05 5.80
CA LEU A 73 -9.83 11.02 4.48
C LEU A 73 -11.26 10.50 4.58
N LYS A 74 -12.02 10.68 3.50
CA LYS A 74 -13.40 10.22 3.46
C LYS A 74 -13.48 8.70 3.49
N ASN A 75 -13.83 8.15 4.65
CA ASN A 75 -13.94 6.70 4.80
C ASN A 75 -14.49 6.35 6.18
N ASP A 76 -15.47 5.45 6.20
CA ASP A 76 -16.08 5.01 7.45
C ASP A 76 -16.19 3.49 7.51
N ASN A 77 -16.68 2.90 6.41
CA ASN A 77 -16.84 1.45 6.35
C ASN A 77 -17.36 0.90 7.67
N ASN A 78 -18.32 1.59 8.26
CA ASN A 78 -18.90 1.17 9.53
C ASN A 78 -20.10 0.26 9.30
N LYS A 79 -20.87 0.57 8.27
CA LYS A 79 -22.05 -0.22 7.94
C LYS A 79 -21.84 -0.99 6.64
N PHE A 80 -22.88 -1.70 6.20
CA PHE A 80 -22.81 -2.48 4.97
C PHE A 80 -23.16 -1.62 3.75
N THR A 81 -24.08 -0.68 3.94
CA THR A 81 -24.50 0.20 2.86
C THR A 81 -23.49 1.33 2.66
N ALA A 82 -22.25 0.96 2.38
CA ALA A 82 -21.20 1.94 2.15
C ALA A 82 -19.88 1.26 1.80
N LYS A 83 -19.20 1.78 0.79
CA LYS A 83 -17.92 1.23 0.35
C LYS A 83 -16.87 1.32 1.46
N LYS A 84 -15.86 0.47 1.40
CA LYS A 84 -14.80 0.47 2.39
C LYS A 84 -13.43 0.58 1.73
N LEU A 85 -12.68 1.62 2.11
CA LEU A 85 -11.35 1.84 1.55
C LEU A 85 -10.51 0.56 1.61
N ARG A 86 -10.08 0.10 0.44
CA ARG A 86 -9.27 -1.12 0.36
C ARG A 86 -8.19 -0.99 -0.71
N LEU A 87 -7.23 -1.89 -0.68
CA LEU A 87 -6.13 -1.87 -1.65
C LEU A 87 -6.31 -2.97 -2.69
N CYS A 88 -5.90 -2.68 -3.93
CA CYS A 88 -6.01 -3.65 -5.01
C CYS A 88 -4.69 -3.80 -5.74
N HIS A 89 -4.35 -5.03 -6.10
CA HIS A 89 -3.10 -5.30 -6.81
C HIS A 89 -3.16 -4.77 -8.24
N ILE A 90 -2.04 -4.25 -8.73
CA ILE A 90 -1.97 -3.71 -10.07
C ILE A 90 -1.94 -4.82 -11.12
N THR A 91 -2.80 -4.70 -12.13
CA THR A 91 -2.87 -5.69 -13.19
C THR A 91 -3.37 -7.03 -12.66
N SER A 92 -4.26 -6.97 -11.66
CA SER A 92 -4.81 -8.18 -11.07
C SER A 92 -6.30 -8.02 -10.79
N GLY A 93 -6.65 -6.94 -10.09
CA GLY A 93 -8.05 -6.69 -9.77
C GLY A 93 -8.47 -7.32 -8.45
N GLU A 94 -7.68 -8.27 -7.98
CA GLU A 94 -7.97 -8.95 -6.72
C GLU A 94 -7.81 -8.00 -5.53
N ALA A 95 -8.73 -8.09 -4.58
CA ALA A 95 -8.69 -7.25 -3.40
C ALA A 95 -8.24 -8.03 -2.17
N LEU A 96 -7.47 -7.39 -1.31
CA LEU A 96 -6.97 -8.03 -0.10
C LEU A 96 -7.93 -7.81 1.07
N PRO A 97 -8.50 -8.92 1.58
CA PRO A 97 -9.44 -8.88 2.69
C PRO A 97 -8.77 -8.49 4.01
N LEU A 98 -9.57 -8.14 5.01
CA LEU A 98 -9.05 -7.75 6.31
C LEU A 98 -8.71 -8.98 7.14
N ASP A 99 -9.04 -10.16 6.62
CA ASP A 99 -8.76 -11.41 7.32
C ASP A 99 -7.43 -11.99 6.88
N HIS A 100 -6.53 -11.12 6.42
CA HIS A 100 -5.21 -11.55 5.97
C HIS A 100 -4.12 -10.61 6.48
N THR A 101 -3.08 -11.19 7.07
CA THR A 101 -1.98 -10.41 7.62
C THR A 101 -0.92 -10.14 6.56
N LEU A 102 -0.18 -9.05 6.73
CA LEU A 102 0.87 -8.68 5.78
C LEU A 102 1.99 -9.71 5.78
N GLU A 103 2.45 -10.07 6.97
CA GLU A 103 3.52 -11.05 7.11
C GLU A 103 3.11 -12.40 6.52
N THR A 104 1.88 -12.81 6.81
CA THR A 104 1.36 -14.08 6.31
C THR A 104 1.49 -14.17 4.80
N TRP A 105 1.24 -13.05 4.12
CA TRP A 105 1.33 -13.01 2.67
C TRP A 105 2.78 -13.06 2.20
N ILE A 106 3.65 -12.35 2.92
CA ILE A 106 5.06 -12.31 2.58
C ILE A 106 5.71 -13.67 2.80
N ALA A 107 5.30 -14.35 3.86
CA ALA A 107 5.84 -15.67 4.20
C ALA A 107 5.24 -16.74 3.29
N LYS A 108 4.05 -16.48 2.76
CA LYS A 108 3.36 -17.41 1.88
C LYS A 108 4.22 -17.73 0.65
N GLU A 109 3.89 -18.83 -0.01
CA GLU A 109 4.63 -19.25 -1.20
C GLU A 109 4.48 -18.23 -2.32
N ASP A 110 3.27 -17.69 -2.46
CA ASP A 110 2.98 -16.69 -3.49
C ASP A 110 3.51 -15.33 -3.09
N CYS A 111 4.39 -14.76 -3.92
CA CYS A 111 4.97 -13.46 -3.65
C CYS A 111 4.75 -12.51 -4.82
N PRO A 112 3.48 -12.11 -5.03
CA PRO A 112 3.11 -11.20 -6.11
C PRO A 112 3.62 -9.78 -5.88
N LEU A 113 3.39 -9.26 -4.68
CA LEU A 113 3.83 -7.92 -4.34
C LEU A 113 4.90 -7.95 -3.25
N TYR A 114 5.91 -7.10 -3.39
CA TYR A 114 6.99 -7.04 -2.42
C TYR A 114 7.33 -5.59 -2.06
N ASN A 115 8.22 -5.41 -1.10
CA ASN A 115 8.62 -4.08 -0.67
C ASN A 115 9.06 -3.23 -1.86
N GLY A 116 8.55 -2.00 -1.92
CA GLY A 116 8.90 -1.12 -3.02
C GLY A 116 7.79 -1.01 -4.05
N GLY A 117 6.96 -2.04 -4.13
CA GLY A 117 5.87 -2.04 -5.10
C GLY A 117 4.94 -0.87 -4.91
N ASN A 118 3.96 -0.74 -5.81
CA ASN A 118 2.99 0.34 -5.74
C ASN A 118 1.56 -0.19 -5.74
N ILE A 119 0.71 0.42 -4.93
CA ILE A 119 -0.69 -0.01 -4.84
C ILE A 119 -1.62 1.20 -4.79
N ILE A 120 -2.79 1.05 -5.41
CA ILE A 120 -3.78 2.13 -5.43
C ILE A 120 -4.79 1.99 -4.30
N LEU A 121 -5.24 3.11 -3.76
CA LEU A 121 -6.20 3.12 -2.68
C LEU A 121 -7.60 3.43 -3.20
N GLU A 122 -8.51 2.48 -3.04
CA GLU A 122 -9.89 2.65 -3.50
C GLU A 122 -10.85 1.79 -2.68
N TYR A 123 -11.97 2.38 -2.29
CA TYR A 123 -12.97 1.67 -1.50
C TYR A 123 -13.85 0.78 -2.38
N LEU A 124 -14.14 -0.42 -1.89
CA LEU A 124 -14.97 -1.37 -2.64
C LEU A 124 -16.01 -2.02 -1.73
N ASN A 125 -17.13 -2.40 -2.31
CA ASN A 125 -18.21 -3.04 -1.56
C ASN A 125 -17.78 -4.40 -1.05
N ASP A 126 -18.25 -4.76 0.14
CA ASP A 126 -17.91 -6.05 0.74
C ASP A 126 -18.22 -7.19 -0.22
N GLU A 127 -19.36 -7.10 -0.89
CA GLU A 127 -19.77 -8.13 -1.85
C GLU A 127 -18.82 -8.18 -3.04
N GLU A 128 -18.22 -7.03 -3.36
CA GLU A 128 -17.30 -6.94 -4.48
C GLU A 128 -15.94 -7.52 -4.11
N GLN A 129 -15.44 -8.44 -4.93
CA GLN A 129 -14.15 -9.07 -4.67
C GLN A 129 -13.09 -8.53 -5.64
N PHE A 130 -13.50 -8.29 -6.89
CA PHE A 130 -12.58 -7.78 -7.90
C PHE A 130 -12.87 -6.32 -8.20
N CYS A 131 -11.82 -5.50 -8.20
CA CYS A 131 -11.96 -4.08 -8.48
C CYS A 131 -11.90 -3.80 -9.97
N LYS A 132 -12.25 -2.58 -10.36
CA LYS A 132 -12.25 -2.19 -11.76
C LYS A 132 -10.86 -2.36 -12.37
N ASN A 133 -10.74 -2.04 -13.65
CA ASN A 133 -9.45 -2.17 -14.35
C ASN A 133 -8.60 -0.92 -14.14
N VAL A 134 -7.47 -1.08 -13.46
CA VAL A 134 -6.57 0.03 -13.19
C VAL A 134 -5.84 0.47 -14.46
N GLU A 135 -5.51 -0.50 -15.30
CA GLU A 135 -4.82 -0.22 -16.55
C GLU A 135 -5.65 0.69 -17.45
N SER A 136 -6.96 0.50 -17.43
CA SER A 136 -7.87 1.30 -18.23
C SER A 136 -7.75 2.78 -17.88
N TYR A 137 -7.79 3.07 -16.58
CA TYR A 137 -7.70 4.45 -16.11
C TYR A 137 -6.37 5.08 -16.54
N LEU A 138 -5.30 4.29 -16.49
CA LEU A 138 -3.98 4.77 -16.87
C LEU A 138 -3.67 4.41 -18.32
N GLU A 139 -4.72 4.14 -19.09
CA GLU A 139 -4.56 3.79 -20.49
C GLU A 139 -4.30 5.03 -21.35
N GLY A 1 12.96 17.07 -4.71
CA GLY A 1 13.96 16.18 -5.27
C GLY A 1 13.36 15.14 -6.20
N GLY A 2 14.22 14.42 -6.90
CA GLY A 2 13.74 13.40 -7.83
C GLY A 2 14.70 13.18 -8.99
N SER A 3 15.79 12.47 -8.72
CA SER A 3 16.78 12.19 -9.75
C SER A 3 17.67 11.01 -9.35
N GLY A 4 18.46 10.52 -10.30
CA GLY A 4 19.33 9.40 -10.03
C GLY A 4 19.22 8.30 -11.06
N ALA A 5 20.35 7.76 -11.49
CA ALA A 5 20.37 6.70 -12.49
C ALA A 5 21.62 5.84 -12.35
N LYS A 6 21.70 5.09 -11.26
CA LYS A 6 22.85 4.22 -11.01
C LYS A 6 22.74 2.94 -11.82
N ASN A 7 21.53 2.40 -11.93
CA ASN A 7 21.29 1.17 -12.67
C ASN A 7 22.12 0.02 -12.10
N SER A 8 22.28 0.01 -10.78
CA SER A 8 23.05 -1.03 -10.12
C SER A 8 22.28 -1.58 -8.91
N GLU A 9 22.67 -2.77 -8.47
CA GLU A 9 22.02 -3.41 -7.34
C GLU A 9 22.04 -2.49 -6.11
N THR A 10 23.21 -1.95 -5.81
CA THR A 10 23.37 -1.06 -4.66
C THR A 10 22.35 0.07 -4.71
N ALA A 11 22.05 0.54 -5.91
CA ALA A 11 21.09 1.63 -6.09
C ALA A 11 19.73 1.26 -5.50
N ALA A 12 19.38 -0.03 -5.59
CA ALA A 12 18.11 -0.50 -5.07
C ALA A 12 18.12 -0.53 -3.55
N LYS A 13 19.22 -1.00 -2.98
CA LYS A 13 19.36 -1.09 -1.53
C LYS A 13 19.30 0.31 -0.90
N VAL A 14 20.11 1.22 -1.41
CA VAL A 14 20.13 2.59 -0.90
C VAL A 14 18.79 3.28 -1.12
N ALA A 15 18.20 3.07 -2.29
CA ALA A 15 16.92 3.67 -2.62
C ALA A 15 15.81 3.13 -1.71
N LEU A 16 15.89 1.86 -1.38
CA LEU A 16 14.89 1.22 -0.52
C LEU A 16 14.99 1.76 0.90
N MET A 17 16.20 1.71 1.47
CA MET A 17 16.42 2.19 2.82
C MET A 17 16.12 3.68 2.93
N LYS A 18 16.40 4.42 1.87
CA LYS A 18 16.17 5.86 1.83
C LYS A 18 14.67 6.16 1.80
N LEU A 19 13.92 5.32 1.11
CA LEU A 19 12.47 5.49 0.99
C LEU A 19 11.78 5.11 2.29
N LYS A 20 12.07 3.92 2.80
CA LYS A 20 11.48 3.45 4.04
C LYS A 20 11.67 4.46 5.16
N MET A 21 12.81 5.15 5.13
CA MET A 21 13.11 6.16 6.15
C MET A 21 12.16 7.34 6.04
N HIS A 22 11.81 7.69 4.81
CA HIS A 22 10.90 8.82 4.58
C HIS A 22 9.44 8.39 4.74
N ALA A 23 9.19 7.09 4.58
CA ALA A 23 7.84 6.55 4.73
C ALA A 23 7.16 7.09 5.98
N ASP A 24 5.85 7.23 5.92
CA ASP A 24 5.08 7.73 7.05
C ASP A 24 5.41 6.95 8.32
N GLY A 25 6.19 7.57 9.20
CA GLY A 25 6.57 6.92 10.44
C GLY A 25 7.96 7.33 10.90
N ASP A 26 8.19 7.21 12.21
CA ASP A 26 9.49 7.57 12.78
C ASP A 26 10.62 6.88 12.02
N LYS A 27 11.71 7.62 11.80
CA LYS A 27 12.87 7.09 11.09
C LYS A 27 13.78 6.32 12.04
N SER A 28 13.99 6.87 13.24
CA SER A 28 14.85 6.26 14.23
C SER A 28 14.25 4.92 14.70
N LEU A 29 12.93 4.83 14.69
CA LEU A 29 12.24 3.61 15.11
C LEU A 29 12.57 2.46 14.18
N PRO A 30 12.45 1.23 14.71
CA PRO A 30 12.74 0.01 13.94
C PRO A 30 11.69 -0.25 12.86
N GLN A 31 11.76 -1.43 12.25
CA GLN A 31 10.82 -1.80 11.20
C GLN A 31 10.76 -3.31 11.02
N THR A 32 10.90 -4.03 12.13
CA THR A 32 10.86 -5.48 12.11
C THR A 32 9.43 -6.01 12.05
N GLU A 33 8.52 -5.28 12.70
CA GLU A 33 7.12 -5.67 12.71
C GLU A 33 6.29 -4.78 11.79
N ARG A 34 6.83 -3.61 11.48
CA ARG A 34 6.14 -2.66 10.59
C ARG A 34 6.90 -2.50 9.28
N ILE A 35 6.22 -2.78 8.17
CA ILE A 35 6.83 -2.66 6.86
C ILE A 35 6.22 -1.50 6.08
N TYR A 36 7.04 -0.87 5.24
CA TYR A 36 6.58 0.26 4.43
C TYR A 36 6.29 -0.18 2.99
N PHE A 37 5.32 0.49 2.37
CA PHE A 37 4.95 0.16 1.00
C PHE A 37 4.54 1.42 0.24
N GLN A 38 4.55 1.34 -1.09
CA GLN A 38 4.19 2.47 -1.92
C GLN A 38 2.72 2.40 -2.34
N VAL A 39 1.92 3.33 -1.85
CA VAL A 39 0.49 3.37 -2.17
C VAL A 39 0.20 4.43 -3.22
N PHE A 40 -0.65 4.08 -4.19
CA PHE A 40 -1.02 5.01 -5.25
C PHE A 40 -2.21 5.86 -4.84
N LEU A 41 -1.97 7.15 -4.64
CA LEU A 41 -3.02 8.07 -4.24
C LEU A 41 -4.14 8.11 -5.28
N PRO A 42 -5.36 8.45 -4.83
CA PRO A 42 -6.52 8.54 -5.70
C PRO A 42 -6.44 9.71 -6.68
N LYS A 43 -5.82 10.79 -6.23
CA LYS A 43 -5.68 11.98 -7.06
C LYS A 43 -4.63 12.93 -6.48
N GLY A 44 -3.72 13.39 -7.33
CA GLY A 44 -2.68 14.31 -6.87
C GLY A 44 -1.62 14.54 -7.93
N SER A 45 -1.50 15.78 -8.39
CA SER A 45 -0.51 16.13 -9.40
C SER A 45 0.89 16.15 -8.82
N LYS A 46 1.00 16.59 -7.57
CA LYS A 46 2.29 16.66 -6.89
C LYS A 46 2.97 15.29 -6.87
N GLU A 47 2.17 14.24 -6.65
CA GLU A 47 2.69 12.89 -6.60
C GLU A 47 1.59 11.87 -6.90
N LYS A 48 1.99 10.74 -7.49
CA LYS A 48 1.03 9.69 -7.83
C LYS A 48 0.91 8.68 -6.71
N SER A 49 2.03 8.41 -6.03
CA SER A 49 2.05 7.45 -4.93
C SER A 49 3.03 7.89 -3.85
N LYS A 50 2.76 7.49 -2.62
CA LYS A 50 3.62 7.84 -1.48
C LYS A 50 3.82 6.64 -0.57
N PRO A 51 4.97 6.62 0.13
CA PRO A 51 5.31 5.54 1.06
C PRO A 51 4.43 5.55 2.31
N MET A 52 4.07 4.36 2.78
CA MET A 52 3.24 4.24 3.98
C MET A 52 3.65 3.03 4.81
N PHE A 53 3.69 3.21 6.12
CA PHE A 53 4.07 2.12 7.02
C PHE A 53 2.84 1.34 7.47
N PHE A 54 3.04 0.05 7.75
CA PHE A 54 1.95 -0.81 8.20
C PHE A 54 2.46 -1.92 9.10
N CYS A 55 1.87 -2.05 10.28
CA CYS A 55 2.27 -3.07 11.24
C CYS A 55 1.68 -4.43 10.87
N HIS A 56 2.48 -5.48 11.04
CA HIS A 56 2.04 -6.83 10.72
C HIS A 56 0.91 -7.27 11.65
N ARG A 57 0.75 -6.56 12.76
CA ARG A 57 -0.29 -6.88 13.73
C ARG A 57 -1.60 -6.20 13.36
N TRP A 58 -1.97 -6.28 12.09
CA TRP A 58 -3.20 -5.67 11.60
C TRP A 58 -3.58 -6.22 10.24
N SER A 59 -4.82 -6.73 10.14
CA SER A 59 -5.31 -7.29 8.89
C SER A 59 -5.07 -6.33 7.72
N ILE A 60 -4.78 -6.88 6.56
CA ILE A 60 -4.54 -6.07 5.36
C ILE A 60 -5.75 -5.19 5.05
N GLY A 61 -6.93 -5.79 5.07
CA GLY A 61 -8.14 -5.04 4.78
C GLY A 61 -8.35 -3.88 5.73
N LYS A 62 -8.29 -4.15 7.03
CA LYS A 62 -8.47 -3.12 8.03
C LYS A 62 -7.39 -2.05 7.92
N ALA A 63 -6.20 -2.47 7.52
CA ALA A 63 -5.08 -1.56 7.36
C ALA A 63 -5.46 -0.36 6.49
N ILE A 64 -6.17 -0.64 5.40
CA ILE A 64 -6.59 0.41 4.47
C ILE A 64 -7.49 1.42 5.18
N ASP A 65 -8.50 0.91 5.88
CA ASP A 65 -9.43 1.77 6.60
C ASP A 65 -8.70 2.68 7.58
N PHE A 66 -7.74 2.12 8.29
CA PHE A 66 -6.96 2.88 9.27
C PHE A 66 -6.19 4.00 8.58
N ALA A 67 -5.38 3.64 7.59
CA ALA A 67 -4.59 4.61 6.84
C ALA A 67 -5.47 5.75 6.32
N ALA A 68 -6.66 5.41 5.84
CA ALA A 68 -7.59 6.39 5.32
C ALA A 68 -7.96 7.42 6.39
N SER A 69 -8.01 6.97 7.64
CA SER A 69 -8.36 7.85 8.75
C SER A 69 -7.18 8.74 9.13
N LEU A 70 -6.01 8.12 9.30
CA LEU A 70 -4.80 8.85 9.66
C LEU A 70 -4.49 9.94 8.64
N ALA A 71 -4.76 9.63 7.37
CA ALA A 71 -4.50 10.58 6.30
C ALA A 71 -5.65 11.58 6.17
N ARG A 72 -6.74 11.31 6.87
CA ARG A 72 -7.91 12.18 6.83
C ARG A 72 -8.51 12.22 5.43
N LEU A 73 -8.79 11.05 4.88
CA LEU A 73 -9.37 10.95 3.54
C LEU A 73 -10.80 10.43 3.61
N LYS A 74 -11.61 10.82 2.63
CA LYS A 74 -13.01 10.40 2.57
C LYS A 74 -13.12 8.88 2.68
N ASN A 75 -14.21 8.41 3.29
CA ASN A 75 -14.43 6.98 3.45
C ASN A 75 -15.83 6.72 4.00
N ASP A 76 -16.48 5.69 3.47
CA ASP A 76 -17.83 5.32 3.90
C ASP A 76 -17.82 3.98 4.63
N ASN A 77 -16.76 3.74 5.39
CA ASN A 77 -16.63 2.48 6.13
C ASN A 77 -17.53 2.50 7.36
N ASN A 78 -17.62 1.35 8.03
CA ASN A 78 -18.44 1.22 9.23
C ASN A 78 -19.91 1.44 8.90
N LYS A 79 -20.35 0.83 7.80
CA LYS A 79 -21.74 0.95 7.37
C LYS A 79 -22.24 -0.38 6.80
N PHE A 80 -23.55 -0.46 6.59
CA PHE A 80 -24.17 -1.67 6.05
C PHE A 80 -23.74 -1.91 4.61
N THR A 81 -24.26 -1.08 3.70
CA THR A 81 -23.93 -1.20 2.29
C THR A 81 -23.36 0.12 1.75
N ALA A 82 -22.07 0.13 1.49
CA ALA A 82 -21.40 1.31 0.96
C ALA A 82 -19.97 1.02 0.56
N LYS A 83 -19.41 1.84 -0.32
CA LYS A 83 -18.04 1.66 -0.80
C LYS A 83 -17.05 1.97 0.31
N LYS A 84 -16.08 1.07 0.50
CA LYS A 84 -15.06 1.26 1.52
C LYS A 84 -13.66 1.20 0.91
N LEU A 85 -12.80 2.12 1.33
CA LEU A 85 -11.43 2.17 0.82
C LEU A 85 -10.74 0.82 0.99
N ARG A 86 -10.28 0.26 -0.13
CA ARG A 86 -9.60 -1.02 -0.11
C ARG A 86 -8.39 -1.01 -1.04
N LEU A 87 -7.52 -2.01 -0.89
CA LEU A 87 -6.33 -2.11 -1.71
C LEU A 87 -6.40 -3.33 -2.63
N CYS A 88 -5.80 -3.22 -3.81
CA CYS A 88 -5.80 -4.32 -4.77
C CYS A 88 -4.44 -4.43 -5.47
N HIS A 89 -4.20 -5.58 -6.08
CA HIS A 89 -2.94 -5.82 -6.79
C HIS A 89 -2.81 -4.90 -7.99
N ILE A 90 -1.58 -4.49 -8.29
CA ILE A 90 -1.32 -3.61 -9.43
C ILE A 90 -1.40 -4.36 -10.74
N THR A 91 -2.09 -3.78 -11.72
CA THR A 91 -2.24 -4.40 -13.03
C THR A 91 -3.05 -5.69 -12.94
N SER A 92 -4.02 -5.72 -12.02
CA SER A 92 -4.85 -6.90 -11.83
C SER A 92 -6.25 -6.50 -11.39
N GLY A 93 -6.33 -5.69 -10.35
CA GLY A 93 -7.63 -5.24 -9.85
C GLY A 93 -8.17 -6.16 -8.76
N GLU A 94 -7.63 -7.36 -8.68
CA GLU A 94 -8.07 -8.34 -7.69
C GLU A 94 -7.80 -7.83 -6.28
N ALA A 95 -8.84 -7.83 -5.45
CA ALA A 95 -8.72 -7.37 -4.07
C ALA A 95 -8.57 -8.55 -3.10
N LEU A 96 -7.75 -8.37 -2.08
CA LEU A 96 -7.52 -9.41 -1.09
C LEU A 96 -8.52 -9.30 0.05
N PRO A 97 -8.71 -10.41 0.78
CA PRO A 97 -9.63 -10.46 1.92
C PRO A 97 -9.14 -9.65 3.11
N LEU A 98 -10.06 -9.11 3.90
CA LEU A 98 -9.72 -8.31 5.07
C LEU A 98 -9.36 -9.20 6.25
N ASP A 99 -9.69 -10.48 6.14
CA ASP A 99 -9.40 -11.44 7.20
C ASP A 99 -8.06 -12.12 6.97
N HIS A 100 -7.17 -11.42 6.27
CA HIS A 100 -5.84 -11.95 5.98
C HIS A 100 -4.75 -11.06 6.56
N THR A 101 -3.82 -11.66 7.28
CA THR A 101 -2.73 -10.92 7.91
C THR A 101 -1.51 -10.87 6.99
N LEU A 102 -0.69 -9.84 7.15
CA LEU A 102 0.51 -9.67 6.35
C LEU A 102 1.54 -10.75 6.67
N GLU A 103 1.77 -10.96 7.98
CA GLU A 103 2.73 -11.96 8.43
C GLU A 103 2.41 -13.32 7.83
N THR A 104 1.12 -13.61 7.70
CA THR A 104 0.68 -14.88 7.14
C THR A 104 1.17 -15.07 5.71
N TRP A 105 1.04 -14.02 4.91
CA TRP A 105 1.47 -14.05 3.51
C TRP A 105 2.99 -14.11 3.41
N ILE A 106 3.66 -13.23 4.14
CA ILE A 106 5.12 -13.18 4.13
C ILE A 106 5.71 -14.49 4.64
N ALA A 107 5.04 -15.11 5.61
CA ALA A 107 5.50 -16.37 6.17
C ALA A 107 5.06 -17.55 5.30
N LYS A 108 4.00 -17.35 4.54
CA LYS A 108 3.48 -18.39 3.66
C LYS A 108 4.47 -18.70 2.54
N GLU A 109 4.40 -19.92 2.01
CA GLU A 109 5.29 -20.33 0.93
C GLU A 109 5.20 -19.37 -0.24
N ASP A 110 3.98 -18.92 -0.54
CA ASP A 110 3.76 -17.99 -1.65
C ASP A 110 4.13 -16.56 -1.24
N CYS A 111 5.12 -16.00 -1.91
CA CYS A 111 5.57 -14.64 -1.62
C CYS A 111 5.48 -13.76 -2.85
N PRO A 112 4.25 -13.45 -3.28
CA PRO A 112 4.00 -12.61 -4.46
C PRO A 112 4.39 -11.16 -4.22
N LEU A 113 4.05 -10.65 -3.05
CA LEU A 113 4.37 -9.26 -2.70
C LEU A 113 5.45 -9.20 -1.63
N TYR A 114 6.50 -8.42 -1.90
CA TYR A 114 7.61 -8.28 -0.97
C TYR A 114 7.85 -6.81 -0.64
N ASN A 115 8.67 -6.57 0.39
CA ASN A 115 8.98 -5.21 0.80
C ASN A 115 9.46 -4.39 -0.38
N GLY A 116 8.84 -3.22 -0.57
CA GLY A 116 9.22 -2.35 -1.66
C GLY A 116 8.25 -2.44 -2.83
N GLY A 117 7.14 -3.14 -2.63
CA GLY A 117 6.15 -3.29 -3.68
C GLY A 117 5.19 -2.12 -3.73
N ASN A 118 4.45 -2.02 -4.83
CA ASN A 118 3.48 -0.94 -5.00
C ASN A 118 2.05 -1.46 -4.88
N ILE A 119 1.15 -0.61 -4.40
CA ILE A 119 -0.25 -0.99 -4.24
C ILE A 119 -1.18 0.20 -4.53
N ILE A 120 -2.37 -0.10 -5.00
CA ILE A 120 -3.35 0.93 -5.31
C ILE A 120 -4.48 0.95 -4.29
N LEU A 121 -4.94 2.14 -3.93
CA LEU A 121 -6.02 2.30 -2.96
C LEU A 121 -7.25 2.92 -3.61
N GLU A 122 -8.34 2.16 -3.64
CA GLU A 122 -9.58 2.64 -4.23
C GLU A 122 -10.79 2.16 -3.43
N TYR A 123 -11.90 2.88 -3.56
CA TYR A 123 -13.12 2.52 -2.84
C TYR A 123 -13.78 1.29 -3.46
N LEU A 124 -14.05 0.29 -2.63
CA LEU A 124 -14.66 -0.95 -3.10
C LEU A 124 -15.73 -1.42 -2.10
N ASN A 125 -16.93 -1.68 -2.62
CA ASN A 125 -18.04 -2.15 -1.79
C ASN A 125 -18.03 -3.67 -1.68
N ASP A 126 -18.82 -4.18 -0.74
CA ASP A 126 -18.92 -5.63 -0.54
C ASP A 126 -19.22 -6.34 -1.85
N GLU A 127 -19.94 -5.67 -2.74
CA GLU A 127 -20.30 -6.25 -4.02
C GLU A 127 -19.15 -6.14 -5.01
N GLU A 128 -18.34 -5.09 -4.86
CA GLU A 128 -17.20 -4.86 -5.74
C GLU A 128 -15.94 -5.48 -5.16
N GLN A 129 -15.36 -6.44 -5.88
CA GLN A 129 -14.15 -7.11 -5.43
C GLN A 129 -12.98 -6.81 -6.36
N PHE A 130 -13.28 -6.69 -7.65
CA PHE A 130 -12.25 -6.39 -8.65
C PHE A 130 -12.38 -4.97 -9.17
N CYS A 131 -11.33 -4.17 -8.98
CA CYS A 131 -11.33 -2.79 -9.43
C CYS A 131 -10.62 -2.65 -10.77
N LYS A 132 -10.79 -1.50 -11.41
CA LYS A 132 -10.16 -1.24 -12.70
C LYS A 132 -8.65 -1.28 -12.58
N ASN A 133 -7.97 -1.44 -13.72
CA ASN A 133 -6.51 -1.51 -13.74
C ASN A 133 -5.91 -0.10 -13.61
N VAL A 134 -4.84 0.01 -12.84
CA VAL A 134 -4.17 1.28 -12.63
C VAL A 134 -3.85 1.95 -13.96
N GLU A 135 -3.51 1.15 -14.97
CA GLU A 135 -3.18 1.67 -16.28
C GLU A 135 -4.30 2.54 -16.83
N SER A 136 -5.54 2.16 -16.53
CA SER A 136 -6.70 2.91 -16.99
C SER A 136 -6.65 4.35 -16.48
N TYR A 137 -6.15 4.52 -15.27
CA TYR A 137 -6.05 5.85 -14.66
C TYR A 137 -4.87 6.62 -15.25
N LEU A 138 -3.79 5.92 -15.54
CA LEU A 138 -2.61 6.54 -16.11
C LEU A 138 -2.61 6.43 -17.64
N GLU A 139 -3.79 6.22 -18.20
CA GLU A 139 -3.93 6.10 -19.65
C GLU A 139 -4.53 7.37 -20.25
N GLY A 1 11.19 6.91 -14.20
CA GLY A 1 11.02 5.65 -13.50
C GLY A 1 12.07 4.64 -13.89
N GLY A 2 12.69 4.00 -12.89
CA GLY A 2 13.71 3.02 -13.15
C GLY A 2 13.15 1.75 -13.78
N SER A 3 12.16 1.15 -13.11
CA SER A 3 11.54 -0.07 -13.61
C SER A 3 12.59 -1.19 -13.75
N GLY A 4 13.36 -1.40 -12.70
CA GLY A 4 14.38 -2.44 -12.71
C GLY A 4 15.78 -1.87 -12.70
N ALA A 5 16.74 -2.67 -12.24
CA ALA A 5 18.13 -2.24 -12.18
C ALA A 5 19.04 -3.39 -11.80
N LYS A 6 19.48 -4.15 -12.80
CA LYS A 6 20.37 -5.29 -12.57
C LYS A 6 21.60 -4.87 -11.77
N ASN A 7 22.44 -4.05 -12.38
CA ASN A 7 23.66 -3.57 -11.73
C ASN A 7 23.34 -2.47 -10.73
N SER A 8 24.32 -2.13 -9.91
CA SER A 8 24.15 -1.09 -8.89
C SER A 8 23.07 -1.47 -7.89
N GLU A 9 23.16 -2.69 -7.37
CA GLU A 9 22.19 -3.19 -6.40
C GLU A 9 22.10 -2.25 -5.20
N THR A 10 23.25 -1.75 -4.76
CA THR A 10 23.29 -0.84 -3.62
C THR A 10 22.34 0.34 -3.81
N ALA A 11 22.21 0.79 -5.06
CA ALA A 11 21.34 1.91 -5.37
C ALA A 11 19.90 1.61 -4.95
N ALA A 12 19.50 0.36 -5.07
CA ALA A 12 18.14 -0.06 -4.70
C ALA A 12 17.98 -0.09 -3.18
N LYS A 13 18.93 -0.72 -2.50
CA LYS A 13 18.90 -0.83 -1.04
C LYS A 13 18.89 0.55 -0.40
N VAL A 14 19.71 1.46 -0.93
CA VAL A 14 19.80 2.81 -0.40
C VAL A 14 18.48 3.56 -0.60
N ALA A 15 17.88 3.38 -1.77
CA ALA A 15 16.61 4.03 -2.08
C ALA A 15 15.50 3.52 -1.19
N LEU A 16 15.51 2.23 -0.91
CA LEU A 16 14.50 1.61 -0.06
C LEU A 16 14.61 2.11 1.38
N MET A 17 15.81 2.01 1.94
CA MET A 17 16.06 2.46 3.31
C MET A 17 15.80 3.94 3.45
N LYS A 18 16.14 4.71 2.41
CA LYS A 18 15.94 6.15 2.42
C LYS A 18 14.45 6.50 2.37
N LEU A 19 13.69 5.69 1.64
CA LEU A 19 12.25 5.91 1.51
C LEU A 19 11.54 5.61 2.81
N LYS A 20 11.81 4.44 3.38
CA LYS A 20 11.20 4.03 4.64
C LYS A 20 11.41 5.08 5.71
N MET A 21 12.56 5.74 5.68
CA MET A 21 12.88 6.78 6.64
C MET A 21 12.04 8.04 6.41
N HIS A 22 11.67 8.27 5.15
CA HIS A 22 10.86 9.43 4.80
C HIS A 22 9.38 9.17 5.07
N ALA A 23 9.00 7.89 5.02
CA ALA A 23 7.61 7.51 5.27
C ALA A 23 7.06 8.21 6.51
N ASP A 24 5.74 8.40 6.52
CA ASP A 24 5.09 9.06 7.66
C ASP A 24 4.94 8.09 8.83
N GLY A 25 6.03 7.89 9.56
CA GLY A 25 6.01 7.00 10.70
C GLY A 25 7.13 7.26 11.68
N ASP A 26 7.60 6.22 12.35
CA ASP A 26 8.69 6.34 13.32
C ASP A 26 10.00 5.81 12.74
N LYS A 27 11.00 6.68 12.64
CA LYS A 27 12.30 6.29 12.11
C LYS A 27 13.17 5.68 13.20
N SER A 28 13.05 6.20 14.43
CA SER A 28 13.82 5.70 15.55
C SER A 28 13.49 4.24 15.83
N LEU A 29 12.25 3.85 15.54
CA LEU A 29 11.81 2.48 15.77
C LEU A 29 12.28 1.56 14.64
N PRO A 30 12.40 0.27 14.96
CA PRO A 30 12.84 -0.74 13.98
C PRO A 30 11.79 -1.00 12.90
N GLN A 31 12.04 -2.00 12.07
CA GLN A 31 11.13 -2.35 10.99
C GLN A 31 11.00 -3.86 10.85
N THR A 32 11.15 -4.57 11.96
CA THR A 32 11.05 -6.03 11.96
C THR A 32 9.60 -6.48 11.99
N GLU A 33 8.76 -5.71 12.69
CA GLU A 33 7.35 -6.04 12.79
C GLU A 33 6.50 -5.06 11.99
N ARG A 34 7.07 -3.90 11.69
CA ARG A 34 6.36 -2.87 10.92
C ARG A 34 6.92 -2.78 9.50
N ILE A 35 6.18 -2.12 8.63
CA ILE A 35 6.61 -1.95 7.24
C ILE A 35 6.04 -0.67 6.65
N TYR A 36 6.78 -0.10 5.70
CA TYR A 36 6.35 1.15 5.05
C TYR A 36 6.30 0.96 3.53
N PHE A 37 5.20 1.43 2.93
CA PHE A 37 5.02 1.32 1.48
C PHE A 37 4.36 2.59 0.92
N GLN A 38 4.53 2.82 -0.37
CA GLN A 38 3.96 3.99 -1.02
C GLN A 38 2.52 3.72 -1.43
N VAL A 39 1.66 4.71 -1.22
CA VAL A 39 0.25 4.59 -1.56
C VAL A 39 -0.12 5.54 -2.69
N PHE A 40 -0.92 5.05 -3.63
CA PHE A 40 -1.35 5.85 -4.77
C PHE A 40 -2.72 6.48 -4.51
N LEU A 41 -2.72 7.76 -4.18
CA LEU A 41 -3.96 8.47 -3.90
C LEU A 41 -4.74 8.74 -5.19
N PRO A 42 -6.07 8.87 -5.07
CA PRO A 42 -6.94 9.13 -6.21
C PRO A 42 -6.76 10.55 -6.77
N LYS A 43 -7.48 11.51 -6.21
CA LYS A 43 -7.39 12.88 -6.65
C LYS A 43 -6.07 13.51 -6.23
N GLY A 44 -5.03 13.28 -7.01
CA GLY A 44 -3.72 13.83 -6.70
C GLY A 44 -3.06 14.47 -7.91
N SER A 45 -3.04 15.80 -7.93
CA SER A 45 -2.43 16.52 -9.03
C SER A 45 -0.99 16.92 -8.71
N LYS A 46 -0.76 17.31 -7.45
CA LYS A 46 0.56 17.72 -7.01
C LYS A 46 1.41 16.49 -6.64
N GLU A 47 0.76 15.49 -6.05
CA GLU A 47 1.45 14.27 -5.65
C GLU A 47 0.75 13.04 -6.21
N LYS A 48 1.54 12.08 -6.67
CA LYS A 48 1.00 10.85 -7.24
C LYS A 48 0.85 9.77 -6.17
N SER A 49 1.78 9.76 -5.22
CA SER A 49 1.75 8.78 -4.14
C SER A 49 2.51 9.29 -2.92
N LYS A 50 2.35 8.60 -1.79
CA LYS A 50 3.02 8.98 -0.56
C LYS A 50 3.21 7.77 0.35
N PRO A 51 4.42 7.66 0.94
CA PRO A 51 4.76 6.55 1.84
C PRO A 51 4.00 6.64 3.17
N MET A 52 3.57 5.49 3.67
CA MET A 52 2.84 5.43 4.93
C MET A 52 3.44 4.37 5.86
N PHE A 53 3.21 4.54 7.16
CA PHE A 53 3.73 3.60 8.15
C PHE A 53 2.64 2.65 8.63
N PHE A 54 2.91 1.35 8.52
CA PHE A 54 1.95 0.34 8.94
C PHE A 54 2.63 -0.76 9.75
N CYS A 55 1.84 -1.45 10.57
CA CYS A 55 2.39 -2.53 11.41
C CYS A 55 1.67 -3.84 11.11
N HIS A 56 2.43 -4.93 11.10
CA HIS A 56 1.87 -6.25 10.83
C HIS A 56 0.71 -6.55 11.76
N ARG A 57 0.74 -5.94 12.95
CA ARG A 57 -0.32 -6.15 13.94
C ARG A 57 -1.70 -5.94 13.32
N TRP A 58 -1.76 -5.10 12.30
CA TRP A 58 -3.02 -4.82 11.61
C TRP A 58 -3.09 -5.54 10.27
N SER A 59 -4.18 -6.25 10.04
CA SER A 59 -4.38 -6.99 8.80
C SER A 59 -4.34 -6.06 7.60
N ILE A 60 -4.25 -6.63 6.40
CA ILE A 60 -4.22 -5.85 5.17
C ILE A 60 -5.55 -5.18 4.91
N GLY A 61 -6.63 -5.95 5.04
CA GLY A 61 -7.96 -5.40 4.80
C GLY A 61 -8.34 -4.35 5.83
N LYS A 62 -7.94 -4.57 7.07
CA LYS A 62 -8.25 -3.63 8.15
C LYS A 62 -7.36 -2.39 8.05
N ALA A 63 -6.13 -2.58 7.59
CA ALA A 63 -5.19 -1.48 7.45
C ALA A 63 -5.79 -0.33 6.65
N ILE A 64 -6.52 -0.68 5.59
CA ILE A 64 -7.16 0.31 4.74
C ILE A 64 -8.07 1.23 5.55
N ASP A 65 -9.03 0.63 6.27
CA ASP A 65 -9.96 1.38 7.09
C ASP A 65 -9.22 2.26 8.09
N PHE A 66 -8.20 1.69 8.72
CA PHE A 66 -7.41 2.43 9.71
C PHE A 66 -6.72 3.63 9.07
N ALA A 67 -5.95 3.38 8.01
CA ALA A 67 -5.24 4.45 7.31
C ALA A 67 -6.20 5.57 6.93
N ALA A 68 -7.35 5.21 6.38
CA ALA A 68 -8.35 6.18 5.96
C ALA A 68 -8.74 7.08 7.13
N SER A 69 -8.72 6.54 8.34
CA SER A 69 -9.08 7.30 9.53
C SER A 69 -7.94 8.23 9.95
N LEU A 70 -6.72 7.69 9.93
CA LEU A 70 -5.55 8.47 10.31
C LEU A 70 -5.36 9.68 9.38
N ALA A 71 -5.70 9.48 8.11
CA ALA A 71 -5.57 10.55 7.11
C ALA A 71 -6.83 11.40 7.07
N ARG A 72 -7.75 11.16 8.01
CA ARG A 72 -8.99 11.90 8.07
C ARG A 72 -9.70 11.90 6.71
N LEU A 73 -9.58 10.78 5.99
CA LEU A 73 -10.20 10.66 4.68
C LEU A 73 -11.65 10.19 4.81
N LYS A 74 -12.40 10.32 3.72
CA LYS A 74 -13.80 9.91 3.71
C LYS A 74 -13.93 8.40 3.56
N ASN A 75 -15.09 7.87 3.91
CA ASN A 75 -15.34 6.43 3.82
C ASN A 75 -16.80 6.12 4.11
N ASP A 76 -17.37 5.20 3.33
CA ASP A 76 -18.76 4.81 3.51
C ASP A 76 -18.87 3.32 3.79
N ASN A 77 -17.99 2.82 4.66
CA ASN A 77 -17.99 1.41 5.03
C ASN A 77 -18.81 1.16 6.28
N ASN A 78 -18.88 -0.09 6.71
CA ASN A 78 -19.64 -0.46 7.90
C ASN A 78 -21.12 -0.18 7.70
N LYS A 79 -21.62 -0.45 6.51
CA LYS A 79 -23.03 -0.23 6.20
C LYS A 79 -23.61 -1.41 5.42
N PHE A 80 -24.83 -1.24 4.93
CA PHE A 80 -25.50 -2.29 4.17
C PHE A 80 -24.92 -2.38 2.76
N THR A 81 -25.24 -1.39 1.94
CA THR A 81 -24.76 -1.37 0.56
C THR A 81 -23.99 -0.09 0.26
N ALA A 82 -22.67 -0.22 0.14
CA ALA A 82 -21.82 0.93 -0.14
C ALA A 82 -20.35 0.52 -0.27
N LYS A 83 -19.69 1.03 -1.29
CA LYS A 83 -18.29 0.71 -1.54
C LYS A 83 -17.46 0.94 -0.28
N LYS A 84 -16.44 0.11 -0.09
CA LYS A 84 -15.55 0.22 1.07
C LYS A 84 -14.10 0.34 0.64
N LEU A 85 -13.41 1.32 1.20
CA LEU A 85 -12.00 1.55 0.88
C LEU A 85 -11.20 0.25 0.98
N ARG A 86 -10.57 -0.13 -0.12
CA ARG A 86 -9.77 -1.35 -0.16
C ARG A 86 -8.51 -1.16 -1.00
N LEU A 87 -7.58 -2.09 -0.88
CA LEU A 87 -6.33 -2.02 -1.63
C LEU A 87 -6.34 -3.02 -2.79
N CYS A 88 -5.75 -2.61 -3.91
CA CYS A 88 -5.69 -3.46 -5.09
C CYS A 88 -4.39 -3.24 -5.86
N HIS A 89 -3.75 -4.34 -6.24
CA HIS A 89 -2.49 -4.27 -6.99
C HIS A 89 -2.66 -3.45 -8.26
N ILE A 90 -1.60 -2.72 -8.63
CA ILE A 90 -1.64 -1.89 -9.83
C ILE A 90 -1.52 -2.74 -11.09
N THR A 91 -2.23 -2.34 -12.13
CA THR A 91 -2.21 -3.06 -13.40
C THR A 91 -2.82 -4.45 -13.24
N SER A 92 -3.82 -4.56 -12.37
CA SER A 92 -4.48 -5.84 -12.13
C SER A 92 -5.85 -5.62 -11.48
N GLY A 93 -5.86 -4.88 -10.38
CA GLY A 93 -7.11 -4.61 -9.70
C GLY A 93 -7.42 -5.64 -8.63
N GLU A 94 -6.75 -6.79 -8.71
CA GLU A 94 -6.95 -7.87 -7.75
C GLU A 94 -6.71 -7.38 -6.33
N ALA A 95 -7.68 -7.62 -5.45
CA ALA A 95 -7.57 -7.20 -4.05
C ALA A 95 -7.32 -8.40 -3.15
N LEU A 96 -6.54 -8.19 -2.09
CA LEU A 96 -6.22 -9.24 -1.15
C LEU A 96 -7.24 -9.32 -0.03
N PRO A 97 -7.32 -10.48 0.64
CA PRO A 97 -8.26 -10.70 1.75
C PRO A 97 -7.89 -9.89 2.99
N LEU A 98 -8.88 -9.67 3.85
CA LEU A 98 -8.66 -8.92 5.09
C LEU A 98 -8.04 -9.80 6.16
N ASP A 99 -8.23 -11.11 6.02
CA ASP A 99 -7.69 -12.06 6.98
C ASP A 99 -6.19 -12.23 6.80
N HIS A 100 -5.64 -11.60 5.76
CA HIS A 100 -4.21 -11.68 5.48
C HIS A 100 -3.46 -10.55 6.17
N THR A 101 -2.40 -10.91 6.89
CA THR A 101 -1.60 -9.91 7.60
C THR A 101 -0.59 -9.26 6.68
N LEU A 102 -0.13 -8.06 7.06
CA LEU A 102 0.84 -7.33 6.26
C LEU A 102 2.18 -8.07 6.20
N GLU A 103 2.66 -8.48 7.37
CA GLU A 103 3.92 -9.21 7.45
C GLU A 103 3.82 -10.57 6.78
N THR A 104 2.65 -11.20 6.89
CA THR A 104 2.41 -12.50 6.30
C THR A 104 2.75 -12.50 4.82
N TRP A 105 2.47 -11.38 4.15
CA TRP A 105 2.74 -11.26 2.73
C TRP A 105 4.23 -11.36 2.44
N ILE A 106 5.04 -10.75 3.31
CA ILE A 106 6.48 -10.78 3.15
C ILE A 106 7.07 -12.11 3.64
N ALA A 107 6.48 -12.64 4.71
CA ALA A 107 6.93 -13.91 5.28
C ALA A 107 6.58 -15.08 4.36
N LYS A 108 5.55 -14.90 3.54
CA LYS A 108 5.11 -15.94 2.62
C LYS A 108 6.29 -16.46 1.79
N GLU A 109 6.28 -17.77 1.52
CA GLU A 109 7.33 -18.39 0.74
C GLU A 109 7.53 -17.66 -0.58
N ASP A 110 6.44 -17.38 -1.27
CA ASP A 110 6.50 -16.69 -2.55
C ASP A 110 6.98 -15.25 -2.37
N CYS A 111 8.08 -14.92 -3.05
CA CYS A 111 8.66 -13.59 -2.96
C CYS A 111 8.65 -12.90 -4.33
N PRO A 112 7.44 -12.57 -4.81
CA PRO A 112 7.27 -11.92 -6.11
C PRO A 112 7.76 -10.48 -6.10
N LEU A 113 7.47 -9.76 -5.02
CA LEU A 113 7.87 -8.37 -4.88
C LEU A 113 8.68 -8.16 -3.59
N TYR A 114 9.43 -7.07 -3.55
CA TYR A 114 10.25 -6.76 -2.38
C TYR A 114 9.58 -5.69 -1.52
N ASN A 115 9.96 -5.66 -0.24
CA ASN A 115 9.40 -4.69 0.68
C ASN A 115 9.50 -3.27 0.12
N GLY A 116 8.44 -2.49 0.29
CA GLY A 116 8.43 -1.13 -0.20
C GLY A 116 7.60 -0.97 -1.46
N GLY A 117 6.89 -2.04 -1.84
CA GLY A 117 6.07 -1.99 -3.03
C GLY A 117 5.10 -0.82 -3.03
N ASN A 118 4.35 -0.68 -4.12
CA ASN A 118 3.38 0.41 -4.24
C ASN A 118 1.97 -0.15 -4.39
N ILE A 119 1.03 0.43 -3.64
CA ILE A 119 -0.36 0.00 -3.69
C ILE A 119 -1.29 1.18 -3.88
N ILE A 120 -2.43 0.94 -4.51
CA ILE A 120 -3.42 1.98 -4.75
C ILE A 120 -4.58 1.87 -3.78
N LEU A 121 -5.11 3.02 -3.35
CA LEU A 121 -6.22 3.06 -2.42
C LEU A 121 -7.52 3.40 -3.14
N GLU A 122 -8.45 2.44 -3.17
CA GLU A 122 -9.73 2.64 -3.83
C GLU A 122 -10.80 1.76 -3.20
N TYR A 123 -11.98 2.33 -2.99
CA TYR A 123 -13.09 1.60 -2.39
C TYR A 123 -13.85 0.80 -3.46
N LEU A 124 -14.24 -0.42 -3.10
CA LEU A 124 -14.97 -1.28 -4.02
C LEU A 124 -16.05 -2.06 -3.29
N ASN A 125 -17.13 -2.40 -4.00
CA ASN A 125 -18.23 -3.15 -3.41
C ASN A 125 -17.75 -4.51 -2.91
N ASP A 126 -18.31 -4.94 -1.79
CA ASP A 126 -17.94 -6.22 -1.20
C ASP A 126 -18.08 -7.35 -2.22
N GLU A 127 -19.11 -7.25 -3.06
CA GLU A 127 -19.34 -8.26 -4.08
C GLU A 127 -18.23 -8.27 -5.12
N GLU A 128 -17.61 -7.11 -5.32
CA GLU A 128 -16.52 -6.99 -6.28
C GLU A 128 -15.18 -7.38 -5.65
N GLN A 129 -14.38 -8.13 -6.39
CA GLN A 129 -13.07 -8.57 -5.90
C GLN A 129 -11.95 -7.76 -6.53
N PHE A 130 -12.04 -7.55 -7.84
CA PHE A 130 -11.03 -6.79 -8.57
C PHE A 130 -11.59 -5.43 -9.01
N CYS A 131 -10.82 -4.38 -8.77
CA CYS A 131 -11.23 -3.03 -9.16
C CYS A 131 -10.76 -2.69 -10.56
N LYS A 132 -11.22 -1.56 -11.09
CA LYS A 132 -10.86 -1.12 -12.43
C LYS A 132 -9.34 -1.06 -12.59
N ASN A 133 -8.89 -0.78 -13.80
CA ASN A 133 -7.46 -0.70 -14.09
C ASN A 133 -6.88 0.61 -13.57
N VAL A 134 -5.89 0.50 -12.68
CA VAL A 134 -5.25 1.68 -12.11
C VAL A 134 -4.57 2.51 -13.18
N GLU A 135 -4.07 1.84 -14.21
CA GLU A 135 -3.40 2.52 -15.31
C GLU A 135 -4.28 3.60 -15.91
N SER A 136 -5.59 3.37 -15.89
CA SER A 136 -6.55 4.32 -16.44
C SER A 136 -6.41 5.67 -15.74
N TYR A 137 -6.14 5.64 -14.45
CA TYR A 137 -6.00 6.86 -13.67
C TYR A 137 -4.64 7.50 -13.91
N LEU A 138 -3.61 6.67 -14.08
CA LEU A 138 -2.26 7.16 -14.33
C LEU A 138 -1.97 7.22 -15.83
N GLU A 139 -3.02 7.27 -16.63
CA GLU A 139 -2.88 7.33 -18.07
C GLU A 139 -1.75 6.42 -18.55
#